data_6DC1
#
_entry.id   6DC1
#
_cell.length_a   111.033
_cell.length_b   111.033
_cell.length_c   257.739
_cell.angle_alpha   90.00
_cell.angle_beta   90.00
_cell.angle_gamma   120.00
#
_symmetry.space_group_name_H-M   'P 32'
#
loop_
_entity.id
_entity.type
_entity.pdbx_description
1 polymer 'Kemp eliminase KE07'
2 non-polymer 5-nitro-2-oxidanyl-benzenecarbonitrile
3 non-polymer 2-[3-(2-HYDROXY-1,1-DIHYDROXYMETHYL-ETHYLAMINO)-PROPYLAMINO]-2-HYDROXYMETHYL-PROPANE-1,3-DIOL
4 non-polymer DI(HYDROXYETHYL)ETHER
5 non-polymer 2-AMINO-2-HYDROXYMETHYL-PROPANE-1,3-DIOL
6 water water
#
_entity_poly.entity_id   1
_entity_poly.type   'polypeptide(L)'
_entity_poly.pdbx_seq_one_letter_code
;MALAKRIDAALILKDGRVVKGSNFENLRDSGDPVELGKFYSEIGIDELSFWDITASVEKRKTMLELVEKVAEQIDIPITV
GGGIYDFETASELILRGADKVEINTAAVENPSLITQIAQTFGSQAVVVYIAAKRVDGEFMVFTYSGTKNTGILLRDWVVE
VEKRGAGEIVLGSIDRLGTKSGYDTEMIRFVRPLTTLPIIAHRGAGKTEHFLEAFLAGADAAKADSVFHSREIDVRELKE
YLKKHGVNVRLEGLGSLEHHHHHH
;
_entity_poly.pdbx_strand_id   A,B,C,D,E,F,G,H,I,J,K,L
#
# COMPACT_ATOMS: atom_id res chain seq x y z
N LEU A 3 -1.35 -6.97 46.27
CA LEU A 3 -2.76 -6.91 46.04
C LEU A 3 -3.49 -7.63 47.17
N ALA A 4 -4.81 -7.68 47.09
CA ALA A 4 -5.52 -8.64 47.92
C ALA A 4 -5.50 -9.97 47.18
N LYS A 5 -6.26 -10.93 47.67
CA LYS A 5 -6.33 -12.25 47.09
C LYS A 5 -7.77 -12.49 46.69
N ARG A 6 -7.98 -13.08 45.51
CA ARG A 6 -9.32 -13.24 44.96
C ARG A 6 -9.91 -14.59 45.32
N ILE A 7 -11.23 -14.63 45.48
CA ILE A 7 -11.95 -15.90 45.41
C ILE A 7 -12.72 -15.99 44.09
N ASP A 8 -12.14 -16.62 43.09
CA ASP A 8 -12.82 -16.80 41.82
C ASP A 8 -13.75 -18.00 41.88
N ALA A 9 -14.95 -17.86 41.33
CA ALA A 9 -15.89 -18.96 41.20
C ALA A 9 -16.08 -19.32 39.72
N ALA A 10 -16.24 -20.61 39.44
CA ALA A 10 -16.18 -21.15 38.09
C ALA A 10 -17.49 -21.89 37.80
N LEU A 11 -18.08 -21.59 36.63
CA LEU A 11 -19.37 -22.13 36.21
C LEU A 11 -19.18 -22.93 34.92
N ILE A 12 -19.41 -24.24 35.01
CA ILE A 12 -19.28 -25.15 33.87
C ILE A 12 -20.61 -25.17 33.11
N LEU A 13 -20.54 -24.89 31.80
CA LEU A 13 -21.73 -24.75 30.95
C LEU A 13 -21.80 -25.84 29.89
N LYS A 14 -22.99 -26.44 29.75
CA LYS A 14 -23.44 -27.06 28.50
C LYS A 14 -24.67 -26.29 27.99
N ASP A 15 -24.63 -25.94 26.69
CA ASP A 15 -25.77 -25.33 26.00
C ASP A 15 -26.27 -24.11 26.77
N GLY A 16 -25.33 -23.30 27.29
CA GLY A 16 -25.68 -22.16 28.10
C GLY A 16 -26.38 -22.51 29.40
N ARG A 17 -26.37 -23.78 29.80
CA ARG A 17 -26.86 -24.13 31.11
C ARG A 17 -25.69 -24.45 32.07
N VAL A 18 -25.91 -24.22 33.36
CA VAL A 18 -24.92 -24.57 34.36
C VAL A 18 -25.05 -26.06 34.67
N VAL A 19 -23.95 -26.81 34.49
CA VAL A 19 -23.99 -28.27 34.70
C VAL A 19 -24.23 -28.56 36.17
N LYS A 20 -25.24 -29.37 36.45
CA LYS A 20 -25.76 -29.72 37.76
C LYS A 20 -26.21 -28.52 38.59
N GLY A 21 -26.04 -27.31 38.09
CA GLY A 21 -26.73 -26.19 38.70
C GLY A 21 -26.18 -25.81 40.05
N SER A 22 -27.06 -25.63 41.03
CA SER A 22 -26.62 -25.11 42.31
C SER A 22 -27.70 -25.37 43.34
N ASN A 23 -27.34 -25.17 44.61
CA ASN A 23 -28.16 -25.59 45.74
C ASN A 23 -28.71 -24.40 46.51
N PHE A 24 -28.53 -23.20 45.98
CA PHE A 24 -29.15 -21.99 46.53
C PHE A 24 -30.65 -21.99 46.19
N GLU A 25 -31.48 -22.40 47.14
CA GLU A 25 -32.91 -22.50 46.87
C GLU A 25 -33.58 -21.14 46.70
N ASN A 26 -32.85 -20.04 46.90
CA ASN A 26 -33.46 -18.72 46.84
C ASN A 26 -33.47 -18.13 45.43
N LEU A 27 -32.79 -18.76 44.48
CA LEU A 27 -32.76 -18.30 43.11
C LEU A 27 -34.02 -18.74 42.36
N ARG A 28 -34.28 -18.06 41.24
CA ARG A 28 -35.42 -18.44 40.43
C ARG A 28 -35.09 -19.63 39.54
N ASP A 29 -33.85 -19.69 39.06
CA ASP A 29 -33.42 -20.75 38.15
C ASP A 29 -32.01 -21.19 38.56
N SER A 30 -31.94 -22.09 39.52
CA SER A 30 -30.65 -22.58 40.02
C SER A 30 -29.66 -22.86 38.89
N GLY A 31 -30.17 -23.40 37.79
CA GLY A 31 -29.35 -23.73 36.65
C GLY A 31 -28.99 -22.57 35.74
N ASP A 32 -29.48 -21.34 36.02
CA ASP A 32 -29.26 -20.20 35.13
C ASP A 32 -27.95 -19.49 35.45
N PRO A 33 -26.97 -19.53 34.56
CA PRO A 33 -25.67 -18.94 34.90
C PRO A 33 -25.73 -17.46 35.20
N VAL A 34 -26.56 -16.71 34.47
CA VAL A 34 -26.63 -15.27 34.71
C VAL A 34 -27.06 -14.96 36.14
N GLU A 35 -28.13 -15.62 36.62
CA GLU A 35 -28.63 -15.31 37.95
C GLU A 35 -27.69 -15.83 39.03
N LEU A 36 -27.13 -17.03 38.82
CA LEU A 36 -26.11 -17.58 39.70
C LEU A 36 -24.89 -16.68 39.75
N GLY A 37 -24.36 -16.34 38.56
CA GLY A 37 -23.15 -15.55 38.50
C GLY A 37 -23.30 -14.20 39.20
N LYS A 38 -24.42 -13.54 38.97
CA LYS A 38 -24.67 -12.25 39.59
C LYS A 38 -24.91 -12.41 41.09
N PHE A 39 -25.46 -13.54 41.51
CA PHE A 39 -25.60 -13.84 42.93
C PHE A 39 -24.23 -13.98 43.62
N TYR A 40 -23.31 -14.74 43.01
CA TYR A 40 -21.97 -14.87 43.58
C TYR A 40 -21.29 -13.51 43.70
N SER A 41 -21.56 -12.60 42.75
CA SER A 41 -20.97 -11.28 42.82
C SER A 41 -21.62 -10.40 43.88
N GLU A 42 -22.72 -10.83 44.48
CA GLU A 42 -23.34 -10.07 45.56
C GLU A 42 -22.92 -10.56 46.94
N ILE A 43 -22.25 -11.70 47.03
CA ILE A 43 -22.03 -12.33 48.32
C ILE A 43 -20.55 -12.54 48.65
N GLY A 44 -19.63 -12.28 47.72
CA GLY A 44 -18.23 -12.29 48.04
C GLY A 44 -17.26 -12.63 46.92
N ILE A 45 -17.68 -13.44 45.95
CA ILE A 45 -16.81 -13.80 44.83
C ILE A 45 -16.21 -12.57 44.16
N ASP A 46 -14.96 -12.69 43.73
CA ASP A 46 -14.25 -11.54 43.19
C ASP A 46 -14.13 -11.54 41.67
N GLU A 47 -14.08 -12.72 41.06
CA GLU A 47 -14.01 -12.89 39.63
C GLU A 47 -14.79 -14.16 39.32
N LEU A 48 -15.43 -14.20 38.13
CA LEU A 48 -16.17 -15.38 37.70
C LEU A 48 -15.61 -15.95 36.40
N SER A 49 -15.64 -17.28 36.33
CA SER A 49 -15.24 -18.02 35.16
C SER A 49 -16.47 -18.69 34.57
N PHE A 50 -16.64 -18.55 33.26
CA PHE A 50 -17.70 -19.20 32.50
C PHE A 50 -17.04 -20.17 31.55
N TRP A 51 -17.10 -21.46 31.89
CA TRP A 51 -16.29 -22.46 31.20
C TRP A 51 -17.25 -23.42 30.53
N ASP A 52 -17.15 -23.53 29.22
CA ASP A 52 -18.18 -24.12 28.39
C ASP A 52 -17.68 -25.46 27.88
N ILE A 53 -18.42 -26.53 28.21
CA ILE A 53 -18.06 -27.86 27.73
C ILE A 53 -18.91 -28.27 26.53
N THR A 54 -19.58 -27.30 25.88
CA THR A 54 -20.30 -27.51 24.62
C THR A 54 -19.32 -27.74 23.47
N ALA A 55 -19.65 -28.69 22.58
CA ALA A 55 -18.87 -28.98 21.37
C ALA A 55 -19.54 -28.46 20.10
N SER A 56 -20.85 -28.72 20.11
CA SER A 56 -21.86 -28.48 19.08
C SER A 56 -21.76 -27.38 18.04
N VAL A 57 -22.67 -27.49 17.09
CA VAL A 57 -22.74 -26.61 15.93
C VAL A 57 -22.85 -25.15 16.28
N GLU A 58 -24.00 -24.69 16.74
CA GLU A 58 -24.07 -23.29 17.10
C GLU A 58 -23.81 -23.21 18.59
N LYS A 59 -22.55 -23.34 18.95
CA LYS A 59 -22.10 -23.27 20.33
C LYS A 59 -21.26 -22.04 20.55
N ARG A 60 -20.81 -21.46 19.45
CA ARG A 60 -20.02 -20.24 19.49
C ARG A 60 -20.99 -19.09 19.67
N LYS A 61 -22.22 -19.28 19.20
CA LYS A 61 -23.25 -18.27 19.33
C LYS A 61 -23.76 -18.25 20.77
N THR A 62 -24.13 -19.41 21.26
CA THR A 62 -24.63 -19.55 22.64
C THR A 62 -23.69 -18.89 23.63
N MET A 63 -22.37 -18.95 23.37
CA MET A 63 -21.41 -18.25 24.24
C MET A 63 -21.48 -16.74 24.02
N LEU A 64 -21.42 -16.31 22.75
CA LEU A 64 -21.50 -14.88 22.49
C LEU A 64 -22.81 -14.29 22.99
N GLU A 65 -23.92 -15.01 22.86
CA GLU A 65 -25.15 -14.66 23.56
C GLU A 65 -24.91 -14.45 25.06
N LEU A 66 -24.54 -15.53 25.77
CA LEU A 66 -24.52 -15.51 27.23
C LEU A 66 -23.56 -14.44 27.73
N VAL A 67 -22.44 -14.28 27.05
CA VAL A 67 -21.52 -13.19 27.37
C VAL A 67 -22.24 -11.85 27.39
N GLU A 68 -22.95 -11.56 26.29
CA GLU A 68 -23.70 -10.32 26.15
C GLU A 68 -24.70 -10.13 27.30
N LYS A 69 -25.52 -11.14 27.58
CA LYS A 69 -26.45 -11.07 28.71
C LYS A 69 -25.70 -10.88 30.02
N VAL A 70 -24.58 -11.60 30.21
CA VAL A 70 -23.80 -11.55 31.44
C VAL A 70 -23.11 -10.20 31.59
N ALA A 71 -22.59 -9.66 30.49
CA ALA A 71 -21.80 -8.43 30.58
C ALA A 71 -22.64 -7.23 30.95
N GLU A 72 -23.93 -7.24 30.66
CA GLU A 72 -24.69 -6.07 31.03
C GLU A 72 -25.08 -6.13 32.51
N GLN A 73 -25.04 -7.31 33.09
CA GLN A 73 -25.61 -7.58 34.41
C GLN A 73 -24.57 -7.72 35.54
N ILE A 74 -23.36 -8.19 35.29
CA ILE A 74 -22.48 -8.62 36.36
C ILE A 74 -21.35 -7.61 36.53
N ASP A 75 -21.09 -7.23 37.79
CA ASP A 75 -20.21 -6.11 38.09
C ASP A 75 -18.73 -6.49 38.21
N ILE A 76 -18.40 -7.76 38.39
CA ILE A 76 -17.00 -8.13 38.61
C ILE A 76 -16.38 -8.71 37.34
N PRO A 77 -15.07 -8.94 37.30
CA PRO A 77 -14.47 -9.44 36.06
C PRO A 77 -15.01 -10.80 35.66
N ILE A 78 -15.06 -11.04 34.34
CA ILE A 78 -15.55 -12.31 33.82
C ILE A 78 -14.49 -12.85 32.88
N THR A 79 -14.26 -14.15 32.97
CA THR A 79 -13.31 -14.87 32.16
C THR A 79 -14.09 -15.96 31.45
N VAL A 80 -13.71 -16.25 30.22
CA VAL A 80 -14.37 -17.27 29.41
C VAL A 80 -13.31 -18.24 28.92
N GLY A 81 -13.62 -19.53 29.00
CA GLY A 81 -12.79 -20.50 28.32
C GLY A 81 -13.58 -21.78 28.16
N GLY A 82 -13.01 -22.71 27.40
CA GLY A 82 -13.77 -23.90 27.09
C GLY A 82 -13.41 -24.54 25.77
N GLY A 83 -13.68 -23.88 24.65
CA GLY A 83 -13.17 -24.43 23.41
C GLY A 83 -12.46 -23.41 22.57
N ILE A 84 -11.70 -22.52 23.19
CA ILE A 84 -11.15 -21.36 22.48
C ILE A 84 -9.82 -21.78 21.87
N TYR A 85 -9.79 -21.88 20.54
CA TYR A 85 -8.63 -22.40 19.82
C TYR A 85 -7.94 -21.40 18.90
N ASP A 86 -8.53 -20.22 18.64
CA ASP A 86 -7.91 -19.28 17.71
C ASP A 86 -8.26 -17.85 18.10
N PHE A 87 -7.63 -16.90 17.39
CA PHE A 87 -7.79 -15.48 17.68
C PHE A 87 -9.19 -14.99 17.34
N GLU A 88 -9.81 -15.56 16.29
CA GLU A 88 -11.17 -15.19 15.90
C GLU A 88 -12.12 -15.31 17.08
N THR A 89 -12.14 -16.49 17.69
CA THR A 89 -13.06 -16.79 18.77
C THR A 89 -12.80 -15.90 19.98
N ALA A 90 -11.53 -15.61 20.27
CA ALA A 90 -11.26 -14.78 21.44
C ALA A 90 -11.69 -13.35 21.18
N SER A 91 -11.21 -12.77 20.08
CA SER A 91 -11.58 -11.42 19.68
C SER A 91 -13.10 -11.21 19.73
N GLU A 92 -13.85 -12.16 19.18
CA GLU A 92 -15.30 -12.05 19.18
C GLU A 92 -15.90 -12.10 20.59
N LEU A 93 -15.24 -12.83 21.48
CA LEU A 93 -15.68 -12.97 22.87
C LEU A 93 -15.31 -11.75 23.69
N ILE A 94 -14.07 -11.27 23.58
CA ILE A 94 -13.76 -10.06 24.32
C ILE A 94 -14.70 -8.93 23.90
N LEU A 95 -14.89 -8.74 22.57
CA LEU A 95 -15.72 -7.64 22.09
C LEU A 95 -17.18 -7.81 22.47
N ARG A 96 -17.68 -9.04 22.51
CA ARG A 96 -19.07 -9.19 22.92
C ARG A 96 -19.32 -8.93 24.41
N GLY A 97 -18.26 -8.82 25.23
CA GLY A 97 -18.41 -8.52 26.65
C GLY A 97 -17.47 -9.24 27.62
N ALA A 98 -16.57 -10.08 27.11
CA ALA A 98 -15.68 -10.84 27.96
C ALA A 98 -14.47 -9.99 28.35
N ASP A 99 -14.17 -9.95 29.65
CA ASP A 99 -12.98 -9.21 30.09
C ASP A 99 -11.69 -9.97 29.77
N LYS A 100 -11.71 -11.29 29.93
CA LYS A 100 -10.54 -12.12 29.72
C LYS A 100 -10.98 -13.39 29.01
N VAL A 101 -10.13 -13.92 28.14
CA VAL A 101 -10.37 -15.20 27.49
C VAL A 101 -9.29 -16.19 27.93
N GLU A 102 -9.71 -17.40 28.26
CA GLU A 102 -8.79 -18.45 28.65
C GLU A 102 -8.44 -19.34 27.47
N ILE A 103 -7.15 -19.62 27.32
CA ILE A 103 -6.70 -20.58 26.32
C ILE A 103 -5.72 -21.52 26.96
N ASN A 104 -5.62 -22.72 26.39
CA ASN A 104 -4.76 -23.74 26.96
C ASN A 104 -4.08 -24.51 25.83
N THR A 105 -4.73 -25.57 25.34
CA THR A 105 -4.16 -26.33 24.25
C THR A 105 -3.70 -25.43 23.11
N ALA A 106 -4.54 -24.47 22.70
CA ALA A 106 -4.18 -23.60 21.59
C ALA A 106 -2.97 -22.75 21.93
N ALA A 107 -2.80 -22.44 23.22
CA ALA A 107 -1.64 -21.69 23.65
C ALA A 107 -0.37 -22.51 23.50
N VAL A 108 -0.42 -23.77 23.94
CA VAL A 108 0.82 -24.57 23.88
C VAL A 108 1.10 -24.96 22.44
N GLU A 109 0.06 -25.07 21.61
CA GLU A 109 0.29 -25.53 20.24
C GLU A 109 0.77 -24.40 19.34
N ASN A 110 0.27 -23.18 19.53
CA ASN A 110 0.86 -21.98 18.94
C ASN A 110 0.97 -20.89 20.01
N PRO A 111 2.12 -20.78 20.67
CA PRO A 111 2.26 -19.82 21.79
C PRO A 111 2.15 -18.35 21.39
N SER A 112 2.09 -18.03 20.10
CA SER A 112 1.92 -16.65 19.68
C SER A 112 0.46 -16.21 19.65
N LEU A 113 -0.48 -17.15 19.73
CA LEU A 113 -1.86 -16.75 19.95
C LEU A 113 -2.03 -15.97 21.25
N ILE A 114 -1.07 -16.02 22.18
CA ILE A 114 -1.29 -15.23 23.38
C ILE A 114 -0.68 -13.85 23.22
N THR A 115 0.50 -13.75 22.58
CA THR A 115 1.01 -12.43 22.21
C THR A 115 0.05 -11.73 21.26
N GLN A 116 -0.60 -12.50 20.37
CA GLN A 116 -1.62 -11.96 19.48
C GLN A 116 -2.78 -11.34 20.27
N ILE A 117 -3.49 -12.16 21.06
CA ILE A 117 -4.59 -11.62 21.86
C ILE A 117 -4.10 -10.46 22.71
N ALA A 118 -2.88 -10.60 23.27
CA ALA A 118 -2.36 -9.56 24.15
C ALA A 118 -2.18 -8.25 23.40
N GLN A 119 -1.48 -8.28 22.28
CA GLN A 119 -1.19 -7.05 21.54
C GLN A 119 -2.46 -6.26 21.22
N THR A 120 -3.54 -6.95 20.85
CA THR A 120 -4.77 -6.27 20.50
C THR A 120 -5.53 -5.80 21.74
N PHE A 121 -5.80 -6.71 22.69
CA PHE A 121 -6.70 -6.39 23.79
C PHE A 121 -6.00 -6.14 25.12
N GLY A 122 -4.65 -6.09 25.14
CA GLY A 122 -3.94 -5.91 26.40
C GLY A 122 -3.71 -7.21 27.15
N SER A 123 -2.52 -7.35 27.79
CA SER A 123 -2.13 -8.60 28.44
C SER A 123 -3.15 -9.04 29.48
N GLN A 124 -3.70 -8.09 30.23
CA GLN A 124 -4.79 -8.26 31.19
C GLN A 124 -6.00 -9.02 30.67
N ALA A 125 -6.08 -9.26 29.37
CA ALA A 125 -7.23 -9.92 28.79
C ALA A 125 -6.95 -11.39 28.47
N VAL A 126 -5.81 -11.91 28.90
CA VAL A 126 -5.31 -13.20 28.46
C VAL A 126 -4.98 -14.06 29.68
N VAL A 127 -5.70 -15.15 29.84
CA VAL A 127 -5.52 -16.10 30.91
C VAL A 127 -5.01 -17.37 30.25
N VAL A 128 -3.84 -17.86 30.67
CA VAL A 128 -3.34 -19.15 30.21
C VAL A 128 -3.55 -20.15 31.35
N TYR A 129 -4.39 -21.14 31.10
CA TYR A 129 -4.59 -22.27 31.99
C TYR A 129 -3.50 -23.32 31.76
N ILE A 130 -2.74 -23.66 32.79
CA ILE A 130 -1.67 -24.65 32.68
C ILE A 130 -2.10 -25.88 33.47
N ALA A 131 -2.15 -27.02 32.81
CA ALA A 131 -2.55 -28.26 33.43
C ALA A 131 -1.28 -29.08 33.57
N ALA A 132 -0.97 -29.50 34.80
CA ALA A 132 0.27 -30.21 35.06
C ALA A 132 0.04 -31.36 36.04
N LYS A 133 0.84 -32.40 35.86
CA LYS A 133 0.90 -33.54 36.75
C LYS A 133 2.33 -34.03 36.75
N ARG A 134 2.69 -34.73 37.82
CA ARG A 134 4.00 -35.35 37.95
C ARG A 134 4.14 -36.52 36.98
N VAL A 135 5.21 -36.51 36.19
CA VAL A 135 5.57 -37.63 35.33
C VAL A 135 7.02 -37.94 35.65
N ASP A 136 7.25 -39.02 36.39
CA ASP A 136 8.58 -39.50 36.71
C ASP A 136 9.35 -38.45 37.53
N GLY A 137 8.69 -37.93 38.57
CA GLY A 137 9.29 -36.99 39.49
C GLY A 137 9.47 -35.58 38.98
N GLU A 138 8.71 -35.19 37.96
CA GLU A 138 8.99 -34.03 37.13
C GLU A 138 7.67 -33.45 36.61
N PHE A 139 7.43 -32.16 36.86
CA PHE A 139 6.17 -31.53 36.45
C PHE A 139 6.10 -31.34 34.93
N MET A 140 5.11 -31.95 34.28
CA MET A 140 4.88 -31.77 32.85
C MET A 140 3.57 -31.04 32.57
N VAL A 141 3.61 -30.26 31.51
CA VAL A 141 2.40 -29.63 30.99
C VAL A 141 1.65 -30.65 30.13
N PHE A 142 0.35 -30.79 30.41
CA PHE A 142 -0.56 -31.64 29.65
C PHE A 142 -1.59 -30.78 28.93
N THR A 143 -2.11 -31.31 27.82
CA THR A 143 -3.13 -30.62 27.04
C THR A 143 -4.24 -31.58 26.68
N TYR A 144 -5.24 -31.05 25.98
CA TYR A 144 -6.42 -31.81 25.64
C TYR A 144 -7.02 -32.45 26.89
N SER A 145 -7.58 -31.55 27.72
CA SER A 145 -8.27 -31.93 28.95
C SER A 145 -7.39 -32.79 29.84
N GLY A 146 -6.08 -32.51 29.80
CA GLY A 146 -5.12 -33.18 30.64
C GLY A 146 -4.81 -34.61 30.27
N THR A 147 -4.84 -34.95 28.98
CA THR A 147 -4.52 -36.31 28.56
C THR A 147 -3.26 -36.43 27.73
N LYS A 148 -2.85 -35.39 27.02
CA LYS A 148 -1.72 -35.45 26.11
C LYS A 148 -0.51 -34.90 26.84
N ASN A 149 0.43 -35.77 27.17
CA ASN A 149 1.67 -35.37 27.83
C ASN A 149 2.57 -34.67 26.81
N THR A 150 2.51 -33.35 26.76
CA THR A 150 3.21 -32.61 25.71
C THR A 150 4.73 -32.70 25.83
N GLY A 151 5.28 -33.28 26.88
CA GLY A 151 6.72 -33.28 26.97
C GLY A 151 7.38 -31.93 27.23
N ILE A 152 6.61 -30.83 27.23
CA ILE A 152 7.10 -29.55 27.73
C ILE A 152 7.02 -29.57 29.25
N LEU A 153 8.15 -29.42 29.91
CA LEU A 153 8.12 -29.38 31.37
C LEU A 153 7.79 -27.97 31.86
N LEU A 154 7.09 -27.94 32.99
CA LEU A 154 6.36 -26.76 33.41
C LEU A 154 7.29 -25.62 33.78
N ARG A 155 8.42 -25.93 34.43
CA ARG A 155 9.54 -25.01 34.59
C ARG A 155 9.64 -24.03 33.43
N ASP A 156 9.58 -24.54 32.19
CA ASP A 156 9.79 -23.73 31.01
C ASP A 156 8.51 -23.10 30.46
N TRP A 157 7.38 -23.78 30.56
CA TRP A 157 6.14 -23.22 30.06
C TRP A 157 5.75 -21.97 30.86
N VAL A 158 6.00 -21.99 32.16
CA VAL A 158 5.61 -20.86 32.99
C VAL A 158 6.43 -19.61 32.65
N VAL A 159 7.69 -19.77 32.26
CA VAL A 159 8.47 -18.61 31.86
C VAL A 159 8.12 -18.19 30.42
N GLU A 160 7.80 -19.13 29.54
CA GLU A 160 7.38 -18.79 28.18
C GLU A 160 6.06 -18.02 28.21
N VAL A 161 5.11 -18.52 28.99
CA VAL A 161 3.78 -17.91 29.03
C VAL A 161 3.89 -16.46 29.45
N GLU A 162 4.60 -16.21 30.56
CA GLU A 162 4.83 -14.82 30.96
C GLU A 162 5.44 -14.03 29.82
N LYS A 163 6.49 -14.56 29.19
CA LYS A 163 7.26 -13.83 28.21
C LYS A 163 6.44 -13.50 26.97
N ARG A 164 5.50 -14.37 26.62
CA ARG A 164 4.70 -14.15 25.44
C ARG A 164 3.56 -13.17 25.66
N GLY A 165 3.41 -12.68 26.90
CA GLY A 165 2.49 -11.60 27.19
C GLY A 165 1.24 -11.96 27.96
N ALA A 166 1.13 -13.16 28.52
CA ALA A 166 -0.07 -13.50 29.27
C ALA A 166 -0.25 -12.57 30.47
N GLY A 167 -1.48 -12.50 30.96
CA GLY A 167 -1.82 -11.63 32.05
C GLY A 167 -1.85 -12.36 33.38
N GLU A 168 -2.33 -13.60 33.37
CA GLU A 168 -2.34 -14.40 34.59
C GLU A 168 -2.42 -15.87 34.20
N ILE A 169 -2.01 -16.74 35.14
CA ILE A 169 -1.98 -18.18 34.95
C ILE A 169 -3.01 -18.82 35.88
N VAL A 170 -3.82 -19.75 35.34
CA VAL A 170 -4.56 -20.68 36.20
C VAL A 170 -3.70 -21.94 36.30
N LEU A 171 -3.40 -22.36 37.55
CA LEU A 171 -2.53 -23.51 37.87
C LEU A 171 -3.39 -24.68 38.33
N GLY A 172 -3.62 -25.61 37.42
CA GLY A 172 -4.51 -26.71 37.69
C GLY A 172 -3.71 -28.01 37.78
N SER A 173 -3.86 -28.69 38.91
CA SER A 173 -3.12 -29.91 39.18
C SER A 173 -4.00 -31.06 38.76
N ILE A 174 -3.62 -31.74 37.69
CA ILE A 174 -4.44 -32.81 37.15
C ILE A 174 -4.64 -33.90 38.19
N ASP A 175 -3.61 -34.18 38.99
CA ASP A 175 -3.71 -35.21 40.03
C ASP A 175 -4.82 -34.94 41.04
N ARG A 176 -5.28 -33.69 41.11
CA ARG A 176 -6.32 -33.32 42.05
C ARG A 176 -7.73 -33.25 41.47
N LEU A 177 -7.89 -33.60 40.20
CA LEU A 177 -9.22 -33.54 39.61
C LEU A 177 -10.18 -34.40 40.43
N GLY A 178 -11.29 -33.80 40.86
CA GLY A 178 -12.27 -34.51 41.65
C GLY A 178 -11.92 -34.74 43.10
N THR A 179 -10.64 -34.74 43.46
CA THR A 179 -10.32 -34.94 44.86
C THR A 179 -10.75 -33.73 45.65
N LYS A 180 -10.84 -33.91 46.97
CA LYS A 180 -11.14 -32.81 47.87
C LYS A 180 -10.18 -32.82 49.04
N SER A 181 -8.90 -33.04 48.71
CA SER A 181 -7.76 -33.12 49.62
C SER A 181 -7.02 -31.80 49.78
N GLY A 182 -7.21 -30.87 48.84
CA GLY A 182 -6.59 -29.56 48.90
C GLY A 182 -5.83 -29.19 47.64
N TYR A 183 -5.56 -27.90 47.47
CA TYR A 183 -4.75 -27.47 46.35
C TYR A 183 -3.38 -28.12 46.44
N ASP A 184 -2.91 -28.62 45.32
CA ASP A 184 -1.51 -28.95 45.18
C ASP A 184 -0.61 -27.78 45.59
N THR A 185 -0.29 -27.66 46.89
CA THR A 185 0.52 -26.55 47.37
C THR A 185 1.99 -26.71 47.03
N GLU A 186 2.46 -27.94 46.80
N GLU A 186 2.48 -27.93 46.76
CA GLU A 186 3.80 -28.18 46.28
CA GLU A 186 3.86 -28.09 46.30
C GLU A 186 3.98 -27.56 44.89
C GLU A 186 4.02 -27.61 44.86
N MET A 187 3.02 -27.82 44.00
CA MET A 187 3.04 -27.24 42.66
C MET A 187 3.03 -25.71 42.70
N ILE A 188 2.16 -25.13 43.53
CA ILE A 188 2.12 -23.67 43.62
C ILE A 188 3.48 -23.14 44.03
N ARG A 189 4.05 -23.70 45.11
CA ARG A 189 5.37 -23.30 45.59
C ARG A 189 6.45 -23.51 44.53
N PHE A 190 6.29 -24.54 43.69
CA PHE A 190 7.26 -24.75 42.62
C PHE A 190 7.15 -23.69 41.53
N VAL A 191 5.94 -23.22 41.25
CA VAL A 191 5.78 -22.26 40.16
C VAL A 191 6.12 -20.85 40.64
N ARG A 192 5.76 -20.53 41.89
CA ARG A 192 5.80 -19.19 42.44
C ARG A 192 7.05 -18.38 42.13
N PRO A 193 8.25 -18.95 42.19
CA PRO A 193 9.45 -18.12 41.92
C PRO A 193 9.74 -17.99 40.46
N LEU A 194 9.12 -18.83 39.63
CA LEU A 194 9.40 -18.80 38.21
C LEU A 194 8.73 -17.63 37.48
N THR A 195 7.73 -16.99 38.09
CA THR A 195 6.96 -15.96 37.39
C THR A 195 6.36 -14.94 38.34
N THR A 196 6.45 -13.67 37.95
CA THR A 196 5.80 -12.58 38.62
C THR A 196 4.31 -12.48 38.28
N LEU A 197 3.85 -13.21 37.27
CA LEU A 197 2.44 -13.22 36.90
C LEU A 197 1.55 -13.61 38.07
N PRO A 198 0.32 -13.09 38.12
CA PRO A 198 -0.67 -13.61 39.08
C PRO A 198 -1.01 -15.06 38.83
N ILE A 199 -1.20 -15.78 39.92
CA ILE A 199 -1.30 -17.23 39.92
C ILE A 199 -2.62 -17.60 40.56
N ILE A 200 -3.48 -18.25 39.79
CA ILE A 200 -4.80 -18.68 40.26
C ILE A 200 -4.73 -20.17 40.49
N ALA A 201 -4.90 -20.58 41.75
CA ALA A 201 -4.87 -21.99 42.08
C ALA A 201 -6.18 -22.65 41.68
N HIS A 202 -6.09 -23.89 41.18
CA HIS A 202 -7.28 -24.61 40.75
C HIS A 202 -7.10 -26.11 40.87
N ARG A 203 -8.15 -26.80 41.37
CA ARG A 203 -8.32 -28.24 41.59
C ARG A 203 -7.78 -28.72 42.94
N GLY A 204 -8.64 -29.35 43.74
CA GLY A 204 -8.28 -29.76 45.08
C GLY A 204 -9.24 -29.30 46.15
N ALA A 205 -9.74 -28.07 46.03
CA ALA A 205 -10.53 -27.45 47.10
C ALA A 205 -11.61 -28.37 47.62
N GLY A 206 -11.69 -28.49 48.95
CA GLY A 206 -12.63 -29.39 49.58
C GLY A 206 -13.18 -28.79 50.85
N LYS A 207 -12.39 -27.92 51.48
CA LYS A 207 -12.80 -27.31 52.75
C LYS A 207 -12.13 -25.95 52.88
N THR A 208 -12.69 -25.13 53.75
CA THR A 208 -12.14 -23.81 54.05
C THR A 208 -10.62 -23.72 54.07
N GLU A 209 -9.98 -24.55 54.92
CA GLU A 209 -8.58 -24.37 55.23
C GLU A 209 -7.69 -24.57 54.03
N HIS A 210 -8.22 -25.25 53.00
CA HIS A 210 -7.50 -25.45 51.75
C HIS A 210 -7.16 -24.12 51.11
N PHE A 211 -7.98 -23.10 51.37
CA PHE A 211 -7.78 -21.80 50.72
C PHE A 211 -6.66 -21.04 51.42
N LEU A 212 -6.64 -21.12 52.76
CA LEU A 212 -5.51 -20.60 53.51
C LEU A 212 -4.21 -21.26 53.07
N GLU A 213 -4.21 -22.58 52.89
CA GLU A 213 -3.01 -23.22 52.39
C GLU A 213 -2.61 -22.65 51.04
N ALA A 214 -3.59 -22.51 50.13
CA ALA A 214 -3.26 -22.06 48.77
C ALA A 214 -2.60 -20.69 48.76
N PHE A 215 -3.06 -19.76 49.60
CA PHE A 215 -2.43 -18.44 49.62
C PHE A 215 -1.05 -18.46 50.30
N LEU A 216 -0.85 -19.29 51.34
CA LEU A 216 0.52 -19.36 51.88
C LEU A 216 1.47 -19.98 50.85
N ALA A 217 0.98 -20.89 50.02
CA ALA A 217 1.88 -21.38 48.98
C ALA A 217 2.21 -20.35 47.90
N GLY A 218 1.69 -19.12 48.00
CA GLY A 218 2.02 -18.08 47.04
C GLY A 218 0.94 -17.76 46.00
N ALA A 219 -0.19 -18.46 46.02
CA ALA A 219 -1.27 -18.20 45.08
C ALA A 219 -1.83 -16.80 45.30
N ASP A 220 -2.00 -16.07 44.18
CA ASP A 220 -2.72 -14.79 44.19
C ASP A 220 -4.23 -14.97 44.25
N ALA A 221 -4.75 -16.12 43.85
CA ALA A 221 -6.18 -16.38 43.88
C ALA A 221 -6.40 -17.87 43.87
N ALA A 222 -7.59 -18.26 44.33
CA ALA A 222 -8.02 -19.64 44.26
C ALA A 222 -9.40 -19.73 43.62
N LYS A 223 -9.53 -20.60 42.62
CA LYS A 223 -10.81 -20.89 42.01
C LYS A 223 -11.33 -22.25 42.44
N ALA A 224 -12.64 -22.34 42.67
CA ALA A 224 -13.33 -23.60 42.83
C ALA A 224 -14.72 -23.49 42.18
N ASP A 225 -15.44 -24.60 42.16
CA ASP A 225 -16.70 -24.60 41.46
C ASP A 225 -17.76 -25.38 42.23
N SER A 226 -17.84 -26.68 41.99
CA SER A 226 -18.81 -27.57 42.64
C SER A 226 -18.87 -27.32 44.15
N VAL A 227 -17.72 -27.00 44.74
CA VAL A 227 -17.66 -26.84 46.18
C VAL A 227 -18.50 -25.66 46.61
N PHE A 228 -18.60 -24.62 45.78
CA PHE A 228 -19.48 -23.51 46.14
C PHE A 228 -20.91 -23.75 45.72
N HIS A 229 -21.13 -24.34 44.53
CA HIS A 229 -22.50 -24.57 44.07
C HIS A 229 -23.20 -25.61 44.95
N SER A 230 -22.46 -26.59 45.49
CA SER A 230 -23.11 -27.59 46.35
C SER A 230 -23.42 -27.03 47.72
N ARG A 231 -22.80 -25.90 48.07
CA ARG A 231 -22.87 -25.24 49.35
C ARG A 231 -22.01 -25.94 50.41
N GLU A 232 -20.94 -26.64 49.97
CA GLU A 232 -20.00 -27.19 50.95
C GLU A 232 -19.26 -26.08 51.68
N ILE A 233 -18.92 -25.02 50.96
CA ILE A 233 -18.18 -23.89 51.51
C ILE A 233 -18.98 -22.62 51.22
N ASP A 234 -19.54 -22.03 52.25
CA ASP A 234 -20.27 -20.77 52.08
C ASP A 234 -19.29 -19.63 51.85
N VAL A 235 -19.43 -18.97 50.69
CA VAL A 235 -18.45 -17.98 50.24
C VAL A 235 -18.18 -16.91 51.30
N ARG A 236 -19.19 -16.52 52.09
CA ARG A 236 -18.97 -15.44 53.05
C ARG A 236 -18.17 -15.95 54.25
N GLU A 237 -18.57 -17.12 54.78
CA GLU A 237 -17.79 -17.82 55.77
C GLU A 237 -16.35 -17.92 55.31
N LEU A 238 -16.14 -18.38 54.07
CA LEU A 238 -14.80 -18.59 53.57
C LEU A 238 -13.97 -17.33 53.63
N LYS A 239 -14.61 -16.19 53.47
CA LYS A 239 -13.89 -14.92 53.45
C LYS A 239 -13.66 -14.38 54.84
N GLU A 240 -14.54 -14.68 55.79
CA GLU A 240 -14.28 -14.20 57.13
C GLU A 240 -13.14 -15.01 57.76
N TYR A 241 -13.08 -16.30 57.44
CA TYR A 241 -11.98 -17.17 57.86
C TYR A 241 -10.64 -16.68 57.32
N LEU A 242 -10.52 -16.57 56.00
CA LEU A 242 -9.28 -16.08 55.40
C LEU A 242 -8.85 -14.76 56.02
N LYS A 243 -9.80 -13.89 56.39
CA LYS A 243 -9.39 -12.65 57.05
C LYS A 243 -8.95 -12.92 58.51
N LYS A 244 -9.64 -13.82 59.21
CA LYS A 244 -9.33 -14.11 60.60
C LYS A 244 -7.85 -14.46 60.79
N HIS A 245 -7.29 -15.21 59.84
CA HIS A 245 -5.93 -15.72 59.90
C HIS A 245 -5.00 -14.99 58.94
N GLY A 246 -5.23 -13.68 58.77
CA GLY A 246 -4.27 -12.78 58.15
C GLY A 246 -4.17 -12.73 56.65
N VAL A 247 -5.08 -13.38 55.89
CA VAL A 247 -5.08 -13.19 54.44
C VAL A 247 -5.73 -11.85 54.09
N ASN A 248 -5.22 -11.18 53.05
CA ASN A 248 -5.81 -9.93 52.60
C ASN A 248 -6.89 -10.17 51.55
N VAL A 249 -8.14 -10.18 51.98
CA VAL A 249 -9.28 -10.42 51.13
C VAL A 249 -10.28 -9.32 51.43
N ARG A 250 -11.03 -8.90 50.39
CA ARG A 250 -11.99 -7.82 50.56
C ARG A 250 -13.31 -8.38 51.05
N LEU A 251 -13.76 -7.88 52.21
CA LEU A 251 -15.08 -8.18 52.74
C LEU A 251 -16.04 -7.05 52.41
N GLU A 252 -17.26 -7.14 52.93
CA GLU A 252 -18.24 -6.07 52.74
C GLU A 252 -18.65 -5.43 54.06
N GLY A 253 -19.16 -6.20 55.02
CA GLY A 253 -19.57 -5.67 56.32
C GLY A 253 -20.86 -4.87 56.34
N LEU A 254 -21.99 -5.54 56.59
CA LEU A 254 -23.28 -4.86 56.71
C LEU A 254 -23.73 -4.84 58.18
N ALA B 2 -25.84 6.48 14.87
CA ALA B 2 -26.92 6.29 15.85
C ALA B 2 -27.90 7.45 15.81
N LEU B 3 -29.14 6.69 16.25
CA LEU B 3 -29.92 7.91 16.25
C LEU B 3 -29.17 9.00 16.99
N ALA B 4 -29.33 10.24 16.57
CA ALA B 4 -28.82 11.31 17.42
C ALA B 4 -29.72 11.43 18.64
N LYS B 5 -29.28 12.31 19.54
CA LYS B 5 -29.98 12.61 20.78
C LYS B 5 -30.54 14.02 20.59
N ARG B 6 -31.82 14.21 20.95
CA ARG B 6 -32.52 15.49 20.76
C ARG B 6 -32.50 16.31 22.04
N ILE B 7 -32.26 17.61 21.88
CA ILE B 7 -32.63 18.60 22.87
C ILE B 7 -33.98 19.18 22.42
N ASP B 8 -35.06 18.82 23.15
CA ASP B 8 -36.38 19.40 22.96
C ASP B 8 -36.55 20.62 23.85
N ALA B 9 -37.33 21.58 23.37
CA ALA B 9 -37.70 22.76 24.16
C ALA B 9 -39.21 22.86 24.18
N ALA B 10 -39.77 23.02 25.38
CA ALA B 10 -41.20 23.16 25.50
C ALA B 10 -41.54 24.58 25.90
N LEU B 11 -42.69 25.03 25.42
CA LEU B 11 -43.27 26.32 25.76
C LEU B 11 -44.61 26.06 26.42
N ILE B 12 -44.85 26.71 27.55
CA ILE B 12 -46.13 26.60 28.23
C ILE B 12 -46.99 27.75 27.76
N LEU B 13 -48.12 27.42 27.12
CA LEU B 13 -48.98 28.41 26.46
C LEU B 13 -50.26 28.62 27.25
N LYS B 14 -50.64 29.88 27.42
CA LYS B 14 -51.92 30.26 27.99
C LYS B 14 -52.49 31.40 27.17
N ASP B 15 -53.70 31.20 26.64
CA ASP B 15 -54.35 32.16 25.73
C ASP B 15 -53.41 32.54 24.60
N GLY B 16 -52.75 31.55 24.01
CA GLY B 16 -51.74 31.78 22.98
C GLY B 16 -50.51 32.55 23.41
N ARG B 17 -50.29 32.74 24.71
CA ARG B 17 -49.06 33.37 25.19
C ARG B 17 -48.09 32.38 25.85
N VAL B 18 -46.83 32.79 25.93
CA VAL B 18 -45.80 31.99 26.59
C VAL B 18 -45.76 32.42 28.06
N VAL B 19 -46.23 31.54 28.95
CA VAL B 19 -46.35 31.89 30.36
C VAL B 19 -44.96 32.16 30.93
N LYS B 20 -44.70 33.44 31.24
CA LYS B 20 -43.45 33.99 31.73
C LYS B 20 -42.50 34.42 30.58
N GLY B 21 -42.79 34.04 29.33
CA GLY B 21 -42.00 34.58 28.22
C GLY B 21 -40.57 34.09 28.25
N SER B 22 -39.64 35.04 28.05
CA SER B 22 -38.24 34.75 27.77
C SER B 22 -37.43 35.96 28.17
N ASN B 23 -36.11 35.75 28.22
CA ASN B 23 -35.12 36.79 28.49
C ASN B 23 -34.22 36.98 27.28
N PHE B 24 -34.65 36.48 26.13
CA PHE B 24 -33.94 36.74 24.88
C PHE B 24 -34.29 38.17 24.45
N GLU B 25 -33.47 39.12 24.90
CA GLU B 25 -33.70 40.54 24.64
C GLU B 25 -33.81 40.87 23.16
N ASN B 26 -33.10 40.13 22.31
CA ASN B 26 -33.12 40.36 20.86
C ASN B 26 -34.50 40.14 20.25
N LEU B 27 -35.44 39.54 20.95
CA LEU B 27 -36.69 39.20 20.31
C LEU B 27 -37.59 40.43 20.19
N ARG B 28 -38.62 40.32 19.35
CA ARG B 28 -39.59 41.41 19.27
C ARG B 28 -40.65 41.27 20.35
N ASP B 29 -41.08 40.04 20.61
CA ASP B 29 -42.13 39.78 21.59
C ASP B 29 -41.76 38.51 22.34
N SER B 30 -41.05 38.67 23.46
CA SER B 30 -40.55 37.55 24.27
C SER B 30 -41.65 36.58 24.69
N GLY B 31 -42.92 37.02 24.62
CA GLY B 31 -44.08 36.22 24.94
C GLY B 31 -44.75 35.52 23.79
N ASP B 32 -44.29 35.71 22.57
CA ASP B 32 -45.01 35.21 21.40
C ASP B 32 -44.47 33.83 21.02
N PRO B 33 -45.28 32.76 21.13
CA PRO B 33 -44.77 31.42 20.84
C PRO B 33 -44.15 31.29 19.46
N VAL B 34 -44.60 32.07 18.48
CA VAL B 34 -44.10 31.87 17.13
C VAL B 34 -42.68 32.42 17.01
N GLU B 35 -42.46 33.65 17.48
CA GLU B 35 -41.13 34.22 17.41
C GLU B 35 -40.10 33.37 18.15
N LEU B 36 -40.46 32.87 19.37
CA LEU B 36 -39.52 32.15 20.23
C LEU B 36 -39.14 30.80 19.64
N GLY B 37 -40.15 30.02 19.28
CA GLY B 37 -39.89 28.73 18.68
C GLY B 37 -39.04 28.82 17.44
N LYS B 38 -39.35 29.77 16.56
CA LYS B 38 -38.53 29.91 15.35
C LYS B 38 -37.10 30.25 15.74
N PHE B 39 -36.93 31.13 16.72
CA PHE B 39 -35.62 31.43 17.28
C PHE B 39 -34.93 30.18 17.82
N TYR B 40 -35.61 29.42 18.70
CA TYR B 40 -35.02 28.18 19.24
C TYR B 40 -34.57 27.27 18.12
N SER B 41 -35.43 27.07 17.13
CA SER B 41 -35.19 26.18 16.01
C SER B 41 -34.02 26.62 15.17
N GLU B 42 -33.45 27.77 15.50
CA GLU B 42 -32.32 28.28 14.76
C GLU B 42 -31.04 28.27 15.57
N ILE B 43 -31.11 28.09 16.87
CA ILE B 43 -29.90 28.14 17.67
C ILE B 43 -29.42 26.72 18.02
N GLY B 44 -30.33 25.75 18.07
CA GLY B 44 -29.89 24.39 18.31
C GLY B 44 -30.97 23.41 18.72
N ILE B 45 -32.07 23.87 19.31
CA ILE B 45 -33.21 23.01 19.57
C ILE B 45 -33.55 22.14 18.36
N ASP B 46 -33.92 20.89 18.64
CA ASP B 46 -34.15 19.89 17.62
C ASP B 46 -35.61 19.58 17.40
N GLU B 47 -36.45 19.61 18.44
CA GLU B 47 -37.89 19.55 18.29
C GLU B 47 -38.54 20.52 19.28
N LEU B 48 -39.76 20.99 18.93
CA LEU B 48 -40.49 21.96 19.73
C LEU B 48 -41.77 21.35 20.24
N SER B 49 -42.15 21.73 21.46
CA SER B 49 -43.42 21.35 22.06
C SER B 49 -44.18 22.63 22.44
N PHE B 50 -45.47 22.65 22.11
CA PHE B 50 -46.38 23.73 22.50
C PHE B 50 -47.41 23.10 23.44
N TRP B 51 -47.31 23.45 24.72
CA TRP B 51 -48.10 22.83 25.78
C TRP B 51 -49.00 23.87 26.39
N ASP B 52 -50.30 23.59 26.40
CA ASP B 52 -51.36 24.59 26.51
C ASP B 52 -52.20 24.35 27.75
N ILE B 53 -52.12 25.28 28.71
CA ILE B 53 -52.81 25.12 29.97
C ILE B 53 -54.17 25.81 29.99
N THR B 54 -54.53 26.52 28.92
CA THR B 54 -55.88 27.03 28.70
C THR B 54 -56.95 25.96 28.91
N ALA B 55 -57.98 26.32 29.69
CA ALA B 55 -59.21 25.52 29.81
C ALA B 55 -60.42 26.16 29.15
N SER B 56 -60.31 27.44 28.72
CA SER B 56 -61.42 28.28 28.29
C SER B 56 -62.21 27.75 27.10
N VAL B 57 -63.26 28.49 26.73
CA VAL B 57 -64.03 28.15 25.53
C VAL B 57 -63.18 28.39 24.29
N GLU B 58 -62.52 29.55 24.25
CA GLU B 58 -61.70 29.97 23.12
C GLU B 58 -60.55 29.01 22.90
N LYS B 59 -60.46 27.99 23.76
CA LYS B 59 -59.31 27.09 23.80
C LYS B 59 -59.02 26.45 22.46
N ARG B 60 -59.99 25.75 21.89
CA ARG B 60 -59.68 24.86 20.78
C ARG B 60 -59.39 25.64 19.50
N LYS B 61 -60.00 26.80 19.32
CA LYS B 61 -59.67 27.62 18.15
C LYS B 61 -58.21 28.04 18.19
N THR B 62 -57.74 28.52 19.35
CA THR B 62 -56.44 29.17 19.41
C THR B 62 -55.30 28.22 19.09
N MET B 63 -55.40 26.96 19.54
CA MET B 63 -54.38 25.98 19.20
C MET B 63 -54.27 25.81 17.70
N LEU B 64 -55.40 25.54 17.04
CA LEU B 64 -55.40 25.26 15.60
C LEU B 64 -54.83 26.43 14.81
N GLU B 65 -55.15 27.65 15.22
CA GLU B 65 -54.58 28.82 14.53
C GLU B 65 -53.07 28.91 14.76
N LEU B 66 -52.64 28.74 16.00
CA LEU B 66 -51.21 28.83 16.28
C LEU B 66 -50.44 27.75 15.53
N VAL B 67 -51.02 26.54 15.47
CA VAL B 67 -50.36 25.44 14.79
C VAL B 67 -50.15 25.78 13.32
N GLU B 68 -51.19 26.34 12.69
CA GLU B 68 -51.11 26.78 11.31
C GLU B 68 -49.93 27.74 11.28
N LYS B 69 -50.03 28.84 12.00
CA LYS B 69 -48.90 29.78 12.06
C LYS B 69 -47.55 29.06 12.13
N VAL B 70 -47.34 28.18 13.13
CA VAL B 70 -46.02 27.58 13.34
C VAL B 70 -45.65 26.67 12.16
N ALA B 71 -46.61 25.86 11.69
CA ALA B 71 -46.37 24.89 10.62
C ALA B 71 -45.93 25.54 9.31
N GLU B 72 -45.95 26.86 9.21
CA GLU B 72 -45.43 27.53 8.03
C GLU B 72 -44.00 28.02 8.21
N GLN B 73 -43.63 28.46 9.41
CA GLN B 73 -42.35 29.12 9.62
C GLN B 73 -41.31 28.28 10.36
N ILE B 74 -41.67 27.14 10.94
CA ILE B 74 -40.74 26.34 11.75
C ILE B 74 -40.45 25.01 11.04
N ASP B 75 -39.20 24.79 10.66
CA ASP B 75 -38.83 23.59 9.92
C ASP B 75 -38.66 22.33 10.78
N ILE B 76 -38.63 22.48 12.11
CA ILE B 76 -38.42 21.35 13.02
C ILE B 76 -39.72 20.63 13.42
N PRO B 77 -39.60 19.39 13.93
CA PRO B 77 -40.86 18.73 14.28
C PRO B 77 -41.60 19.40 15.42
N ILE B 78 -42.93 19.29 15.38
CA ILE B 78 -43.86 20.02 16.24
C ILE B 78 -44.72 19.01 17.02
N THR B 79 -44.85 19.23 18.34
CA THR B 79 -45.73 18.45 19.19
C THR B 79 -46.64 19.42 19.95
N VAL B 80 -47.93 19.08 20.06
CA VAL B 80 -48.85 19.86 20.89
C VAL B 80 -49.49 18.91 21.90
N GLY B 81 -49.78 19.44 23.08
CA GLY B 81 -50.59 18.73 24.04
C GLY B 81 -51.09 19.72 25.06
N GLY B 82 -51.97 19.25 25.94
CA GLY B 82 -52.62 20.07 26.94
C GLY B 82 -54.02 19.58 27.33
N GLY B 83 -54.94 19.59 26.38
CA GLY B 83 -56.31 19.21 26.67
C GLY B 83 -56.84 18.31 25.58
N ILE B 84 -55.93 17.55 24.99
CA ILE B 84 -56.25 16.62 23.93
C ILE B 84 -56.92 15.39 24.52
N TYR B 85 -58.24 15.43 24.66
CA TYR B 85 -58.97 14.37 25.34
C TYR B 85 -59.71 13.41 24.41
N ASP B 86 -59.55 13.52 23.09
CA ASP B 86 -60.29 12.64 22.18
C ASP B 86 -59.73 12.68 20.76
N PHE B 87 -60.21 11.74 19.94
CA PHE B 87 -59.65 11.55 18.59
C PHE B 87 -59.79 12.81 17.74
N GLU B 88 -60.98 13.40 17.69
CA GLU B 88 -61.21 14.49 16.74
C GLU B 88 -60.34 15.70 17.07
N THR B 89 -60.10 15.96 18.36
CA THR B 89 -59.19 17.05 18.72
C THR B 89 -57.78 16.76 18.24
N ALA B 90 -57.32 15.53 18.43
CA ALA B 90 -56.01 15.16 17.91
C ALA B 90 -55.99 15.24 16.39
N SER B 91 -56.95 14.58 15.73
CA SER B 91 -56.94 14.53 14.27
C SER B 91 -57.03 15.91 13.64
N GLU B 92 -57.70 16.85 14.31
CA GLU B 92 -57.74 18.21 13.79
C GLU B 92 -56.37 18.88 13.88
N LEU B 93 -55.73 18.74 15.04
CA LEU B 93 -54.40 19.34 15.22
C LEU B 93 -53.40 18.80 14.21
N ILE B 94 -53.42 17.49 13.94
CA ILE B 94 -52.50 16.90 12.97
C ILE B 94 -52.77 17.46 11.59
N LEU B 95 -54.06 17.49 11.19
CA LEU B 95 -54.45 17.99 9.87
C LEU B 95 -54.13 19.45 9.68
N ARG B 96 -53.98 20.24 10.75
CA ARG B 96 -53.66 21.64 10.52
C ARG B 96 -52.21 22.02 10.79
N GLY B 97 -51.30 21.05 10.90
CA GLY B 97 -49.89 21.39 11.05
C GLY B 97 -49.07 20.61 12.08
N ALA B 98 -49.70 20.16 13.17
CA ALA B 98 -48.96 19.48 14.22
C ALA B 98 -48.33 18.21 13.67
N ASP B 99 -47.02 18.10 13.89
CA ASP B 99 -46.32 16.90 13.48
C ASP B 99 -46.74 15.70 14.34
N LYS B 100 -47.10 15.96 15.60
CA LYS B 100 -47.18 14.96 16.65
C LYS B 100 -48.16 15.46 17.71
N VAL B 101 -48.86 14.52 18.34
CA VAL B 101 -49.94 14.80 19.29
C VAL B 101 -49.64 14.08 20.59
N GLU B 102 -49.54 14.82 21.69
CA GLU B 102 -49.18 14.22 22.97
C GLU B 102 -50.41 14.14 23.85
N ILE B 103 -50.86 12.90 24.12
CA ILE B 103 -51.94 12.61 25.04
C ILE B 103 -51.40 11.99 26.34
N ASN B 104 -52.21 12.06 27.38
CA ASN B 104 -51.83 11.55 28.68
C ASN B 104 -53.06 10.89 29.30
N THR B 105 -53.88 11.68 29.99
CA THR B 105 -55.02 11.13 30.72
C THR B 105 -55.91 10.27 29.84
N ALA B 106 -56.14 10.70 28.60
CA ALA B 106 -57.08 9.97 27.74
C ALA B 106 -56.48 8.63 27.31
N ALA B 107 -55.15 8.56 27.17
CA ALA B 107 -54.50 7.31 26.82
C ALA B 107 -54.58 6.31 27.96
N VAL B 108 -54.46 6.79 29.20
CA VAL B 108 -54.65 5.88 30.32
C VAL B 108 -56.09 5.37 30.33
N GLU B 109 -57.07 6.27 30.10
CA GLU B 109 -58.49 5.89 30.20
C GLU B 109 -59.01 5.18 28.96
N ASN B 110 -58.42 5.45 27.78
CA ASN B 110 -58.78 4.71 26.57
C ASN B 110 -57.50 4.37 25.82
N PRO B 111 -56.89 3.22 26.12
CA PRO B 111 -55.69 2.83 25.39
C PRO B 111 -55.92 2.69 23.90
N SER B 112 -57.16 2.47 23.48
CA SER B 112 -57.46 2.34 22.05
C SER B 112 -57.30 3.65 21.29
N LEU B 113 -57.23 4.80 21.98
CA LEU B 113 -57.01 6.07 21.28
C LEU B 113 -55.58 6.16 20.76
N ILE B 114 -54.59 5.73 21.55
CA ILE B 114 -53.24 5.59 21.03
C ILE B 114 -53.29 4.87 19.69
N THR B 115 -54.06 3.79 19.61
CA THR B 115 -54.11 2.98 18.39
C THR B 115 -54.81 3.72 17.23
N GLN B 116 -55.90 4.46 17.52
CA GLN B 116 -56.61 5.18 16.47
C GLN B 116 -55.73 6.24 15.82
N ILE B 117 -55.20 7.17 16.63
CA ILE B 117 -54.34 8.25 16.14
C ILE B 117 -53.18 7.70 15.33
N ALA B 118 -52.77 6.46 15.60
CA ALA B 118 -51.66 5.91 14.83
C ALA B 118 -52.10 5.05 13.66
N GLN B 119 -53.28 4.42 13.73
CA GLN B 119 -53.90 3.88 12.52
C GLN B 119 -53.91 4.93 11.41
N THR B 120 -54.56 6.06 11.66
CA THR B 120 -54.77 7.09 10.66
C THR B 120 -53.48 7.79 10.26
N PHE B 121 -52.73 8.29 11.24
CA PHE B 121 -51.62 9.18 10.98
C PHE B 121 -50.24 8.56 11.20
N GLY B 122 -50.17 7.37 11.78
CA GLY B 122 -48.88 6.74 12.04
C GLY B 122 -48.35 6.93 13.46
N SER B 123 -47.85 5.81 14.03
CA SER B 123 -47.27 5.74 15.37
C SER B 123 -46.46 6.99 15.69
N GLN B 124 -45.64 7.44 14.73
CA GLN B 124 -44.77 8.63 14.83
C GLN B 124 -45.53 9.94 14.94
N ALA B 125 -46.87 9.94 14.89
CA ALA B 125 -47.63 11.12 15.23
C ALA B 125 -48.16 11.07 16.67
N VAL B 126 -48.01 9.95 17.36
CA VAL B 126 -48.57 9.75 18.69
C VAL B 126 -47.46 9.81 19.72
N VAL B 127 -47.71 10.58 20.79
CA VAL B 127 -46.77 10.80 21.87
C VAL B 127 -47.54 10.63 23.17
N VAL B 128 -47.07 9.73 24.04
CA VAL B 128 -47.74 9.46 25.31
C VAL B 128 -46.88 10.02 26.44
N TYR B 129 -47.40 11.03 27.13
CA TYR B 129 -46.77 11.59 28.32
C TYR B 129 -47.14 10.70 29.50
N ILE B 130 -46.14 9.98 30.05
CA ILE B 130 -46.31 9.18 31.26
C ILE B 130 -45.80 10.00 32.42
N ALA B 131 -46.63 10.20 33.43
CA ALA B 131 -46.20 10.88 34.65
C ALA B 131 -46.23 9.89 35.82
N ALA B 132 -45.11 9.78 36.52
CA ALA B 132 -44.91 8.68 37.48
C ALA B 132 -44.22 9.18 38.75
N LYS B 133 -44.50 8.48 39.86
CA LYS B 133 -43.78 8.72 41.11
C LYS B 133 -43.74 7.43 41.90
N ARG B 134 -42.68 7.27 42.69
CA ARG B 134 -42.63 6.16 43.64
C ARG B 134 -43.75 6.34 44.65
N VAL B 135 -44.52 5.27 44.82
CA VAL B 135 -45.54 5.14 45.85
C VAL B 135 -45.38 3.73 46.40
N ASP B 136 -44.94 3.62 47.65
CA ASP B 136 -44.61 2.36 48.31
C ASP B 136 -43.53 1.59 47.55
N GLY B 137 -42.39 2.27 47.38
CA GLY B 137 -41.27 1.71 46.65
C GLY B 137 -41.63 1.11 45.30
N GLU B 138 -42.62 1.72 44.63
CA GLU B 138 -42.97 1.23 43.30
C GLU B 138 -43.46 2.39 42.43
N PHE B 139 -43.22 2.25 41.13
CA PHE B 139 -43.48 3.31 40.16
C PHE B 139 -44.93 3.29 39.70
N MET B 140 -45.68 4.35 39.99
CA MET B 140 -47.11 4.41 39.70
C MET B 140 -47.41 5.47 38.63
N VAL B 141 -48.27 5.11 37.68
CA VAL B 141 -48.71 6.06 36.66
C VAL B 141 -49.80 6.95 37.25
N PHE B 142 -49.71 8.24 36.95
CA PHE B 142 -50.61 9.27 37.47
C PHE B 142 -51.28 10.05 36.33
N THR B 143 -52.54 10.43 36.55
CA THR B 143 -53.36 11.16 35.59
C THR B 143 -53.91 12.44 36.20
N TYR B 144 -54.41 13.32 35.33
CA TYR B 144 -54.93 14.63 35.71
C TYR B 144 -53.86 15.42 36.47
N SER B 145 -52.87 15.88 35.69
CA SER B 145 -51.84 16.77 36.21
C SER B 145 -51.13 16.19 37.42
N GLY B 146 -50.97 14.86 37.42
CA GLY B 146 -50.25 14.18 38.48
C GLY B 146 -50.99 14.03 39.79
N THR B 147 -52.32 14.12 39.77
CA THR B 147 -53.09 14.11 41.00
C THR B 147 -53.78 12.78 41.28
N LYS B 148 -53.86 11.88 40.30
CA LYS B 148 -54.66 10.68 40.43
C LYS B 148 -53.74 9.47 40.36
N ASN B 149 -53.64 8.73 41.45
CA ASN B 149 -52.94 7.45 41.44
C ASN B 149 -53.81 6.47 40.67
N THR B 150 -53.41 6.15 39.44
CA THR B 150 -54.23 5.29 38.60
C THR B 150 -54.27 3.85 39.07
N GLY B 151 -53.39 3.48 40.01
CA GLY B 151 -53.19 2.08 40.30
C GLY B 151 -52.55 1.30 39.19
N ILE B 152 -51.81 1.96 38.29
CA ILE B 152 -51.16 1.30 37.17
C ILE B 152 -49.65 1.42 37.34
N LEU B 153 -48.96 0.28 37.31
CA LEU B 153 -47.51 0.27 37.42
C LEU B 153 -46.89 0.74 36.12
N LEU B 154 -46.01 1.73 36.22
CA LEU B 154 -45.17 2.16 35.12
C LEU B 154 -44.62 0.98 34.32
N ARG B 155 -44.33 -0.14 35.00
CA ARG B 155 -43.77 -1.30 34.32
C ARG B 155 -44.70 -1.84 33.24
N ASP B 156 -46.01 -1.78 33.47
CA ASP B 156 -46.95 -2.31 32.49
C ASP B 156 -47.40 -1.28 31.46
N TRP B 157 -47.53 -0.01 31.88
CA TRP B 157 -48.03 1.01 30.98
C TRP B 157 -47.07 1.24 29.83
N VAL B 158 -45.77 1.35 30.11
CA VAL B 158 -44.81 1.50 29.01
C VAL B 158 -44.84 0.29 28.07
N VAL B 159 -45.25 -0.87 28.57
CA VAL B 159 -45.25 -2.04 27.71
C VAL B 159 -46.54 -2.10 26.92
N GLU B 160 -47.66 -1.63 27.51
CA GLU B 160 -48.90 -1.55 26.76
C GLU B 160 -48.88 -0.40 25.76
N VAL B 161 -48.25 0.72 26.09
CA VAL B 161 -48.29 1.84 25.18
C VAL B 161 -47.39 1.58 23.96
N GLU B 162 -46.31 0.80 24.10
CA GLU B 162 -45.63 0.36 22.90
C GLU B 162 -46.50 -0.59 22.10
N LYS B 163 -47.34 -1.35 22.80
CA LYS B 163 -48.22 -2.30 22.11
C LYS B 163 -49.29 -1.57 21.31
N ARG B 164 -49.96 -0.60 21.95
CA ARG B 164 -51.05 0.13 21.31
C ARG B 164 -50.59 0.84 20.05
N GLY B 165 -49.33 1.26 20.00
CA GLY B 165 -48.71 1.78 18.80
C GLY B 165 -48.23 3.21 18.89
N ALA B 166 -47.86 3.66 20.09
CA ALA B 166 -47.36 5.02 20.21
C ALA B 166 -46.02 5.14 19.49
N GLY B 167 -45.58 6.37 19.28
CA GLY B 167 -44.32 6.55 18.59
C GLY B 167 -43.16 6.75 19.53
N GLU B 168 -43.44 7.40 20.65
CA GLU B 168 -42.43 7.74 21.63
C GLU B 168 -43.13 8.19 22.90
N ILE B 169 -42.41 8.08 24.01
CA ILE B 169 -42.93 8.36 25.35
C ILE B 169 -42.19 9.58 25.90
N VAL B 170 -42.94 10.49 26.51
CA VAL B 170 -42.33 11.43 27.44
C VAL B 170 -42.46 10.86 28.84
N LEU B 171 -41.30 10.62 29.49
CA LEU B 171 -41.23 10.15 30.86
C LEU B 171 -41.08 11.35 31.79
N GLY B 172 -42.15 11.70 32.47
CA GLY B 172 -42.15 12.85 33.35
C GLY B 172 -42.23 12.43 34.80
N SER B 173 -41.25 12.84 35.60
CA SER B 173 -41.14 12.42 36.98
C SER B 173 -41.83 13.44 37.86
N ILE B 174 -42.96 13.04 38.46
CA ILE B 174 -43.75 13.93 39.32
C ILE B 174 -42.88 14.63 40.36
N ASP B 175 -42.00 13.89 41.02
CA ASP B 175 -41.27 14.42 42.17
C ASP B 175 -40.33 15.54 41.79
N ARG B 176 -39.72 15.49 40.60
CA ARG B 176 -38.76 16.52 40.23
C ARG B 176 -39.44 17.82 39.76
N LEU B 177 -40.76 17.82 39.58
CA LEU B 177 -41.52 18.96 39.08
C LEU B 177 -41.08 20.26 39.74
N GLY B 178 -40.60 21.19 38.92
CA GLY B 178 -40.09 22.42 39.47
C GLY B 178 -38.83 22.31 40.30
N THR B 179 -38.22 21.13 40.44
CA THR B 179 -36.92 21.11 41.09
C THR B 179 -35.83 21.39 40.06
N LYS B 180 -34.64 21.74 40.56
CA LYS B 180 -33.51 22.08 39.69
C LYS B 180 -32.37 21.10 39.94
N SER B 181 -32.72 19.86 40.30
CA SER B 181 -31.76 18.88 40.80
C SER B 181 -31.41 17.80 39.78
N GLY B 182 -32.15 17.70 38.69
CA GLY B 182 -31.75 16.83 37.59
C GLY B 182 -32.78 15.77 37.31
N TYR B 183 -32.59 15.13 36.16
CA TYR B 183 -33.59 14.18 35.69
C TYR B 183 -33.63 12.96 36.59
N ASP B 184 -34.79 12.30 36.63
CA ASP B 184 -34.92 11.07 37.40
C ASP B 184 -34.23 9.94 36.63
N THR B 185 -32.89 10.02 36.59
CA THR B 185 -32.06 8.99 35.95
C THR B 185 -32.46 7.59 36.40
N GLU B 186 -32.80 7.44 37.69
CA GLU B 186 -33.30 6.16 38.16
C GLU B 186 -34.50 5.71 37.34
N MET B 187 -35.51 6.58 37.21
CA MET B 187 -36.71 6.25 36.44
C MET B 187 -36.37 5.89 35.00
N ILE B 188 -35.48 6.64 34.36
CA ILE B 188 -35.14 6.32 32.98
C ILE B 188 -34.42 4.98 32.90
N ARG B 189 -33.50 4.71 33.84
CA ARG B 189 -32.85 3.40 33.86
C ARG B 189 -33.87 2.30 34.06
N PHE B 190 -34.88 2.56 34.89
CA PHE B 190 -35.88 1.54 35.16
C PHE B 190 -36.78 1.30 33.95
N VAL B 191 -37.01 2.32 33.11
CA VAL B 191 -37.86 2.11 31.94
C VAL B 191 -37.06 1.53 30.77
N ARG B 192 -35.80 1.96 30.62
CA ARG B 192 -35.11 1.78 29.34
C ARG B 192 -35.17 0.34 28.81
N PRO B 193 -34.92 -0.71 29.60
CA PRO B 193 -35.05 -2.07 29.03
C PRO B 193 -36.47 -2.50 28.75
N LEU B 194 -37.46 -1.78 29.27
CA LEU B 194 -38.85 -2.19 29.21
C LEU B 194 -39.54 -1.91 27.88
N THR B 195 -38.93 -1.11 26.99
CA THR B 195 -39.55 -0.65 25.76
C THR B 195 -38.50 -0.19 24.76
N THR B 196 -38.79 -0.44 23.49
CA THR B 196 -37.90 0.03 22.42
C THR B 196 -38.24 1.44 21.97
N LEU B 197 -39.38 2.00 22.37
CA LEU B 197 -39.75 3.34 21.93
C LEU B 197 -38.76 4.37 22.45
N PRO B 198 -38.50 5.43 21.69
CA PRO B 198 -37.62 6.49 22.20
C PRO B 198 -38.21 7.15 23.44
N ILE B 199 -37.33 7.58 24.33
CA ILE B 199 -37.72 8.09 25.63
C ILE B 199 -37.21 9.52 25.76
N ILE B 200 -38.08 10.41 26.25
CA ILE B 200 -37.79 11.83 26.38
C ILE B 200 -37.82 12.19 27.86
N ALA B 201 -36.67 12.59 28.38
CA ALA B 201 -36.54 12.95 29.78
C ALA B 201 -37.24 14.27 30.05
N HIS B 202 -38.12 14.30 31.05
CA HIS B 202 -38.78 15.56 31.38
C HIS B 202 -39.00 15.67 32.87
N ARG B 203 -38.62 16.84 33.43
CA ARG B 203 -38.67 17.26 34.83
C ARG B 203 -37.31 17.07 35.47
N GLY B 204 -36.76 18.13 36.06
CA GLY B 204 -35.51 18.02 36.78
C GLY B 204 -34.40 18.92 36.26
N ALA B 205 -34.27 19.05 34.94
CA ALA B 205 -33.14 19.75 34.35
C ALA B 205 -32.90 21.09 35.01
N GLY B 206 -31.67 21.29 35.46
CA GLY B 206 -31.33 22.49 36.20
C GLY B 206 -29.97 23.02 35.81
N LYS B 207 -29.13 22.18 35.24
CA LYS B 207 -27.82 22.63 34.78
C LYS B 207 -27.36 21.73 33.66
N THR B 208 -26.34 22.20 32.97
CA THR B 208 -25.89 21.51 31.77
C THR B 208 -25.49 20.05 32.03
N GLU B 209 -24.84 19.77 33.18
CA GLU B 209 -24.38 18.40 33.41
C GLU B 209 -25.53 17.42 33.56
N HIS B 210 -26.71 17.90 33.97
CA HIS B 210 -27.90 17.06 34.06
C HIS B 210 -28.33 16.47 32.73
N PHE B 211 -27.96 17.08 31.61
CA PHE B 211 -28.43 16.51 30.35
C PHE B 211 -27.62 15.27 30.03
N LEU B 212 -26.31 15.34 30.27
CA LEU B 212 -25.45 14.18 30.08
C LEU B 212 -25.98 12.98 30.86
N GLU B 213 -26.40 13.20 32.11
CA GLU B 213 -26.82 12.07 32.95
C GLU B 213 -28.09 11.43 32.40
N ALA B 214 -29.00 12.26 31.86
CA ALA B 214 -30.24 11.74 31.30
C ALA B 214 -29.96 10.85 30.10
N PHE B 215 -28.96 11.20 29.32
CA PHE B 215 -28.62 10.37 28.17
C PHE B 215 -27.85 9.11 28.57
N LEU B 216 -26.87 9.24 29.46
CA LEU B 216 -26.22 8.04 29.97
C LEU B 216 -27.25 7.10 30.56
N ALA B 217 -28.34 7.65 31.10
CA ALA B 217 -29.43 6.82 31.58
C ALA B 217 -30.18 6.11 30.44
N GLY B 218 -29.78 6.30 29.18
CA GLY B 218 -30.50 5.69 28.08
C GLY B 218 -31.60 6.52 27.44
N ALA B 219 -31.85 7.75 27.91
CA ALA B 219 -32.79 8.62 27.23
C ALA B 219 -32.35 8.88 25.80
N ASP B 220 -33.35 8.96 24.91
CA ASP B 220 -33.13 9.38 23.53
C ASP B 220 -33.24 10.87 23.38
N ALA B 221 -34.03 11.50 24.22
CA ALA B 221 -34.22 12.93 24.16
C ALA B 221 -34.35 13.49 25.56
N ALA B 222 -33.95 14.74 25.74
CA ALA B 222 -34.19 15.42 27.01
C ALA B 222 -34.96 16.70 26.73
N LYS B 223 -36.05 16.91 27.47
CA LYS B 223 -36.93 18.08 27.32
C LYS B 223 -36.87 18.97 28.55
N ALA B 224 -36.79 20.27 28.33
CA ALA B 224 -36.76 21.27 29.38
C ALA B 224 -37.53 22.48 28.89
N ASP B 225 -37.66 23.50 29.74
CA ASP B 225 -38.39 24.67 29.30
C ASP B 225 -37.84 25.95 29.92
N SER B 226 -38.29 26.29 31.12
CA SER B 226 -37.88 27.54 31.74
C SER B 226 -36.38 27.66 31.88
N VAL B 227 -35.67 26.53 32.00
CA VAL B 227 -34.22 26.58 32.17
C VAL B 227 -33.61 27.20 30.93
N PHE B 228 -34.32 27.10 29.80
CA PHE B 228 -33.92 27.74 28.56
C PHE B 228 -34.41 29.17 28.50
N HIS B 229 -35.69 29.38 28.86
CA HIS B 229 -36.35 30.68 28.70
C HIS B 229 -35.73 31.75 29.59
N SER B 230 -35.23 31.39 30.77
CA SER B 230 -34.47 32.31 31.61
C SER B 230 -33.04 32.45 31.14
N ARG B 231 -32.62 31.59 30.21
CA ARG B 231 -31.24 31.53 29.74
C ARG B 231 -30.27 31.00 30.80
N GLU B 232 -30.80 30.19 31.74
CA GLU B 232 -29.95 29.47 32.68
C GLU B 232 -28.96 28.57 31.96
N ILE B 233 -29.42 27.86 30.91
CA ILE B 233 -28.57 27.05 30.04
C ILE B 233 -28.71 27.58 28.62
N ASP B 234 -27.71 28.30 28.14
CA ASP B 234 -27.58 28.57 26.71
C ASP B 234 -27.64 27.27 25.91
N VAL B 235 -28.44 27.28 24.84
CA VAL B 235 -28.67 26.03 24.12
C VAL B 235 -27.48 25.67 23.27
N ARG B 236 -26.71 26.63 22.78
CA ARG B 236 -25.61 26.20 21.93
C ARG B 236 -24.48 25.66 22.80
N GLU B 237 -24.23 26.34 23.92
CA GLU B 237 -23.37 25.78 24.97
C GLU B 237 -23.77 24.34 25.29
N LEU B 238 -25.08 24.10 25.49
CA LEU B 238 -25.47 22.78 25.96
C LEU B 238 -25.10 21.72 24.93
N LYS B 239 -25.41 21.96 23.66
CA LYS B 239 -25.01 20.97 22.67
C LYS B 239 -23.49 20.77 22.63
N GLU B 240 -22.72 21.82 22.87
CA GLU B 240 -21.29 21.71 22.64
C GLU B 240 -20.59 20.95 23.77
N TYR B 241 -21.11 21.05 25.00
CA TYR B 241 -20.69 20.17 26.09
C TYR B 241 -20.99 18.70 25.77
N LEU B 242 -22.25 18.38 25.50
CA LEU B 242 -22.59 16.99 25.18
C LEU B 242 -21.74 16.44 24.06
N LYS B 243 -21.31 17.29 23.13
CA LYS B 243 -20.53 16.76 22.03
C LYS B 243 -19.11 16.47 22.49
N LYS B 244 -18.59 17.35 23.36
CA LYS B 244 -17.25 17.18 23.90
C LYS B 244 -17.13 15.88 24.70
N HIS B 245 -18.16 15.54 25.50
CA HIS B 245 -18.17 14.37 26.35
C HIS B 245 -18.93 13.20 25.73
N GLY B 246 -19.02 13.17 24.40
CA GLY B 246 -19.27 11.95 23.66
C GLY B 246 -20.70 11.57 23.38
N VAL B 247 -21.66 12.45 23.57
CA VAL B 247 -23.04 12.26 23.14
C VAL B 247 -23.20 12.70 21.68
N ASN B 248 -24.01 11.96 20.91
CA ASN B 248 -24.19 12.30 19.49
C ASN B 248 -25.36 13.27 19.33
N VAL B 249 -25.06 14.58 19.32
CA VAL B 249 -26.02 15.64 19.06
C VAL B 249 -25.49 16.47 17.89
N ARG B 250 -26.41 17.14 17.20
CA ARG B 250 -26.06 17.87 15.99
C ARG B 250 -25.72 19.32 16.32
N LEU B 251 -24.58 19.79 15.79
CA LEU B 251 -24.15 21.18 15.91
C LEU B 251 -23.99 21.82 14.54
N GLU B 252 -25.05 21.85 13.75
CA GLU B 252 -24.98 22.48 12.44
C GLU B 252 -24.62 23.97 12.56
N GLY B 253 -25.56 24.77 13.09
CA GLY B 253 -25.43 26.21 13.13
C GLY B 253 -24.17 26.79 13.75
N ALA C 2 -42.11 20.54 11.11
CA ALA C 2 -42.33 19.79 9.88
C ALA C 2 -41.15 18.86 9.58
N LEU C 3 -41.45 17.58 9.41
CA LEU C 3 -40.42 16.59 9.12
C LEU C 3 -39.61 16.98 7.88
N ALA C 4 -38.29 16.88 7.99
CA ALA C 4 -37.41 17.23 6.89
C ALA C 4 -37.33 16.06 5.93
N LYS C 5 -37.09 16.38 4.67
CA LYS C 5 -37.02 15.37 3.62
C LYS C 5 -35.57 15.00 3.43
N ARG C 6 -35.30 13.70 3.28
CA ARG C 6 -33.92 13.18 3.41
C ARG C 6 -33.34 12.80 2.07
N ILE C 7 -32.06 13.09 1.92
CA ILE C 7 -31.24 12.52 0.85
C ILE C 7 -30.35 11.41 1.46
N ASP C 8 -30.54 10.18 0.98
CA ASP C 8 -29.78 9.02 1.40
C ASP C 8 -28.77 8.66 0.33
N ALA C 9 -27.49 8.60 0.69
CA ALA C 9 -26.55 7.91 -0.19
C ALA C 9 -26.67 6.40 -0.01
N ALA C 10 -26.34 5.67 -1.07
CA ALA C 10 -26.33 4.22 -1.06
C ALA C 10 -25.00 3.79 -1.64
N LEU C 11 -24.23 3.04 -0.86
CA LEU C 11 -22.91 2.54 -1.24
C LEU C 11 -23.01 1.04 -1.41
N ILE C 12 -22.60 0.55 -2.58
CA ILE C 12 -22.84 -0.83 -2.97
C ILE C 12 -21.50 -1.57 -2.89
N LEU C 13 -21.45 -2.56 -2.00
CA LEU C 13 -20.18 -3.13 -1.57
C LEU C 13 -19.97 -4.54 -2.10
N LYS C 14 -18.73 -4.80 -2.51
CA LYS C 14 -18.23 -6.14 -2.80
C LYS C 14 -16.96 -6.29 -1.96
N ASP C 15 -16.96 -7.28 -1.07
CA ASP C 15 -15.80 -7.59 -0.22
C ASP C 15 -15.41 -6.40 0.64
N GLY C 16 -16.40 -5.75 1.25
CA GLY C 16 -16.14 -4.55 2.04
C GLY C 16 -15.48 -3.42 1.27
N ARG C 17 -15.89 -3.21 0.02
CA ARG C 17 -15.33 -2.16 -0.83
C ARG C 17 -16.44 -1.51 -1.65
N VAL C 18 -16.28 -0.21 -1.92
CA VAL C 18 -17.22 0.51 -2.78
C VAL C 18 -16.98 0.10 -4.23
N VAL C 19 -17.99 -0.51 -4.86
CA VAL C 19 -17.84 -0.91 -6.24
C VAL C 19 -17.70 0.33 -7.12
N LYS C 20 -16.65 0.36 -7.93
CA LYS C 20 -16.36 1.44 -8.89
C LYS C 20 -16.11 2.79 -8.22
N GLY C 21 -16.30 2.89 -6.92
CA GLY C 21 -15.58 3.89 -6.13
C GLY C 21 -16.27 5.23 -6.10
N SER C 22 -15.51 6.29 -6.37
CA SER C 22 -16.06 7.64 -6.41
C SER C 22 -15.05 8.55 -7.10
N ASN C 23 -15.56 9.64 -7.67
CA ASN C 23 -14.69 10.62 -8.31
C ASN C 23 -14.09 11.61 -7.33
N PHE C 24 -14.47 11.58 -6.06
CA PHE C 24 -13.95 12.54 -5.07
C PHE C 24 -12.45 12.39 -4.91
N GLU C 25 -11.68 13.30 -5.48
CA GLU C 25 -10.23 13.16 -5.47
C GLU C 25 -9.63 13.42 -4.08
N ASN C 26 -10.29 14.25 -3.26
CA ASN C 26 -9.77 14.57 -1.94
C ASN C 26 -9.78 13.38 -0.99
N LEU C 27 -10.57 12.34 -1.27
CA LEU C 27 -10.51 11.16 -0.42
C LEU C 27 -9.18 10.43 -0.62
N ARG C 28 -8.69 9.81 0.46
CA ARG C 28 -7.39 9.15 0.42
C ARG C 28 -7.47 7.80 -0.28
N ASP C 29 -8.49 7.00 0.03
CA ASP C 29 -8.78 5.76 -0.68
C ASP C 29 -10.25 5.79 -1.01
N SER C 30 -10.58 5.69 -2.31
CA SER C 30 -11.94 5.88 -2.79
C SER C 30 -12.75 4.58 -2.82
N GLY C 31 -12.09 3.43 -2.67
CA GLY C 31 -12.79 2.17 -2.52
C GLY C 31 -13.20 1.86 -1.10
N ASP C 32 -12.74 2.66 -0.15
CA ASP C 32 -12.93 2.59 1.30
C ASP C 32 -14.35 2.95 1.70
N PRO C 33 -15.23 1.98 1.93
CA PRO C 33 -16.64 2.31 2.22
C PRO C 33 -16.83 3.18 3.44
N VAL C 34 -15.88 3.19 4.37
CA VAL C 34 -16.05 3.98 5.60
C VAL C 34 -15.74 5.45 5.33
N GLU C 35 -14.59 5.73 4.71
CA GLU C 35 -14.19 7.12 4.50
C GLU C 35 -15.15 7.84 3.53
N LEU C 36 -15.80 7.08 2.63
CA LEU C 36 -16.87 7.63 1.81
C LEU C 36 -18.07 8.01 2.66
N GLY C 37 -18.70 7.02 3.31
CA GLY C 37 -19.81 7.27 4.21
C GLY C 37 -19.59 8.49 5.09
N LYS C 38 -18.42 8.53 5.73
CA LYS C 38 -18.06 9.66 6.58
C LYS C 38 -18.12 10.97 5.81
N PHE C 39 -17.48 11.02 4.64
CA PHE C 39 -17.43 12.25 3.85
C PHE C 39 -18.83 12.73 3.48
N TYR C 40 -19.68 11.81 3.05
CA TYR C 40 -21.06 12.17 2.78
C TYR C 40 -21.70 12.75 4.02
N SER C 41 -21.42 12.18 5.19
CA SER C 41 -22.02 12.70 6.41
C SER C 41 -21.67 14.16 6.61
N GLU C 42 -20.46 14.55 6.22
CA GLU C 42 -19.99 15.89 6.53
C GLU C 42 -20.48 16.92 5.53
N ILE C 43 -20.94 16.49 4.35
CA ILE C 43 -21.32 17.42 3.30
C ILE C 43 -22.82 17.57 3.12
N GLY C 44 -23.63 16.68 3.69
CA GLY C 44 -25.07 16.89 3.60
C GLY C 44 -25.97 15.68 3.54
N ILE C 45 -25.40 14.52 3.23
CA ILE C 45 -26.18 13.30 3.29
C ILE C 45 -26.78 13.09 4.67
N ASP C 46 -27.98 12.52 4.70
CA ASP C 46 -28.80 12.45 5.90
C ASP C 46 -28.85 11.08 6.52
N GLU C 47 -28.76 10.04 5.69
CA GLU C 47 -28.62 8.68 6.15
C GLU C 47 -27.80 7.97 5.09
N LEU C 48 -27.06 6.93 5.49
CA LEU C 48 -26.27 6.14 4.56
C LEU C 48 -26.84 4.73 4.48
N SER C 49 -26.55 4.07 3.36
CA SER C 49 -26.92 2.68 3.13
C SER C 49 -25.72 1.92 2.58
N PHE C 50 -25.36 0.82 3.25
CA PHE C 50 -24.30 -0.06 2.78
C PHE C 50 -24.98 -1.33 2.31
N TRP C 51 -24.99 -1.52 0.98
CA TRP C 51 -25.68 -2.63 0.33
C TRP C 51 -24.61 -3.52 -0.29
N ASP C 52 -24.44 -4.72 0.25
CA ASP C 52 -23.39 -5.64 -0.17
C ASP C 52 -24.00 -6.70 -1.08
N ILE C 53 -23.24 -7.09 -2.10
CA ILE C 53 -23.72 -7.95 -3.17
C ILE C 53 -22.81 -9.16 -3.30
N THR C 54 -21.72 -9.18 -2.51
CA THR C 54 -20.93 -10.39 -2.32
C THR C 54 -21.86 -11.55 -2.03
N ALA C 55 -21.62 -12.67 -2.73
CA ALA C 55 -22.48 -13.84 -2.58
C ALA C 55 -21.84 -14.93 -1.72
N SER C 56 -20.58 -14.76 -1.31
CA SER C 56 -19.87 -15.75 -0.50
C SER C 56 -20.40 -15.73 0.93
N VAL C 57 -21.05 -16.83 1.33
CA VAL C 57 -21.34 -17.03 2.75
C VAL C 57 -20.05 -17.01 3.56
N GLU C 58 -18.93 -17.36 2.91
CA GLU C 58 -17.62 -17.35 3.55
C GLU C 58 -17.34 -16.01 4.20
N LYS C 59 -17.30 -14.94 3.40
CA LYS C 59 -16.98 -13.61 3.91
C LYS C 59 -18.24 -12.77 4.05
N ARG C 60 -19.12 -13.23 4.93
CA ARG C 60 -20.18 -12.43 5.50
C ARG C 60 -19.81 -12.03 6.94
N LYS C 61 -18.52 -12.23 7.19
CA LYS C 61 -17.87 -11.81 8.41
C LYS C 61 -17.32 -10.41 8.06
N THR C 62 -17.06 -10.14 6.77
CA THR C 62 -16.58 -8.83 6.35
C THR C 62 -17.65 -7.78 6.47
N MET C 63 -18.92 -8.20 6.32
CA MET C 63 -20.03 -7.30 6.57
C MET C 63 -20.01 -6.80 8.02
N LEU C 64 -19.90 -7.74 8.97
CA LEU C 64 -19.98 -7.35 10.37
C LEU C 64 -18.74 -6.60 10.81
N GLU C 65 -17.60 -6.85 10.18
CA GLU C 65 -16.43 -6.01 10.42
C GLU C 65 -16.69 -4.57 9.98
N LEU C 66 -17.44 -4.40 8.88
CA LEU C 66 -17.75 -3.06 8.38
C LEU C 66 -18.70 -2.34 9.31
N VAL C 67 -19.89 -2.90 9.53
CA VAL C 67 -20.86 -2.43 10.52
C VAL C 67 -20.19 -1.96 11.80
N GLU C 68 -19.27 -2.75 12.33
CA GLU C 68 -18.51 -2.35 13.52
C GLU C 68 -17.67 -1.12 13.23
N LYS C 69 -16.84 -1.19 12.18
CA LYS C 69 -15.94 -0.08 11.86
C LYS C 69 -16.73 1.18 11.47
N VAL C 70 -17.83 1.01 10.72
CA VAL C 70 -18.65 2.17 10.32
C VAL C 70 -19.26 2.83 11.55
N ALA C 71 -19.96 2.05 12.37
CA ALA C 71 -20.68 2.58 13.52
C ALA C 71 -19.80 3.37 14.47
N GLU C 72 -18.49 3.35 14.27
CA GLU C 72 -17.58 4.07 15.15
C GLU C 72 -17.22 5.45 14.64
N GLN C 73 -17.18 5.64 13.33
CA GLN C 73 -16.74 6.92 12.79
C GLN C 73 -17.88 7.79 12.25
N ILE C 74 -19.07 7.23 12.04
CA ILE C 74 -20.15 7.89 11.30
C ILE C 74 -21.33 8.16 12.24
N ASP C 75 -21.78 9.43 12.25
CA ASP C 75 -22.74 9.96 13.22
C ASP C 75 -24.19 9.65 12.86
N ILE C 76 -24.51 9.50 11.59
CA ILE C 76 -25.87 9.52 11.06
C ILE C 76 -26.40 8.09 10.99
N PRO C 77 -27.70 7.88 10.72
CA PRO C 77 -28.23 6.52 10.70
C PRO C 77 -27.55 5.66 9.64
N ILE C 78 -27.53 4.34 9.91
CA ILE C 78 -26.87 3.37 9.05
C ILE C 78 -27.89 2.31 8.73
N THR C 79 -27.93 1.91 7.45
CA THR C 79 -28.80 0.85 6.99
C THR C 79 -27.91 -0.19 6.30
N VAL C 80 -28.30 -1.45 6.40
CA VAL C 80 -27.53 -2.51 5.77
C VAL C 80 -28.45 -3.46 5.04
N GLY C 81 -28.01 -3.93 3.87
CA GLY C 81 -28.81 -4.80 3.03
C GLY C 81 -27.91 -5.53 2.06
N GLY C 82 -28.47 -6.57 1.47
CA GLY C 82 -27.67 -7.51 0.68
C GLY C 82 -28.12 -8.94 0.90
N GLY C 83 -27.23 -9.78 1.42
CA GLY C 83 -27.63 -11.14 1.74
C GLY C 83 -28.18 -11.20 3.14
N ILE C 84 -29.49 -10.98 3.31
CA ILE C 84 -30.09 -11.02 4.63
C ILE C 84 -31.39 -11.81 4.58
N TYR C 85 -31.37 -13.09 4.95
CA TYR C 85 -32.58 -13.90 4.85
C TYR C 85 -33.16 -14.35 6.19
N ASP C 86 -32.38 -14.39 7.25
CA ASP C 86 -32.88 -14.92 8.51
C ASP C 86 -32.94 -13.82 9.57
N PHE C 87 -33.46 -14.20 10.75
CA PHE C 87 -33.57 -13.26 11.87
C PHE C 87 -32.21 -12.98 12.50
N GLU C 88 -31.38 -14.00 12.70
CA GLU C 88 -30.24 -13.81 13.59
C GLU C 88 -29.13 -13.02 12.86
N THR C 89 -28.94 -13.26 11.53
CA THR C 89 -27.95 -12.44 10.79
C THR C 89 -28.38 -10.98 10.79
N ALA C 90 -29.68 -10.73 10.84
CA ALA C 90 -30.18 -9.37 11.03
C ALA C 90 -29.89 -8.86 12.44
N SER C 91 -30.17 -9.68 13.46
CA SER C 91 -29.90 -9.28 14.84
C SER C 91 -28.42 -9.03 15.04
N GLU C 92 -27.57 -9.90 14.51
CA GLU C 92 -26.14 -9.68 14.62
C GLU C 92 -25.79 -8.30 14.06
N LEU C 93 -26.34 -7.99 12.89
CA LEU C 93 -25.98 -6.76 12.20
C LEU C 93 -26.34 -5.52 13.01
N ILE C 94 -27.55 -5.46 13.56
CA ILE C 94 -27.91 -4.36 14.45
C ILE C 94 -27.03 -4.34 15.69
N LEU C 95 -26.99 -5.47 16.42
CA LEU C 95 -26.23 -5.52 17.67
C LEU C 95 -24.79 -5.12 17.46
N ARG C 96 -24.20 -5.48 16.30
CA ARG C 96 -22.82 -5.06 16.06
C ARG C 96 -22.69 -3.59 15.67
N GLY C 97 -23.78 -2.82 15.72
CA GLY C 97 -23.71 -1.37 15.52
C GLY C 97 -24.52 -0.79 14.36
N ALA C 98 -25.32 -1.55 13.63
CA ALA C 98 -26.15 -1.02 12.55
C ALA C 98 -27.49 -0.52 13.08
N ASP C 99 -27.95 0.61 12.52
CA ASP C 99 -29.18 1.24 12.99
C ASP C 99 -30.43 0.58 12.42
N LYS C 100 -30.40 0.19 11.15
CA LYS C 100 -31.54 -0.40 10.46
C LYS C 100 -31.05 -1.54 9.60
N VAL C 101 -31.90 -2.55 9.39
CA VAL C 101 -31.59 -3.65 8.49
C VAL C 101 -32.66 -3.74 7.43
N GLU C 102 -32.23 -3.87 6.17
CA GLU C 102 -33.11 -3.86 5.00
C GLU C 102 -33.27 -5.27 4.46
N ILE C 103 -34.50 -5.78 4.47
CA ILE C 103 -34.81 -7.14 4.04
C ILE C 103 -35.88 -7.10 2.95
N ASN C 104 -35.65 -7.80 1.84
CA ASN C 104 -36.66 -7.80 0.79
C ASN C 104 -37.17 -9.20 0.46
N THR C 105 -36.37 -9.99 -0.28
CA THR C 105 -36.86 -11.29 -0.74
C THR C 105 -37.09 -12.23 0.44
N ALA C 106 -36.32 -12.06 1.52
CA ALA C 106 -36.62 -12.77 2.77
C ALA C 106 -37.99 -12.37 3.32
N ALA C 107 -38.28 -11.07 3.30
CA ALA C 107 -39.46 -10.58 3.99
C ALA C 107 -40.73 -10.94 3.25
N VAL C 108 -40.64 -11.29 1.96
CA VAL C 108 -41.84 -11.71 1.26
C VAL C 108 -42.15 -13.17 1.54
N GLU C 109 -41.14 -14.03 1.41
CA GLU C 109 -41.35 -15.47 1.61
C GLU C 109 -41.67 -15.79 3.06
N ASN C 110 -40.86 -15.27 3.99
CA ASN C 110 -41.11 -15.39 5.42
C ASN C 110 -41.49 -14.04 6.01
N PRO C 111 -42.76 -13.64 5.91
CA PRO C 111 -43.13 -12.26 6.30
C PRO C 111 -43.16 -12.00 7.81
N SER C 112 -43.20 -13.04 8.65
CA SER C 112 -43.17 -12.79 10.08
C SER C 112 -41.83 -12.24 10.54
N LEU C 113 -40.78 -12.43 9.73
CA LEU C 113 -39.46 -11.89 10.06
C LEU C 113 -39.51 -10.38 10.30
N ILE C 114 -40.45 -9.69 9.62
CA ILE C 114 -40.66 -8.26 9.87
C ILE C 114 -41.16 -8.04 11.29
N THR C 115 -42.19 -8.80 11.69
CA THR C 115 -42.66 -8.73 13.07
C THR C 115 -41.53 -8.98 14.06
N GLN C 116 -40.71 -9.99 13.79
CA GLN C 116 -39.68 -10.41 14.74
C GLN C 116 -38.69 -9.30 15.03
N ILE C 117 -38.02 -8.80 13.98
CA ILE C 117 -36.96 -7.82 14.23
C ILE C 117 -37.53 -6.53 14.80
N ALA C 118 -38.83 -6.29 14.63
CA ALA C 118 -39.46 -5.11 15.24
C ALA C 118 -39.68 -5.29 16.73
N GLN C 119 -40.16 -6.46 17.15
CA GLN C 119 -40.34 -6.72 18.58
C GLN C 119 -39.03 -6.56 19.33
N THR C 120 -37.99 -7.23 18.87
CA THR C 120 -36.68 -7.09 19.50
C THR C 120 -36.16 -5.67 19.38
N PHE C 121 -35.81 -5.24 18.16
CA PHE C 121 -35.03 -4.02 17.99
C PHE C 121 -35.85 -2.77 17.74
N GLY C 122 -37.18 -2.88 17.68
CA GLY C 122 -38.01 -1.72 17.35
C GLY C 122 -38.26 -1.56 15.86
N SER C 123 -39.53 -1.29 15.49
CA SER C 123 -39.93 -1.00 14.11
C SER C 123 -38.92 -0.13 13.40
N GLN C 124 -38.50 0.95 14.06
CA GLN C 124 -37.53 1.93 13.56
C GLN C 124 -36.28 1.31 12.92
N ALA C 125 -36.06 0.01 13.09
CA ALA C 125 -34.87 -0.64 12.57
C ALA C 125 -35.14 -1.57 11.40
N VAL C 126 -36.40 -1.74 11.01
CA VAL C 126 -36.77 -2.61 9.91
C VAL C 126 -37.13 -1.77 8.67
N VAL C 127 -36.25 -1.80 7.68
CA VAL C 127 -36.53 -1.33 6.33
C VAL C 127 -36.82 -2.55 5.46
N VAL C 128 -37.83 -2.46 4.58
CA VAL C 128 -38.05 -3.45 3.54
C VAL C 128 -38.07 -2.75 2.19
N TYR C 129 -37.08 -3.08 1.35
CA TYR C 129 -37.07 -2.73 -0.06
C TYR C 129 -38.17 -3.48 -0.78
N ILE C 130 -39.12 -2.75 -1.37
CA ILE C 130 -40.13 -3.31 -2.25
C ILE C 130 -39.75 -2.95 -3.68
N ALA C 131 -39.40 -3.97 -4.47
CA ALA C 131 -39.14 -3.82 -5.90
C ALA C 131 -40.42 -4.15 -6.65
N ALA C 132 -40.93 -3.18 -7.41
CA ALA C 132 -42.20 -3.28 -8.11
C ALA C 132 -41.99 -2.93 -9.58
N LYS C 133 -42.85 -3.53 -10.41
CA LYS C 133 -42.76 -3.41 -11.86
C LYS C 133 -44.15 -3.62 -12.46
N ARG C 134 -44.46 -2.81 -13.48
CA ARG C 134 -45.71 -2.97 -14.21
C ARG C 134 -45.67 -4.24 -15.05
N VAL C 135 -46.59 -5.17 -14.75
CA VAL C 135 -46.90 -6.28 -15.65
C VAL C 135 -48.41 -6.27 -15.89
N ASP C 136 -48.79 -6.09 -17.16
CA ASP C 136 -50.18 -6.20 -17.63
C ASP C 136 -51.11 -5.24 -16.88
N GLY C 137 -50.71 -3.96 -16.84
CA GLY C 137 -51.54 -2.90 -16.31
C GLY C 137 -51.56 -2.76 -14.81
N GLU C 138 -50.64 -3.41 -14.09
CA GLU C 138 -50.74 -3.48 -12.64
C GLU C 138 -49.34 -3.43 -12.04
N PHE C 139 -49.31 -3.17 -10.74
CA PHE C 139 -48.06 -3.06 -10.00
C PHE C 139 -47.80 -4.36 -9.22
N MET C 140 -46.65 -4.99 -9.45
CA MET C 140 -46.37 -6.34 -8.98
C MET C 140 -45.05 -6.40 -8.25
N VAL C 141 -45.08 -6.93 -7.02
CA VAL C 141 -43.85 -7.08 -6.23
C VAL C 141 -42.97 -8.15 -6.87
N PHE C 142 -41.69 -7.85 -7.01
CA PHE C 142 -40.74 -8.79 -7.59
C PHE C 142 -39.60 -9.09 -6.62
N THR C 143 -39.14 -10.34 -6.63
CA THR C 143 -38.16 -10.82 -5.66
C THR C 143 -36.90 -11.29 -6.37
N TYR C 144 -35.89 -11.63 -5.57
CA TYR C 144 -34.60 -12.12 -6.07
C TYR C 144 -33.95 -11.10 -7.01
N SER C 145 -33.68 -9.92 -6.46
CA SER C 145 -33.13 -8.79 -7.20
C SER C 145 -33.99 -8.49 -8.43
N GLY C 146 -35.31 -8.50 -8.23
CA GLY C 146 -36.27 -8.12 -9.25
C GLY C 146 -36.69 -9.22 -10.21
N THR C 147 -36.10 -10.41 -10.12
CA THR C 147 -36.24 -11.42 -11.16
C THR C 147 -37.18 -12.57 -10.80
N LYS C 148 -38.40 -12.24 -10.38
CA LYS C 148 -39.39 -13.27 -10.04
C LYS C 148 -40.71 -12.61 -9.70
N ASN C 149 -41.69 -12.72 -10.58
CA ASN C 149 -43.00 -12.18 -10.28
C ASN C 149 -43.62 -13.02 -9.18
N THR C 150 -44.02 -12.36 -8.09
CA THR C 150 -44.60 -13.02 -6.93
C THR C 150 -46.13 -12.94 -6.90
N GLY C 151 -46.75 -12.40 -7.95
CA GLY C 151 -48.20 -12.36 -7.98
C GLY C 151 -48.81 -11.55 -6.85
N ILE C 152 -47.96 -10.89 -6.07
CA ILE C 152 -48.41 -10.00 -5.02
C ILE C 152 -48.62 -8.60 -5.62
N LEU C 153 -49.84 -8.09 -5.47
CA LEU C 153 -50.18 -6.76 -5.94
C LEU C 153 -49.67 -5.73 -4.94
N LEU C 154 -48.74 -4.88 -5.39
CA LEU C 154 -48.17 -3.81 -4.57
C LEU C 154 -49.20 -3.21 -3.61
N ARG C 155 -50.37 -2.86 -4.12
CA ARG C 155 -51.50 -2.35 -3.34
C ARG C 155 -51.73 -3.13 -2.04
N ASP C 156 -51.44 -4.43 -2.05
CA ASP C 156 -51.63 -5.28 -0.88
C ASP C 156 -50.38 -5.44 -0.04
N TRP C 157 -49.26 -5.82 -0.66
CA TRP C 157 -47.98 -5.95 0.05
C TRP C 157 -47.68 -4.73 0.91
N VAL C 158 -47.89 -3.54 0.35
CA VAL C 158 -47.59 -2.30 1.05
C VAL C 158 -48.44 -2.17 2.31
N VAL C 159 -49.70 -2.59 2.24
CA VAL C 159 -50.56 -2.48 3.42
C VAL C 159 -50.13 -3.45 4.49
N GLU C 160 -49.82 -4.68 4.12
CA GLU C 160 -49.48 -5.63 5.17
C GLU C 160 -48.09 -5.37 5.74
N VAL C 161 -47.17 -4.84 4.93
CA VAL C 161 -45.82 -4.54 5.43
C VAL C 161 -45.89 -3.53 6.57
N GLU C 162 -46.81 -2.55 6.48
CA GLU C 162 -47.05 -1.67 7.61
C GLU C 162 -47.62 -2.46 8.79
N LYS C 163 -48.75 -3.13 8.57
CA LYS C 163 -49.40 -4.00 9.56
C LYS C 163 -48.40 -4.86 10.34
N ARG C 164 -47.44 -5.46 9.64
CA ARG C 164 -46.44 -6.28 10.30
C ARG C 164 -45.36 -5.47 11.02
N GLY C 165 -45.40 -4.14 10.96
CA GLY C 165 -44.51 -3.31 11.75
C GLY C 165 -43.17 -2.91 11.15
N ALA C 166 -43.08 -2.75 9.83
CA ALA C 166 -41.86 -2.19 9.28
C ALA C 166 -41.75 -0.71 9.66
N GLY C 167 -40.54 -0.17 9.50
CA GLY C 167 -40.26 1.19 9.92
C GLY C 167 -40.37 2.23 8.81
N GLU C 168 -39.63 2.00 7.72
CA GLU C 168 -39.83 2.75 6.49
C GLU C 168 -39.83 1.75 5.32
N ILE C 169 -40.34 2.25 4.18
CA ILE C 169 -40.48 1.47 2.94
C ILE C 169 -39.59 2.10 1.87
N VAL C 170 -38.71 1.30 1.28
CA VAL C 170 -37.93 1.74 0.13
C VAL C 170 -38.58 1.18 -1.12
N LEU C 171 -38.92 2.09 -2.03
CA LEU C 171 -39.72 1.77 -3.21
C LEU C 171 -38.84 2.02 -4.44
N GLY C 172 -38.49 0.94 -5.12
CA GLY C 172 -37.65 1.05 -6.29
C GLY C 172 -38.40 0.52 -7.49
N SER C 173 -38.59 1.38 -8.50
CA SER C 173 -39.16 0.93 -9.76
C SER C 173 -38.12 0.13 -10.52
N ILE C 174 -38.44 -1.13 -10.87
CA ILE C 174 -37.51 -1.87 -11.70
C ILE C 174 -37.44 -1.24 -13.10
N ASP C 175 -38.58 -0.79 -13.62
CA ASP C 175 -38.65 -0.13 -14.92
C ASP C 175 -37.64 1.00 -15.04
N ARG C 176 -37.44 1.77 -13.95
CA ARG C 176 -36.48 2.87 -13.98
C ARG C 176 -35.05 2.43 -13.68
N LEU C 177 -34.80 1.14 -13.41
CA LEU C 177 -33.44 0.74 -13.13
C LEU C 177 -32.57 0.91 -14.37
N GLY C 178 -31.36 1.45 -14.15
CA GLY C 178 -30.43 1.71 -15.23
C GLY C 178 -30.69 2.98 -16.00
N THR C 179 -31.91 3.48 -15.98
CA THR C 179 -32.15 4.76 -16.63
C THR C 179 -31.61 5.87 -15.75
N LYS C 180 -31.58 7.07 -16.31
CA LYS C 180 -31.37 8.28 -15.54
C LYS C 180 -32.44 9.30 -15.88
N SER C 181 -33.69 8.83 -15.95
CA SER C 181 -34.82 9.60 -16.47
C SER C 181 -35.80 10.07 -15.40
N GLY C 182 -35.43 10.00 -14.11
CA GLY C 182 -36.27 10.44 -13.02
C GLY C 182 -36.92 9.28 -12.28
N TYR C 183 -37.56 9.61 -11.17
CA TYR C 183 -38.08 8.61 -10.25
C TYR C 183 -39.49 8.23 -10.68
N ASP C 184 -39.82 6.95 -10.54
CA ASP C 184 -41.19 6.52 -10.82
C ASP C 184 -42.21 7.28 -9.98
N THR C 185 -42.34 8.60 -10.22
CA THR C 185 -43.34 9.43 -9.53
C THR C 185 -44.71 8.78 -9.51
N GLU C 186 -45.07 8.05 -10.58
CA GLU C 186 -46.41 7.47 -10.60
C GLU C 186 -46.56 6.41 -9.52
N MET C 187 -45.61 5.47 -9.47
CA MET C 187 -45.66 4.45 -8.44
C MET C 187 -45.52 5.04 -7.04
N ILE C 188 -44.74 6.10 -6.88
CA ILE C 188 -44.63 6.77 -5.58
C ILE C 188 -46.00 7.29 -5.15
N ARG C 189 -46.70 7.97 -6.08
CA ARG C 189 -48.02 8.52 -5.80
C ARG C 189 -49.05 7.42 -5.59
N PHE C 190 -48.80 6.25 -6.18
CA PHE C 190 -49.72 5.14 -6.02
C PHE C 190 -49.70 4.63 -4.59
N VAL C 191 -48.49 4.29 -4.11
CA VAL C 191 -48.28 3.74 -2.78
C VAL C 191 -48.71 4.73 -1.71
N ARG C 192 -48.49 6.02 -1.96
CA ARG C 192 -48.57 7.06 -0.93
C ARG C 192 -49.82 7.00 -0.06
N PRO C 193 -51.05 6.98 -0.59
CA PRO C 193 -52.21 7.00 0.30
C PRO C 193 -52.52 5.66 0.94
N LEU C 194 -51.74 4.61 0.66
CA LEU C 194 -51.99 3.32 1.27
C LEU C 194 -51.38 3.24 2.68
N THR C 195 -50.08 3.49 2.79
CA THR C 195 -49.37 3.35 4.06
C THR C 195 -49.02 4.70 4.66
N THR C 196 -49.13 4.81 5.98
CA THR C 196 -48.54 5.96 6.64
C THR C 196 -47.04 5.79 6.91
N LEU C 197 -46.44 4.69 6.46
CA LEU C 197 -45.00 4.50 6.61
C LEU C 197 -44.22 5.50 5.76
N PRO C 198 -43.07 5.97 6.24
CA PRO C 198 -42.23 6.84 5.41
C PRO C 198 -41.79 6.12 4.15
N ILE C 199 -41.77 6.84 3.02
CA ILE C 199 -41.40 6.24 1.73
C ILE C 199 -40.12 6.88 1.22
N ILE C 200 -39.12 6.04 0.95
CA ILE C 200 -37.88 6.42 0.30
C ILE C 200 -37.94 5.93 -1.13
N ALA C 201 -37.59 6.81 -2.06
CA ALA C 201 -37.71 6.54 -3.47
C ALA C 201 -36.37 6.06 -3.98
N HIS C 202 -36.39 5.04 -4.83
CA HIS C 202 -35.13 4.54 -5.36
C HIS C 202 -35.24 4.21 -6.83
N ARG C 203 -34.12 4.36 -7.54
N ARG C 203 -34.11 4.34 -7.53
CA ARG C 203 -33.94 3.95 -8.93
CA ARG C 203 -33.92 3.94 -8.92
C ARG C 203 -34.47 5.04 -9.85
C ARG C 203 -34.46 5.02 -9.86
N GLY C 204 -33.57 5.64 -10.62
CA GLY C 204 -34.05 6.62 -11.58
C GLY C 204 -33.29 7.92 -11.71
N ALA C 205 -33.02 8.62 -10.61
CA ALA C 205 -32.56 10.00 -10.72
C ALA C 205 -31.38 10.12 -11.68
N GLY C 206 -31.29 11.30 -12.31
CA GLY C 206 -30.23 11.61 -13.25
C GLY C 206 -30.00 13.11 -13.27
N LYS C 207 -30.82 13.86 -12.55
CA LYS C 207 -30.64 15.30 -12.48
C LYS C 207 -31.40 15.84 -11.29
N THR C 208 -31.01 17.02 -10.85
CA THR C 208 -31.51 17.52 -9.58
C THR C 208 -33.02 17.63 -9.54
N GLU C 209 -33.66 18.13 -10.61
CA GLU C 209 -35.11 18.36 -10.60
C GLU C 209 -35.91 17.08 -10.34
N HIS C 210 -35.30 15.90 -10.57
CA HIS C 210 -35.95 14.62 -10.26
C HIS C 210 -36.26 14.47 -8.77
N PHE C 211 -35.43 15.04 -7.90
CA PHE C 211 -35.68 14.94 -6.46
C PHE C 211 -36.89 15.79 -6.07
N LEU C 212 -36.96 17.02 -6.59
CA LEU C 212 -38.19 17.83 -6.49
C LEU C 212 -39.42 17.03 -6.89
N GLU C 213 -39.39 16.38 -8.06
CA GLU C 213 -40.49 15.49 -8.46
C GLU C 213 -40.76 14.45 -7.38
N ALA C 214 -39.71 13.73 -6.94
CA ALA C 214 -39.90 12.64 -5.99
C ALA C 214 -40.62 13.12 -4.73
N PHE C 215 -40.23 14.28 -4.20
CA PHE C 215 -40.88 14.75 -2.99
C PHE C 215 -42.31 15.23 -3.26
N LEU C 216 -42.60 15.84 -4.43
CA LEU C 216 -44.00 16.23 -4.69
C LEU C 216 -44.91 15.01 -4.76
N ALA C 217 -44.40 13.89 -5.27
CA ALA C 217 -45.24 12.68 -5.28
C ALA C 217 -45.59 12.19 -3.86
N GLY C 218 -44.94 12.71 -2.83
CA GLY C 218 -45.19 12.27 -1.47
C GLY C 218 -44.09 11.45 -0.81
N ALA C 219 -42.94 11.28 -1.47
CA ALA C 219 -41.79 10.63 -0.88
C ALA C 219 -41.22 11.43 0.28
N ASP C 220 -40.89 10.72 1.39
CA ASP C 220 -40.17 11.31 2.52
C ASP C 220 -38.66 11.34 2.36
N ALA C 221 -38.12 10.48 1.51
CA ALA C 221 -36.69 10.55 1.22
C ALA C 221 -36.47 10.01 -0.18
N ALA C 222 -35.34 10.40 -0.74
CA ALA C 222 -34.90 9.88 -2.02
C ALA C 222 -33.53 9.25 -1.81
N LYS C 223 -33.29 8.12 -2.43
CA LYS C 223 -32.04 7.40 -2.29
C LYS C 223 -31.36 7.31 -3.64
N ALA C 224 -30.10 7.74 -3.71
CA ALA C 224 -29.31 7.60 -4.92
C ALA C 224 -27.90 7.14 -4.58
N ASP C 225 -27.25 6.56 -5.57
CA ASP C 225 -25.91 6.06 -5.40
C ASP C 225 -24.96 6.60 -6.46
N SER C 226 -24.81 5.86 -7.56
CA SER C 226 -23.95 6.22 -8.68
C SER C 226 -24.04 7.68 -9.09
N VAL C 227 -25.23 8.30 -8.98
CA VAL C 227 -25.36 9.67 -9.44
C VAL C 227 -24.69 10.62 -8.47
N PHE C 228 -24.59 10.20 -7.19
CA PHE C 228 -23.78 10.95 -6.22
C PHE C 228 -22.30 10.61 -6.37
N HIS C 229 -21.98 9.32 -6.46
CA HIS C 229 -20.56 8.94 -6.42
C HIS C 229 -19.83 9.48 -7.63
N SER C 230 -20.47 9.39 -8.82
CA SER C 230 -19.91 9.95 -10.05
C SER C 230 -19.66 11.44 -9.95
N ARG C 231 -20.33 12.11 -9.02
CA ARG C 231 -20.39 13.57 -8.91
C ARG C 231 -21.23 14.19 -10.05
N GLU C 232 -22.18 13.42 -10.61
CA GLU C 232 -23.10 14.01 -11.57
C GLU C 232 -24.02 15.02 -10.89
N ILE C 233 -24.36 14.77 -9.62
CA ILE C 233 -25.19 15.65 -8.80
C ILE C 233 -24.48 15.85 -7.46
N ASP C 234 -24.09 17.09 -7.17
CA ASP C 234 -23.48 17.43 -5.90
C ASP C 234 -24.55 17.53 -4.83
N VAL C 235 -24.39 16.77 -3.74
CA VAL C 235 -25.33 16.75 -2.61
C VAL C 235 -25.63 18.16 -2.13
N ARG C 236 -24.61 19.01 -2.03
CA ARG C 236 -24.86 20.32 -1.44
C ARG C 236 -25.59 21.23 -2.41
N GLU C 237 -25.31 21.09 -3.71
CA GLU C 237 -26.11 21.79 -4.72
C GLU C 237 -27.56 21.33 -4.67
N LEU C 238 -27.79 20.02 -4.77
CA LEU C 238 -29.10 19.41 -4.55
C LEU C 238 -29.86 20.00 -3.37
N LYS C 239 -29.22 19.98 -2.20
CA LYS C 239 -29.90 20.50 -1.01
C LYS C 239 -30.25 21.98 -1.18
N GLU C 240 -29.30 22.78 -1.67
CA GLU C 240 -29.57 24.20 -1.82
C GLU C 240 -30.72 24.43 -2.81
N TYR C 241 -30.77 23.63 -3.89
CA TYR C 241 -31.88 23.65 -4.83
C TYR C 241 -33.20 23.28 -4.17
N LEU C 242 -33.30 22.09 -3.60
CA LEU C 242 -34.61 21.82 -3.03
C LEU C 242 -34.96 22.72 -1.85
N LYS C 243 -34.10 23.63 -1.43
CA LYS C 243 -34.51 24.63 -0.45
C LYS C 243 -35.10 25.86 -1.13
N LYS C 244 -34.63 26.20 -2.33
CA LYS C 244 -35.09 27.40 -2.99
C LYS C 244 -36.55 27.22 -3.43
N HIS C 245 -36.94 25.99 -3.77
CA HIS C 245 -38.24 25.68 -4.34
C HIS C 245 -39.17 25.01 -3.33
N GLY C 246 -38.90 25.15 -2.03
CA GLY C 246 -39.85 24.87 -0.97
C GLY C 246 -39.82 23.51 -0.28
N VAL C 247 -38.96 22.56 -0.69
CA VAL C 247 -38.85 21.30 0.05
C VAL C 247 -38.12 21.54 1.36
N ASN C 248 -38.63 20.97 2.45
CA ASN C 248 -37.96 21.08 3.75
C ASN C 248 -36.81 20.08 3.85
N VAL C 249 -35.59 20.55 3.60
CA VAL C 249 -34.38 19.78 3.82
C VAL C 249 -33.54 20.55 4.84
N ARG C 250 -32.47 19.92 5.29
CA ARG C 250 -31.60 20.52 6.30
C ARG C 250 -30.26 20.83 5.66
N LEU C 251 -29.74 22.02 5.92
CA LEU C 251 -28.61 22.51 5.14
C LEU C 251 -27.26 22.30 5.82
N GLU C 252 -26.61 23.39 6.26
CA GLU C 252 -25.21 23.30 6.70
C GLU C 252 -25.04 22.37 7.89
N LEU D 3 -14.48 -4.67 33.98
CA LEU D 3 -13.32 -4.13 34.70
C LEU D 3 -13.77 -3.00 35.62
N ALA D 4 -12.88 -2.63 36.53
CA ALA D 4 -13.23 -1.75 37.64
C ALA D 4 -12.57 -0.37 37.48
N LYS D 5 -13.31 0.66 37.86
CA LYS D 5 -12.82 2.03 37.79
C LYS D 5 -12.43 2.49 39.18
N ARG D 6 -11.31 3.18 39.28
CA ARG D 6 -10.70 3.45 40.56
C ARG D 6 -10.70 4.95 40.85
N ILE D 7 -10.78 5.26 42.14
CA ILE D 7 -10.50 6.58 42.69
C ILE D 7 -9.20 6.47 43.47
N ASP D 8 -8.24 7.33 43.17
CA ASP D 8 -6.89 7.21 43.73
C ASP D 8 -6.51 8.55 44.34
N ALA D 9 -6.39 8.58 45.67
CA ALA D 9 -5.80 9.73 46.34
C ALA D 9 -4.30 9.73 46.16
N ALA D 10 -3.73 10.93 46.02
CA ALA D 10 -2.30 11.14 45.95
C ALA D 10 -1.89 12.09 47.07
N LEU D 11 -0.76 11.75 47.72
CA LEU D 11 -0.28 12.35 48.97
C LEU D 11 1.11 12.90 48.71
N ILE D 12 1.24 14.22 48.76
CA ILE D 12 2.48 14.90 48.42
C ILE D 12 3.28 15.09 49.69
N LEU D 13 4.55 14.67 49.68
CA LEU D 13 5.39 14.70 50.88
C LEU D 13 6.67 15.49 50.64
N LYS D 14 7.02 16.30 51.64
CA LYS D 14 8.37 16.83 51.84
C LYS D 14 8.83 16.37 53.20
N ASP D 15 10.01 15.72 53.22
CA ASP D 15 10.66 15.20 54.44
C ASP D 15 9.70 14.33 55.25
N GLY D 16 9.00 13.45 54.55
CA GLY D 16 8.12 12.53 55.24
C GLY D 16 6.84 13.11 55.83
N ARG D 17 6.53 14.37 55.59
CA ARG D 17 5.23 14.92 55.99
C ARG D 17 4.37 15.19 54.76
N VAL D 18 3.07 14.92 54.89
CA VAL D 18 2.08 15.33 53.89
C VAL D 18 2.01 16.86 53.91
N VAL D 19 2.42 17.52 52.82
CA VAL D 19 2.48 18.97 52.83
C VAL D 19 1.07 19.54 52.69
N LYS D 20 0.82 20.59 53.49
CA LYS D 20 -0.45 21.27 53.70
C LYS D 20 -1.46 20.38 54.40
N GLY D 21 -1.18 19.10 54.49
CA GLY D 21 -1.94 18.25 55.41
C GLY D 21 -3.29 17.93 54.87
N SER D 22 -4.31 18.09 55.72
CA SER D 22 -5.66 17.64 55.45
C SER D 22 -6.61 18.34 56.41
N ASN D 23 -7.87 18.49 55.97
CA ASN D 23 -8.93 19.15 56.73
C ASN D 23 -9.80 18.15 57.48
N PHE D 24 -9.28 16.96 57.75
CA PHE D 24 -9.97 15.94 58.54
C PHE D 24 -9.58 16.11 60.01
N GLU D 25 -10.51 16.67 60.81
CA GLU D 25 -10.22 16.86 62.23
C GLU D 25 -10.03 15.54 62.95
N ASN D 26 -10.75 14.51 62.53
CA ASN D 26 -10.71 13.17 63.11
C ASN D 26 -9.32 12.58 63.18
N LEU D 27 -8.38 13.03 62.35
CA LEU D 27 -7.02 12.50 62.35
C LEU D 27 -6.18 13.23 63.37
N ARG D 28 -5.39 12.46 64.15
CA ARG D 28 -4.58 13.05 65.23
C ARG D 28 -3.35 13.76 64.70
N ASP D 29 -2.77 13.34 63.57
CA ASP D 29 -1.58 14.02 63.03
C ASP D 29 -1.78 14.35 61.56
N SER D 30 -2.38 15.52 61.29
CA SER D 30 -2.65 15.97 59.94
C SER D 30 -1.45 15.91 58.98
N GLY D 31 -0.23 15.78 59.50
CA GLY D 31 0.95 15.69 58.65
C GLY D 31 1.44 14.28 58.44
N ASP D 32 0.74 13.30 59.03
CA ASP D 32 1.16 11.92 59.04
C ASP D 32 0.63 11.22 57.80
N PRO D 33 1.48 10.89 56.81
CA PRO D 33 1.00 10.26 55.57
C PRO D 33 0.54 8.82 55.74
N VAL D 34 0.82 8.21 56.89
CA VAL D 34 0.31 6.88 57.18
C VAL D 34 -1.08 6.98 57.76
N GLU D 35 -1.29 7.91 58.70
CA GLU D 35 -2.60 8.07 59.29
C GLU D 35 -3.62 8.52 58.24
N LEU D 36 -3.22 9.50 57.42
CA LEU D 36 -4.08 10.03 56.35
C LEU D 36 -4.40 8.94 55.34
N GLY D 37 -3.36 8.29 54.80
CA GLY D 37 -3.55 7.29 53.77
C GLY D 37 -4.37 6.11 54.24
N LYS D 38 -4.28 5.77 55.51
CA LYS D 38 -5.07 4.66 56.01
C LYS D 38 -6.53 5.07 56.13
N PHE D 39 -6.78 6.34 56.47
CA PHE D 39 -8.16 6.79 56.57
C PHE D 39 -8.82 6.77 55.19
N TYR D 40 -8.09 7.19 54.17
CA TYR D 40 -8.64 7.13 52.82
C TYR D 40 -9.01 5.70 52.46
N SER D 41 -8.21 4.72 52.88
CA SER D 41 -8.56 3.34 52.61
C SER D 41 -9.64 2.82 53.54
N GLU D 42 -10.05 3.59 54.52
CA GLU D 42 -11.23 3.17 55.24
C GLU D 42 -12.51 3.75 54.64
N ILE D 43 -12.42 4.83 53.87
CA ILE D 43 -13.58 5.57 53.41
C ILE D 43 -13.90 5.35 51.93
N GLY D 44 -13.03 4.68 51.17
CA GLY D 44 -13.38 4.36 49.81
C GLY D 44 -12.29 4.47 48.76
N ILE D 45 -11.24 5.27 49.00
CA ILE D 45 -10.14 5.36 48.05
C ILE D 45 -9.57 3.99 47.74
N ASP D 46 -9.30 3.74 46.47
CA ASP D 46 -8.92 2.41 46.00
C ASP D 46 -7.42 2.18 45.93
N GLU D 47 -6.59 3.22 45.77
CA GLU D 47 -5.14 3.03 45.63
C GLU D 47 -4.46 4.35 45.98
N LEU D 48 -3.55 4.32 46.95
CA LEU D 48 -2.86 5.54 47.33
C LEU D 48 -1.63 5.75 46.46
N SER D 49 -1.19 7.00 46.41
CA SER D 49 0.06 7.41 45.81
C SER D 49 0.81 8.26 46.81
N PHE D 50 2.12 8.05 46.88
CA PHE D 50 3.00 8.82 47.75
C PHE D 50 4.03 9.46 46.82
N TRP D 51 3.99 10.77 46.70
CA TRP D 51 4.86 11.50 45.79
C TRP D 51 5.81 12.37 46.60
N ASP D 52 7.10 12.11 46.45
CA ASP D 52 8.13 12.77 47.23
C ASP D 52 8.71 13.90 46.37
N ILE D 53 8.60 15.13 46.87
CA ILE D 53 9.22 16.29 46.24
C ILE D 53 10.39 16.81 47.05
N THR D 54 10.72 16.15 48.17
CA THR D 54 11.96 16.28 48.91
C THR D 54 13.15 16.30 47.98
N ALA D 55 13.96 17.37 48.05
CA ALA D 55 15.15 17.48 47.22
C ALA D 55 16.43 17.04 47.92
N SER D 56 16.41 16.91 49.25
CA SER D 56 17.58 16.47 49.99
C SER D 56 17.81 14.97 49.81
N VAL D 57 19.03 14.60 49.46
CA VAL D 57 19.35 13.19 49.23
C VAL D 57 19.85 12.49 50.49
N GLU D 58 19.95 13.23 51.58
CA GLU D 58 20.31 12.63 52.86
C GLU D 58 19.03 12.01 53.46
N LYS D 59 18.05 11.73 52.60
CA LYS D 59 16.77 11.17 52.99
C LYS D 59 16.17 10.30 51.89
N ARG D 60 16.94 10.05 50.83
CA ARG D 60 16.48 9.18 49.75
C ARG D 60 16.26 7.87 50.46
N LYS D 61 16.17 8.05 51.77
CA LYS D 61 15.97 7.03 52.78
C LYS D 61 14.72 7.24 53.63
N THR D 62 14.24 8.47 53.80
CA THR D 62 12.93 8.58 54.46
C THR D 62 11.79 8.06 53.60
N MET D 63 11.98 7.95 52.28
CA MET D 63 11.01 7.21 51.49
C MET D 63 10.98 5.76 51.93
N LEU D 64 12.14 5.09 51.93
CA LEU D 64 12.18 3.68 52.31
C LEU D 64 11.60 3.46 53.69
N GLU D 65 11.85 4.39 54.61
CA GLU D 65 11.23 4.29 55.94
C GLU D 65 9.72 4.46 55.85
N LEU D 66 9.25 5.28 54.90
CA LEU D 66 7.82 5.54 54.76
C LEU D 66 7.07 4.27 54.37
N VAL D 67 7.49 3.62 53.28
CA VAL D 67 6.74 2.45 52.83
C VAL D 67 6.83 1.34 53.87
N GLU D 68 7.96 1.20 54.56
CA GLU D 68 8.05 0.19 55.61
C GLU D 68 6.98 0.42 56.67
N LYS D 69 6.73 1.68 57.03
CA LYS D 69 5.62 1.95 57.93
C LYS D 69 4.28 1.79 57.21
N VAL D 70 4.19 2.23 55.95
CA VAL D 70 2.94 2.15 55.22
C VAL D 70 2.59 0.70 54.87
N ALA D 71 3.57 -0.07 54.38
CA ALA D 71 3.29 -1.40 53.88
C ALA D 71 2.83 -2.35 54.97
N GLU D 72 2.90 -1.94 56.24
CA GLU D 72 2.35 -2.76 57.29
C GLU D 72 0.88 -2.45 57.56
N GLN D 73 0.54 -1.16 57.62
CA GLN D 73 -0.76 -0.74 58.12
C GLN D 73 -1.84 -0.64 57.03
N ILE D 74 -1.47 -0.48 55.77
CA ILE D 74 -2.41 -0.18 54.70
C ILE D 74 -2.56 -1.40 53.81
N ASP D 75 -3.81 -1.77 53.52
CA ASP D 75 -4.18 -2.96 52.76
C ASP D 75 -4.54 -2.71 51.29
N ILE D 76 -4.49 -1.49 50.78
CA ILE D 76 -4.83 -1.28 49.37
C ILE D 76 -3.55 -1.02 48.59
N PRO D 77 -3.54 -1.20 47.27
CA PRO D 77 -2.30 -1.05 46.50
C PRO D 77 -1.64 0.30 46.76
N ILE D 78 -0.31 0.28 46.78
CA ILE D 78 0.51 1.41 47.18
C ILE D 78 1.40 1.79 46.01
N THR D 79 1.39 3.04 45.63
CA THR D 79 2.27 3.53 44.58
C THR D 79 3.24 4.50 45.22
N VAL D 80 4.48 4.48 44.77
CA VAL D 80 5.52 5.36 45.29
C VAL D 80 6.18 6.06 44.11
N GLY D 81 6.36 7.37 44.24
CA GLY D 81 6.98 8.09 43.14
C GLY D 81 7.49 9.41 43.65
N GLY D 82 8.25 10.06 42.80
CA GLY D 82 9.10 11.15 43.21
C GLY D 82 10.42 11.03 42.45
N GLY D 83 11.55 11.09 43.15
CA GLY D 83 12.81 11.30 42.45
C GLY D 83 13.53 10.05 41.95
N ILE D 84 12.79 9.06 41.49
CA ILE D 84 13.35 7.73 41.27
C ILE D 84 14.06 7.72 39.92
N TYR D 85 15.38 7.82 39.94
CA TYR D 85 16.12 7.96 38.68
C TYR D 85 16.82 6.68 38.22
N ASP D 86 16.76 5.58 38.98
CA ASP D 86 17.50 4.40 38.58
C ASP D 86 16.79 3.13 39.03
N PHE D 87 17.35 2.00 38.59
CA PHE D 87 16.80 0.70 38.94
C PHE D 87 16.91 0.44 40.43
N GLU D 88 18.12 0.57 40.98
CA GLU D 88 18.33 0.17 42.37
C GLU D 88 17.38 0.89 43.31
N THR D 89 17.20 2.21 43.13
CA THR D 89 16.23 2.95 43.96
C THR D 89 14.83 2.34 43.86
N ALA D 90 14.39 1.99 42.64
CA ALA D 90 13.09 1.36 42.50
C ALA D 90 13.02 0.01 43.20
N SER D 91 14.03 -0.83 42.97
CA SER D 91 14.05 -2.17 43.54
C SER D 91 13.97 -2.13 45.06
N GLU D 92 14.66 -1.18 45.70
CA GLU D 92 14.62 -1.15 47.16
C GLU D 92 13.21 -0.83 47.66
N LEU D 93 12.53 0.08 46.97
CA LEU D 93 11.19 0.47 47.43
C LEU D 93 10.19 -0.66 47.22
N ILE D 94 10.32 -1.40 46.11
CA ILE D 94 9.46 -2.56 45.89
C ILE D 94 9.75 -3.66 46.92
N LEU D 95 11.04 -4.02 47.09
CA LEU D 95 11.40 -5.09 48.03
C LEU D 95 11.08 -4.68 49.47
N ARG D 96 11.26 -3.40 49.81
CA ARG D 96 10.93 -2.95 51.15
C ARG D 96 9.45 -2.65 51.36
N GLY D 97 8.59 -2.71 50.33
CA GLY D 97 7.17 -2.59 50.62
C GLY D 97 6.24 -2.02 49.56
N ALA D 98 6.75 -1.19 48.65
CA ALA D 98 5.90 -0.62 47.62
C ALA D 98 5.34 -1.72 46.73
N ASP D 99 4.10 -1.52 46.27
CA ASP D 99 3.46 -2.40 45.31
C ASP D 99 3.81 -2.03 43.88
N LYS D 100 4.02 -0.73 43.63
CA LYS D 100 4.33 -0.15 42.34
C LYS D 100 5.33 0.98 42.56
N VAL D 101 6.21 1.21 41.60
CA VAL D 101 6.96 2.46 41.64
C VAL D 101 6.69 3.24 40.37
N GLU D 102 6.73 4.57 40.48
CA GLU D 102 6.37 5.50 39.42
C GLU D 102 7.61 6.26 38.96
N ILE D 103 7.89 6.20 37.66
CA ILE D 103 8.98 6.96 37.06
C ILE D 103 8.42 7.94 36.03
N ASN D 104 9.23 8.96 35.73
CA ASN D 104 8.89 9.94 34.71
C ASN D 104 10.18 10.38 34.02
N THR D 105 10.99 11.18 34.71
CA THR D 105 12.14 11.78 34.04
C THR D 105 13.16 10.71 33.66
N ALA D 106 13.44 9.78 34.57
CA ALA D 106 14.30 8.65 34.24
C ALA D 106 13.75 7.90 33.03
N ALA D 107 12.47 7.56 33.07
CA ALA D 107 11.86 6.78 31.99
C ALA D 107 12.09 7.47 30.65
N VAL D 108 11.82 8.77 30.59
CA VAL D 108 12.08 9.53 29.37
C VAL D 108 13.55 9.44 29.01
N GLU D 109 14.42 9.66 29.99
CA GLU D 109 15.85 9.70 29.74
C GLU D 109 16.44 8.31 29.52
N ASN D 110 15.93 7.31 30.25
CA ASN D 110 16.36 5.92 30.08
C ASN D 110 15.14 5.03 29.92
N PRO D 111 14.61 4.92 28.69
CA PRO D 111 13.40 4.10 28.51
C PRO D 111 13.56 2.68 29.01
N SER D 112 14.68 2.03 28.66
CA SER D 112 14.92 0.65 29.05
C SER D 112 14.75 0.43 30.54
N LEU D 113 14.88 1.47 31.36
CA LEU D 113 14.63 1.32 32.78
C LEU D 113 13.23 0.76 33.05
N ILE D 114 12.24 1.16 32.25
CA ILE D 114 10.90 0.59 32.34
C ILE D 114 10.97 -0.92 32.19
N THR D 115 11.64 -1.39 31.14
CA THR D 115 11.79 -2.82 30.93
C THR D 115 12.42 -3.49 32.15
N GLN D 116 13.51 -2.89 32.66
CA GLN D 116 14.26 -3.48 33.77
C GLN D 116 13.38 -3.72 34.97
N ILE D 117 12.81 -2.65 35.54
CA ILE D 117 11.97 -2.80 36.72
C ILE D 117 10.94 -3.89 36.49
N ALA D 118 10.39 -3.92 35.27
CA ALA D 118 9.28 -4.80 34.95
C ALA D 118 9.69 -6.27 34.95
N GLN D 119 10.75 -6.61 34.21
CA GLN D 119 11.08 -8.03 34.13
C GLN D 119 11.54 -8.60 35.46
N THR D 120 11.94 -7.76 36.40
CA THR D 120 12.20 -8.24 37.74
C THR D 120 10.92 -8.29 38.58
N PHE D 121 10.09 -7.25 38.51
CA PHE D 121 9.02 -7.16 39.49
C PHE D 121 7.64 -7.37 38.91
N GLY D 122 7.53 -7.79 37.66
CA GLY D 122 6.24 -7.83 37.00
C GLY D 122 5.88 -6.48 36.38
N SER D 123 5.11 -6.49 35.26
CA SER D 123 4.66 -5.23 34.62
C SER D 123 3.79 -4.41 35.55
N GLN D 124 2.86 -5.07 36.26
CA GLN D 124 1.95 -4.39 37.19
C GLN D 124 2.67 -3.48 38.17
N ALA D 125 3.98 -3.62 38.32
CA ALA D 125 4.69 -2.86 39.34
C ALA D 125 5.29 -1.56 38.83
N VAL D 126 5.28 -1.32 37.52
CA VAL D 126 5.87 -0.13 36.90
C VAL D 126 4.75 0.84 36.50
N VAL D 127 4.88 2.09 36.92
CA VAL D 127 3.96 3.17 36.57
C VAL D 127 4.77 4.30 35.94
N VAL D 128 4.47 4.62 34.67
CA VAL D 128 5.05 5.77 33.99
C VAL D 128 4.05 6.92 34.03
N TYR D 129 4.45 8.03 34.64
CA TYR D 129 3.65 9.24 34.72
C TYR D 129 4.08 10.14 33.58
N ILE D 130 3.13 10.54 32.75
CA ILE D 130 3.41 11.38 31.59
C ILE D 130 2.77 12.72 31.83
N ALA D 131 3.58 13.74 31.94
CA ALA D 131 3.09 15.10 32.04
C ALA D 131 3.22 15.71 30.63
N ALA D 132 2.09 16.01 30.01
CA ALA D 132 2.13 16.73 28.75
C ALA D 132 1.31 18.01 28.86
N LYS D 133 1.57 18.90 27.89
CA LYS D 133 0.75 20.09 27.67
C LYS D 133 0.69 20.29 26.16
N ARG D 134 0.23 21.45 25.72
CA ARG D 134 0.10 21.73 24.29
C ARG D 134 1.11 22.80 23.90
N VAL D 135 1.95 22.48 22.92
CA VAL D 135 2.95 23.40 22.39
C VAL D 135 2.74 23.47 20.88
N ASP D 136 2.20 24.60 20.41
CA ASP D 136 1.85 24.79 18.99
C ASP D 136 0.93 23.68 18.51
N GLY D 137 -0.21 23.55 19.19
CA GLY D 137 -1.24 22.61 18.79
C GLY D 137 -0.90 21.13 18.91
N GLU D 138 0.29 20.77 19.38
CA GLU D 138 0.65 19.36 19.51
C GLU D 138 0.96 19.01 20.95
N PHE D 139 0.60 17.80 21.35
CA PHE D 139 0.85 17.29 22.70
C PHE D 139 2.31 16.83 22.82
N MET D 140 3.00 17.28 23.88
CA MET D 140 4.43 17.03 24.02
C MET D 140 4.76 16.61 25.45
N VAL D 141 5.73 15.70 25.58
CA VAL D 141 6.10 15.15 26.88
C VAL D 141 7.03 16.12 27.61
N PHE D 142 6.84 16.24 28.92
CA PHE D 142 7.64 17.13 29.72
C PHE D 142 8.27 16.38 30.90
N THR D 143 9.50 16.76 31.22
CA THR D 143 10.22 16.20 32.34
C THR D 143 10.56 17.30 33.35
N TYR D 144 11.34 16.91 34.35
CA TYR D 144 11.73 17.73 35.49
C TYR D 144 10.55 18.53 36.02
N SER D 145 9.63 17.85 36.70
CA SER D 145 8.50 18.48 37.39
C SER D 145 7.68 19.34 36.43
N GLY D 146 7.57 18.90 35.18
CA GLY D 146 6.76 19.57 34.18
C GLY D 146 7.39 20.75 33.50
N THR D 147 8.71 20.92 33.63
CA THR D 147 9.38 22.18 33.29
C THR D 147 10.33 22.10 32.10
N LYS D 148 10.41 20.98 31.39
CA LYS D 148 11.30 20.86 30.25
C LYS D 148 10.58 20.22 29.06
N ASN D 149 10.58 20.90 27.92
CA ASN D 149 10.00 20.34 26.71
C ASN D 149 10.98 19.33 26.11
N THR D 150 10.65 18.05 26.21
CA THR D 150 11.56 17.01 25.75
C THR D 150 11.54 16.85 24.24
N GLY D 151 10.60 17.46 23.53
CA GLY D 151 10.54 17.27 22.10
C GLY D 151 9.94 15.95 21.65
N ILE D 152 9.60 15.05 22.59
CA ILE D 152 8.91 13.81 22.24
C ILE D 152 7.40 14.06 22.16
N LEU D 153 6.79 13.51 21.13
CA LEU D 153 5.35 13.61 20.93
C LEU D 153 4.63 12.62 21.82
N LEU D 154 3.61 13.09 22.55
CA LEU D 154 2.83 12.22 23.41
C LEU D 154 2.27 11.02 22.64
N ARG D 155 1.92 11.22 21.37
CA ARG D 155 1.37 10.15 20.53
C ARG D 155 2.40 9.05 20.28
N ASP D 156 3.69 9.39 20.32
CA ASP D 156 4.74 8.39 20.18
C ASP D 156 5.11 7.75 21.51
N TRP D 157 5.07 8.54 22.60
CA TRP D 157 5.62 8.12 23.88
C TRP D 157 4.66 7.22 24.66
N VAL D 158 3.35 7.42 24.50
CA VAL D 158 2.37 6.48 25.06
C VAL D 158 2.52 5.10 24.41
N VAL D 159 2.99 5.07 23.17
CA VAL D 159 3.11 3.78 22.48
C VAL D 159 4.35 3.06 22.93
N GLU D 160 5.46 3.78 23.08
CA GLU D 160 6.70 3.13 23.47
C GLU D 160 6.68 2.72 24.94
N VAL D 161 5.98 3.48 25.77
CA VAL D 161 5.84 3.12 27.17
C VAL D 161 5.10 1.80 27.30
N GLU D 162 4.23 1.47 26.35
CA GLU D 162 3.60 0.15 26.40
C GLU D 162 4.55 -0.93 25.89
N LYS D 163 5.27 -0.66 24.81
CA LYS D 163 6.27 -1.58 24.29
C LYS D 163 7.33 -1.89 25.33
N ARG D 164 7.67 -0.91 26.17
CA ARG D 164 8.70 -1.09 27.17
C ARG D 164 8.30 -2.11 28.23
N GLY D 165 7.03 -2.21 28.53
CA GLY D 165 6.56 -3.03 29.62
C GLY D 165 5.94 -2.28 30.80
N ALA D 166 5.47 -1.05 30.61
CA ALA D 166 4.74 -0.41 31.69
C ALA D 166 3.49 -1.22 32.06
N GLY D 167 2.98 -0.97 33.26
CA GLY D 167 1.77 -1.62 33.72
C GLY D 167 0.56 -0.71 33.64
N GLU D 168 0.78 0.57 33.91
CA GLU D 168 -0.24 1.58 33.68
C GLU D 168 0.43 2.93 33.44
N ILE D 169 -0.38 3.92 33.10
CA ILE D 169 0.10 5.25 32.68
C ILE D 169 -0.72 6.32 33.39
N VAL D 170 -0.03 7.24 34.06
CA VAL D 170 -0.68 8.39 34.67
C VAL D 170 -0.55 9.57 33.70
N LEU D 171 -1.70 10.12 33.31
CA LEU D 171 -1.82 11.22 32.36
C LEU D 171 -2.15 12.50 33.13
N GLY D 172 -1.14 13.33 33.33
CA GLY D 172 -1.29 14.58 34.05
C GLY D 172 -1.05 15.73 33.12
N SER D 173 -2.06 16.53 32.89
CA SER D 173 -1.96 17.62 31.92
C SER D 173 -1.39 18.83 32.65
N ILE D 174 -0.26 19.35 32.15
CA ILE D 174 0.28 20.59 32.70
C ILE D 174 -0.76 21.71 32.55
N ASP D 175 -1.36 21.82 31.36
CA ASP D 175 -2.33 22.88 31.12
C ASP D 175 -3.49 22.87 32.12
N ARG D 176 -3.57 21.91 33.02
CA ARG D 176 -4.59 21.94 34.07
C ARG D 176 -3.98 22.04 35.45
N LEU D 177 -2.69 22.31 35.54
CA LEU D 177 -2.00 22.28 36.83
C LEU D 177 -2.47 23.41 37.72
N GLY D 178 -2.98 23.07 38.91
CA GLY D 178 -3.52 24.07 39.81
C GLY D 178 -4.80 24.73 39.33
N THR D 179 -5.64 24.00 38.61
CA THR D 179 -6.94 24.50 38.17
C THR D 179 -8.02 23.55 38.64
N LYS D 180 -9.13 24.10 39.14
CA LYS D 180 -10.33 23.33 39.44
C LYS D 180 -11.25 23.21 38.22
N SER D 181 -10.67 23.28 37.02
CA SER D 181 -11.43 23.38 35.79
C SER D 181 -12.07 22.06 35.40
N GLY D 182 -11.37 20.96 35.62
CA GLY D 182 -11.78 19.64 35.16
C GLY D 182 -10.64 18.93 34.47
N TYR D 183 -10.80 17.62 34.33
CA TYR D 183 -9.74 16.83 33.73
C TYR D 183 -9.62 17.14 32.24
N ASP D 184 -8.40 17.23 31.75
CA ASP D 184 -8.16 17.37 30.32
C ASP D 184 -8.71 16.20 29.51
N THR D 185 -10.04 16.13 29.30
CA THR D 185 -10.63 15.03 28.56
C THR D 185 -10.29 15.03 27.05
N GLU D 186 -9.96 16.18 26.44
CA GLU D 186 -9.36 16.13 25.10
C GLU D 186 -8.11 15.23 25.12
N MET D 187 -7.22 15.44 26.10
CA MET D 187 -5.99 14.67 26.19
C MET D 187 -6.27 13.18 26.45
N ILE D 188 -7.17 12.88 27.37
CA ILE D 188 -7.43 11.47 27.65
C ILE D 188 -7.96 10.76 26.41
N ARG D 189 -8.87 11.41 25.66
CA ARG D 189 -9.36 10.77 24.42
C ARG D 189 -8.28 10.70 23.36
N PHE D 190 -7.32 11.63 23.36
CA PHE D 190 -6.24 11.58 22.38
C PHE D 190 -5.38 10.36 22.62
N VAL D 191 -5.06 10.09 23.88
CA VAL D 191 -4.21 8.95 24.26
C VAL D 191 -4.96 7.64 24.12
N ARG D 192 -6.27 7.64 24.38
CA ARG D 192 -7.02 6.42 24.64
C ARG D 192 -6.89 5.31 23.60
N PRO D 193 -6.95 5.57 22.29
CA PRO D 193 -6.85 4.47 21.32
C PRO D 193 -5.43 4.09 20.96
N LEU D 194 -4.43 4.69 21.58
CA LEU D 194 -3.06 4.40 21.23
C LEU D 194 -2.45 3.31 22.08
N THR D 195 -3.01 3.07 23.27
CA THR D 195 -2.56 2.05 24.18
C THR D 195 -3.75 1.27 24.72
N THR D 196 -3.47 0.07 25.18
CA THR D 196 -4.34 -0.76 26.00
C THR D 196 -3.99 -0.69 27.48
N LEU D 197 -2.96 0.07 27.85
CA LEU D 197 -2.57 0.21 29.24
C LEU D 197 -3.70 0.90 30.00
N PRO D 198 -3.89 0.61 31.28
CA PRO D 198 -4.84 1.42 32.05
C PRO D 198 -4.41 2.87 32.03
N ILE D 199 -5.39 3.78 31.94
CA ILE D 199 -5.07 5.20 31.90
C ILE D 199 -5.69 5.87 33.11
N ILE D 200 -4.92 6.79 33.70
CA ILE D 200 -5.14 7.33 35.04
C ILE D 200 -5.11 8.85 34.95
N ALA D 201 -6.27 9.47 35.16
CA ALA D 201 -6.37 10.90 34.97
C ALA D 201 -5.77 11.62 36.15
N HIS D 202 -5.04 12.68 35.88
CA HIS D 202 -4.60 13.51 36.99
C HIS D 202 -4.57 14.97 36.55
N ARG D 203 -4.88 15.84 37.52
CA ARG D 203 -4.89 17.30 37.35
C ARG D 203 -6.18 17.81 36.69
N GLY D 204 -6.94 18.57 37.46
CA GLY D 204 -8.12 19.19 36.93
C GLY D 204 -9.29 19.07 37.86
N ALA D 205 -9.40 17.96 38.57
CA ALA D 205 -10.60 17.68 39.37
C ALA D 205 -10.98 18.88 40.23
N GLY D 206 -12.24 19.33 40.07
CA GLY D 206 -12.76 20.46 40.83
C GLY D 206 -14.10 20.16 41.47
N LYS D 207 -14.82 19.21 40.87
CA LYS D 207 -16.17 18.92 41.32
C LYS D 207 -16.55 17.54 40.85
N THR D 208 -17.56 16.99 41.48
CA THR D 208 -17.86 15.58 41.32
C THR D 208 -18.07 15.16 39.86
N GLU D 209 -18.74 16.00 39.06
CA GLU D 209 -19.01 15.61 37.68
C GLU D 209 -17.77 15.52 36.82
N HIS D 210 -16.69 16.20 37.18
CA HIS D 210 -15.45 16.09 36.41
C HIS D 210 -14.91 14.66 36.37
N PHE D 211 -15.17 13.88 37.42
CA PHE D 211 -14.76 12.49 37.44
C PHE D 211 -15.56 11.68 36.45
N LEU D 212 -16.88 11.91 36.40
CA LEU D 212 -17.71 11.27 35.38
C LEU D 212 -17.17 11.56 33.97
N GLU D 213 -16.83 12.82 33.70
CA GLU D 213 -16.36 13.14 32.34
C GLU D 213 -15.05 12.46 32.04
N ALA D 214 -14.23 12.22 33.07
CA ALA D 214 -12.95 11.57 32.82
C ALA D 214 -13.15 10.12 32.42
N PHE D 215 -14.25 9.50 32.89
CA PHE D 215 -14.48 8.08 32.65
C PHE D 215 -15.15 7.86 31.30
N LEU D 216 -16.05 8.76 30.89
CA LEU D 216 -16.58 8.72 29.53
C LEU D 216 -15.47 8.85 28.54
N ALA D 217 -14.40 9.56 28.92
CA ALA D 217 -13.31 9.82 27.98
C ALA D 217 -12.38 8.63 27.77
N GLY D 218 -12.46 7.60 28.61
CA GLY D 218 -11.58 6.44 28.51
C GLY D 218 -10.77 6.08 29.74
N ALA D 219 -10.63 6.96 30.73
CA ALA D 219 -9.77 6.68 31.88
C ALA D 219 -10.32 5.51 32.69
N ASP D 220 -9.44 4.56 33.04
CA ASP D 220 -9.80 3.51 33.97
C ASP D 220 -9.69 3.95 35.42
N ALA D 221 -8.91 4.99 35.71
CA ALA D 221 -8.86 5.50 37.06
C ALA D 221 -8.63 6.99 37.01
N ALA D 222 -9.17 7.67 38.02
CA ALA D 222 -8.96 9.11 38.20
C ALA D 222 -8.26 9.38 39.52
N LYS D 223 -7.17 10.14 39.47
CA LYS D 223 -6.35 10.43 40.64
C LYS D 223 -6.56 11.88 41.04
N ALA D 224 -6.92 12.13 42.29
CA ALA D 224 -6.92 13.50 42.81
C ALA D 224 -6.18 13.56 44.14
N ASP D 225 -5.98 14.78 44.64
CA ASP D 225 -5.23 14.93 45.87
C ASP D 225 -5.76 16.04 46.77
N SER D 226 -5.33 17.28 46.51
CA SER D 226 -5.81 18.44 47.29
C SER D 226 -7.32 18.50 47.36
N VAL D 227 -8.01 18.08 46.29
CA VAL D 227 -9.44 18.28 46.31
C VAL D 227 -10.10 17.33 47.29
N PHE D 228 -9.47 16.16 47.54
CA PHE D 228 -9.91 15.34 48.66
C PHE D 228 -9.35 15.87 49.98
N HIS D 229 -8.05 16.18 50.01
CA HIS D 229 -7.38 16.62 51.23
C HIS D 229 -8.04 17.86 51.81
N SER D 230 -8.62 18.72 50.97
CA SER D 230 -9.35 19.90 51.46
C SER D 230 -10.80 19.58 51.80
N ARG D 231 -11.37 18.55 51.20
CA ARG D 231 -12.73 18.06 51.40
C ARG D 231 -13.77 18.84 50.59
N GLU D 232 -13.37 19.53 49.52
CA GLU D 232 -14.40 20.00 48.60
C GLU D 232 -15.14 18.83 47.95
N ILE D 233 -14.51 17.67 47.82
CA ILE D 233 -15.19 16.48 47.34
C ILE D 233 -15.03 15.36 48.36
N ASP D 234 -16.13 14.72 48.72
CA ASP D 234 -16.12 13.54 49.58
C ASP D 234 -15.96 12.29 48.73
N VAL D 235 -15.08 11.37 49.15
CA VAL D 235 -14.86 10.16 48.37
C VAL D 235 -16.11 9.29 48.35
N ARG D 236 -16.78 9.15 49.50
CA ARG D 236 -17.98 8.31 49.51
C ARG D 236 -19.12 8.91 48.67
N GLU D 237 -19.24 10.24 48.61
CA GLU D 237 -20.26 10.84 47.74
C GLU D 237 -19.90 10.67 46.27
N LEU D 238 -18.65 10.99 45.92
CA LEU D 238 -18.13 10.77 44.57
C LEU D 238 -18.46 9.38 44.07
N LYS D 239 -18.14 8.37 44.85
CA LYS D 239 -18.40 7.00 44.47
C LYS D 239 -19.89 6.78 44.28
N GLU D 240 -20.72 7.32 45.17
CA GLU D 240 -22.17 7.17 45.05
C GLU D 240 -22.69 7.89 43.82
N TYR D 241 -22.12 9.07 43.52
CA TYR D 241 -22.53 9.77 42.32
C TYR D 241 -22.15 8.96 41.06
N LEU D 242 -20.92 8.42 41.04
CA LEU D 242 -20.42 7.74 39.84
C LEU D 242 -21.13 6.43 39.62
N LYS D 243 -21.64 5.85 40.68
CA LYS D 243 -22.34 4.59 40.57
C LYS D 243 -23.77 4.84 40.11
N LYS D 244 -24.32 5.99 40.47
CA LYS D 244 -25.65 6.36 40.02
C LYS D 244 -25.69 6.52 38.50
N HIS D 245 -24.63 7.09 37.91
CA HIS D 245 -24.63 7.42 36.50
C HIS D 245 -23.80 6.47 35.68
N GLY D 246 -23.58 5.24 36.19
CA GLY D 246 -23.18 4.09 35.40
C GLY D 246 -21.71 3.74 35.36
N VAL D 247 -20.83 4.55 35.94
CA VAL D 247 -19.44 4.13 36.09
C VAL D 247 -19.35 2.98 37.10
N ASN D 248 -18.54 1.95 36.79
CA ASN D 248 -18.45 0.79 37.70
C ASN D 248 -17.31 0.93 38.72
N VAL D 249 -17.53 1.82 39.68
CA VAL D 249 -16.72 1.89 40.87
C VAL D 249 -17.21 0.84 41.86
N ARG D 250 -16.39 0.52 42.86
CA ARG D 250 -16.79 -0.38 43.94
C ARG D 250 -17.07 0.46 45.18
N LEU D 251 -18.25 0.29 45.77
CA LEU D 251 -18.75 1.33 46.63
C LEU D 251 -18.93 0.93 48.09
N GLU D 252 -19.00 -0.35 48.40
CA GLU D 252 -18.84 -0.79 49.80
C GLU D 252 -20.02 -0.35 50.66
N LEU E 3 -29.25 -31.49 -39.52
CA LEU E 3 -29.26 -31.61 -38.07
C LEU E 3 -29.77 -30.26 -37.56
N ALA E 4 -29.01 -29.60 -36.69
CA ALA E 4 -29.40 -28.29 -36.21
C ALA E 4 -28.44 -27.20 -36.69
N LYS E 5 -28.95 -25.98 -36.67
CA LYS E 5 -28.15 -24.79 -36.93
C LYS E 5 -27.52 -24.32 -35.63
N ARG E 6 -26.28 -23.87 -35.69
CA ARG E 6 -25.58 -23.50 -34.46
C ARG E 6 -25.37 -22.01 -34.38
N ILE E 7 -25.47 -21.49 -33.16
CA ILE E 7 -24.97 -20.17 -32.83
C ILE E 7 -23.73 -20.36 -31.97
N ASP E 8 -22.61 -19.81 -32.43
CA ASP E 8 -21.34 -19.86 -31.74
C ASP E 8 -20.95 -18.48 -31.25
N ALA E 9 -20.21 -18.47 -30.15
CA ALA E 9 -19.58 -17.26 -29.64
C ALA E 9 -18.07 -17.42 -29.71
N ALA E 10 -17.41 -16.35 -30.14
CA ALA E 10 -15.97 -16.25 -30.10
C ALA E 10 -15.56 -15.29 -28.99
N LEU E 11 -14.51 -15.64 -28.27
CA LEU E 11 -13.94 -14.81 -27.21
C LEU E 11 -12.49 -14.49 -27.58
N ILE E 12 -12.19 -13.24 -27.85
CA ILE E 12 -10.83 -12.84 -28.25
C ILE E 12 -10.00 -12.66 -27.00
N LEU E 13 -8.78 -13.23 -26.99
CA LEU E 13 -7.99 -13.39 -25.77
C LEU E 13 -6.57 -12.85 -25.90
N LYS E 14 -6.11 -12.15 -24.86
CA LYS E 14 -4.69 -11.82 -24.74
C LYS E 14 -4.34 -11.62 -23.26
N ASP E 15 -3.11 -11.99 -22.91
CA ASP E 15 -2.65 -11.94 -21.51
C ASP E 15 -3.58 -12.72 -20.61
N GLY E 16 -4.27 -13.70 -21.16
CA GLY E 16 -5.19 -14.51 -20.39
C GLY E 16 -6.55 -13.91 -20.28
N ARG E 17 -6.82 -12.89 -21.09
CA ARG E 17 -7.93 -11.99 -20.84
C ARG E 17 -8.76 -11.80 -22.10
N VAL E 18 -10.08 -11.90 -21.93
CA VAL E 18 -11.00 -11.49 -22.98
C VAL E 18 -10.79 -10.00 -23.23
N VAL E 19 -10.50 -9.65 -24.49
CA VAL E 19 -10.39 -8.25 -24.87
C VAL E 19 -11.73 -7.57 -24.66
N LYS E 20 -11.70 -6.35 -24.13
CA LYS E 20 -12.87 -5.51 -23.96
C LYS E 20 -13.97 -6.17 -23.13
N GLY E 21 -13.64 -7.25 -22.42
CA GLY E 21 -14.48 -8.03 -21.52
C GLY E 21 -15.85 -8.32 -22.10
N SER E 22 -16.84 -8.36 -21.23
CA SER E 22 -18.23 -8.39 -21.65
C SER E 22 -18.95 -7.25 -20.96
N ASN E 23 -20.28 -7.32 -20.95
CA ASN E 23 -21.11 -6.33 -20.26
C ASN E 23 -22.13 -6.99 -19.33
N PHE E 24 -21.89 -8.24 -18.94
CA PHE E 24 -22.56 -8.83 -17.79
C PHE E 24 -21.73 -8.60 -16.53
N GLU E 25 -22.41 -8.34 -15.42
CA GLU E 25 -21.77 -8.09 -14.14
C GLU E 25 -22.13 -9.15 -13.10
N ASN E 26 -23.23 -9.85 -13.34
CA ASN E 26 -23.68 -10.92 -12.44
C ASN E 26 -22.55 -11.92 -12.30
N LEU E 27 -21.66 -11.91 -13.28
CA LEU E 27 -20.49 -12.77 -13.31
C LEU E 27 -19.46 -12.37 -12.26
N ARG E 28 -18.81 -13.39 -11.68
CA ARG E 28 -17.64 -13.30 -10.80
C ARG E 28 -16.66 -12.23 -11.27
N ASP E 29 -16.05 -12.44 -12.44
CA ASP E 29 -15.22 -11.45 -13.11
C ASP E 29 -15.70 -11.34 -14.55
N SER E 30 -15.91 -10.11 -15.03
CA SER E 30 -16.43 -9.90 -16.38
C SER E 30 -15.40 -10.18 -17.46
N GLY E 31 -14.14 -10.42 -17.12
CA GLY E 31 -13.13 -10.69 -18.12
C GLY E 31 -12.69 -12.14 -18.21
N ASP E 32 -13.16 -12.98 -17.30
CA ASP E 32 -12.71 -14.37 -17.16
C ASP E 32 -13.19 -15.25 -18.30
N PRO E 33 -12.32 -15.70 -19.21
CA PRO E 33 -12.78 -16.51 -20.34
C PRO E 33 -13.28 -17.88 -19.93
N VAL E 34 -13.03 -18.30 -18.70
CA VAL E 34 -13.65 -19.53 -18.24
C VAL E 34 -15.06 -19.24 -17.76
N GLU E 35 -15.24 -18.09 -17.13
CA GLU E 35 -16.54 -17.78 -16.54
C GLU E 35 -17.53 -17.31 -17.59
N LEU E 36 -17.09 -16.47 -18.54
CA LEU E 36 -17.93 -16.13 -19.68
C LEU E 36 -18.35 -17.38 -20.46
N GLY E 37 -17.36 -18.22 -20.81
CA GLY E 37 -17.67 -19.45 -21.54
C GLY E 37 -18.61 -20.34 -20.76
N LYS E 38 -18.35 -20.50 -19.45
CA LYS E 38 -19.33 -21.06 -18.53
C LYS E 38 -20.72 -20.52 -18.81
N PHE E 39 -20.82 -19.20 -18.85
CA PHE E 39 -22.11 -18.52 -18.81
C PHE E 39 -22.83 -18.63 -20.15
N TYR E 40 -22.12 -18.43 -21.26
CA TYR E 40 -22.70 -18.71 -22.56
C TYR E 40 -23.14 -20.16 -22.66
N SER E 41 -22.49 -21.06 -21.92
CA SER E 41 -22.78 -22.48 -22.05
C SER E 41 -24.18 -22.84 -21.62
N GLU E 42 -24.79 -22.07 -20.72
CA GLU E 42 -26.16 -22.37 -20.37
C GLU E 42 -27.16 -21.25 -20.70
N ILE E 43 -26.71 -20.06 -21.15
CA ILE E 43 -27.66 -19.10 -21.71
C ILE E 43 -28.31 -19.68 -22.97
N GLY E 44 -27.55 -20.46 -23.74
CA GLY E 44 -28.09 -21.12 -24.91
C GLY E 44 -27.12 -21.19 -26.08
N ILE E 45 -25.85 -20.89 -25.86
CA ILE E 45 -24.88 -20.96 -26.94
C ILE E 45 -24.50 -22.42 -27.17
N ASP E 46 -24.16 -22.77 -28.42
CA ASP E 46 -23.96 -24.14 -28.83
C ASP E 46 -22.48 -24.54 -28.83
N GLU E 47 -21.59 -23.61 -29.16
CA GLU E 47 -20.18 -23.93 -29.31
C GLU E 47 -19.36 -22.68 -29.00
N LEU E 48 -18.20 -22.88 -28.36
CA LEU E 48 -17.32 -21.77 -28.02
C LEU E 48 -16.02 -21.87 -28.79
N SER E 49 -15.37 -20.72 -28.92
CA SER E 49 -14.25 -20.54 -29.83
C SER E 49 -13.32 -19.52 -29.18
N PHE E 50 -12.02 -19.80 -29.17
CA PHE E 50 -11.07 -18.99 -28.39
C PHE E 50 -9.93 -18.52 -29.29
N TRP E 51 -9.97 -17.24 -29.67
N TRP E 51 -9.94 -17.24 -29.62
CA TRP E 51 -8.90 -16.63 -30.45
CA TRP E 51 -8.91 -16.62 -30.46
C TRP E 51 -7.89 -16.03 -29.48
C TRP E 51 -7.89 -15.97 -29.54
N ASP E 52 -6.62 -16.35 -29.67
CA ASP E 52 -5.53 -15.74 -28.92
C ASP E 52 -4.69 -14.89 -29.86
N ILE E 53 -4.40 -13.66 -29.42
CA ILE E 53 -3.71 -12.67 -30.23
C ILE E 53 -2.51 -12.15 -29.45
N THR E 54 -2.17 -12.83 -28.36
CA THR E 54 -1.04 -12.45 -27.51
C THR E 54 0.26 -12.54 -28.29
N ALA E 55 0.93 -11.39 -28.46
CA ALA E 55 2.12 -11.34 -29.31
C ALA E 55 3.31 -12.08 -28.70
N SER E 56 3.38 -12.16 -27.38
CA SER E 56 4.54 -12.69 -26.69
C SER E 56 4.65 -14.21 -26.85
N VAL E 57 5.89 -14.71 -26.76
CA VAL E 57 6.16 -16.14 -26.80
C VAL E 57 6.34 -16.67 -25.39
N GLU E 58 5.48 -16.22 -24.47
CA GLU E 58 5.32 -16.84 -23.17
C GLU E 58 3.98 -17.53 -23.03
N LYS E 59 2.95 -16.81 -23.48
CA LYS E 59 1.57 -17.23 -23.43
C LYS E 59 1.25 -18.57 -24.05
N ARG E 60 1.99 -19.03 -25.06
CA ARG E 60 1.54 -20.31 -25.58
C ARG E 60 1.17 -21.23 -24.42
N LYS E 61 1.91 -21.15 -23.32
CA LYS E 61 1.68 -22.06 -22.21
C LYS E 61 0.37 -21.78 -21.47
N THR E 62 -0.07 -20.51 -21.41
CA THR E 62 -1.37 -20.26 -20.80
C THR E 62 -2.52 -20.39 -21.81
N MET E 63 -2.20 -20.59 -23.09
CA MET E 63 -3.16 -21.22 -23.99
C MET E 63 -3.40 -22.66 -23.60
N LEU E 64 -2.30 -23.43 -23.51
CA LEU E 64 -2.36 -24.78 -22.97
C LEU E 64 -2.98 -24.81 -21.58
N GLU E 65 -2.66 -23.82 -20.75
CA GLU E 65 -3.28 -23.77 -19.44
C GLU E 65 -4.73 -23.30 -19.51
N LEU E 66 -5.07 -22.45 -20.47
CA LEU E 66 -6.45 -22.01 -20.58
C LEU E 66 -7.37 -23.18 -20.88
N VAL E 67 -7.04 -23.95 -21.92
CA VAL E 67 -7.98 -24.98 -22.36
C VAL E 67 -8.26 -25.93 -21.21
N GLU E 68 -7.23 -26.23 -20.41
CA GLU E 68 -7.38 -27.05 -19.20
C GLU E 68 -8.54 -26.57 -18.34
N LYS E 69 -8.43 -25.34 -17.81
CA LYS E 69 -9.49 -24.79 -16.97
C LYS E 69 -10.82 -24.83 -17.71
N VAL E 70 -10.81 -24.39 -18.98
CA VAL E 70 -12.01 -24.32 -19.80
C VAL E 70 -12.58 -25.71 -20.01
N ALA E 71 -11.71 -26.67 -20.43
CA ALA E 71 -12.11 -28.07 -20.70
C ALA E 71 -12.56 -28.85 -19.44
N GLU E 72 -12.70 -28.26 -18.25
CA GLU E 72 -13.14 -29.04 -17.11
C GLU E 72 -14.54 -28.68 -16.64
N GLN E 73 -15.05 -27.49 -16.98
CA GLN E 73 -16.40 -27.12 -16.58
C GLN E 73 -17.28 -26.72 -17.76
N ILE E 74 -17.00 -27.23 -18.97
CA ILE E 74 -17.78 -26.87 -20.16
C ILE E 74 -18.12 -28.14 -20.95
N ASP E 75 -19.42 -28.47 -21.01
CA ASP E 75 -20.02 -29.62 -21.72
C ASP E 75 -20.02 -29.44 -23.22
N ILE E 76 -19.49 -28.33 -23.73
CA ILE E 76 -19.82 -27.79 -25.04
C ILE E 76 -18.58 -27.83 -25.93
N PRO E 77 -18.72 -28.19 -27.21
CA PRO E 77 -17.52 -28.27 -28.08
C PRO E 77 -16.73 -26.96 -28.04
N ILE E 78 -15.41 -27.09 -27.89
CA ILE E 78 -14.52 -25.94 -27.71
C ILE E 78 -13.51 -25.89 -28.83
N THR E 79 -13.30 -24.70 -29.37
CA THR E 79 -12.38 -24.46 -30.45
C THR E 79 -11.37 -23.45 -29.98
N VAL E 80 -10.13 -23.60 -30.41
CA VAL E 80 -9.04 -22.77 -29.95
C VAL E 80 -8.25 -22.33 -31.18
N GLY E 81 -8.03 -21.02 -31.30
CA GLY E 81 -7.43 -20.47 -32.49
C GLY E 81 -6.50 -19.33 -32.18
N GLY E 82 -5.64 -19.03 -33.15
CA GLY E 82 -4.52 -18.14 -32.94
C GLY E 82 -3.22 -18.81 -33.36
N GLY E 83 -2.17 -18.67 -32.56
CA GLY E 83 -0.84 -19.04 -33.01
C GLY E 83 -0.56 -20.52 -33.27
N ILE E 84 -1.36 -21.16 -34.13
CA ILE E 84 -1.32 -22.61 -34.33
C ILE E 84 -0.71 -22.89 -35.69
N TYR E 85 0.58 -23.23 -35.74
CA TYR E 85 1.31 -23.25 -37.01
C TYR E 85 1.84 -24.62 -37.42
N ASP E 86 1.68 -25.66 -36.61
CA ASP E 86 2.33 -26.95 -36.87
C ASP E 86 1.56 -28.05 -36.13
N PHE E 87 2.05 -29.29 -36.25
CA PHE E 87 1.29 -30.44 -35.74
C PHE E 87 1.21 -30.44 -34.23
N GLU E 88 2.33 -30.42 -33.56
CA GLU E 88 2.18 -30.60 -32.13
C GLU E 88 1.72 -29.33 -31.43
N THR E 89 1.76 -28.17 -32.08
CA THR E 89 1.13 -26.99 -31.49
C THR E 89 -0.35 -27.24 -31.23
N ALA E 90 -0.97 -28.05 -32.09
CA ALA E 90 -2.38 -28.39 -32.02
C ALA E 90 -2.59 -29.70 -31.30
N SER E 91 -1.68 -30.65 -31.48
CA SER E 91 -1.68 -31.85 -30.64
C SER E 91 -1.59 -31.47 -29.17
N GLU E 92 -0.58 -30.66 -28.83
CA GLU E 92 -0.45 -30.13 -27.47
C GLU E 92 -1.67 -29.35 -27.01
N LEU E 93 -2.54 -28.89 -27.92
CA LEU E 93 -3.76 -28.19 -27.55
C LEU E 93 -4.98 -29.11 -27.44
N ILE E 94 -5.10 -30.09 -28.33
CA ILE E 94 -6.25 -30.99 -28.30
C ILE E 94 -6.22 -31.86 -27.05
N LEU E 95 -5.11 -32.60 -26.85
CA LEU E 95 -5.03 -33.61 -25.81
C LEU E 95 -5.18 -33.01 -24.41
N ARG E 96 -4.83 -31.74 -24.22
CA ARG E 96 -5.05 -31.15 -22.91
C ARG E 96 -6.40 -30.47 -22.76
N GLY E 97 -7.28 -30.55 -23.76
CA GLY E 97 -8.65 -30.09 -23.60
C GLY E 97 -9.43 -29.73 -24.86
N ALA E 98 -8.80 -29.04 -25.80
CA ALA E 98 -9.50 -28.51 -26.95
C ALA E 98 -10.10 -29.62 -27.79
N ASP E 99 -11.40 -29.50 -28.12
CA ASP E 99 -12.02 -30.46 -29.03
C ASP E 99 -11.63 -30.21 -30.48
N LYS E 100 -11.56 -28.94 -30.86
CA LYS E 100 -11.19 -28.56 -32.21
C LYS E 100 -10.13 -27.48 -32.14
N VAL E 101 -9.26 -27.47 -33.14
CA VAL E 101 -8.28 -26.41 -33.32
C VAL E 101 -8.52 -25.75 -34.67
N GLU E 102 -8.27 -24.43 -34.71
CA GLU E 102 -8.51 -23.58 -35.88
C GLU E 102 -7.19 -23.12 -36.48
N ILE E 103 -7.01 -23.34 -37.78
CA ILE E 103 -5.84 -22.85 -38.48
C ILE E 103 -6.26 -22.02 -39.68
N ASN E 104 -5.66 -20.83 -39.80
CA ASN E 104 -5.88 -19.96 -40.94
C ASN E 104 -4.58 -19.87 -41.71
N THR E 105 -3.70 -18.91 -41.39
CA THR E 105 -2.49 -18.65 -42.17
C THR E 105 -1.62 -19.88 -42.39
N ALA E 106 -1.59 -20.80 -41.41
CA ALA E 106 -0.73 -21.96 -41.52
C ALA E 106 -1.20 -22.90 -42.62
N ALA E 107 -2.51 -23.01 -42.79
CA ALA E 107 -3.05 -24.04 -43.69
C ALA E 107 -2.81 -23.69 -45.14
N VAL E 108 -3.05 -22.44 -45.53
CA VAL E 108 -2.75 -22.05 -46.89
C VAL E 108 -1.27 -22.25 -47.17
N GLU E 109 -0.42 -22.03 -46.17
CA GLU E 109 1.01 -22.20 -46.36
C GLU E 109 1.39 -23.68 -46.39
N ASN E 110 0.72 -24.53 -45.60
CA ASN E 110 0.95 -25.98 -45.64
C ASN E 110 -0.40 -26.67 -45.59
N PRO E 111 -1.02 -26.91 -46.74
CA PRO E 111 -2.31 -27.62 -46.75
C PRO E 111 -2.25 -29.01 -46.14
N SER E 112 -1.06 -29.61 -46.03
CA SER E 112 -1.00 -30.95 -45.46
C SER E 112 -1.28 -30.95 -43.97
N LEU E 113 -0.98 -29.84 -43.28
CA LEU E 113 -1.26 -29.75 -41.85
C LEU E 113 -2.71 -30.11 -41.55
N ILE E 114 -3.62 -29.70 -42.45
CA ILE E 114 -5.01 -30.10 -42.35
C ILE E 114 -5.09 -31.62 -42.29
N THR E 115 -4.53 -32.29 -43.30
CA THR E 115 -4.54 -33.75 -43.34
C THR E 115 -3.94 -34.34 -42.05
N GLN E 116 -2.78 -33.81 -41.64
CA GLN E 116 -2.06 -34.36 -40.50
C GLN E 116 -2.91 -34.38 -39.24
N ILE E 117 -3.41 -33.20 -38.81
CA ILE E 117 -4.29 -33.15 -37.64
C ILE E 117 -5.37 -34.21 -37.77
N ALA E 118 -6.07 -34.19 -38.90
CA ALA E 118 -7.19 -35.09 -39.09
C ALA E 118 -6.74 -36.54 -39.02
N GLN E 119 -5.55 -36.84 -39.56
CA GLN E 119 -5.06 -38.21 -39.55
C GLN E 119 -5.15 -38.82 -38.16
N THR E 120 -4.57 -38.12 -37.17
CA THR E 120 -4.50 -38.62 -35.81
C THR E 120 -5.73 -38.25 -34.99
N PHE E 121 -6.26 -37.04 -35.15
CA PHE E 121 -7.30 -36.57 -34.24
C PHE E 121 -8.71 -36.61 -34.82
N GLY E 122 -8.86 -36.97 -36.09
CA GLY E 122 -10.14 -36.98 -36.80
C GLY E 122 -10.43 -35.65 -37.48
N SER E 123 -11.22 -35.72 -38.56
CA SER E 123 -11.51 -34.49 -39.30
C SER E 123 -12.35 -33.55 -38.46
N GLN E 124 -13.17 -34.07 -37.56
CA GLN E 124 -14.07 -33.25 -36.75
C GLN E 124 -13.34 -32.37 -35.76
N ALA E 125 -12.00 -32.39 -35.74
CA ALA E 125 -11.25 -31.51 -34.84
C ALA E 125 -10.49 -30.42 -35.59
N VAL E 126 -10.38 -30.53 -36.90
CA VAL E 126 -9.69 -29.54 -37.70
C VAL E 126 -10.71 -28.62 -38.37
N VAL E 127 -10.52 -27.32 -38.17
CA VAL E 127 -11.36 -26.26 -38.71
C VAL E 127 -10.44 -25.26 -39.38
N VAL E 128 -10.66 -25.02 -40.68
CA VAL E 128 -9.91 -23.99 -41.40
C VAL E 128 -10.79 -22.75 -41.50
N TYR E 129 -10.23 -21.62 -41.09
CA TYR E 129 -10.91 -20.34 -41.14
C TYR E 129 -10.42 -19.65 -42.39
N ILE E 130 -11.34 -19.36 -43.32
CA ILE E 130 -11.02 -18.77 -44.61
C ILE E 130 -11.43 -17.31 -44.57
N ALA E 131 -10.45 -16.41 -44.57
CA ALA E 131 -10.69 -14.97 -44.58
C ALA E 131 -10.63 -14.51 -46.03
N ALA E 132 -11.72 -13.92 -46.51
CA ALA E 132 -11.85 -13.63 -47.93
C ALA E 132 -12.36 -12.21 -48.12
N LYS E 133 -11.96 -11.62 -49.26
CA LYS E 133 -12.52 -10.37 -49.75
C LYS E 133 -12.53 -10.39 -51.27
N ARG E 134 -13.30 -9.47 -51.86
CA ARG E 134 -13.28 -9.28 -53.32
C ARG E 134 -12.15 -8.35 -53.72
N VAL E 135 -11.44 -8.71 -54.79
CA VAL E 135 -10.51 -7.80 -55.45
C VAL E 135 -10.79 -7.86 -56.94
N ASP E 136 -11.04 -6.69 -57.54
CA ASP E 136 -11.68 -6.55 -58.84
C ASP E 136 -12.58 -7.73 -59.16
N GLY E 137 -13.66 -7.87 -58.41
CA GLY E 137 -14.71 -8.82 -58.73
C GLY E 137 -14.59 -10.25 -58.22
N GLU E 138 -13.38 -10.79 -58.23
CA GLU E 138 -13.20 -12.17 -57.79
C GLU E 138 -13.04 -12.24 -56.28
N PHE E 139 -13.40 -13.39 -55.71
CA PHE E 139 -13.28 -13.65 -54.28
C PHE E 139 -11.91 -14.25 -53.98
N MET E 140 -11.14 -13.60 -53.10
CA MET E 140 -9.73 -13.91 -52.92
C MET E 140 -9.41 -14.29 -51.47
N VAL E 141 -8.49 -15.26 -51.30
CA VAL E 141 -8.17 -15.82 -49.98
C VAL E 141 -7.02 -15.06 -49.33
N PHE E 142 -7.22 -14.61 -48.11
CA PHE E 142 -6.25 -13.79 -47.41
C PHE E 142 -5.57 -14.54 -46.25
N THR E 143 -4.41 -14.00 -45.84
CA THR E 143 -3.67 -14.45 -44.66
C THR E 143 -3.29 -13.25 -43.82
N TYR E 144 -2.65 -13.55 -42.69
CA TYR E 144 -2.12 -12.55 -41.78
C TYR E 144 -3.21 -11.56 -41.38
N SER E 145 -4.26 -12.12 -40.80
CA SER E 145 -5.38 -11.37 -40.22
C SER E 145 -6.05 -10.44 -41.22
N GLY E 146 -5.90 -10.72 -42.51
CA GLY E 146 -6.61 -10.03 -43.56
C GLY E 146 -5.78 -9.12 -44.45
N THR E 147 -4.45 -9.22 -44.42
CA THR E 147 -3.59 -8.24 -45.08
C THR E 147 -2.95 -8.73 -46.36
N LYS E 148 -2.53 -10.00 -46.42
CA LYS E 148 -1.79 -10.52 -47.56
C LYS E 148 -2.74 -11.25 -48.51
N ASN E 149 -2.84 -10.74 -49.73
CA ASN E 149 -3.57 -11.42 -50.79
C ASN E 149 -2.79 -12.64 -51.23
N THR E 150 -3.35 -13.85 -51.06
CA THR E 150 -2.64 -15.06 -51.51
C THR E 150 -2.65 -15.28 -53.01
N GLY E 151 -3.42 -14.53 -53.78
CA GLY E 151 -3.65 -14.89 -55.17
C GLY E 151 -4.42 -16.17 -55.37
N ILE E 152 -4.95 -16.76 -54.29
CA ILE E 152 -5.70 -18.01 -54.36
C ILE E 152 -7.19 -17.69 -54.39
N LEU E 153 -7.89 -18.18 -55.41
CA LEU E 153 -9.31 -17.94 -55.51
C LEU E 153 -10.04 -18.70 -54.41
N LEU E 154 -10.93 -18.00 -53.70
CA LEU E 154 -11.80 -18.65 -52.74
C LEU E 154 -12.37 -19.95 -53.29
N ARG E 155 -12.86 -19.92 -54.52
CA ARG E 155 -13.43 -21.11 -55.13
C ARG E 155 -12.43 -22.25 -55.27
N ASP E 156 -11.13 -21.94 -55.26
CA ASP E 156 -10.11 -22.99 -55.33
C ASP E 156 -9.76 -23.56 -53.96
N TRP E 157 -9.65 -22.71 -52.93
CA TRP E 157 -9.23 -23.20 -51.62
C TRP E 157 -10.34 -23.90 -50.87
N VAL E 158 -11.60 -23.52 -51.09
CA VAL E 158 -12.69 -24.24 -50.46
C VAL E 158 -12.69 -25.69 -50.93
N VAL E 159 -12.45 -25.91 -52.21
CA VAL E 159 -12.46 -27.28 -52.73
C VAL E 159 -11.23 -28.06 -52.27
N GLU E 160 -10.08 -27.39 -52.11
CA GLU E 160 -8.88 -28.07 -51.64
C GLU E 160 -8.95 -28.38 -50.14
N VAL E 161 -9.70 -27.58 -49.39
CA VAL E 161 -9.79 -27.79 -47.95
C VAL E 161 -10.61 -29.05 -47.65
N GLU E 162 -11.76 -29.20 -48.30
CA GLU E 162 -12.51 -30.45 -48.19
C GLU E 162 -11.63 -31.65 -48.53
N LYS E 163 -10.79 -31.52 -49.55
CA LYS E 163 -9.80 -32.53 -49.92
C LYS E 163 -8.95 -32.91 -48.72
N ARG E 164 -8.12 -31.96 -48.25
CA ARG E 164 -7.11 -32.26 -47.24
C ARG E 164 -7.69 -32.84 -45.96
N GLY E 165 -9.01 -32.81 -45.79
CA GLY E 165 -9.63 -33.46 -44.66
C GLY E 165 -10.15 -32.55 -43.54
N ALA E 166 -10.48 -31.29 -43.85
CA ALA E 166 -11.05 -30.44 -42.81
C ALA E 166 -12.46 -30.93 -42.45
N GLY E 167 -13.04 -30.32 -41.43
CA GLY E 167 -14.31 -30.80 -40.95
C GLY E 167 -15.38 -29.74 -40.93
N GLU E 168 -14.96 -28.47 -40.92
CA GLU E 168 -15.88 -27.37 -41.15
C GLU E 168 -15.06 -26.12 -41.45
N ILE E 169 -15.71 -25.17 -42.12
CA ILE E 169 -15.08 -23.91 -42.53
C ILE E 169 -15.73 -22.76 -41.81
N VAL E 170 -14.92 -21.89 -41.20
CA VAL E 170 -15.38 -20.59 -40.75
C VAL E 170 -15.10 -19.59 -41.88
N LEU E 171 -16.16 -19.24 -42.61
CA LEU E 171 -16.08 -18.32 -43.74
C LEU E 171 -16.28 -16.90 -43.24
N GLY E 172 -15.27 -16.06 -43.41
CA GLY E 172 -15.32 -14.78 -42.76
C GLY E 172 -15.04 -13.67 -43.74
N SER E 173 -16.01 -12.76 -43.91
CA SER E 173 -15.90 -11.70 -44.91
C SER E 173 -15.05 -10.56 -44.36
N ILE E 174 -13.91 -10.31 -45.01
CA ILE E 174 -13.05 -9.24 -44.55
C ILE E 174 -13.73 -7.89 -44.82
N ASP E 175 -14.42 -7.78 -45.96
CA ASP E 175 -15.25 -6.63 -46.28
C ASP E 175 -16.22 -6.28 -45.15
N ARG E 176 -16.47 -7.21 -44.22
CA ARG E 176 -17.48 -7.02 -43.19
C ARG E 176 -16.90 -6.88 -41.78
N LEU E 177 -15.58 -6.90 -41.60
CA LEU E 177 -15.01 -6.79 -40.25
C LEU E 177 -15.45 -5.50 -39.60
N GLY E 178 -16.02 -5.61 -38.41
CA GLY E 178 -16.41 -4.44 -37.66
C GLY E 178 -17.63 -3.71 -38.19
N THR E 179 -18.07 -4.02 -39.40
CA THR E 179 -19.37 -3.55 -39.87
C THR E 179 -20.49 -4.25 -39.08
N LYS E 180 -21.68 -3.67 -39.12
CA LYS E 180 -22.83 -4.33 -38.51
C LYS E 180 -24.03 -4.31 -39.45
N SER E 181 -23.78 -4.42 -40.75
CA SER E 181 -24.82 -4.45 -41.77
C SER E 181 -25.12 -5.85 -42.28
N GLY E 182 -24.72 -6.88 -41.52
CA GLY E 182 -25.16 -8.25 -41.73
C GLY E 182 -24.06 -9.13 -42.31
N TYR E 183 -24.33 -10.44 -42.27
CA TYR E 183 -23.38 -11.39 -42.82
C TYR E 183 -23.31 -11.23 -44.34
N ASP E 184 -22.15 -11.57 -44.90
CA ASP E 184 -21.93 -11.56 -46.35
C ASP E 184 -22.59 -12.79 -46.97
N THR E 185 -23.92 -12.77 -47.00
CA THR E 185 -24.70 -13.84 -47.64
C THR E 185 -24.35 -14.05 -49.11
N GLU E 186 -23.90 -13.02 -49.82
CA GLU E 186 -23.35 -13.27 -51.15
C GLU E 186 -22.19 -14.26 -51.11
N MET E 187 -21.21 -14.02 -50.23
CA MET E 187 -20.08 -14.95 -50.09
C MET E 187 -20.55 -16.33 -49.67
N ILE E 188 -21.49 -16.40 -48.72
CA ILE E 188 -22.00 -17.69 -48.29
C ILE E 188 -22.60 -18.46 -49.46
N ARG E 189 -23.50 -17.82 -50.22
CA ARG E 189 -24.17 -18.50 -51.33
C ARG E 189 -23.18 -18.90 -52.44
N PHE E 190 -22.16 -18.06 -52.68
CA PHE E 190 -21.11 -18.41 -53.62
C PHE E 190 -20.44 -19.74 -53.23
N VAL E 191 -20.07 -19.88 -51.95
CA VAL E 191 -19.29 -21.03 -51.47
C VAL E 191 -20.15 -22.29 -51.35
N ARG E 192 -21.40 -22.13 -50.91
CA ARG E 192 -22.29 -23.20 -50.47
C ARG E 192 -22.40 -24.40 -51.40
N PRO E 193 -22.35 -24.23 -52.73
CA PRO E 193 -22.35 -25.42 -53.60
C PRO E 193 -20.96 -25.98 -53.88
N LEU E 194 -19.89 -25.30 -53.50
CA LEU E 194 -18.56 -25.80 -53.82
C LEU E 194 -18.04 -26.85 -52.84
N THR E 195 -18.65 -26.97 -51.66
CA THR E 195 -18.24 -27.98 -50.70
C THR E 195 -19.46 -28.51 -49.95
N THR E 196 -19.37 -29.78 -49.56
CA THR E 196 -20.34 -30.38 -48.66
C THR E 196 -20.01 -30.18 -47.18
N LEU E 197 -18.92 -29.48 -46.83
CA LEU E 197 -18.62 -29.36 -45.41
C LEU E 197 -19.44 -28.25 -44.75
N PRO E 198 -19.78 -28.41 -43.47
CA PRO E 198 -20.58 -27.39 -42.79
C PRO E 198 -19.88 -26.03 -42.79
N ILE E 199 -20.63 -24.98 -43.10
CA ILE E 199 -20.08 -23.63 -43.15
C ILE E 199 -20.57 -22.84 -41.95
N ILE E 200 -19.64 -22.11 -41.33
CA ILE E 200 -19.94 -21.19 -40.24
C ILE E 200 -19.70 -19.78 -40.73
N ALA E 201 -20.56 -18.87 -40.34
CA ALA E 201 -20.51 -17.51 -40.83
C ALA E 201 -19.91 -16.63 -39.76
N HIS E 202 -19.05 -15.71 -40.22
CA HIS E 202 -18.43 -14.79 -39.30
C HIS E 202 -18.20 -13.46 -40.00
N ARG E 203 -18.47 -12.39 -39.25
CA ARG E 203 -18.35 -10.98 -39.63
C ARG E 203 -19.65 -10.47 -40.24
N GLY E 204 -20.12 -9.32 -39.76
CA GLY E 204 -21.40 -8.81 -40.18
C GLY E 204 -22.38 -8.61 -39.06
N ALA E 205 -22.80 -9.69 -38.40
CA ALA E 205 -23.88 -9.70 -37.41
C ALA E 205 -24.06 -8.36 -36.67
N GLY E 206 -25.23 -7.74 -36.85
CA GLY E 206 -25.53 -6.49 -36.19
C GLY E 206 -26.85 -6.55 -35.43
N LYS E 207 -27.66 -7.54 -35.74
CA LYS E 207 -29.02 -7.55 -35.22
C LYS E 207 -29.61 -8.91 -35.49
N THR E 208 -30.77 -9.16 -34.87
CA THR E 208 -31.36 -10.49 -34.88
C THR E 208 -31.61 -11.01 -36.30
N GLU E 209 -31.99 -10.14 -37.22
CA GLU E 209 -32.44 -10.65 -38.51
C GLU E 209 -31.29 -11.24 -39.31
N HIS E 210 -30.10 -10.66 -39.19
CA HIS E 210 -28.96 -11.08 -40.00
C HIS E 210 -28.65 -12.57 -39.87
N PHE E 211 -29.04 -13.21 -38.76
CA PHE E 211 -28.79 -14.64 -38.58
C PHE E 211 -29.73 -15.49 -39.44
N LEU E 212 -31.01 -15.11 -39.50
CA LEU E 212 -31.88 -15.77 -40.46
C LEU E 212 -31.33 -15.62 -41.87
N GLU E 213 -30.72 -14.47 -42.16
CA GLU E 213 -30.17 -14.28 -43.49
C GLU E 213 -29.08 -15.29 -43.79
N ALA E 214 -28.14 -15.45 -42.87
CA ALA E 214 -27.03 -16.39 -43.11
C ALA E 214 -27.55 -17.81 -43.22
N PHE E 215 -28.48 -18.21 -42.35
CA PHE E 215 -29.00 -19.57 -42.47
C PHE E 215 -29.68 -19.77 -43.81
N LEU E 216 -30.44 -18.76 -44.28
CA LEU E 216 -31.06 -18.87 -45.60
C LEU E 216 -30.01 -18.87 -46.70
N ALA E 217 -28.93 -18.09 -46.52
CA ALA E 217 -27.81 -18.17 -47.46
C ALA E 217 -27.11 -19.54 -47.46
N GLY E 218 -27.54 -20.51 -46.65
CA GLY E 218 -26.93 -21.83 -46.66
C GLY E 218 -25.94 -22.11 -45.55
N ALA E 219 -25.72 -21.15 -44.63
CA ALA E 219 -24.82 -21.37 -43.51
C ALA E 219 -25.34 -22.45 -42.57
N ASP E 220 -24.41 -23.22 -42.00
CA ASP E 220 -24.76 -24.23 -40.99
C ASP E 220 -24.65 -23.71 -39.57
N ALA E 221 -23.90 -22.64 -39.36
CA ALA E 221 -23.84 -22.02 -38.05
C ALA E 221 -23.38 -20.59 -38.21
N ALA E 222 -23.66 -19.78 -37.19
CA ALA E 222 -23.23 -18.38 -37.21
C ALA E 222 -22.44 -18.07 -35.95
N LYS E 223 -21.12 -17.87 -36.11
CA LYS E 223 -20.22 -17.41 -35.05
C LYS E 223 -20.35 -15.91 -34.89
N ALA E 224 -20.34 -15.45 -33.64
CA ALA E 224 -20.32 -14.01 -33.40
C ALA E 224 -19.74 -13.74 -32.02
N ASP E 225 -18.89 -12.72 -31.94
CA ASP E 225 -18.21 -12.35 -30.72
C ASP E 225 -18.86 -11.15 -30.03
N SER E 226 -18.41 -9.96 -30.44
CA SER E 226 -18.70 -8.73 -29.72
C SER E 226 -20.19 -8.41 -29.64
N VAL E 227 -20.99 -8.87 -30.60
CA VAL E 227 -22.41 -8.52 -30.52
C VAL E 227 -23.07 -9.23 -29.35
N PHE E 228 -22.55 -10.39 -28.95
CA PHE E 228 -23.08 -11.05 -27.76
C PHE E 228 -22.50 -10.44 -26.48
N HIS E 229 -21.19 -10.19 -26.48
CA HIS E 229 -20.51 -9.64 -25.31
C HIS E 229 -21.13 -8.31 -24.89
N SER E 230 -21.21 -7.34 -25.81
CA SER E 230 -21.85 -6.08 -25.49
C SER E 230 -23.31 -6.24 -25.09
N ARG E 231 -23.96 -7.32 -25.55
CA ARG E 231 -25.39 -7.60 -25.32
C ARG E 231 -26.28 -6.70 -26.16
N GLU E 232 -25.79 -6.35 -27.35
CA GLU E 232 -26.69 -5.91 -28.40
C GLU E 232 -27.73 -6.99 -28.69
N ILE E 233 -27.28 -8.24 -28.82
CA ILE E 233 -28.16 -9.36 -29.12
C ILE E 233 -28.08 -10.35 -27.96
N ASP E 234 -29.22 -10.63 -27.34
CA ASP E 234 -29.30 -11.66 -26.32
C ASP E 234 -29.53 -13.03 -26.97
N VAL E 235 -28.84 -14.07 -26.44
CA VAL E 235 -28.73 -15.32 -27.18
C VAL E 235 -30.06 -16.07 -27.25
N ARG E 236 -30.81 -16.10 -26.15
CA ARG E 236 -32.08 -16.83 -26.25
C ARG E 236 -33.13 -16.05 -27.01
N GLU E 237 -33.13 -14.72 -26.90
CA GLU E 237 -33.97 -13.92 -27.79
C GLU E 237 -33.74 -14.30 -29.23
N LEU E 238 -32.47 -14.48 -29.61
CA LEU E 238 -32.12 -14.85 -30.96
C LEU E 238 -32.52 -16.29 -31.25
N LYS E 239 -32.47 -17.16 -30.25
CA LYS E 239 -32.78 -18.56 -30.49
C LYS E 239 -34.27 -18.75 -30.69
N GLU E 240 -35.08 -18.11 -29.83
CA GLU E 240 -36.52 -18.12 -29.99
C GLU E 240 -36.93 -17.52 -31.33
N TYR E 241 -36.33 -16.37 -31.68
CA TYR E 241 -36.63 -15.70 -32.95
C TYR E 241 -36.38 -16.64 -34.12
N LEU E 242 -35.19 -17.23 -34.17
CA LEU E 242 -34.85 -18.14 -35.25
C LEU E 242 -35.81 -19.32 -35.28
N LYS E 243 -36.02 -19.97 -34.13
CA LYS E 243 -36.99 -21.05 -34.06
C LYS E 243 -38.35 -20.59 -34.56
N LYS E 244 -38.71 -19.33 -34.27
CA LYS E 244 -40.04 -18.84 -34.60
C LYS E 244 -40.24 -18.71 -36.10
N HIS E 245 -39.16 -18.51 -36.86
CA HIS E 245 -39.22 -18.30 -38.30
C HIS E 245 -38.69 -19.49 -39.08
N GLY E 246 -38.62 -20.65 -38.44
CA GLY E 246 -38.47 -21.92 -39.13
C GLY E 246 -37.08 -22.53 -39.13
N VAL E 247 -36.07 -21.86 -38.64
CA VAL E 247 -34.72 -22.43 -38.66
C VAL E 247 -34.49 -23.29 -37.41
N ASN E 248 -33.83 -24.44 -37.59
CA ASN E 248 -33.85 -25.54 -36.61
C ASN E 248 -32.68 -25.44 -35.62
N VAL E 249 -32.87 -24.62 -34.60
CA VAL E 249 -31.87 -24.37 -33.58
C VAL E 249 -32.37 -24.98 -32.28
N ARG E 250 -31.46 -25.62 -31.54
CA ARG E 250 -31.86 -26.20 -30.26
C ARG E 250 -32.25 -25.11 -29.29
N LEU E 251 -33.42 -25.27 -28.66
CA LEU E 251 -34.03 -24.24 -27.83
C LEU E 251 -34.61 -24.89 -26.58
N GLU E 252 -33.78 -25.67 -25.92
CA GLU E 252 -34.18 -26.14 -24.61
C GLU E 252 -34.14 -25.01 -23.60
N GLY E 253 -32.97 -24.42 -23.43
CA GLY E 253 -32.78 -23.33 -22.48
C GLY E 253 -32.20 -23.79 -21.16
N LEU F 3 -2.01 -45.03 -9.54
CA LEU F 3 -1.76 -46.26 -8.80
C LEU F 3 -2.80 -47.29 -9.20
N ALA F 4 -2.69 -48.49 -8.68
CA ALA F 4 -3.84 -49.36 -8.78
C ALA F 4 -4.92 -48.88 -7.81
N LYS F 5 -6.12 -49.38 -8.02
CA LYS F 5 -7.26 -49.14 -7.16
C LYS F 5 -7.50 -50.37 -6.30
N ARG F 6 -8.02 -50.16 -5.09
CA ARG F 6 -8.02 -51.20 -4.06
C ARG F 6 -9.44 -51.58 -3.68
N ILE F 7 -9.70 -52.89 -3.61
CA ILE F 7 -10.90 -53.42 -2.95
C ILE F 7 -10.50 -53.85 -1.55
N ASP F 8 -11.27 -53.42 -0.55
CA ASP F 8 -10.93 -53.61 0.85
C ASP F 8 -12.10 -54.23 1.59
N ALA F 9 -11.77 -55.14 2.50
CA ALA F 9 -12.76 -55.83 3.30
C ALA F 9 -12.63 -55.36 4.73
N ALA F 10 -13.75 -55.02 5.35
CA ALA F 10 -13.75 -54.66 6.76
C ALA F 10 -14.46 -55.76 7.54
N LEU F 11 -13.89 -56.08 8.71
CA LEU F 11 -14.42 -57.05 9.65
C LEU F 11 -14.72 -56.33 10.95
N ILE F 12 -15.94 -56.49 11.44
CA ILE F 12 -16.37 -55.93 12.71
C ILE F 12 -16.25 -57.02 13.77
N LEU F 13 -15.45 -56.77 14.81
CA LEU F 13 -15.20 -57.77 15.84
C LEU F 13 -15.82 -57.38 17.18
N LYS F 14 -16.22 -58.40 17.92
CA LYS F 14 -16.63 -58.23 19.31
C LYS F 14 -16.17 -59.47 20.07
N ASP F 15 -15.25 -59.25 21.02
CA ASP F 15 -14.58 -60.31 21.78
C ASP F 15 -13.75 -61.19 20.87
N GLY F 16 -13.08 -60.57 19.89
CA GLY F 16 -12.29 -61.34 18.95
C GLY F 16 -13.10 -62.22 18.02
N ARG F 17 -14.39 -61.94 17.88
CA ARG F 17 -15.26 -62.71 17.00
C ARG F 17 -15.81 -61.81 15.91
N VAL F 18 -15.86 -62.36 14.69
CA VAL F 18 -16.49 -61.63 13.59
C VAL F 18 -17.99 -61.57 13.87
N VAL F 19 -18.51 -60.37 14.11
CA VAL F 19 -19.93 -60.23 14.42
C VAL F 19 -20.76 -60.58 13.17
N LYS F 20 -21.85 -61.33 13.39
CA LYS F 20 -22.73 -61.83 12.33
C LYS F 20 -22.00 -62.83 11.44
N GLY F 21 -20.72 -63.12 11.72
CA GLY F 21 -19.99 -64.18 11.05
C GLY F 21 -19.91 -64.00 9.54
N SER F 22 -19.72 -65.12 8.86
CA SER F 22 -19.63 -65.16 7.42
C SER F 22 -20.34 -66.41 6.92
N ASN F 23 -20.43 -66.58 5.60
CA ASN F 23 -21.16 -67.69 4.99
C ASN F 23 -20.28 -68.47 4.02
N PHE F 24 -18.98 -68.56 4.32
CA PHE F 24 -18.06 -69.41 3.56
C PHE F 24 -17.97 -70.76 4.28
N GLU F 25 -18.79 -71.72 3.84
CA GLU F 25 -18.93 -72.94 4.60
C GLU F 25 -17.72 -73.85 4.46
N ASN F 26 -16.82 -73.54 3.54
CA ASN F 26 -15.52 -74.21 3.51
C ASN F 26 -14.66 -73.86 4.71
N LEU F 27 -14.98 -72.80 5.45
CA LEU F 27 -14.14 -72.35 6.55
C LEU F 27 -14.36 -73.19 7.81
N ARG F 28 -13.27 -73.47 8.54
CA ARG F 28 -13.41 -74.24 9.77
C ARG F 28 -14.19 -73.47 10.82
N ASP F 29 -13.96 -72.17 10.94
CA ASP F 29 -14.70 -71.35 11.90
C ASP F 29 -15.07 -70.04 11.24
N SER F 30 -16.34 -69.90 10.86
CA SER F 30 -16.76 -68.73 10.09
C SER F 30 -16.77 -67.45 10.92
N GLY F 31 -16.62 -67.56 12.24
CA GLY F 31 -16.53 -66.40 13.12
C GLY F 31 -15.13 -65.99 13.48
N ASP F 32 -14.12 -66.71 12.99
CA ASP F 32 -12.74 -66.45 13.41
C ASP F 32 -12.15 -65.37 12.51
N PRO F 33 -11.78 -64.22 13.05
CA PRO F 33 -11.23 -63.14 12.21
C PRO F 33 -9.94 -63.50 11.48
N VAL F 34 -9.16 -64.49 11.96
CA VAL F 34 -7.87 -64.74 11.33
C VAL F 34 -8.03 -65.64 10.12
N GLU F 35 -8.90 -66.63 10.21
CA GLU F 35 -9.18 -67.53 9.09
C GLU F 35 -9.80 -66.76 7.92
N LEU F 36 -10.92 -66.07 8.21
CA LEU F 36 -11.61 -65.24 7.23
C LEU F 36 -10.64 -64.26 6.56
N GLY F 37 -9.96 -63.45 7.37
CA GLY F 37 -9.06 -62.45 6.81
C GLY F 37 -8.02 -63.06 5.91
N LYS F 38 -7.50 -64.24 6.31
CA LYS F 38 -6.58 -64.98 5.47
C LYS F 38 -7.27 -65.40 4.18
N PHE F 39 -8.49 -65.91 4.29
CA PHE F 39 -9.20 -66.36 3.11
C PHE F 39 -9.40 -65.20 2.15
N TYR F 40 -9.80 -64.02 2.66
CA TYR F 40 -10.00 -62.86 1.80
C TYR F 40 -8.71 -62.46 1.12
N SER F 41 -7.56 -62.63 1.80
CA SER F 41 -6.29 -62.25 1.20
C SER F 41 -5.80 -63.25 0.17
N GLU F 42 -6.39 -64.42 0.09
CA GLU F 42 -5.96 -65.38 -0.90
C GLU F 42 -6.88 -65.44 -2.12
N ILE F 43 -8.05 -64.80 -2.08
CA ILE F 43 -8.96 -64.81 -3.22
C ILE F 43 -9.01 -63.47 -3.95
N GLY F 44 -8.70 -62.35 -3.30
CA GLY F 44 -8.71 -61.10 -4.03
C GLY F 44 -8.50 -59.79 -3.28
N ILE F 45 -8.88 -59.72 -2.00
CA ILE F 45 -8.78 -58.48 -1.26
C ILE F 45 -7.34 -57.96 -1.27
N ASP F 46 -7.20 -56.63 -1.30
CA ASP F 46 -5.91 -55.99 -1.32
C ASP F 46 -5.46 -55.56 0.08
N GLU F 47 -6.39 -55.12 0.92
CA GLU F 47 -6.09 -54.66 2.27
C GLU F 47 -7.29 -54.99 3.16
N LEU F 48 -7.03 -55.49 4.38
CA LEU F 48 -8.11 -55.74 5.33
C LEU F 48 -8.11 -54.69 6.44
N SER F 49 -9.23 -54.60 7.12
CA SER F 49 -9.38 -53.64 8.20
C SER F 49 -10.16 -54.31 9.31
N PHE F 50 -9.71 -54.13 10.55
CA PHE F 50 -10.36 -54.75 11.70
C PHE F 50 -10.89 -53.64 12.59
N TRP F 51 -12.21 -53.55 12.71
N TRP F 51 -12.21 -53.52 12.60
CA TRP F 51 -12.85 -52.48 13.48
CA TRP F 51 -12.92 -52.58 13.46
C TRP F 51 -13.50 -53.08 14.72
C TRP F 51 -13.32 -53.35 14.70
N ASP F 52 -12.83 -52.93 15.87
CA ASP F 52 -13.29 -53.52 17.11
C ASP F 52 -14.26 -52.58 17.82
N ILE F 53 -15.32 -53.16 18.36
CA ILE F 53 -16.41 -52.40 18.96
C ILE F 53 -16.74 -52.97 20.32
N THR F 54 -15.87 -53.84 20.84
CA THR F 54 -16.08 -54.47 22.15
C THR F 54 -16.39 -53.41 23.21
N ALA F 55 -17.54 -53.58 23.87
CA ALA F 55 -17.99 -52.59 24.84
C ALA F 55 -17.05 -52.52 26.03
N SER F 56 -16.76 -53.68 26.65
CA SER F 56 -16.09 -53.78 27.94
C SER F 56 -14.61 -53.30 27.77
N VAL F 57 -13.87 -53.23 28.88
CA VAL F 57 -12.50 -52.69 28.92
C VAL F 57 -11.40 -53.78 29.09
N GLU F 58 -11.78 -55.06 29.30
CA GLU F 58 -10.90 -56.19 28.98
C GLU F 58 -10.28 -55.98 27.59
N LYS F 59 -11.15 -55.85 26.56
CA LYS F 59 -10.95 -55.30 25.23
C LYS F 59 -9.50 -55.12 24.81
N ARG F 60 -8.91 -54.13 25.46
CA ARG F 60 -7.72 -53.48 24.94
C ARG F 60 -6.63 -54.48 24.66
N LYS F 61 -6.47 -55.46 25.57
CA LYS F 61 -5.56 -56.56 25.32
C LYS F 61 -5.92 -57.25 24.03
N THR F 62 -7.11 -57.86 23.97
CA THR F 62 -7.41 -58.80 22.91
C THR F 62 -7.09 -58.24 21.51
N MET F 63 -7.29 -56.93 21.31
CA MET F 63 -6.94 -56.30 20.05
C MET F 63 -5.47 -56.46 19.76
N LEU F 64 -4.60 -56.06 20.70
CA LEU F 64 -3.17 -56.31 20.55
C LEU F 64 -2.87 -57.80 20.36
N GLU F 65 -3.54 -58.66 21.11
CA GLU F 65 -3.28 -60.08 20.92
C GLU F 65 -3.76 -60.57 19.56
N LEU F 66 -4.87 -60.03 19.08
CA LEU F 66 -5.36 -60.39 17.75
C LEU F 66 -4.41 -59.90 16.66
N VAL F 67 -4.03 -58.62 16.74
CA VAL F 67 -3.13 -58.04 15.75
C VAL F 67 -1.91 -58.92 15.56
N GLU F 68 -1.42 -59.52 16.64
CA GLU F 68 -0.24 -60.36 16.54
C GLU F 68 -0.49 -61.56 15.62
N LYS F 69 -1.46 -62.41 15.98
CA LYS F 69 -1.74 -63.58 15.15
C LYS F 69 -2.07 -63.18 13.71
N VAL F 70 -2.94 -62.17 13.55
CA VAL F 70 -3.30 -61.68 12.22
C VAL F 70 -2.06 -61.19 11.48
N ALA F 71 -1.36 -60.21 12.06
CA ALA F 71 -0.18 -59.66 11.39
C ALA F 71 0.95 -60.65 11.28
N GLU F 72 0.73 -61.93 11.54
CA GLU F 72 1.72 -62.95 11.25
C GLU F 72 1.29 -63.90 10.15
N GLN F 73 -0.01 -64.17 10.03
CA GLN F 73 -0.52 -65.11 9.04
C GLN F 73 -1.00 -64.44 7.75
N ILE F 74 -1.09 -63.11 7.71
CA ILE F 74 -1.63 -62.36 6.58
C ILE F 74 -0.53 -61.45 6.05
N ASP F 75 -0.28 -61.52 4.74
CA ASP F 75 0.78 -60.76 4.08
C ASP F 75 0.30 -59.44 3.48
N ILE F 76 -0.98 -59.12 3.57
CA ILE F 76 -1.51 -57.92 2.91
C ILE F 76 -1.62 -56.80 3.94
N PRO F 77 -1.75 -55.54 3.51
CA PRO F 77 -1.70 -54.44 4.48
C PRO F 77 -2.88 -54.47 5.44
N ILE F 78 -2.60 -54.14 6.70
CA ILE F 78 -3.51 -54.41 7.81
C ILE F 78 -3.83 -53.11 8.52
N THR F 79 -5.13 -52.82 8.65
CA THR F 79 -5.67 -51.61 9.27
C THR F 79 -6.51 -52.04 10.47
N VAL F 80 -6.24 -51.47 11.65
CA VAL F 80 -7.08 -51.72 12.81
C VAL F 80 -7.67 -50.40 13.29
N GLY F 81 -8.91 -50.47 13.79
CA GLY F 81 -9.60 -49.29 14.23
C GLY F 81 -10.59 -49.62 15.32
N GLY F 82 -11.27 -48.58 15.80
CA GLY F 82 -12.27 -48.74 16.84
C GLY F 82 -11.94 -48.01 18.13
N GLY F 83 -11.14 -48.64 18.99
CA GLY F 83 -10.90 -48.06 20.30
C GLY F 83 -9.62 -47.28 20.44
N ILE F 84 -9.23 -46.56 19.40
CA ILE F 84 -8.00 -45.77 19.41
C ILE F 84 -8.35 -44.33 19.70
N TYR F 85 -7.74 -43.75 20.74
CA TYR F 85 -7.99 -42.37 21.15
C TYR F 85 -6.74 -41.68 21.66
N ASP F 86 -5.56 -42.21 21.35
CA ASP F 86 -4.36 -41.91 22.13
C ASP F 86 -3.15 -42.44 21.38
N PHE F 87 -2.10 -41.63 21.33
CA PHE F 87 -0.88 -41.99 20.62
C PHE F 87 -0.38 -43.37 21.02
N GLU F 88 -0.32 -43.66 22.31
CA GLU F 88 0.29 -44.91 22.74
C GLU F 88 -0.63 -46.11 22.48
N THR F 89 -1.96 -45.92 22.53
CA THR F 89 -2.87 -46.97 22.08
C THR F 89 -2.58 -47.35 20.63
N ALA F 90 -2.37 -46.35 19.78
CA ALA F 90 -1.95 -46.62 18.41
C ALA F 90 -0.61 -47.33 18.40
N SER F 91 0.41 -46.74 19.05
CA SER F 91 1.79 -47.20 18.95
C SER F 91 1.94 -48.67 19.37
N GLU F 92 1.18 -49.09 20.38
CA GLU F 92 1.21 -50.49 20.76
C GLU F 92 0.60 -51.38 19.68
N LEU F 93 -0.38 -50.87 18.90
CA LEU F 93 -0.92 -51.65 17.79
C LEU F 93 0.03 -51.70 16.60
N ILE F 94 0.60 -50.55 16.24
CA ILE F 94 1.57 -50.54 15.14
C ILE F 94 2.76 -51.42 15.46
N LEU F 95 3.33 -51.27 16.67
CA LEU F 95 4.47 -52.08 17.03
C LEU F 95 4.10 -53.54 17.22
N ARG F 96 2.88 -53.82 17.70
CA ARG F 96 2.45 -55.22 17.83
C ARG F 96 2.25 -55.90 16.47
N GLY F 97 2.13 -55.12 15.38
CA GLY F 97 2.01 -55.72 14.07
C GLY F 97 1.07 -55.03 13.09
N ALA F 98 0.34 -54.02 13.55
CA ALA F 98 -0.54 -53.29 12.65
C ALA F 98 0.28 -52.44 11.68
N ASP F 99 -0.21 -52.35 10.43
CA ASP F 99 0.40 -51.50 9.42
C ASP F 99 -0.20 -50.10 9.41
N LYS F 100 -1.48 -49.98 9.71
CA LYS F 100 -2.12 -48.68 9.79
C LYS F 100 -3.11 -48.70 10.93
N VAL F 101 -3.20 -47.57 11.63
CA VAL F 101 -4.28 -47.30 12.57
C VAL F 101 -5.30 -46.41 11.90
N GLU F 102 -6.56 -46.55 12.28
CA GLU F 102 -7.61 -45.68 11.80
C GLU F 102 -8.28 -45.02 12.98
N ILE F 103 -8.44 -43.69 12.90
CA ILE F 103 -9.03 -42.90 13.98
C ILE F 103 -10.04 -41.95 13.37
N ASN F 104 -11.21 -41.84 14.03
CA ASN F 104 -12.31 -41.03 13.53
C ASN F 104 -12.66 -39.94 14.52
N THR F 105 -13.16 -40.31 15.71
CA THR F 105 -13.60 -39.32 16.69
C THR F 105 -12.44 -38.74 17.48
N ALA F 106 -11.40 -39.54 17.74
CA ALA F 106 -10.23 -39.01 18.43
C ALA F 106 -9.57 -37.91 17.61
N ALA F 107 -9.50 -38.09 16.29
CA ALA F 107 -8.78 -37.12 15.47
C ALA F 107 -9.50 -35.78 15.40
N VAL F 108 -10.84 -35.79 15.31
CA VAL F 108 -11.54 -34.51 15.26
C VAL F 108 -11.44 -33.79 16.59
N GLU F 109 -11.60 -34.52 17.70
CA GLU F 109 -11.37 -33.93 19.01
C GLU F 109 -9.93 -33.47 19.16
N ASN F 110 -8.97 -34.35 18.83
CA ASN F 110 -7.54 -34.11 18.92
C ASN F 110 -6.90 -34.08 17.54
N PRO F 111 -7.07 -32.99 16.77
CA PRO F 111 -6.41 -32.92 15.45
C PRO F 111 -4.90 -32.84 15.53
N SER F 112 -4.35 -32.59 16.73
CA SER F 112 -2.94 -32.86 16.99
C SER F 112 -2.59 -34.31 16.75
N LEU F 113 -3.41 -35.23 17.28
CA LEU F 113 -3.01 -36.63 17.38
C LEU F 113 -2.75 -37.25 16.00
N ILE F 114 -3.38 -36.73 14.95
CA ILE F 114 -3.03 -37.16 13.60
C ILE F 114 -1.54 -36.96 13.37
N THR F 115 -1.04 -35.74 13.59
CA THR F 115 0.37 -35.46 13.35
C THR F 115 1.29 -36.25 14.28
N GLN F 116 0.79 -36.67 15.44
CA GLN F 116 1.61 -37.35 16.44
C GLN F 116 1.78 -38.84 16.12
N ILE F 117 0.78 -39.45 15.47
CA ILE F 117 1.00 -40.80 14.99
C ILE F 117 1.89 -40.77 13.78
N ALA F 118 1.76 -39.72 12.96
CA ALA F 118 2.60 -39.59 11.78
C ALA F 118 4.06 -39.39 12.16
N GLN F 119 4.32 -38.47 13.09
CA GLN F 119 5.70 -38.13 13.43
C GLN F 119 6.50 -39.37 13.77
N THR F 120 5.86 -40.36 14.38
CA THR F 120 6.60 -41.54 14.76
C THR F 120 6.54 -42.60 13.66
N PHE F 121 5.36 -42.94 13.17
CA PHE F 121 5.23 -44.09 12.28
C PHE F 121 5.10 -43.72 10.80
N GLY F 122 5.22 -42.44 10.46
CA GLY F 122 4.99 -42.00 9.10
C GLY F 122 3.52 -41.76 8.81
N SER F 123 3.23 -40.88 7.86
CA SER F 123 1.85 -40.62 7.42
C SER F 123 1.13 -41.92 7.05
N GLN F 124 1.79 -42.77 6.26
CA GLN F 124 1.25 -44.02 5.74
C GLN F 124 0.66 -44.95 6.79
N ALA F 125 0.84 -44.61 8.07
CA ALA F 125 0.28 -45.35 9.19
C ALA F 125 -1.01 -44.76 9.73
N VAL F 126 -1.40 -43.56 9.28
CA VAL F 126 -2.56 -42.84 9.81
C VAL F 126 -3.67 -42.85 8.79
N VAL F 127 -4.85 -43.30 9.20
CA VAL F 127 -6.06 -43.17 8.39
C VAL F 127 -7.13 -42.48 9.20
N VAL F 128 -7.90 -41.62 8.53
CA VAL F 128 -8.97 -40.88 9.18
C VAL F 128 -10.29 -41.29 8.55
N TYR F 129 -11.17 -41.87 9.36
CA TYR F 129 -12.55 -42.16 8.97
C TYR F 129 -13.39 -40.91 9.20
N ILE F 130 -13.89 -40.32 8.13
CA ILE F 130 -14.82 -39.20 8.21
C ILE F 130 -16.22 -39.72 7.91
N ALA F 131 -17.04 -39.84 8.96
CA ALA F 131 -18.49 -39.98 8.78
C ALA F 131 -19.08 -38.62 8.43
N ALA F 132 -19.97 -38.58 7.44
CA ALA F 132 -20.55 -37.32 7.01
C ALA F 132 -21.95 -37.54 6.45
N LYS F 133 -22.85 -36.61 6.74
CA LYS F 133 -24.22 -36.69 6.27
C LYS F 133 -24.82 -35.29 6.18
N ARG F 134 -25.78 -35.13 5.28
CA ARG F 134 -26.26 -33.82 4.85
C ARG F 134 -27.18 -33.19 5.90
N VAL F 135 -26.79 -32.02 6.39
CA VAL F 135 -27.70 -31.17 7.15
C VAL F 135 -27.77 -29.83 6.44
N ASP F 136 -28.99 -29.34 6.26
CA ASP F 136 -29.23 -28.04 5.62
C ASP F 136 -28.64 -28.00 4.20
N GLY F 137 -28.63 -29.14 3.52
CA GLY F 137 -28.06 -29.24 2.19
C GLY F 137 -26.59 -28.87 2.15
N GLU F 138 -25.78 -29.55 2.97
CA GLU F 138 -24.40 -29.15 3.20
C GLU F 138 -23.68 -30.23 3.99
N PHE F 139 -22.44 -30.51 3.58
CA PHE F 139 -21.71 -31.68 4.06
C PHE F 139 -21.07 -31.39 5.41
N MET F 140 -21.53 -32.09 6.44
CA MET F 140 -21.08 -31.86 7.81
C MET F 140 -20.63 -33.17 8.44
N VAL F 141 -19.53 -33.09 9.20
CA VAL F 141 -18.91 -34.26 9.82
C VAL F 141 -19.63 -34.61 11.11
N PHE F 142 -19.94 -35.89 11.29
CA PHE F 142 -20.48 -36.40 12.54
C PHE F 142 -19.45 -37.30 13.21
N THR F 143 -19.45 -37.26 14.53
CA THR F 143 -18.54 -38.02 15.37
C THR F 143 -19.36 -38.92 16.27
N TYR F 144 -18.66 -39.83 16.96
CA TYR F 144 -19.31 -40.78 17.85
C TYR F 144 -20.30 -41.65 17.07
N SER F 145 -19.79 -42.31 16.04
CA SER F 145 -20.56 -43.29 15.29
C SER F 145 -21.80 -42.65 14.64
N GLY F 146 -21.58 -41.51 13.97
CA GLY F 146 -22.61 -40.83 13.18
C GLY F 146 -23.81 -40.34 13.95
N THR F 147 -23.58 -39.59 15.03
CA THR F 147 -24.63 -39.25 15.99
C THR F 147 -24.58 -37.81 16.48
N LYS F 148 -23.62 -36.99 16.04
CA LYS F 148 -23.39 -35.69 16.67
C LYS F 148 -22.87 -34.73 15.59
N ASN F 149 -23.73 -33.84 15.11
CA ASN F 149 -23.28 -32.79 14.23
C ASN F 149 -22.29 -31.92 14.99
N THR F 150 -21.10 -31.80 14.45
CA THR F 150 -19.98 -31.18 15.14
C THR F 150 -19.70 -29.76 14.66
N GLY F 151 -20.47 -29.25 13.71
CA GLY F 151 -20.24 -27.89 13.27
C GLY F 151 -19.02 -27.70 12.40
N ILE F 152 -18.36 -28.77 11.97
CA ILE F 152 -17.30 -28.67 10.98
C ILE F 152 -17.89 -29.01 9.61
N LEU F 153 -17.70 -28.10 8.67
CA LEU F 153 -17.94 -28.45 7.29
C LEU F 153 -17.01 -29.57 6.88
N LEU F 154 -17.55 -30.56 6.16
CA LEU F 154 -16.70 -31.60 5.58
C LEU F 154 -15.55 -30.99 4.81
N ARG F 155 -15.82 -29.88 4.11
CA ARG F 155 -14.82 -29.23 3.27
C ARG F 155 -13.68 -28.63 4.10
N ASP F 156 -13.95 -28.28 5.36
CA ASP F 156 -12.89 -27.80 6.24
C ASP F 156 -12.11 -28.97 6.85
N TRP F 157 -12.83 -29.98 7.33
CA TRP F 157 -12.17 -31.14 7.93
C TRP F 157 -11.21 -31.80 6.95
N VAL F 158 -11.70 -32.13 5.75
CA VAL F 158 -10.89 -32.82 4.74
C VAL F 158 -9.54 -32.13 4.57
N VAL F 159 -9.53 -30.82 4.34
CA VAL F 159 -8.26 -30.14 4.10
C VAL F 159 -7.39 -30.17 5.35
N GLU F 160 -8.00 -30.10 6.54
CA GLU F 160 -7.20 -30.10 7.74
C GLU F 160 -6.58 -31.46 7.99
N VAL F 161 -7.26 -32.52 7.56
CA VAL F 161 -6.69 -33.86 7.71
C VAL F 161 -5.43 -33.99 6.87
N GLU F 162 -5.47 -33.50 5.63
CA GLU F 162 -4.26 -33.46 4.82
C GLU F 162 -3.21 -32.54 5.45
N LYS F 163 -3.65 -31.49 6.14
CA LYS F 163 -2.69 -30.54 6.68
C LYS F 163 -1.91 -31.15 7.83
N ARG F 164 -2.49 -32.12 8.54
CA ARG F 164 -1.91 -32.68 9.76
C ARG F 164 -1.10 -33.96 9.52
N GLY F 165 -0.76 -34.27 8.27
CA GLY F 165 0.06 -35.42 7.99
C GLY F 165 -0.66 -36.75 7.88
N ALA F 166 -1.98 -36.75 7.68
CA ALA F 166 -2.69 -38.00 7.47
C ALA F 166 -2.27 -38.62 6.14
N GLY F 167 -2.28 -39.96 6.10
CA GLY F 167 -1.86 -40.69 4.92
C GLY F 167 -2.95 -40.91 3.88
N GLU F 168 -4.17 -41.20 4.33
CA GLU F 168 -5.32 -41.41 3.43
C GLU F 168 -6.61 -41.28 4.23
N ILE F 169 -7.70 -41.00 3.51
CA ILE F 169 -9.00 -40.70 4.08
C ILE F 169 -9.97 -41.80 3.69
N VAL F 170 -10.70 -42.35 4.66
CA VAL F 170 -11.79 -43.26 4.36
C VAL F 170 -13.10 -42.52 4.67
N LEU F 171 -13.92 -42.33 3.63
CA LEU F 171 -15.03 -41.39 3.66
C LEU F 171 -16.34 -42.17 3.64
N GLY F 172 -17.00 -42.26 4.79
CA GLY F 172 -18.21 -43.03 4.91
C GLY F 172 -19.42 -42.13 4.93
N SER F 173 -20.33 -42.37 3.99
CA SER F 173 -21.59 -41.62 3.91
C SER F 173 -22.60 -42.23 4.86
N ILE F 174 -22.94 -41.49 5.93
CA ILE F 174 -23.97 -41.94 6.87
C ILE F 174 -25.32 -42.06 6.16
N ASP F 175 -25.60 -41.12 5.25
CA ASP F 175 -26.83 -41.16 4.50
C ASP F 175 -27.00 -42.54 3.85
N ARG F 176 -25.92 -43.33 3.81
CA ARG F 176 -25.89 -44.57 3.05
C ARG F 176 -25.78 -45.83 3.90
N LEU F 177 -25.97 -45.76 5.21
CA LEU F 177 -25.70 -46.95 6.02
C LEU F 177 -26.82 -47.96 5.89
N GLY F 178 -26.46 -49.21 5.62
CA GLY F 178 -27.39 -50.31 5.45
C GLY F 178 -28.00 -50.33 4.06
N THR F 179 -28.26 -49.14 3.51
CA THR F 179 -28.69 -49.02 2.13
C THR F 179 -27.83 -49.90 1.22
N LYS F 180 -28.47 -50.51 0.22
CA LYS F 180 -27.77 -51.34 -0.74
C LYS F 180 -27.91 -50.81 -2.16
N SER F 181 -27.81 -49.48 -2.31
CA SER F 181 -28.02 -48.79 -3.58
C SER F 181 -26.90 -47.76 -3.83
N GLY F 182 -25.66 -48.25 -3.84
CA GLY F 182 -24.50 -47.49 -4.29
C GLY F 182 -23.86 -46.64 -3.21
N TYR F 183 -22.55 -46.42 -3.37
CA TYR F 183 -21.82 -45.47 -2.56
C TYR F 183 -22.35 -44.06 -2.75
N ASP F 184 -21.75 -43.06 -2.11
CA ASP F 184 -22.21 -41.68 -2.23
C ASP F 184 -21.37 -40.94 -3.27
N THR F 185 -21.58 -41.33 -4.53
CA THR F 185 -20.84 -40.74 -5.64
C THR F 185 -20.84 -39.21 -5.59
N GLU F 186 -21.98 -38.61 -5.26
CA GLU F 186 -22.02 -37.17 -5.04
C GLU F 186 -20.96 -36.73 -4.05
N MET F 187 -20.81 -37.49 -2.96
CA MET F 187 -19.95 -37.07 -1.86
C MET F 187 -18.46 -37.28 -2.16
N ILE F 188 -18.12 -38.38 -2.84
CA ILE F 188 -16.72 -38.55 -3.27
C ILE F 188 -16.35 -37.43 -4.24
N ARG F 189 -17.12 -37.29 -5.33
CA ARG F 189 -17.02 -36.21 -6.30
C ARG F 189 -16.81 -34.85 -5.65
N PHE F 190 -17.51 -34.60 -4.55
CA PHE F 190 -17.32 -33.37 -3.78
C PHE F 190 -15.91 -33.29 -3.19
N VAL F 191 -15.49 -34.33 -2.49
CA VAL F 191 -14.22 -34.27 -1.77
C VAL F 191 -13.04 -34.28 -2.75
N ARG F 192 -13.16 -35.03 -3.84
CA ARG F 192 -12.04 -35.30 -4.74
C ARG F 192 -11.13 -34.09 -5.05
N PRO F 193 -11.64 -32.90 -5.39
CA PRO F 193 -10.72 -31.77 -5.63
C PRO F 193 -10.16 -31.14 -4.36
N LEU F 194 -10.75 -31.42 -3.20
CA LEU F 194 -10.32 -30.77 -1.97
C LEU F 194 -9.03 -31.38 -1.41
N THR F 195 -8.65 -32.58 -1.82
CA THR F 195 -7.47 -33.18 -1.22
C THR F 195 -6.79 -34.12 -2.20
N THR F 196 -5.45 -34.17 -2.10
CA THR F 196 -4.61 -35.09 -2.84
C THR F 196 -4.49 -36.46 -2.18
N LEU F 197 -4.92 -36.57 -0.93
CA LEU F 197 -4.86 -37.83 -0.20
C LEU F 197 -5.77 -38.88 -0.82
N PRO F 198 -5.33 -40.13 -0.92
CA PRO F 198 -6.22 -41.23 -1.32
C PRO F 198 -7.55 -41.17 -0.61
N ILE F 199 -8.62 -41.50 -1.32
CA ILE F 199 -9.97 -41.53 -0.77
C ILE F 199 -10.46 -42.96 -0.86
N ILE F 200 -11.07 -43.43 0.22
CA ILE F 200 -11.52 -44.80 0.30
C ILE F 200 -13.03 -44.75 0.57
N ALA F 201 -13.80 -45.33 -0.32
CA ALA F 201 -15.25 -45.22 -0.29
C ALA F 201 -15.83 -46.27 0.65
N HIS F 202 -16.88 -45.90 1.37
CA HIS F 202 -17.45 -46.80 2.36
C HIS F 202 -18.88 -46.38 2.63
N ARG F 203 -19.75 -47.38 2.82
CA ARG F 203 -21.20 -47.27 3.03
C ARG F 203 -21.94 -47.14 1.71
N GLY F 204 -22.77 -48.15 1.38
CA GLY F 204 -23.63 -48.06 0.20
C GLY F 204 -23.59 -49.24 -0.77
N ALA F 205 -22.45 -49.92 -0.85
CA ALA F 205 -22.28 -50.99 -1.83
C ALA F 205 -23.31 -52.10 -1.67
N GLY F 206 -23.93 -52.49 -2.79
CA GLY F 206 -24.97 -53.51 -2.81
C GLY F 206 -24.93 -54.43 -4.02
N LYS F 207 -24.28 -54.01 -5.11
CA LYS F 207 -24.16 -54.82 -6.30
C LYS F 207 -22.87 -54.45 -7.01
N THR F 208 -22.48 -55.25 -8.00
CA THR F 208 -21.13 -55.10 -8.50
C THR F 208 -20.91 -53.80 -9.25
N GLU F 209 -21.97 -53.18 -9.79
CA GLU F 209 -21.78 -51.94 -10.51
C GLU F 209 -21.43 -50.77 -9.59
N HIS F 210 -21.79 -50.84 -8.33
CA HIS F 210 -21.61 -49.70 -7.45
C HIS F 210 -20.13 -49.37 -7.22
N PHE F 211 -19.24 -50.32 -7.47
CA PHE F 211 -17.82 -50.03 -7.33
C PHE F 211 -17.32 -49.24 -8.53
N LEU F 212 -17.80 -49.63 -9.72
CA LEU F 212 -17.47 -48.89 -10.94
C LEU F 212 -17.85 -47.43 -10.81
N GLU F 213 -19.03 -47.16 -10.24
CA GLU F 213 -19.41 -45.76 -10.02
C GLU F 213 -18.47 -45.09 -9.03
N ALA F 214 -17.97 -45.85 -8.04
CA ALA F 214 -17.12 -45.25 -7.01
C ALA F 214 -15.75 -44.88 -7.56
N PHE F 215 -15.23 -45.69 -8.46
CA PHE F 215 -13.97 -45.29 -9.10
C PHE F 215 -14.18 -44.19 -10.14
N LEU F 216 -15.33 -44.18 -10.84
CA LEU F 216 -15.63 -43.07 -11.73
C LEU F 216 -15.83 -41.76 -10.96
N ALA F 217 -16.33 -41.83 -9.72
CA ALA F 217 -16.40 -40.65 -8.87
C ALA F 217 -15.03 -40.20 -8.36
N GLY F 218 -13.95 -40.91 -8.69
CA GLY F 218 -12.62 -40.51 -8.29
C GLY F 218 -12.05 -41.17 -7.03
N ALA F 219 -12.81 -42.03 -6.36
CA ALA F 219 -12.25 -42.75 -5.21
C ALA F 219 -11.13 -43.68 -5.65
N ASP F 220 -10.04 -43.70 -4.87
CA ASP F 220 -8.92 -44.59 -5.13
C ASP F 220 -9.10 -46.00 -4.57
N ALA F 221 -10.07 -46.23 -3.68
CA ALA F 221 -10.28 -47.55 -3.13
C ALA F 221 -11.72 -47.67 -2.68
N ALA F 222 -12.20 -48.91 -2.62
CA ALA F 222 -13.57 -49.18 -2.21
C ALA F 222 -13.55 -50.22 -1.13
N LYS F 223 -14.20 -49.93 0.00
CA LYS F 223 -14.19 -50.84 1.14
C LYS F 223 -15.62 -51.23 1.46
N ALA F 224 -15.80 -52.49 1.82
CA ALA F 224 -17.14 -53.00 2.07
C ALA F 224 -16.98 -54.20 2.99
N ASP F 225 -18.10 -54.63 3.56
CA ASP F 225 -18.09 -55.58 4.66
C ASP F 225 -19.11 -56.70 4.44
N SER F 226 -20.32 -56.48 4.95
CA SER F 226 -21.36 -57.49 4.95
C SER F 226 -21.50 -58.16 3.60
N VAL F 227 -21.49 -57.36 2.53
CA VAL F 227 -21.85 -57.89 1.22
C VAL F 227 -20.78 -58.81 0.67
N PHE F 228 -19.59 -58.80 1.26
CA PHE F 228 -18.67 -59.90 1.01
C PHE F 228 -18.99 -61.09 1.91
N HIS F 229 -19.18 -60.85 3.22
CA HIS F 229 -19.45 -61.95 4.14
C HIS F 229 -20.76 -62.66 3.81
N SER F 230 -21.77 -61.92 3.34
CA SER F 230 -22.98 -62.57 2.86
C SER F 230 -22.72 -63.36 1.60
N ARG F 231 -21.71 -62.93 0.83
CA ARG F 231 -21.38 -63.46 -0.50
C ARG F 231 -22.40 -63.03 -1.56
N GLU F 232 -23.08 -61.89 -1.35
CA GLU F 232 -23.80 -61.27 -2.45
C GLU F 232 -22.85 -60.95 -3.59
N ILE F 233 -21.72 -60.32 -3.27
CA ILE F 233 -20.71 -59.96 -4.25
C ILE F 233 -19.48 -60.82 -3.99
N ASP F 234 -19.06 -61.57 -5.00
CA ASP F 234 -17.84 -62.36 -4.93
C ASP F 234 -16.66 -61.51 -5.39
N VAL F 235 -15.63 -61.45 -4.53
CA VAL F 235 -14.51 -60.55 -4.76
C VAL F 235 -13.86 -60.85 -6.09
N ARG F 236 -13.60 -62.13 -6.38
CA ARG F 236 -12.95 -62.45 -7.65
C ARG F 236 -13.80 -61.97 -8.82
N GLU F 237 -15.12 -62.16 -8.74
CA GLU F 237 -16.00 -61.77 -9.84
C GLU F 237 -15.98 -60.24 -10.03
N LEU F 238 -16.27 -59.52 -8.95
CA LEU F 238 -16.19 -58.06 -8.93
C LEU F 238 -14.87 -57.51 -9.46
N LYS F 239 -13.74 -58.18 -9.22
CA LYS F 239 -12.47 -57.61 -9.66
C LYS F 239 -12.24 -57.84 -11.16
N GLU F 240 -12.57 -59.03 -11.66
CA GLU F 240 -12.54 -59.22 -13.09
C GLU F 240 -13.48 -58.24 -13.77
N TYR F 241 -14.62 -57.97 -13.13
CA TYR F 241 -15.59 -57.01 -13.65
C TYR F 241 -14.96 -55.63 -13.82
N LEU F 242 -14.32 -55.10 -12.77
CA LEU F 242 -13.78 -53.75 -12.88
C LEU F 242 -12.61 -53.70 -13.85
N LYS F 243 -11.85 -54.78 -13.95
CA LYS F 243 -10.75 -54.80 -14.89
C LYS F 243 -11.26 -54.80 -16.31
N LYS F 244 -12.39 -55.47 -16.52
CA LYS F 244 -12.95 -55.57 -17.85
C LYS F 244 -13.38 -54.20 -18.38
N HIS F 245 -13.86 -53.33 -17.49
CA HIS F 245 -14.38 -52.01 -17.82
C HIS F 245 -13.40 -50.88 -17.45
N GLY F 246 -12.12 -51.18 -17.23
CA GLY F 246 -11.09 -50.15 -17.27
C GLY F 246 -10.62 -49.57 -15.95
N VAL F 247 -11.07 -50.09 -14.81
CA VAL F 247 -10.39 -49.80 -13.55
C VAL F 247 -9.05 -50.55 -13.53
N ASN F 248 -8.02 -49.93 -12.94
CA ASN F 248 -6.73 -50.61 -12.77
C ASN F 248 -6.67 -51.26 -11.39
N VAL F 249 -7.35 -52.39 -11.27
CA VAL F 249 -7.24 -53.22 -10.09
C VAL F 249 -6.23 -54.32 -10.34
N ARG F 250 -5.90 -55.07 -9.29
CA ARG F 250 -4.88 -56.10 -9.40
C ARG F 250 -5.50 -57.47 -9.57
N LEU F 251 -4.84 -58.30 -10.36
CA LEU F 251 -5.19 -59.70 -10.54
C LEU F 251 -4.06 -60.70 -10.22
N GLU F 258 -12.74 -72.74 -8.13
CA GLU F 258 -12.70 -72.54 -6.66
C GLU F 258 -14.14 -72.64 -6.11
N HIS F 259 -14.43 -73.72 -5.38
CA HIS F 259 -15.74 -73.97 -4.80
C HIS F 259 -15.75 -73.53 -3.35
N HIS F 260 -16.77 -72.74 -2.97
CA HIS F 260 -16.92 -72.36 -1.57
C HIS F 260 -18.00 -73.19 -0.91
N HIS F 261 -17.87 -74.49 -1.17
CA HIS F 261 -18.67 -75.56 -0.58
C HIS F 261 -17.75 -76.77 -0.45
N HIS F 262 -18.25 -77.83 0.21
CA HIS F 262 -17.45 -79.02 0.46
C HIS F 262 -17.54 -80.03 -0.68
N HIS F 263 -16.39 -80.55 -1.07
CA HIS F 263 -16.27 -81.59 -2.08
C HIS F 263 -15.12 -82.50 -1.68
N HIS F 264 -15.41 -83.77 -1.48
CA HIS F 264 -14.39 -84.69 -0.99
C HIS F 264 -13.52 -85.27 -2.10
N LEU G 3 2.98 17.28 -40.96
CA LEU G 3 2.86 16.57 -39.70
C LEU G 3 1.40 16.36 -39.31
N ALA G 4 1.04 15.10 -39.06
CA ALA G 4 -0.33 14.76 -38.68
C ALA G 4 -0.81 15.61 -37.50
N LYS G 5 -2.05 16.10 -37.60
CA LYS G 5 -2.68 16.83 -36.51
C LYS G 5 -2.98 15.90 -35.35
N ARG G 6 -2.92 16.46 -34.14
CA ARG G 6 -2.79 15.73 -32.88
C ARG G 6 -3.93 16.11 -31.93
N ILE G 7 -4.41 15.14 -31.15
CA ILE G 7 -5.50 15.36 -30.19
C ILE G 7 -5.00 14.94 -28.83
N ASP G 8 -4.83 15.91 -27.91
CA ASP G 8 -4.16 15.69 -26.63
C ASP G 8 -5.15 15.68 -25.48
N ALA G 9 -5.00 14.70 -24.58
CA ALA G 9 -5.76 14.67 -23.34
C ALA G 9 -4.90 15.18 -22.20
N ALA G 10 -5.42 16.14 -21.44
CA ALA G 10 -4.76 16.63 -20.24
C ALA G 10 -5.57 16.19 -19.04
N LEU G 11 -4.89 15.55 -18.08
CA LEU G 11 -5.50 15.03 -16.87
C LEU G 11 -4.98 15.84 -15.68
N ILE G 12 -5.89 16.40 -14.90
CA ILE G 12 -5.54 17.30 -13.81
C ILE G 12 -5.46 16.49 -12.52
N LEU G 13 -4.30 16.54 -11.86
CA LEU G 13 -4.02 15.68 -10.72
C LEU G 13 -3.82 16.51 -9.44
N LYS G 14 -4.45 16.06 -8.36
CA LYS G 14 -4.13 16.53 -7.00
C LYS G 14 -3.82 15.30 -6.15
N ASP G 15 -2.55 15.19 -5.74
CA ASP G 15 -2.09 14.18 -4.80
C ASP G 15 -2.21 12.80 -5.43
N GLY G 16 -1.75 12.69 -6.67
CA GLY G 16 -1.84 11.46 -7.43
C GLY G 16 -3.25 11.03 -7.76
N ARG G 17 -4.21 11.96 -7.73
CA ARG G 17 -5.59 11.68 -8.06
C ARG G 17 -6.10 12.73 -9.04
N VAL G 18 -6.83 12.29 -10.07
CA VAL G 18 -7.33 13.20 -11.09
C VAL G 18 -8.56 13.92 -10.57
N VAL G 19 -8.55 15.25 -10.71
CA VAL G 19 -9.59 16.13 -10.15
C VAL G 19 -10.90 15.97 -10.91
N LYS G 20 -11.96 15.65 -10.16
CA LYS G 20 -13.28 15.19 -10.60
C LYS G 20 -13.20 13.91 -11.43
N GLY G 21 -11.99 13.44 -11.73
CA GLY G 21 -11.87 12.10 -12.32
C GLY G 21 -12.51 12.00 -13.70
N SER G 22 -13.36 10.99 -13.88
CA SER G 22 -13.93 10.75 -15.21
C SER G 22 -15.27 10.03 -15.07
N ASN G 23 -15.97 9.92 -16.20
CA ASN G 23 -17.32 9.37 -16.23
C ASN G 23 -17.39 8.07 -17.02
N PHE G 24 -16.27 7.35 -17.13
CA PHE G 24 -16.24 6.07 -17.82
C PHE G 24 -16.54 4.97 -16.80
N GLU G 25 -17.79 4.53 -16.78
CA GLU G 25 -18.33 3.51 -15.88
C GLU G 25 -17.72 2.10 -16.13
N ASN G 26 -16.72 1.90 -17.00
CA ASN G 26 -16.06 0.61 -17.13
C ASN G 26 -14.78 0.53 -16.31
N LEU G 27 -14.04 1.63 -16.27
CA LEU G 27 -12.76 1.68 -15.58
C LEU G 27 -12.91 1.27 -14.12
N ARG G 28 -11.94 0.48 -13.64
N ARG G 28 -11.94 0.50 -13.62
CA ARG G 28 -11.96 -0.06 -12.28
CA ARG G 28 -12.05 -0.04 -12.27
C ARG G 28 -12.02 1.06 -11.25
C ARG G 28 -12.03 1.06 -11.21
N ASP G 29 -11.11 2.02 -11.34
CA ASP G 29 -11.10 3.21 -10.48
C ASP G 29 -10.96 4.40 -11.42
N SER G 30 -12.08 5.14 -11.64
CA SER G 30 -12.12 6.27 -12.55
C SER G 30 -11.42 7.51 -12.00
N GLY G 31 -10.82 7.40 -10.81
CA GLY G 31 -9.96 8.43 -10.23
C GLY G 31 -8.47 8.24 -10.41
N ASP G 32 -8.04 7.13 -11.02
CA ASP G 32 -6.63 6.79 -11.14
C ASP G 32 -6.07 7.28 -12.47
N PRO G 33 -5.05 8.15 -12.46
CA PRO G 33 -4.60 8.77 -13.71
C PRO G 33 -3.86 7.84 -14.65
N VAL G 34 -3.46 6.64 -14.22
CA VAL G 34 -2.81 5.73 -15.14
C VAL G 34 -3.83 4.86 -15.88
N GLU G 35 -4.80 4.28 -15.16
CA GLU G 35 -5.82 3.49 -15.83
C GLU G 35 -6.56 4.34 -16.86
N LEU G 36 -6.88 5.59 -16.53
CA LEU G 36 -7.53 6.48 -17.50
C LEU G 36 -6.57 6.81 -18.64
N GLY G 37 -5.34 7.19 -18.30
CA GLY G 37 -4.36 7.50 -19.33
C GLY G 37 -4.11 6.36 -20.29
N LYS G 38 -4.18 5.11 -19.83
CA LYS G 38 -4.03 4.01 -20.77
C LYS G 38 -5.30 3.76 -21.56
N PHE G 39 -6.46 4.00 -20.93
CA PHE G 39 -7.71 4.00 -21.68
C PHE G 39 -7.65 4.99 -22.84
N TYR G 40 -7.17 6.22 -22.56
CA TYR G 40 -7.21 7.23 -23.61
C TYR G 40 -6.28 6.88 -24.76
N SER G 41 -5.19 6.15 -24.50
CA SER G 41 -4.29 5.77 -25.58
C SER G 41 -4.76 4.56 -26.36
N GLU G 42 -5.66 3.73 -25.80
CA GLU G 42 -6.26 2.64 -26.57
C GLU G 42 -7.38 3.13 -27.48
N ILE G 43 -8.20 4.05 -26.99
CA ILE G 43 -9.25 4.67 -27.80
C ILE G 43 -8.70 5.71 -28.78
N GLY G 44 -7.41 5.99 -28.74
CA GLY G 44 -6.79 6.74 -29.80
C GLY G 44 -6.49 8.21 -29.56
N ILE G 45 -6.37 8.64 -28.30
CA ILE G 45 -5.73 9.92 -28.01
C ILE G 45 -4.26 9.83 -28.40
N ASP G 46 -3.74 10.92 -29.00
CA ASP G 46 -2.40 10.91 -29.58
C ASP G 46 -1.29 11.21 -28.58
N GLU G 47 -1.56 12.02 -27.56
CA GLU G 47 -0.60 12.37 -26.54
C GLU G 47 -1.36 12.70 -25.26
N LEU G 48 -0.69 12.53 -24.12
CA LEU G 48 -1.27 12.91 -22.84
C LEU G 48 -0.49 14.05 -22.22
N SER G 49 -1.09 14.63 -21.18
CA SER G 49 -0.51 15.73 -20.46
C SER G 49 -1.00 15.62 -19.03
N PHE G 50 -0.07 15.49 -18.10
CA PHE G 50 -0.39 15.36 -16.69
C PHE G 50 -0.09 16.71 -16.06
N TRP G 51 -1.13 17.41 -15.66
CA TRP G 51 -0.98 18.69 -14.98
C TRP G 51 -1.17 18.47 -13.50
N ASP G 52 -0.20 18.94 -12.70
CA ASP G 52 -0.27 18.78 -11.24
C ASP G 52 -0.55 20.09 -10.54
N ILE G 53 -1.65 20.11 -9.81
CA ILE G 53 -2.12 21.27 -9.07
C ILE G 53 -1.83 21.14 -7.57
N THR G 54 -0.89 20.26 -7.22
CA THR G 54 -0.57 20.01 -5.82
C THR G 54 0.36 21.03 -5.17
N ALA G 55 0.04 21.41 -3.93
CA ALA G 55 0.86 22.34 -3.18
C ALA G 55 1.70 21.66 -2.11
N SER G 56 1.43 20.39 -1.81
CA SER G 56 2.22 19.64 -0.85
C SER G 56 3.58 19.31 -1.49
N VAL G 57 4.63 19.99 -1.02
CA VAL G 57 5.97 19.71 -1.55
C VAL G 57 6.50 18.37 -1.03
N GLU G 58 5.89 17.84 0.04
CA GLU G 58 6.14 16.47 0.48
C GLU G 58 6.26 15.52 -0.71
N LYS G 59 5.20 15.52 -1.52
CA LYS G 59 5.10 14.67 -2.70
C LYS G 59 5.70 15.27 -3.96
N ARG G 60 6.60 16.22 -3.80
CA ARG G 60 7.27 16.79 -4.96
C ARG G 60 7.87 15.62 -5.78
N LYS G 61 8.10 14.50 -5.09
CA LYS G 61 8.64 13.29 -5.70
C LYS G 61 7.52 12.33 -6.06
N THR G 62 6.30 12.62 -5.59
CA THR G 62 5.14 11.78 -5.90
C THR G 62 5.04 11.78 -7.41
N MET G 63 4.91 12.98 -7.97
CA MET G 63 4.91 13.16 -9.41
C MET G 63 6.02 12.33 -10.06
N LEU G 64 7.22 12.34 -9.48
CA LEU G 64 8.32 11.56 -10.04
C LEU G 64 8.05 10.06 -10.00
N GLU G 65 7.35 9.57 -8.99
CA GLU G 65 6.99 8.16 -8.98
C GLU G 65 5.80 7.88 -9.87
N LEU G 66 4.95 8.89 -10.08
CA LEU G 66 3.85 8.75 -11.03
C LEU G 66 4.39 8.60 -12.45
N VAL G 67 5.36 9.43 -12.84
CA VAL G 67 5.95 9.33 -14.18
C VAL G 67 6.51 7.93 -14.43
N GLU G 68 6.81 7.19 -13.36
CA GLU G 68 7.33 5.84 -13.53
C GLU G 68 6.21 4.86 -13.89
N LYS G 69 5.14 4.81 -13.09
CA LYS G 69 4.01 3.93 -13.38
C LYS G 69 3.52 4.09 -14.81
N VAL G 70 3.64 5.30 -15.34
CA VAL G 70 2.88 5.73 -16.50
C VAL G 70 3.73 5.66 -17.78
N ALA G 71 5.03 5.99 -17.71
CA ALA G 71 5.92 5.82 -18.85
C ALA G 71 6.26 4.36 -19.11
N GLU G 72 5.90 3.46 -18.18
CA GLU G 72 6.09 2.04 -18.39
C GLU G 72 5.06 1.51 -19.39
N GLN G 73 3.77 1.66 -19.09
CA GLN G 73 2.73 0.92 -19.81
C GLN G 73 2.09 1.66 -20.97
N ILE G 74 2.19 2.98 -21.06
CA ILE G 74 1.51 3.73 -22.11
C ILE G 74 2.30 3.71 -23.41
N ASP G 75 1.59 3.95 -24.50
CA ASP G 75 2.21 3.97 -25.80
C ASP G 75 2.32 5.36 -26.44
N ILE G 76 2.15 6.46 -25.68
CA ILE G 76 2.29 7.73 -26.40
C ILE G 76 3.13 8.75 -25.64
N PRO G 77 3.63 9.80 -26.29
CA PRO G 77 4.33 10.88 -25.56
C PRO G 77 3.53 11.38 -24.35
N ILE G 78 4.26 11.79 -23.32
CA ILE G 78 3.70 12.17 -22.02
C ILE G 78 4.34 13.49 -21.62
N THR G 79 3.55 14.56 -21.63
CA THR G 79 4.01 15.84 -21.12
C THR G 79 3.60 15.99 -19.67
N VAL G 80 4.45 16.61 -18.87
CA VAL G 80 4.18 16.88 -17.47
C VAL G 80 4.36 18.37 -17.22
N GLY G 81 3.48 18.92 -16.38
CA GLY G 81 3.51 20.33 -16.07
C GLY G 81 2.83 20.61 -14.76
N GLY G 82 2.85 21.89 -14.38
CA GLY G 82 2.32 22.29 -13.10
C GLY G 82 3.32 23.13 -12.34
N GLY G 83 3.89 22.57 -11.27
CA GLY G 83 4.86 23.30 -10.47
C GLY G 83 6.29 22.94 -10.80
N ILE G 84 6.86 23.58 -11.83
CA ILE G 84 8.24 23.32 -12.20
C ILE G 84 8.95 24.60 -12.60
N TYR G 85 9.83 25.08 -11.70
CA TYR G 85 10.48 26.37 -11.81
C TYR G 85 12.01 26.27 -11.84
N ASP G 86 12.57 25.05 -11.74
CA ASP G 86 14.00 24.81 -11.57
C ASP G 86 14.49 23.79 -12.59
N PHE G 87 15.70 24.00 -13.12
CA PHE G 87 16.22 23.09 -14.14
C PHE G 87 16.39 21.68 -13.59
N GLU G 88 16.69 21.53 -12.30
CA GLU G 88 16.88 20.21 -11.72
C GLU G 88 15.57 19.43 -11.63
N THR G 89 14.48 20.14 -11.35
CA THR G 89 13.16 19.52 -11.28
C THR G 89 12.80 18.88 -12.62
N ALA G 90 13.15 19.55 -13.71
CA ALA G 90 12.87 19.03 -15.05
C ALA G 90 13.72 17.81 -15.37
N SER G 91 15.02 17.92 -15.10
CA SER G 91 15.96 16.81 -15.31
C SER G 91 15.48 15.56 -14.61
N GLU G 92 15.04 15.69 -13.36
CA GLU G 92 14.55 14.54 -12.62
C GLU G 92 13.38 13.88 -13.35
N LEU G 93 12.38 14.67 -13.73
CA LEU G 93 11.18 14.13 -14.39
C LEU G 93 11.50 13.45 -15.71
N ILE G 94 12.31 14.11 -16.55
CA ILE G 94 12.56 13.62 -17.91
C ILE G 94 13.19 12.22 -17.88
N LEU G 95 14.37 12.10 -17.27
CA LEU G 95 15.01 10.79 -17.21
C LEU G 95 14.31 9.83 -16.25
N ARG G 96 13.37 10.31 -15.44
CA ARG G 96 12.46 9.39 -14.78
C ARG G 96 11.47 8.78 -15.75
N GLY G 97 11.37 9.30 -16.98
CA GLY G 97 10.53 8.70 -17.97
C GLY G 97 9.51 9.63 -18.61
N ALA G 98 9.63 10.93 -18.34
CA ALA G 98 8.75 11.94 -18.93
C ALA G 98 9.32 12.38 -20.27
N ASP G 99 8.53 12.22 -21.35
CA ASP G 99 9.04 12.54 -22.68
C ASP G 99 9.25 14.03 -22.86
N LYS G 100 8.36 14.84 -22.30
CA LYS G 100 8.41 16.29 -22.38
C LYS G 100 8.03 16.82 -21.03
N VAL G 101 8.51 18.03 -20.75
CA VAL G 101 8.21 18.73 -19.52
C VAL G 101 7.80 20.15 -19.89
N GLU G 102 6.74 20.65 -19.26
CA GLU G 102 6.18 21.96 -19.59
C GLU G 102 6.55 22.98 -18.53
N ILE G 103 6.97 24.17 -18.96
CA ILE G 103 7.23 25.29 -18.05
C ILE G 103 6.56 26.55 -18.60
N ASN G 104 5.74 27.19 -17.77
CA ASN G 104 5.17 28.49 -18.14
C ASN G 104 5.96 29.61 -17.47
N THR G 105 5.69 29.84 -16.18
CA THR G 105 6.23 31.02 -15.52
C THR G 105 7.75 30.96 -15.39
N ALA G 106 8.30 29.76 -15.18
CA ALA G 106 9.75 29.60 -15.07
C ALA G 106 10.46 30.08 -16.32
N ALA G 107 9.80 30.02 -17.46
CA ALA G 107 10.42 30.40 -18.73
C ALA G 107 10.34 31.89 -18.99
N VAL G 108 9.24 32.53 -18.60
CA VAL G 108 9.12 33.97 -18.81
C VAL G 108 10.19 34.71 -18.02
N GLU G 109 10.30 34.38 -16.72
CA GLU G 109 11.30 35.03 -15.88
C GLU G 109 12.72 34.66 -16.32
N ASN G 110 13.01 33.37 -16.49
CA ASN G 110 14.29 32.90 -16.99
C ASN G 110 14.12 32.36 -18.40
N PRO G 111 14.20 33.21 -19.44
CA PRO G 111 14.30 32.69 -20.81
C PRO G 111 15.35 31.59 -20.96
N SER G 112 16.53 31.80 -20.37
CA SER G 112 17.65 30.89 -20.53
C SER G 112 17.42 29.53 -19.88
N LEU G 113 16.37 29.38 -19.06
CA LEU G 113 16.06 28.05 -18.56
C LEU G 113 15.65 27.11 -19.69
N ILE G 114 14.94 27.66 -20.69
CA ILE G 114 14.58 26.89 -21.87
C ILE G 114 15.82 26.36 -22.57
N THR G 115 16.71 27.26 -22.99
CA THR G 115 17.92 26.82 -23.69
C THR G 115 18.76 25.86 -22.83
N GLN G 116 18.61 25.91 -21.50
CA GLN G 116 19.23 24.87 -20.67
C GLN G 116 18.67 23.50 -21.03
N ILE G 117 17.36 23.28 -20.79
CA ILE G 117 16.78 21.95 -20.92
C ILE G 117 16.95 21.42 -22.33
N ALA G 118 16.86 22.30 -23.33
CA ALA G 118 17.02 21.87 -24.72
C ALA G 118 18.41 21.34 -25.02
N GLN G 119 19.40 21.60 -24.16
CA GLN G 119 20.77 21.17 -24.38
C GLN G 119 21.16 19.93 -23.59
N THR G 120 20.41 19.57 -22.54
CA THR G 120 20.59 18.32 -21.82
C THR G 120 19.66 17.22 -22.32
N PHE G 121 18.59 17.57 -23.05
CA PHE G 121 17.59 16.58 -23.44
C PHE G 121 17.09 16.72 -24.86
N GLY G 122 17.44 17.77 -25.59
CA GLY G 122 16.94 17.98 -26.92
C GLY G 122 15.78 18.96 -26.93
N SER G 123 15.68 19.71 -28.03
CA SER G 123 14.61 20.70 -28.15
C SER G 123 13.24 20.06 -28.09
N GLN G 124 13.15 18.77 -28.41
CA GLN G 124 11.88 18.06 -28.50
C GLN G 124 11.29 17.76 -27.13
N ALA G 125 11.98 18.07 -26.03
CA ALA G 125 11.43 17.82 -24.71
C ALA G 125 10.93 19.08 -24.01
N VAL G 126 11.39 20.24 -24.42
CA VAL G 126 11.01 21.48 -23.76
C VAL G 126 9.75 22.03 -24.41
N VAL G 127 8.72 22.25 -23.59
CA VAL G 127 7.41 22.69 -24.02
C VAL G 127 7.04 23.91 -23.19
N VAL G 128 6.66 24.99 -23.87
CA VAL G 128 6.38 26.27 -23.23
C VAL G 128 4.88 26.54 -23.36
N TYR G 129 4.20 26.60 -22.22
CA TYR G 129 2.82 27.10 -22.17
C TYR G 129 2.88 28.62 -22.12
N ILE G 130 2.25 29.27 -23.10
CA ILE G 130 2.05 30.71 -23.10
C ILE G 130 0.59 30.96 -22.80
N ALA G 131 0.32 31.64 -21.70
CA ALA G 131 -1.04 32.07 -21.36
C ALA G 131 -1.20 33.49 -21.84
N ALA G 132 -2.32 33.78 -22.52
CA ALA G 132 -2.46 35.09 -23.14
C ALA G 132 -3.93 35.48 -23.23
N LYS G 133 -4.17 36.77 -23.09
CA LYS G 133 -5.51 37.33 -23.22
C LYS G 133 -5.34 38.74 -23.78
N ARG G 134 -6.42 39.24 -24.39
CA ARG G 134 -6.37 40.56 -25.00
C ARG G 134 -6.39 41.63 -23.92
N VAL G 135 -5.53 42.63 -24.08
CA VAL G 135 -5.51 43.81 -23.21
C VAL G 135 -5.26 45.01 -24.11
N ASP G 136 -6.15 46.00 -24.04
CA ASP G 136 -6.15 47.13 -24.94
C ASP G 136 -5.91 46.68 -26.36
N GLY G 137 -6.59 45.60 -26.72
CA GLY G 137 -6.50 45.06 -28.06
C GLY G 137 -5.15 44.52 -28.45
N GLU G 138 -4.38 44.02 -27.49
CA GLU G 138 -3.09 43.40 -27.76
C GLU G 138 -2.96 42.07 -27.02
N PHE G 139 -2.27 41.13 -27.64
CA PHE G 139 -2.12 39.79 -27.11
C PHE G 139 -0.95 39.78 -26.14
N MET G 140 -1.27 39.72 -24.86
CA MET G 140 -0.26 39.79 -23.83
C MET G 140 -0.07 38.54 -23.00
N VAL G 141 1.19 38.18 -22.80
CA VAL G 141 1.53 36.99 -22.07
C VAL G 141 1.28 37.20 -20.59
N PHE G 142 0.72 36.19 -19.94
CA PHE G 142 0.42 36.21 -18.52
C PHE G 142 1.10 35.04 -17.83
N THR G 143 1.32 35.19 -16.52
CA THR G 143 1.96 34.18 -15.68
C THR G 143 1.15 34.01 -14.41
N TYR G 144 1.62 33.13 -13.54
CA TYR G 144 1.02 32.92 -12.23
C TYR G 144 -0.47 32.64 -12.37
N SER G 145 -0.75 31.47 -12.98
CA SER G 145 -2.12 31.06 -13.32
C SER G 145 -2.85 32.14 -14.15
N GLY G 146 -2.11 32.79 -15.04
CA GLY G 146 -2.65 33.82 -15.90
C GLY G 146 -3.15 35.07 -15.21
N THR G 147 -2.70 35.33 -13.97
CA THR G 147 -3.15 36.46 -13.16
C THR G 147 -2.11 37.54 -12.99
N LYS G 148 -0.92 37.39 -13.61
CA LYS G 148 0.06 38.46 -13.66
C LYS G 148 0.24 38.84 -15.12
N ASN G 149 -0.10 40.08 -15.45
CA ASN G 149 0.18 40.57 -16.81
C ASN G 149 1.65 40.94 -16.86
N THR G 150 2.41 40.23 -17.69
CA THR G 150 3.85 40.39 -17.74
C THR G 150 4.30 41.43 -18.74
N GLY G 151 3.37 42.17 -19.36
CA GLY G 151 3.73 43.22 -20.30
C GLY G 151 4.62 42.75 -21.44
N ILE G 152 4.65 41.45 -21.69
CA ILE G 152 5.38 40.87 -22.83
C ILE G 152 4.37 40.59 -23.93
N LEU G 153 4.65 41.11 -25.13
CA LEU G 153 3.71 41.10 -26.25
C LEU G 153 3.82 39.77 -26.98
N LEU G 154 2.67 39.11 -27.19
CA LEU G 154 2.66 37.75 -27.76
C LEU G 154 3.40 37.67 -29.10
N ARG G 155 3.37 38.75 -29.89
CA ARG G 155 4.16 38.75 -31.11
C ARG G 155 5.65 38.64 -30.85
N ASP G 156 6.10 38.97 -29.63
CA ASP G 156 7.51 38.92 -29.29
C ASP G 156 7.86 37.61 -28.59
N TRP G 157 7.06 37.21 -27.59
CA TRP G 157 7.41 36.06 -26.76
C TRP G 157 7.37 34.74 -27.52
N VAL G 158 6.63 34.64 -28.63
CA VAL G 158 6.65 33.39 -29.38
C VAL G 158 8.03 33.18 -30.03
N VAL G 159 8.57 34.20 -30.68
CA VAL G 159 9.83 34.02 -31.40
C VAL G 159 11.00 33.90 -30.42
N GLU G 160 10.91 34.58 -29.27
CA GLU G 160 11.93 34.44 -28.24
C GLU G 160 11.95 33.03 -27.68
N VAL G 161 10.79 32.37 -27.60
CA VAL G 161 10.75 30.98 -27.14
C VAL G 161 11.22 30.03 -28.24
N GLU G 162 11.05 30.40 -29.52
CA GLU G 162 11.68 29.65 -30.61
C GLU G 162 13.19 29.88 -30.62
N LYS G 163 13.62 31.10 -30.28
CA LYS G 163 15.03 31.40 -30.08
C LYS G 163 15.67 30.41 -29.11
N ARG G 164 15.11 30.31 -27.89
CA ARG G 164 15.67 29.47 -26.83
C ARG G 164 15.58 27.97 -27.14
N GLY G 165 15.28 27.56 -28.37
CA GLY G 165 15.24 26.16 -28.69
C GLY G 165 14.08 25.40 -28.07
N ALA G 166 12.89 25.99 -28.07
CA ALA G 166 11.75 25.27 -27.54
C ALA G 166 11.20 24.31 -28.59
N GLY G 167 10.56 23.24 -28.12
CA GLY G 167 10.03 22.22 -29.02
C GLY G 167 8.70 22.57 -29.63
N GLU G 168 7.71 22.84 -28.77
CA GLU G 168 6.38 23.19 -29.22
C GLU G 168 5.77 24.13 -28.18
N ILE G 169 4.60 24.70 -28.53
CA ILE G 169 4.01 25.78 -27.76
C ILE G 169 2.54 25.46 -27.52
N VAL G 170 2.17 25.23 -26.27
CA VAL G 170 0.75 25.17 -25.89
C VAL G 170 0.24 26.61 -25.77
N LEU G 171 -0.71 26.98 -26.65
CA LEU G 171 -1.25 28.33 -26.72
C LEU G 171 -2.63 28.33 -26.07
N GLY G 172 -2.68 28.74 -24.80
CA GLY G 172 -3.91 28.70 -24.05
C GLY G 172 -4.48 30.08 -23.81
N SER G 173 -5.56 30.40 -24.53
CA SER G 173 -6.21 31.70 -24.43
C SER G 173 -6.96 31.82 -23.11
N ILE G 174 -6.58 32.81 -22.30
CA ILE G 174 -7.14 32.98 -20.96
C ILE G 174 -8.64 33.21 -21.04
N ASP G 175 -9.06 34.08 -21.96
CA ASP G 175 -10.46 34.48 -22.05
C ASP G 175 -11.40 33.28 -22.15
N ARG G 176 -10.94 32.18 -22.76
CA ARG G 176 -11.81 31.03 -23.00
C ARG G 176 -11.65 29.93 -21.96
N LEU G 177 -11.15 30.24 -20.76
CA LEU G 177 -11.11 29.23 -19.71
C LEU G 177 -12.54 28.89 -19.27
N GLY G 178 -12.79 27.60 -19.08
CA GLY G 178 -14.06 27.16 -18.57
C GLY G 178 -15.15 27.13 -19.62
N THR G 179 -15.21 28.18 -20.44
CA THR G 179 -16.27 28.26 -21.42
C THR G 179 -16.12 27.18 -22.50
N LYS G 180 -17.24 26.89 -23.15
CA LYS G 180 -17.31 25.82 -24.12
C LYS G 180 -17.69 26.38 -25.49
N SER G 181 -17.15 27.56 -25.78
CA SER G 181 -17.43 28.29 -27.01
C SER G 181 -16.40 28.01 -28.11
N GLY G 182 -15.46 27.12 -27.87
CA GLY G 182 -14.45 26.80 -28.86
C GLY G 182 -13.15 27.50 -28.59
N TYR G 183 -12.12 27.03 -29.30
CA TYR G 183 -10.79 27.59 -29.19
C TYR G 183 -10.76 29.02 -29.72
N ASP G 184 -9.77 29.78 -29.26
CA ASP G 184 -9.53 31.13 -29.75
C ASP G 184 -8.84 30.99 -31.09
N THR G 185 -9.64 30.85 -32.16
CA THR G 185 -9.06 30.66 -33.49
C THR G 185 -8.47 31.95 -34.05
N GLU G 186 -8.91 33.10 -33.56
CA GLU G 186 -8.26 34.36 -33.94
C GLU G 186 -6.86 34.45 -33.37
N MET G 187 -6.65 33.92 -32.16
CA MET G 187 -5.31 33.85 -31.58
C MET G 187 -4.40 32.94 -32.39
N ILE G 188 -4.78 31.66 -32.51
CA ILE G 188 -4.01 30.64 -33.23
C ILE G 188 -3.54 31.21 -34.57
N ARG G 189 -4.36 32.08 -35.16
CA ARG G 189 -4.08 32.70 -36.47
C ARG G 189 -3.21 33.94 -36.35
N PHE G 190 -3.21 34.60 -35.20
CA PHE G 190 -2.22 35.64 -34.93
C PHE G 190 -0.81 35.09 -35.00
N VAL G 191 -0.57 33.92 -34.40
CA VAL G 191 0.78 33.43 -34.15
C VAL G 191 1.26 32.41 -35.17
N ARG G 192 0.43 32.04 -36.15
CA ARG G 192 0.87 31.02 -37.10
C ARG G 192 1.99 31.48 -38.04
N PRO G 193 1.95 32.71 -38.58
CA PRO G 193 3.10 33.16 -39.37
C PRO G 193 4.32 33.48 -38.51
N LEU G 194 4.15 33.51 -37.19
CA LEU G 194 5.18 33.99 -36.27
C LEU G 194 6.20 32.92 -35.93
N THR G 195 5.78 31.66 -35.88
CA THR G 195 6.68 30.58 -35.52
C THR G 195 6.64 29.52 -36.61
N THR G 196 7.54 28.54 -36.45
CA THR G 196 7.51 27.31 -37.25
C THR G 196 7.44 26.08 -36.36
N LEU G 197 7.17 26.26 -35.06
CA LEU G 197 7.06 25.18 -34.09
C LEU G 197 5.65 24.61 -34.10
N PRO G 198 5.49 23.38 -33.64
CA PRO G 198 4.13 22.86 -33.45
C PRO G 198 3.35 23.69 -32.44
N ILE G 199 2.19 24.20 -32.88
CA ILE G 199 1.31 25.06 -32.10
C ILE G 199 0.19 24.19 -31.54
N ILE G 200 0.02 24.16 -30.22
CA ILE G 200 -1.03 23.36 -29.58
C ILE G 200 -2.10 24.31 -29.04
N ALA G 201 -3.35 24.12 -29.50
CA ALA G 201 -4.47 24.91 -29.03
C ALA G 201 -4.98 24.40 -27.69
N HIS G 202 -5.33 25.33 -26.80
CA HIS G 202 -5.91 25.02 -25.50
C HIS G 202 -6.84 26.16 -25.08
N ARG G 203 -8.01 25.78 -24.55
CA ARG G 203 -9.01 26.59 -23.86
C ARG G 203 -10.25 26.84 -24.70
N GLY G 204 -11.31 26.12 -24.40
CA GLY G 204 -12.57 26.47 -25.02
C GLY G 204 -13.36 25.33 -25.64
N ALA G 205 -12.68 24.29 -26.13
CA ALA G 205 -13.37 23.22 -26.83
C ALA G 205 -14.63 22.83 -26.09
N GLY G 206 -15.75 22.79 -26.81
CA GLY G 206 -17.04 22.56 -26.20
C GLY G 206 -17.87 21.59 -27.01
N LYS G 207 -17.59 21.48 -28.31
CA LYS G 207 -18.25 20.52 -29.16
C LYS G 207 -17.28 20.11 -30.26
N THR G 208 -17.65 19.06 -31.00
CA THR G 208 -16.66 18.44 -31.89
C THR G 208 -16.17 19.40 -32.96
N GLU G 209 -17.06 20.27 -33.47
CA GLU G 209 -16.71 21.20 -34.52
C GLU G 209 -15.65 22.23 -34.08
N HIS G 210 -15.36 22.33 -32.78
CA HIS G 210 -14.33 23.25 -32.32
C HIS G 210 -12.94 22.78 -32.68
N PHE G 211 -12.74 21.46 -32.77
CA PHE G 211 -11.44 20.93 -33.13
C PHE G 211 -11.16 21.20 -34.59
N LEU G 212 -12.17 21.05 -35.45
CA LEU G 212 -12.06 21.43 -36.86
C LEU G 212 -11.57 22.86 -37.01
N GLU G 213 -12.14 23.79 -36.23
CA GLU G 213 -11.82 25.20 -36.38
C GLU G 213 -10.40 25.50 -35.94
N ALA G 214 -9.94 24.84 -34.87
CA ALA G 214 -8.56 25.03 -34.43
C ALA G 214 -7.60 24.59 -35.51
N PHE G 215 -7.88 23.47 -36.16
CA PHE G 215 -6.97 22.94 -37.17
C PHE G 215 -6.96 23.79 -38.43
N LEU G 216 -8.11 24.34 -38.84
CA LEU G 216 -8.06 25.30 -39.95
C LEU G 216 -7.29 26.55 -39.56
N ALA G 217 -7.31 26.92 -38.28
CA ALA G 217 -6.64 28.16 -37.88
C ALA G 217 -5.13 28.05 -37.95
N GLY G 218 -4.57 26.85 -38.07
CA GLY G 218 -3.13 26.65 -38.18
C GLY G 218 -2.52 25.80 -37.06
N ALA G 219 -3.24 25.57 -35.96
CA ALA G 219 -2.75 24.70 -34.91
C ALA G 219 -2.37 23.33 -35.47
N ASP G 220 -1.43 22.67 -34.78
CA ASP G 220 -1.00 21.31 -35.10
C ASP G 220 -1.58 20.29 -34.15
N ALA G 221 -2.18 20.74 -33.05
CA ALA G 221 -2.80 19.85 -32.08
C ALA G 221 -3.82 20.64 -31.28
N ALA G 222 -4.84 19.95 -30.78
CA ALA G 222 -5.86 20.53 -29.92
C ALA G 222 -5.94 19.75 -28.62
N LYS G 223 -5.96 20.46 -27.50
CA LYS G 223 -5.99 19.84 -26.17
C LYS G 223 -7.22 20.25 -25.39
N ALA G 224 -7.86 19.27 -24.75
CA ALA G 224 -8.97 19.55 -23.86
C ALA G 224 -9.01 18.50 -22.75
N ASP G 225 -9.71 18.87 -21.68
CA ASP G 225 -9.64 18.15 -20.42
C ASP G 225 -10.98 17.61 -20.02
N SER G 226 -11.78 18.45 -19.34
CA SER G 226 -13.06 18.00 -18.81
C SER G 226 -14.03 17.63 -19.91
N VAL G 227 -13.86 18.19 -21.11
CA VAL G 227 -14.79 17.88 -22.19
C VAL G 227 -14.68 16.41 -22.56
N PHE G 228 -13.49 15.82 -22.43
CA PHE G 228 -13.36 14.40 -22.73
C PHE G 228 -13.77 13.55 -21.54
N HIS G 229 -13.25 13.88 -20.34
CA HIS G 229 -13.53 13.04 -19.17
C HIS G 229 -15.03 12.93 -18.93
N SER G 230 -15.76 14.03 -19.18
CA SER G 230 -17.20 14.09 -18.94
C SER G 230 -18.02 13.38 -20.00
N ARG G 231 -17.39 12.95 -21.09
CA ARG G 231 -18.06 12.29 -22.21
C ARG G 231 -19.05 13.21 -22.95
N GLU G 232 -18.84 14.52 -22.86
CA GLU G 232 -19.51 15.48 -23.73
C GLU G 232 -19.04 15.37 -25.16
N ILE G 233 -17.83 14.85 -25.37
CA ILE G 233 -17.25 14.61 -26.68
C ILE G 233 -16.53 13.27 -26.57
N ASP G 234 -16.90 12.31 -27.41
CA ASP G 234 -16.15 11.07 -27.42
C ASP G 234 -15.01 11.16 -28.42
N VAL G 235 -13.92 10.45 -28.11
CA VAL G 235 -12.64 10.67 -28.79
C VAL G 235 -12.60 9.96 -30.13
N ARG G 236 -13.05 8.71 -30.18
CA ARG G 236 -13.16 8.01 -31.46
C ARG G 236 -14.04 8.81 -32.43
N GLU G 237 -15.22 9.22 -31.98
CA GLU G 237 -16.10 10.02 -32.83
C GLU G 237 -15.41 11.30 -33.28
N LEU G 238 -14.65 11.93 -32.39
CA LEU G 238 -13.96 13.17 -32.78
C LEU G 238 -12.98 12.92 -33.91
N LYS G 239 -12.30 11.77 -33.88
CA LYS G 239 -11.28 11.52 -34.89
C LYS G 239 -11.92 11.16 -36.21
N GLU G 240 -12.91 10.25 -36.17
CA GLU G 240 -13.66 9.91 -37.37
C GLU G 240 -14.30 11.14 -38.01
N TYR G 241 -14.70 12.14 -37.20
CA TYR G 241 -15.34 13.32 -37.75
C TYR G 241 -14.34 14.16 -38.51
N LEU G 242 -13.12 14.25 -38.01
CA LEU G 242 -12.15 15.09 -38.66
C LEU G 242 -11.63 14.45 -39.95
N LYS G 243 -11.59 13.12 -39.97
CA LYS G 243 -11.03 12.42 -41.11
C LYS G 243 -12.02 12.42 -42.25
N LYS G 244 -13.30 12.27 -41.90
CA LYS G 244 -14.38 12.49 -42.84
C LYS G 244 -14.26 13.86 -43.52
N HIS G 245 -13.99 14.91 -42.74
CA HIS G 245 -13.93 16.27 -43.28
C HIS G 245 -12.53 16.72 -43.64
N GLY G 246 -11.64 15.77 -43.92
CA GLY G 246 -10.42 16.11 -44.62
C GLY G 246 -9.22 16.50 -43.79
N VAL G 247 -9.30 16.39 -42.45
CA VAL G 247 -8.16 16.62 -41.58
C VAL G 247 -7.40 15.32 -41.45
N ASN G 248 -6.06 15.43 -41.39
CA ASN G 248 -5.16 14.27 -41.39
C ASN G 248 -4.91 13.83 -39.95
N VAL G 249 -5.73 12.91 -39.48
CA VAL G 249 -5.64 12.33 -38.15
C VAL G 249 -5.41 10.84 -38.32
N ARG G 250 -4.66 10.24 -37.38
CA ARG G 250 -4.40 8.81 -37.42
C ARG G 250 -5.56 8.04 -36.78
N LEU G 251 -5.91 6.88 -37.37
CA LEU G 251 -7.02 6.06 -36.89
C LEU G 251 -6.59 4.62 -36.62
N GLU G 252 -5.31 4.41 -36.31
CA GLU G 252 -4.78 3.10 -35.97
C GLU G 252 -4.86 2.85 -34.47
N GLY G 253 -3.86 3.32 -33.72
CA GLY G 253 -3.81 3.10 -32.28
C GLY G 253 -4.81 3.92 -31.49
N LEU H 3 43.65 10.65 -11.55
CA LEU H 3 44.69 11.07 -12.48
C LEU H 3 44.48 10.44 -13.86
N ALA H 4 45.56 10.34 -14.63
CA ALA H 4 45.50 9.76 -15.96
C ALA H 4 45.21 8.26 -15.93
N LYS H 5 44.32 7.81 -16.82
CA LYS H 5 43.81 6.45 -16.77
C LYS H 5 44.94 5.43 -16.95
N ARG H 6 44.77 4.28 -16.30
CA ARG H 6 45.78 3.23 -16.27
C ARG H 6 45.41 2.10 -17.22
N ILE H 7 46.46 1.48 -17.77
CA ILE H 7 46.35 0.23 -18.51
C ILE H 7 47.10 -0.83 -17.71
N ASP H 8 46.38 -1.83 -17.24
CA ASP H 8 46.98 -2.92 -16.47
C ASP H 8 47.05 -4.17 -17.33
N ALA H 9 48.23 -4.81 -17.34
CA ALA H 9 48.40 -6.14 -17.88
C ALA H 9 48.42 -7.15 -16.75
N ALA H 10 47.69 -8.26 -16.93
CA ALA H 10 47.59 -9.32 -15.95
C ALA H 10 48.28 -10.56 -16.51
N LEU H 11 49.21 -11.12 -15.72
CA LEU H 11 49.99 -12.32 -16.06
C LEU H 11 49.52 -13.48 -15.18
N ILE H 12 48.95 -14.52 -15.79
CA ILE H 12 48.41 -15.68 -15.09
C ILE H 12 49.54 -16.68 -14.94
N LEU H 13 49.72 -17.22 -13.73
CA LEU H 13 50.91 -17.97 -13.37
C LEU H 13 50.59 -19.36 -12.81
N LYS H 14 51.28 -20.38 -13.33
CA LYS H 14 51.31 -21.71 -12.74
C LYS H 14 52.75 -22.13 -12.49
N ASP H 15 53.01 -22.58 -11.26
CA ASP H 15 54.34 -23.01 -10.81
C ASP H 15 55.41 -21.98 -11.19
N GLY H 16 55.07 -20.70 -11.10
CA GLY H 16 56.02 -19.65 -11.45
C GLY H 16 56.23 -19.44 -12.93
N ARG H 17 55.31 -19.91 -13.77
CA ARG H 17 55.40 -19.73 -15.22
C ARG H 17 54.15 -19.05 -15.75
N VAL H 18 54.32 -18.15 -16.71
CA VAL H 18 53.16 -17.56 -17.39
C VAL H 18 52.40 -18.64 -18.15
N VAL H 19 51.11 -18.80 -17.82
CA VAL H 19 50.23 -19.72 -18.54
C VAL H 19 50.06 -19.24 -19.98
N LYS H 20 50.18 -20.16 -20.93
CA LYS H 20 50.22 -19.90 -22.37
C LYS H 20 51.37 -18.98 -22.74
N GLY H 21 51.92 -18.25 -21.77
CA GLY H 21 53.12 -17.48 -22.06
C GLY H 21 52.85 -16.22 -22.87
N SER H 22 53.68 -16.01 -23.88
CA SER H 22 53.66 -14.75 -24.61
C SER H 22 54.22 -14.95 -26.01
N ASN H 23 53.74 -14.14 -26.95
CA ASN H 23 54.17 -14.25 -28.35
C ASN H 23 55.25 -13.24 -28.70
N PHE H 24 55.85 -12.59 -27.72
CA PHE H 24 56.92 -11.63 -27.99
C PHE H 24 58.18 -12.41 -28.34
N GLU H 25 58.36 -12.59 -29.65
CA GLU H 25 59.56 -13.17 -30.23
C GLU H 25 60.87 -12.68 -29.60
N ASN H 26 61.02 -11.36 -29.42
CA ASN H 26 62.33 -10.82 -29.04
C ASN H 26 62.73 -11.18 -27.60
N LEU H 27 61.78 -11.64 -26.78
CA LEU H 27 62.10 -12.06 -25.43
C LEU H 27 63.09 -13.24 -25.46
N ARG H 28 63.62 -13.56 -24.28
CA ARG H 28 64.50 -14.71 -24.15
C ARG H 28 63.82 -15.89 -23.47
N ASP H 29 62.77 -15.66 -22.69
CA ASP H 29 61.92 -16.72 -22.18
C ASP H 29 60.51 -16.13 -22.16
N SER H 30 59.86 -16.20 -23.33
CA SER H 30 58.48 -15.78 -23.56
C SER H 30 57.52 -16.08 -22.41
N GLY H 31 57.80 -17.11 -21.61
CA GLY H 31 56.91 -17.46 -20.52
C GLY H 31 57.43 -17.15 -19.13
N ASP H 32 58.45 -16.31 -19.02
CA ASP H 32 59.00 -15.97 -17.70
C ASP H 32 58.41 -14.64 -17.25
N PRO H 33 57.66 -14.60 -16.14
CA PRO H 33 56.92 -13.37 -15.81
C PRO H 33 57.82 -12.17 -15.54
N VAL H 34 58.99 -12.38 -14.93
CA VAL H 34 59.92 -11.28 -14.71
C VAL H 34 60.31 -10.62 -16.02
N GLU H 35 60.77 -11.41 -16.99
CA GLU H 35 61.21 -10.82 -18.25
C GLU H 35 60.04 -10.29 -19.07
N LEU H 36 58.90 -11.00 -19.07
CA LEU H 36 57.70 -10.47 -19.70
C LEU H 36 57.22 -9.23 -18.95
N GLY H 37 57.20 -9.30 -17.61
CA GLY H 37 56.75 -8.16 -16.83
C GLY H 37 57.59 -6.90 -17.03
N LYS H 38 58.90 -7.06 -17.15
CA LYS H 38 59.77 -5.90 -17.39
C LYS H 38 59.54 -5.30 -18.77
N PHE H 39 59.21 -6.14 -19.76
CA PHE H 39 59.01 -5.67 -21.12
C PHE H 39 57.73 -4.85 -21.25
N TYR H 40 56.73 -5.13 -20.42
CA TYR H 40 55.51 -4.33 -20.46
C TYR H 40 55.77 -2.93 -19.90
N SER H 41 56.31 -2.85 -18.69
CA SER H 41 56.72 -1.56 -18.15
C SER H 41 57.74 -0.83 -19.01
N GLU H 42 58.33 -1.46 -20.04
CA GLU H 42 59.25 -0.73 -20.91
C GLU H 42 58.54 -0.07 -22.10
N ILE H 43 57.38 -0.57 -22.50
CA ILE H 43 56.73 -0.04 -23.69
C ILE H 43 55.41 0.64 -23.39
N GLY H 44 54.89 0.53 -22.18
CA GLY H 44 53.82 1.44 -21.79
C GLY H 44 52.80 0.93 -20.81
N ILE H 45 52.90 -0.32 -20.36
CA ILE H 45 51.96 -0.79 -19.36
C ILE H 45 52.17 0.02 -18.10
N ASP H 46 51.08 0.25 -17.35
CA ASP H 46 51.12 1.11 -16.18
C ASP H 46 51.25 0.37 -14.86
N GLU H 47 50.66 -0.82 -14.74
CA GLU H 47 50.71 -1.58 -13.51
C GLU H 47 50.59 -3.05 -13.91
N LEU H 48 51.26 -3.92 -13.15
CA LEU H 48 51.25 -5.34 -13.44
C LEU H 48 50.42 -6.08 -12.41
N SER H 49 49.99 -7.28 -12.79
CA SER H 49 49.19 -8.16 -11.93
C SER H 49 49.61 -9.61 -12.16
N PHE H 50 50.37 -10.16 -11.22
CA PHE H 50 50.70 -11.58 -11.21
C PHE H 50 49.61 -12.32 -10.45
N TRP H 51 48.86 -13.18 -11.17
CA TRP H 51 47.74 -13.93 -10.62
C TRP H 51 48.08 -15.42 -10.64
N ASP H 52 47.99 -16.07 -9.48
CA ASP H 52 48.51 -17.43 -9.28
C ASP H 52 47.35 -18.39 -9.15
N ILE H 53 47.34 -19.41 -10.02
CA ILE H 53 46.31 -20.44 -10.01
C ILE H 53 46.77 -21.70 -9.33
N THR H 54 48.04 -21.75 -8.92
CA THR H 54 48.62 -22.96 -8.35
C THR H 54 47.76 -23.47 -7.20
N ALA H 55 47.64 -24.80 -7.12
CA ALA H 55 46.91 -25.46 -6.04
C ALA H 55 47.84 -26.26 -5.15
N SER H 56 49.13 -25.94 -5.19
CA SER H 56 50.15 -26.67 -4.46
C SER H 56 50.61 -25.81 -3.28
N VAL H 57 50.67 -26.43 -2.10
CA VAL H 57 51.24 -25.76 -0.94
C VAL H 57 52.76 -25.80 -0.98
N GLU H 58 53.35 -26.68 -1.79
CA GLU H 58 54.78 -26.61 -2.03
C GLU H 58 55.20 -25.34 -2.76
N LYS H 59 54.24 -24.58 -3.32
CA LYS H 59 54.56 -23.42 -4.15
C LYS H 59 53.73 -22.18 -3.78
N ARG H 60 53.18 -22.14 -2.57
CA ARG H 60 52.84 -20.84 -2.00
C ARG H 60 54.10 -20.11 -1.55
N LYS H 61 55.16 -20.86 -1.20
CA LYS H 61 56.45 -20.25 -0.93
C LYS H 61 57.03 -19.60 -2.19
N THR H 62 56.98 -20.31 -3.34
CA THR H 62 57.60 -19.79 -4.56
C THR H 62 57.02 -18.44 -4.96
N MET H 63 55.76 -18.19 -4.63
CA MET H 63 55.18 -16.88 -4.91
C MET H 63 56.02 -15.78 -4.26
N LEU H 64 56.46 -15.99 -3.01
CA LEU H 64 57.28 -15.00 -2.34
C LEU H 64 58.63 -14.84 -3.04
N GLU H 65 59.28 -15.94 -3.42
CA GLU H 65 60.52 -15.80 -4.17
C GLU H 65 60.30 -15.05 -5.48
N LEU H 66 59.11 -15.22 -6.08
CA LEU H 66 58.78 -14.54 -7.32
C LEU H 66 58.60 -13.04 -7.10
N VAL H 67 57.80 -12.66 -6.11
CA VAL H 67 57.54 -11.25 -5.86
C VAL H 67 58.81 -10.45 -5.59
N GLU H 68 59.90 -11.09 -5.17
CA GLU H 68 61.10 -10.31 -4.87
C GLU H 68 61.94 -10.07 -6.10
N LYS H 69 61.94 -11.02 -7.05
CA LYS H 69 62.63 -10.78 -8.31
C LYS H 69 61.81 -9.82 -9.18
N VAL H 70 60.48 -9.95 -9.15
CA VAL H 70 59.62 -8.99 -9.82
C VAL H 70 59.85 -7.58 -9.27
N ALA H 71 60.06 -7.46 -7.96
CA ALA H 71 60.11 -6.15 -7.30
C ALA H 71 61.43 -5.42 -7.52
N GLU H 72 62.53 -6.16 -7.68
CA GLU H 72 63.82 -5.52 -7.84
C GLU H 72 64.12 -5.13 -9.28
N GLN H 73 63.58 -5.88 -10.25
CA GLN H 73 63.82 -5.58 -11.65
C GLN H 73 62.73 -4.75 -12.30
N ILE H 74 61.58 -4.55 -11.65
CA ILE H 74 60.46 -3.82 -12.22
C ILE H 74 60.09 -2.66 -11.31
N ASP H 75 59.91 -1.47 -11.89
CA ASP H 75 59.64 -0.25 -11.14
C ASP H 75 58.32 0.39 -11.56
N ILE H 76 57.27 -0.40 -11.66
CA ILE H 76 55.89 0.09 -11.69
C ILE H 76 55.16 -0.75 -10.65
N PRO H 77 53.92 -0.42 -10.28
CA PRO H 77 53.28 -1.12 -9.16
C PRO H 77 52.96 -2.58 -9.48
N ILE H 78 53.33 -3.46 -8.54
CA ILE H 78 53.05 -4.90 -8.63
C ILE H 78 51.84 -5.23 -7.78
N THR H 79 50.85 -5.89 -8.37
CA THR H 79 49.77 -6.49 -7.62
C THR H 79 50.00 -8.00 -7.62
N VAL H 80 49.51 -8.67 -6.57
CA VAL H 80 49.52 -10.13 -6.52
C VAL H 80 48.13 -10.58 -6.09
N GLY H 81 47.69 -11.70 -6.63
CA GLY H 81 46.37 -12.22 -6.31
C GLY H 81 46.34 -13.70 -6.56
N GLY H 82 45.16 -14.29 -6.35
CA GLY H 82 44.99 -15.70 -6.60
C GLY H 82 44.77 -16.52 -5.34
N GLY H 83 45.84 -16.86 -4.63
CA GLY H 83 45.69 -17.73 -3.48
C GLY H 83 45.83 -17.06 -2.12
N ILE H 84 45.14 -15.93 -1.90
CA ILE H 84 45.35 -15.11 -0.71
C ILE H 84 44.11 -15.19 0.16
N TYR H 85 44.20 -15.93 1.28
CA TYR H 85 43.04 -16.23 2.10
C TYR H 85 43.14 -15.74 3.54
N ASP H 86 44.22 -15.07 3.93
CA ASP H 86 44.35 -14.66 5.32
C ASP H 86 45.24 -13.43 5.39
N PHE H 87 45.42 -12.91 6.60
CA PHE H 87 46.26 -11.74 6.78
C PHE H 87 47.71 -12.02 6.40
N GLU H 88 48.26 -13.16 6.80
CA GLU H 88 49.70 -13.31 6.75
C GLU H 88 50.20 -13.85 5.42
N THR H 89 49.33 -14.46 4.62
CA THR H 89 49.66 -14.54 3.20
C THR H 89 49.90 -13.10 2.75
N ALA H 90 48.85 -12.28 2.80
CA ALA H 90 48.93 -10.91 2.32
C ALA H 90 50.11 -10.16 2.95
N SER H 91 50.27 -10.31 4.26
CA SER H 91 51.37 -9.66 4.96
C SER H 91 52.73 -10.15 4.43
N GLU H 92 52.94 -11.46 4.40
CA GLU H 92 54.22 -11.95 3.87
C GLU H 92 54.43 -11.52 2.43
N LEU H 93 53.35 -11.43 1.63
CA LEU H 93 53.50 -10.99 0.23
C LEU H 93 53.74 -9.49 0.13
N ILE H 94 52.98 -8.66 0.86
CA ILE H 94 53.23 -7.21 0.81
C ILE H 94 54.64 -6.89 1.30
N LEU H 95 55.02 -7.46 2.45
CA LEU H 95 56.33 -7.16 3.02
C LEU H 95 57.43 -7.48 2.03
N ARG H 96 57.34 -8.62 1.37
CA ARG H 96 58.47 -9.10 0.61
C ARG H 96 58.63 -8.37 -0.72
N GLY H 97 57.60 -7.63 -1.18
CA GLY H 97 57.82 -6.76 -2.33
C GLY H 97 56.60 -6.46 -3.20
N ALA H 98 55.46 -7.08 -2.92
CA ALA H 98 54.23 -6.69 -3.59
C ALA H 98 53.78 -5.33 -3.07
N ASP H 99 53.33 -4.46 -4.00
CA ASP H 99 52.75 -3.18 -3.59
C ASP H 99 51.32 -3.33 -3.11
N LYS H 100 50.59 -4.28 -3.67
CA LYS H 100 49.22 -4.47 -3.26
C LYS H 100 48.92 -5.95 -3.34
N VAL H 101 47.86 -6.32 -2.62
CA VAL H 101 47.41 -7.70 -2.50
C VAL H 101 45.95 -7.74 -2.95
N GLU H 102 45.60 -8.74 -3.75
CA GLU H 102 44.26 -8.87 -4.32
C GLU H 102 43.54 -10.02 -3.65
N ILE H 103 42.45 -9.71 -2.96
CA ILE H 103 41.63 -10.72 -2.30
C ILE H 103 40.22 -10.68 -2.88
N ASN H 104 39.59 -11.84 -2.91
CA ASN H 104 38.27 -11.97 -3.50
C ASN H 104 37.36 -12.82 -2.62
N THR H 105 37.63 -14.13 -2.56
CA THR H 105 36.78 -15.00 -1.75
C THR H 105 37.02 -14.79 -0.26
N ALA H 106 38.27 -14.56 0.14
CA ALA H 106 38.54 -14.29 1.55
C ALA H 106 37.95 -12.96 1.98
N ALA H 107 37.80 -12.03 1.05
CA ALA H 107 37.11 -10.78 1.34
C ALA H 107 35.65 -11.01 1.65
N VAL H 108 34.98 -11.88 0.87
CA VAL H 108 33.54 -12.05 1.01
C VAL H 108 33.19 -12.71 2.33
N GLU H 109 33.85 -13.83 2.63
CA GLU H 109 33.55 -14.60 3.84
C GLU H 109 33.99 -13.87 5.09
N ASN H 110 35.05 -13.06 5.00
CA ASN H 110 35.60 -12.35 6.15
C ASN H 110 35.86 -10.90 5.73
N PRO H 111 34.80 -10.08 5.66
CA PRO H 111 35.00 -8.65 5.32
C PRO H 111 35.95 -7.94 6.27
N SER H 112 36.14 -8.47 7.47
CA SER H 112 37.10 -7.88 8.41
C SER H 112 38.53 -7.95 7.88
N LEU H 113 38.80 -8.86 6.93
CA LEU H 113 40.15 -9.02 6.42
C LEU H 113 40.59 -7.85 5.54
N ILE H 114 39.67 -7.22 4.82
CA ILE H 114 40.07 -6.02 4.09
C ILE H 114 40.46 -4.91 5.06
N THR H 115 39.69 -4.75 6.16
CA THR H 115 40.03 -3.76 7.16
C THR H 115 41.42 -4.02 7.72
N GLN H 116 41.72 -5.28 8.04
CA GLN H 116 42.99 -5.64 8.68
C GLN H 116 44.19 -5.22 7.85
N ILE H 117 44.25 -5.64 6.58
CA ILE H 117 45.35 -5.26 5.70
C ILE H 117 45.42 -3.75 5.56
N ALA H 118 44.26 -3.10 5.38
CA ALA H 118 44.25 -1.68 5.05
C ALA H 118 44.94 -0.85 6.13
N GLN H 119 44.76 -1.23 7.39
CA GLN H 119 45.42 -0.51 8.48
C GLN H 119 46.93 -0.74 8.45
N THR H 120 47.33 -2.00 8.63
CA THR H 120 48.75 -2.31 8.83
C THR H 120 49.62 -1.90 7.64
N PHE H 121 49.07 -1.86 6.43
CA PHE H 121 49.92 -1.70 5.25
C PHE H 121 49.58 -0.52 4.37
N GLY H 122 48.42 0.11 4.57
CA GLY H 122 47.92 1.14 3.70
C GLY H 122 46.61 0.69 3.08
N SER H 123 45.69 1.63 2.88
CA SER H 123 44.40 1.31 2.27
C SER H 123 44.59 0.92 0.81
N GLN H 124 45.66 1.42 0.19
CA GLN H 124 45.96 1.13 -1.20
C GLN H 124 46.85 -0.10 -1.37
N ALA H 125 47.11 -0.84 -0.31
CA ALA H 125 47.78 -2.13 -0.47
C ALA H 125 46.79 -3.28 -0.62
N VAL H 126 45.48 -3.00 -0.57
CA VAL H 126 44.46 -4.01 -0.85
C VAL H 126 43.74 -3.68 -2.13
N VAL H 127 43.48 -4.71 -2.93
CA VAL H 127 42.55 -4.67 -4.03
C VAL H 127 41.49 -5.75 -3.83
N VAL H 128 40.22 -5.38 -4.01
CA VAL H 128 39.09 -6.29 -3.83
C VAL H 128 38.55 -6.63 -5.21
N TYR H 129 38.60 -7.92 -5.58
CA TYR H 129 38.05 -8.37 -6.86
C TYR H 129 36.60 -8.76 -6.66
N ILE H 130 35.70 -8.14 -7.44
CA ILE H 130 34.28 -8.50 -7.42
C ILE H 130 33.93 -9.07 -8.78
N ALA H 131 33.95 -10.39 -8.89
CA ALA H 131 33.32 -11.05 -10.03
C ALA H 131 31.81 -10.94 -9.89
N ALA H 132 31.13 -10.53 -10.98
CA ALA H 132 29.71 -10.27 -10.93
C ALA H 132 29.06 -10.62 -12.26
N LYS H 133 27.86 -11.17 -12.21
CA LYS H 133 27.13 -11.49 -13.43
C LYS H 133 25.65 -11.32 -13.17
N ARG H 134 24.92 -10.99 -14.24
CA ARG H 134 23.48 -10.75 -14.15
C ARG H 134 22.75 -12.02 -13.74
N VAL H 135 22.04 -11.96 -12.62
CA VAL H 135 21.17 -13.05 -12.16
C VAL H 135 19.79 -12.47 -11.93
N ASP H 136 18.80 -12.95 -12.67
CA ASP H 136 17.41 -12.50 -12.55
C ASP H 136 17.29 -11.01 -12.85
N GLY H 137 18.16 -10.47 -13.70
CA GLY H 137 18.13 -9.06 -14.01
C GLY H 137 18.80 -8.16 -12.99
N GLU H 138 19.56 -8.73 -12.06
CA GLU H 138 20.27 -7.95 -11.06
C GLU H 138 21.67 -8.52 -10.90
N PHE H 139 22.63 -7.65 -10.60
CA PHE H 139 24.03 -8.06 -10.46
C PHE H 139 24.23 -8.75 -9.11
N MET H 140 24.92 -9.90 -9.12
CA MET H 140 25.23 -10.64 -7.90
C MET H 140 26.70 -10.98 -7.89
N VAL H 141 27.32 -10.86 -6.70
CA VAL H 141 28.74 -11.17 -6.52
C VAL H 141 28.91 -12.68 -6.47
N PHE H 142 30.01 -13.17 -7.03
CA PHE H 142 30.25 -14.61 -7.11
C PHE H 142 31.65 -14.89 -6.59
N THR H 143 31.76 -15.93 -5.79
CA THR H 143 33.02 -16.35 -5.22
C THR H 143 33.40 -17.71 -5.79
N TYR H 144 34.60 -18.17 -5.42
CA TYR H 144 35.12 -19.46 -5.87
C TYR H 144 35.17 -19.51 -7.40
N SER H 145 35.96 -18.59 -7.96
CA SER H 145 36.13 -18.44 -9.40
C SER H 145 34.78 -18.25 -10.11
N GLY H 146 33.96 -17.38 -9.55
CA GLY H 146 32.68 -17.02 -10.15
C GLY H 146 31.62 -18.09 -10.16
N THR H 147 31.76 -19.12 -9.33
CA THR H 147 30.93 -20.31 -9.37
C THR H 147 30.20 -20.53 -8.04
N LYS H 148 29.66 -19.46 -7.43
CA LYS H 148 28.79 -19.58 -6.27
C LYS H 148 28.05 -18.28 -6.01
N ASN H 149 26.74 -18.23 -6.32
CA ASN H 149 25.97 -17.02 -6.04
C ASN H 149 26.01 -16.75 -4.55
N THR H 150 26.54 -15.59 -4.17
CA THR H 150 26.63 -15.24 -2.76
C THR H 150 25.39 -14.53 -2.25
N GLY H 151 24.34 -14.38 -3.06
CA GLY H 151 23.16 -13.65 -2.64
C GLY H 151 23.41 -12.21 -2.25
N ILE H 152 24.63 -11.71 -2.41
CA ILE H 152 24.99 -10.35 -2.05
C ILE H 152 24.92 -9.50 -3.32
N LEU H 153 23.92 -8.61 -3.38
CA LEU H 153 23.82 -7.64 -4.47
C LEU H 153 25.15 -6.90 -4.66
N LEU H 154 25.49 -6.61 -5.92
CA LEU H 154 26.67 -5.80 -6.21
C LEU H 154 26.52 -4.40 -5.65
N ARG H 155 25.31 -3.85 -5.67
CA ARG H 155 25.06 -2.53 -5.11
C ARG H 155 25.57 -2.43 -3.67
N ASP H 156 25.37 -3.48 -2.87
CA ASP H 156 25.76 -3.44 -1.47
C ASP H 156 27.24 -3.66 -1.29
N TRP H 157 27.79 -4.69 -1.97
CA TRP H 157 29.16 -5.10 -1.71
C TRP H 157 30.16 -4.02 -2.09
N VAL H 158 29.85 -3.21 -3.10
CA VAL H 158 30.77 -2.14 -3.48
C VAL H 158 30.87 -1.11 -2.36
N VAL H 159 29.75 -0.82 -1.70
CA VAL H 159 29.75 0.21 -0.67
C VAL H 159 30.39 -0.32 0.61
N GLU H 160 30.11 -1.58 0.95
CA GLU H 160 30.77 -2.22 2.07
C GLU H 160 32.27 -2.31 1.86
N VAL H 161 32.69 -2.71 0.66
CA VAL H 161 34.11 -2.87 0.37
C VAL H 161 34.84 -1.55 0.57
N GLU H 162 34.19 -0.45 0.17
CA GLU H 162 34.71 0.88 0.46
C GLU H 162 34.75 1.14 1.95
N LYS H 163 33.63 0.86 2.62
CA LYS H 163 33.46 1.14 4.04
C LYS H 163 34.49 0.40 4.89
N ARG H 164 35.04 -0.72 4.41
CA ARG H 164 36.01 -1.48 5.19
C ARG H 164 37.46 -1.14 4.86
N GLY H 165 37.72 -0.11 4.05
CA GLY H 165 39.06 0.38 3.80
C GLY H 165 39.77 -0.13 2.56
N ALA H 166 39.04 -0.68 1.59
CA ALA H 166 39.64 -1.08 0.33
C ALA H 166 40.23 0.12 -0.39
N GLY H 167 41.22 -0.16 -1.22
CA GLY H 167 41.93 0.90 -1.91
C GLY H 167 41.50 1.05 -3.34
N GLU H 168 41.07 -0.05 -3.97
CA GLU H 168 40.45 -0.03 -5.29
C GLU H 168 39.65 -1.31 -5.48
N ILE H 169 38.74 -1.26 -6.43
CA ILE H 169 37.94 -2.40 -6.86
C ILE H 169 38.47 -2.86 -8.20
N VAL H 170 38.50 -4.17 -8.41
CA VAL H 170 38.59 -4.72 -9.75
C VAL H 170 37.19 -5.23 -10.13
N LEU H 171 36.57 -4.62 -11.12
CA LEU H 171 35.25 -5.05 -11.59
C LEU H 171 35.46 -6.09 -12.68
N GLY H 172 35.00 -7.32 -12.43
CA GLY H 172 35.19 -8.38 -13.40
C GLY H 172 33.90 -9.06 -13.81
N SER H 173 33.43 -8.81 -15.03
CA SER H 173 32.16 -9.36 -15.46
C SER H 173 32.39 -10.80 -15.91
N ILE H 174 31.81 -11.73 -15.14
CA ILE H 174 31.93 -13.16 -15.42
C ILE H 174 31.47 -13.47 -16.84
N ASP H 175 30.26 -13.03 -17.21
CA ASP H 175 29.66 -13.25 -18.52
C ASP H 175 30.63 -13.08 -19.68
N ARG H 176 31.53 -12.09 -19.59
CA ARG H 176 32.42 -11.74 -20.69
C ARG H 176 33.73 -12.54 -20.73
N LEU H 177 33.88 -13.59 -19.90
CA LEU H 177 35.15 -14.30 -19.75
C LEU H 177 35.54 -15.01 -21.04
N GLY H 178 36.69 -14.63 -21.61
CA GLY H 178 37.12 -15.12 -22.90
C GLY H 178 36.14 -14.84 -24.03
N THR H 179 35.74 -13.58 -24.20
CA THR H 179 34.87 -13.16 -25.31
C THR H 179 35.32 -11.79 -25.78
N LYS H 180 35.69 -11.68 -27.05
CA LYS H 180 36.14 -10.41 -27.60
C LYS H 180 35.02 -9.42 -27.95
N SER H 181 34.00 -9.29 -27.10
CA SER H 181 32.92 -8.34 -27.37
C SER H 181 32.97 -7.08 -26.50
N GLY H 182 34.13 -6.67 -25.99
CA GLY H 182 34.24 -5.47 -25.20
C GLY H 182 33.95 -5.66 -23.70
N TYR H 183 34.35 -4.64 -22.93
CA TYR H 183 34.09 -4.66 -21.50
C TYR H 183 32.61 -4.45 -21.22
N ASP H 184 32.13 -5.05 -20.14
CA ASP H 184 30.77 -4.86 -19.65
C ASP H 184 30.51 -3.41 -19.19
N THR H 185 30.52 -2.46 -20.13
CA THR H 185 30.35 -1.05 -19.78
C THR H 185 29.06 -0.78 -19.01
N GLU H 186 28.02 -1.59 -19.22
CA GLU H 186 26.80 -1.42 -18.43
C GLU H 186 27.10 -1.56 -16.94
N MET H 187 27.89 -2.56 -16.56
CA MET H 187 28.25 -2.81 -15.17
C MET H 187 29.11 -1.67 -14.61
N ILE H 188 30.20 -1.32 -15.30
CA ILE H 188 31.03 -0.20 -14.87
C ILE H 188 30.16 1.02 -14.59
N ARG H 189 29.27 1.35 -15.54
CA ARG H 189 28.32 2.46 -15.40
C ARG H 189 27.42 2.27 -14.18
N PHE H 190 26.97 1.04 -13.95
CA PHE H 190 26.06 0.75 -12.85
C PHE H 190 26.69 1.09 -11.52
N VAL H 191 28.00 0.85 -11.41
CA VAL H 191 28.73 0.94 -10.16
C VAL H 191 29.37 2.31 -9.95
N ARG H 192 29.73 3.00 -11.05
CA ARG H 192 30.46 4.26 -10.96
C ARG H 192 29.90 5.25 -9.94
N PRO H 193 28.58 5.48 -9.84
CA PRO H 193 28.10 6.40 -8.79
C PRO H 193 28.19 5.81 -7.39
N LEU H 194 28.21 4.49 -7.23
CA LEU H 194 28.06 3.90 -5.91
C LEU H 194 29.34 3.90 -5.08
N THR H 195 30.46 4.34 -5.63
CA THR H 195 31.71 4.37 -4.88
C THR H 195 32.61 5.47 -5.41
N THR H 196 33.48 5.94 -4.52
CA THR H 196 34.49 6.92 -4.87
C THR H 196 35.78 6.26 -5.32
N LEU H 197 35.84 4.97 -5.28
CA LEU H 197 37.08 4.21 -5.34
C LEU H 197 37.50 3.93 -6.78
N PRO H 198 38.80 3.89 -7.06
CA PRO H 198 39.26 3.62 -8.43
C PRO H 198 38.72 2.28 -8.91
N ILE H 199 38.25 2.25 -10.16
CA ILE H 199 37.61 1.09 -10.76
C ILE H 199 38.47 0.56 -11.90
N ILE H 200 38.69 -0.75 -11.90
CA ILE H 200 39.49 -1.45 -12.89
C ILE H 200 38.55 -2.34 -13.68
N ALA H 201 38.40 -2.06 -14.97
CA ALA H 201 37.56 -2.91 -15.81
C ALA H 201 38.26 -4.22 -16.07
N HIS H 202 37.52 -5.32 -15.98
CA HIS H 202 38.12 -6.60 -16.31
C HIS H 202 37.16 -7.47 -17.11
N ARG H 203 37.72 -8.11 -18.14
CA ARG H 203 37.11 -9.13 -19.00
C ARG H 203 36.35 -8.53 -20.18
N GLY H 204 36.64 -9.02 -21.39
CA GLY H 204 35.92 -8.63 -22.60
C GLY H 204 36.79 -8.06 -23.70
N ALA H 205 37.89 -7.40 -23.34
CA ALA H 205 38.69 -6.66 -24.31
C ALA H 205 39.17 -7.57 -25.43
N GLY H 206 38.78 -7.24 -26.65
CA GLY H 206 39.28 -7.91 -27.83
C GLY H 206 39.85 -6.95 -28.86
N LYS H 207 39.60 -5.66 -28.73
CA LYS H 207 40.10 -4.72 -29.73
C LYS H 207 40.26 -3.35 -29.10
N THR H 208 41.10 -2.52 -29.73
CA THR H 208 41.52 -1.30 -29.06
C THR H 208 40.36 -0.37 -28.73
N GLU H 209 39.34 -0.31 -29.58
CA GLU H 209 38.21 0.57 -29.29
C GLU H 209 37.56 0.25 -27.95
N HIS H 210 37.72 -1.00 -27.46
CA HIS H 210 37.06 -1.42 -26.23
C HIS H 210 37.57 -0.68 -25.01
N PHE H 211 38.81 -0.21 -25.04
CA PHE H 211 39.33 0.53 -23.89
C PHE H 211 38.72 1.92 -23.79
N LEU H 212 38.54 2.60 -24.93
CA LEU H 212 37.77 3.86 -24.97
C LEU H 212 36.41 3.70 -24.28
N GLU H 213 35.67 2.64 -24.62
CA GLU H 213 34.34 2.47 -24.04
C GLU H 213 34.42 2.35 -22.52
N ALA H 214 35.30 1.48 -22.01
CA ALA H 214 35.39 1.30 -20.55
C ALA H 214 35.81 2.59 -19.86
N PHE H 215 36.65 3.40 -20.49
CA PHE H 215 36.99 4.67 -19.88
C PHE H 215 35.82 5.65 -19.97
N LEU H 216 35.04 5.63 -21.07
CA LEU H 216 33.85 6.48 -21.15
C LEU H 216 32.75 6.04 -20.20
N ALA H 217 32.82 4.84 -19.63
CA ALA H 217 31.85 4.45 -18.61
C ALA H 217 32.35 4.73 -17.20
N GLY H 218 33.52 5.33 -17.07
CA GLY H 218 34.01 5.72 -15.77
C GLY H 218 35.01 4.78 -15.13
N ALA H 219 35.46 3.74 -15.82
CA ALA H 219 36.60 3.00 -15.29
C ALA H 219 37.76 3.97 -15.11
N ASP H 220 38.57 3.70 -14.10
CA ASP H 220 39.78 4.46 -13.87
C ASP H 220 40.99 3.79 -14.50
N ALA H 221 40.79 2.61 -15.05
CA ALA H 221 41.85 1.71 -15.50
C ALA H 221 41.16 0.50 -16.12
N ALA H 222 41.91 -0.23 -16.93
CA ALA H 222 41.34 -1.43 -17.51
C ALA H 222 42.44 -2.45 -17.66
N LYS H 223 42.07 -3.72 -17.48
CA LYS H 223 43.02 -4.81 -17.33
C LYS H 223 42.69 -5.90 -18.33
N ALA H 224 43.63 -6.24 -19.19
CA ALA H 224 43.55 -7.42 -20.03
C ALA H 224 44.75 -8.34 -19.80
N ASP H 225 44.67 -9.53 -20.38
CA ASP H 225 45.76 -10.50 -20.29
C ASP H 225 46.10 -11.06 -21.67
N SER H 226 45.32 -12.06 -22.10
CA SER H 226 45.63 -12.77 -23.35
C SER H 226 45.77 -11.81 -24.52
N VAL H 227 44.89 -10.81 -24.60
CA VAL H 227 44.91 -9.87 -25.71
C VAL H 227 46.23 -9.11 -25.79
N PHE H 228 47.04 -9.12 -24.72
CA PHE H 228 48.36 -8.51 -24.76
C PHE H 228 49.48 -9.51 -25.04
N HIS H 229 49.43 -10.69 -24.41
CA HIS H 229 50.48 -11.68 -24.64
C HIS H 229 50.36 -12.30 -26.03
N SER H 230 49.13 -12.38 -26.55
CA SER H 230 48.93 -12.87 -27.92
C SER H 230 49.25 -11.82 -28.98
N ARG H 231 49.39 -10.56 -28.59
CA ARG H 231 49.75 -9.46 -29.48
C ARG H 231 48.61 -9.05 -30.43
N GLU H 232 47.36 -9.43 -30.10
CA GLU H 232 46.20 -8.89 -30.81
C GLU H 232 46.10 -7.38 -30.65
N ILE H 233 46.67 -6.83 -29.58
CA ILE H 233 46.69 -5.39 -29.35
C ILE H 233 48.06 -5.02 -28.80
N ASP H 234 48.72 -4.06 -29.44
CA ASP H 234 50.00 -3.53 -28.98
C ASP H 234 49.74 -2.38 -27.99
N VAL H 235 50.42 -2.44 -26.84
CA VAL H 235 50.20 -1.49 -25.76
C VAL H 235 50.56 -0.07 -26.19
N ARG H 236 51.53 0.08 -27.08
CA ARG H 236 51.93 1.41 -27.51
C ARG H 236 50.96 1.98 -28.52
N GLU H 237 50.45 1.12 -29.42
CA GLU H 237 49.37 1.53 -30.31
C GLU H 237 48.17 2.02 -29.51
N LEU H 238 47.82 1.29 -28.45
CA LEU H 238 46.57 1.57 -27.77
C LEU H 238 46.64 2.87 -26.96
N LYS H 239 47.80 3.15 -26.37
CA LYS H 239 47.97 4.42 -25.67
C LYS H 239 47.93 5.59 -26.65
N GLU H 240 48.54 5.44 -27.83
CA GLU H 240 48.58 6.53 -28.80
C GLU H 240 47.19 6.77 -29.39
N TYR H 241 46.37 5.72 -29.44
CA TYR H 241 44.96 5.87 -29.77
C TYR H 241 44.23 6.63 -28.68
N LEU H 242 44.33 6.17 -27.44
CA LEU H 242 43.49 6.69 -26.38
C LEU H 242 43.70 8.18 -26.17
N LYS H 243 44.95 8.64 -26.17
CA LYS H 243 45.15 10.08 -25.98
C LYS H 243 44.60 10.86 -27.17
N LYS H 244 44.79 10.33 -28.39
CA LYS H 244 44.30 10.97 -29.59
C LYS H 244 42.81 11.30 -29.49
N HIS H 245 42.02 10.37 -28.97
CA HIS H 245 40.57 10.54 -28.85
C HIS H 245 40.15 10.89 -27.44
N GLY H 246 40.95 11.68 -26.71
CA GLY H 246 40.48 12.40 -25.55
C GLY H 246 40.87 11.83 -24.21
N VAL H 247 41.30 10.56 -24.14
CA VAL H 247 41.57 9.92 -22.86
C VAL H 247 42.96 10.33 -22.35
N ASN H 248 43.09 10.38 -21.04
CA ASN H 248 44.35 10.77 -20.39
C ASN H 248 45.12 9.51 -20.01
N VAL H 249 46.25 9.29 -20.67
CA VAL H 249 47.12 8.16 -20.37
C VAL H 249 48.57 8.64 -20.49
N ARG H 250 49.47 7.92 -19.82
CA ARG H 250 50.88 8.31 -19.67
C ARG H 250 51.71 7.74 -20.82
N LEU H 251 51.88 8.53 -21.88
CA LEU H 251 52.71 8.06 -22.98
C LEU H 251 54.18 8.25 -22.63
N LEU I 3 3.94 67.13 15.79
CA LEU I 3 2.77 66.62 15.09
C LEU I 3 1.84 65.98 16.10
N ALA I 4 0.54 66.22 15.99
CA ALA I 4 -0.33 65.45 16.84
C ALA I 4 -0.50 64.06 16.25
N LYS I 5 -1.16 63.19 16.99
CA LYS I 5 -1.34 61.80 16.59
C LYS I 5 -2.80 61.60 16.22
N ARG I 6 -3.05 60.78 15.22
CA ARG I 6 -4.39 60.62 14.68
C ARG I 6 -5.04 59.35 15.20
N ILE I 7 -6.25 59.48 15.71
CA ILE I 7 -7.18 58.37 15.81
C ILE I 7 -7.98 58.34 14.51
N ASP I 8 -7.96 57.19 13.81
CA ASP I 8 -8.77 57.00 12.62
C ASP I 8 -9.81 55.92 12.88
N ALA I 9 -10.97 56.06 12.22
CA ALA I 9 -12.03 55.07 12.25
C ALA I 9 -12.45 54.75 10.83
N ALA I 10 -12.41 53.48 10.46
CA ALA I 10 -12.85 53.04 9.14
C ALA I 10 -14.24 52.45 9.26
N LEU I 11 -15.07 52.74 8.24
CA LEU I 11 -16.42 52.22 8.10
C LEU I 11 -16.46 51.25 6.93
N ILE I 12 -17.13 50.12 7.13
CA ILE I 12 -17.20 49.06 6.13
C ILE I 12 -18.59 49.06 5.52
N LEU I 13 -18.66 49.01 4.20
CA LEU I 13 -19.90 49.18 3.45
C LEU I 13 -20.05 48.07 2.43
N LYS I 14 -21.28 47.61 2.27
CA LYS I 14 -21.69 46.76 1.15
C LYS I 14 -23.04 47.28 0.69
N ASP I 15 -23.12 47.70 -0.56
CA ASP I 15 -24.30 48.39 -1.09
C ASP I 15 -24.54 49.70 -0.33
N GLY I 16 -23.46 50.46 -0.15
CA GLY I 16 -23.53 51.83 0.34
C GLY I 16 -23.93 52.05 1.78
N ARG I 17 -24.11 51.01 2.60
CA ARG I 17 -24.49 51.19 4.02
C ARG I 17 -23.54 50.42 4.94
N VAL I 18 -23.66 50.66 6.24
CA VAL I 18 -22.64 50.25 7.21
C VAL I 18 -22.79 48.76 7.54
N VAL I 19 -21.82 47.95 7.08
CA VAL I 19 -21.82 46.52 7.38
C VAL I 19 -21.78 46.36 8.90
N LYS I 20 -22.81 45.75 9.46
CA LYS I 20 -22.91 45.54 10.90
C LYS I 20 -23.05 46.86 11.65
N GLY I 21 -24.08 47.64 11.29
CA GLY I 21 -24.46 48.90 11.92
C GLY I 21 -23.61 49.58 12.97
N SER I 22 -24.23 49.96 14.07
CA SER I 22 -23.59 50.68 15.16
C SER I 22 -24.56 50.70 16.33
N ASN I 23 -24.01 50.90 17.54
CA ASN I 23 -24.77 50.89 18.78
C ASN I 23 -25.13 52.30 19.26
N PHE I 24 -24.98 53.33 18.42
CA PHE I 24 -25.53 54.65 18.71
C PHE I 24 -26.98 54.70 18.24
N GLU I 25 -27.85 54.86 19.23
CA GLU I 25 -29.27 54.99 19.02
C GLU I 25 -29.62 56.48 18.98
N ASN I 26 -28.74 57.38 19.48
CA ASN I 26 -29.15 58.77 19.39
C ASN I 26 -29.19 59.20 17.94
N LEU I 27 -28.82 58.30 17.03
CA LEU I 27 -28.78 58.57 15.61
C LEU I 27 -30.13 58.26 14.97
N ARG I 28 -30.52 59.13 14.03
CA ARG I 28 -31.73 58.93 13.24
C ARG I 28 -31.74 57.57 12.55
N ASP I 29 -30.57 57.15 12.09
CA ASP I 29 -30.43 55.86 11.39
C ASP I 29 -28.99 55.42 11.53
N SER I 30 -28.78 54.25 12.11
CA SER I 30 -27.46 53.74 12.42
C SER I 30 -26.88 52.85 11.32
N GLY I 31 -27.40 52.93 10.09
CA GLY I 31 -26.82 52.19 9.00
C GLY I 31 -26.26 53.10 7.92
N ASP I 32 -26.44 54.40 8.14
CA ASP I 32 -26.16 55.48 7.21
C ASP I 32 -24.71 55.94 7.28
N PRO I 33 -23.83 55.49 6.36
CA PRO I 33 -22.42 55.88 6.47
C PRO I 33 -22.20 57.38 6.57
N VAL I 34 -23.13 58.19 6.05
CA VAL I 34 -22.98 59.64 6.11
C VAL I 34 -23.26 60.12 7.53
N GLU I 35 -24.44 59.79 8.06
CA GLU I 35 -24.83 60.30 9.36
C GLU I 35 -23.83 59.89 10.44
N LEU I 36 -23.30 58.66 10.33
CA LEU I 36 -22.29 58.21 11.28
C LEU I 36 -20.99 58.99 11.10
N GLY I 37 -20.51 59.10 9.86
CA GLY I 37 -19.27 59.82 9.63
C GLY I 37 -19.34 61.27 10.05
N LYS I 38 -20.52 61.89 9.91
CA LYS I 38 -20.68 63.27 10.33
C LYS I 38 -20.71 63.38 11.85
N PHE I 39 -21.35 62.42 12.51
CA PHE I 39 -21.23 62.31 13.96
C PHE I 39 -19.77 62.06 14.35
N TYR I 40 -19.15 61.01 13.76
CA TYR I 40 -17.79 60.65 14.16
C TYR I 40 -16.83 61.83 14.04
N SER I 41 -17.02 62.68 13.04
CA SER I 41 -16.18 63.86 12.94
C SER I 41 -16.48 64.87 14.03
N GLU I 42 -17.67 64.82 14.62
CA GLU I 42 -18.01 65.78 15.67
C GLU I 42 -17.84 65.24 17.08
N ILE I 43 -17.64 63.93 17.25
CA ILE I 43 -17.32 63.40 18.57
C ILE I 43 -15.82 63.45 18.84
N GLY I 44 -14.99 63.28 17.81
CA GLY I 44 -13.57 63.47 17.96
C GLY I 44 -12.65 62.65 17.07
N ILE I 45 -13.19 61.88 16.13
CA ILE I 45 -12.32 61.19 15.20
C ILE I 45 -11.61 62.22 14.33
N ASP I 46 -10.36 61.93 13.96
CA ASP I 46 -9.48 62.82 13.24
C ASP I 46 -9.52 62.58 11.72
N GLU I 47 -9.66 61.33 11.29
CA GLU I 47 -9.80 61.03 9.87
C GLU I 47 -10.72 59.83 9.72
N LEU I 48 -11.53 59.83 8.66
CA LEU I 48 -12.44 58.74 8.32
C LEU I 48 -11.91 57.97 7.12
N SER I 49 -12.41 56.75 6.97
CA SER I 49 -11.96 55.89 5.88
C SER I 49 -13.11 55.00 5.45
N PHE I 50 -13.37 54.96 4.15
CA PHE I 50 -14.52 54.23 3.60
C PHE I 50 -14.01 53.07 2.76
N TRP I 51 -14.15 51.85 3.30
N TRP I 51 -14.16 51.88 3.32
CA TRP I 51 -13.76 50.62 2.61
CA TRP I 51 -13.82 50.63 2.67
C TRP I 51 -15.03 49.86 2.26
C TRP I 51 -15.13 49.96 2.28
N ASP I 52 -15.43 49.90 0.99
CA ASP I 52 -16.60 49.20 0.50
C ASP I 52 -16.20 47.79 0.09
N ILE I 53 -17.06 46.82 0.44
CA ILE I 53 -16.80 45.41 0.18
C ILE I 53 -17.88 44.83 -0.71
N THR I 54 -18.43 45.66 -1.60
CA THR I 54 -19.35 45.19 -2.61
C THR I 54 -18.58 44.40 -3.67
N ALA I 55 -19.13 43.24 -4.06
CA ALA I 55 -18.59 42.43 -5.14
C ALA I 55 -19.33 42.66 -6.46
N SER I 56 -20.14 43.71 -6.53
CA SER I 56 -20.89 44.03 -7.74
C SER I 56 -20.24 45.22 -8.44
N VAL I 57 -20.01 45.07 -9.75
CA VAL I 57 -19.58 46.18 -10.59
C VAL I 57 -20.83 46.81 -11.19
N GLU I 58 -22.00 46.40 -10.68
CA GLU I 58 -23.26 47.09 -10.94
C GLU I 58 -23.52 48.22 -9.93
N LYS I 59 -22.70 48.29 -8.88
CA LYS I 59 -22.80 49.35 -7.88
C LYS I 59 -21.42 49.86 -7.47
N ARG I 60 -20.40 49.69 -8.31
CA ARG I 60 -19.15 50.41 -8.13
C ARG I 60 -19.41 51.92 -8.08
N LYS I 61 -20.43 52.38 -8.81
CA LYS I 61 -20.76 53.80 -8.84
C LYS I 61 -21.36 54.27 -7.53
N THR I 62 -22.01 53.37 -6.77
CA THR I 62 -22.52 53.74 -5.45
C THR I 62 -21.41 54.23 -4.53
N MET I 63 -20.15 53.96 -4.86
CA MET I 63 -19.02 54.55 -4.15
C MET I 63 -18.93 56.05 -4.39
N LEU I 64 -19.06 56.47 -5.65
CA LEU I 64 -18.92 57.89 -5.99
C LEU I 64 -20.05 58.72 -5.42
N GLU I 65 -21.25 58.15 -5.31
CA GLU I 65 -22.39 58.90 -4.81
C GLU I 65 -22.36 59.07 -3.30
N LEU I 66 -21.49 58.35 -2.60
CA LEU I 66 -21.24 58.64 -1.20
C LEU I 66 -20.16 59.71 -1.02
N VAL I 67 -19.07 59.65 -1.79
CA VAL I 67 -18.03 60.65 -1.66
C VAL I 67 -18.50 62.04 -2.08
N GLU I 68 -19.66 62.13 -2.75
CA GLU I 68 -20.26 63.45 -2.98
C GLU I 68 -20.91 63.97 -1.70
N LYS I 69 -21.81 63.19 -1.09
CA LYS I 69 -22.56 63.66 0.06
C LYS I 69 -21.66 63.89 1.28
N VAL I 70 -20.60 63.09 1.42
CA VAL I 70 -19.66 63.31 2.52
C VAL I 70 -18.83 64.56 2.26
N ALA I 71 -18.34 64.74 1.03
CA ALA I 71 -17.59 65.94 0.69
C ALA I 71 -18.37 67.20 0.98
N GLU I 72 -19.69 67.10 1.07
CA GLU I 72 -20.50 68.25 1.43
C GLU I 72 -20.47 68.50 2.92
N GLN I 73 -20.66 67.44 3.72
CA GLN I 73 -21.05 67.58 5.12
C GLN I 73 -19.93 67.39 6.14
N ILE I 74 -18.88 66.64 5.83
CA ILE I 74 -17.86 66.30 6.82
C ILE I 74 -16.54 66.99 6.46
N ASP I 75 -16.15 67.93 7.31
CA ASP I 75 -14.99 68.79 7.16
C ASP I 75 -13.65 68.12 7.58
N ILE I 76 -13.60 66.80 7.68
CA ILE I 76 -12.35 66.16 8.06
C ILE I 76 -11.89 65.33 6.88
N PRO I 77 -10.64 64.83 6.85
CA PRO I 77 -10.17 64.10 5.68
C PRO I 77 -10.97 62.83 5.46
N ILE I 78 -10.86 62.32 4.23
CA ILE I 78 -11.58 61.15 3.77
C ILE I 78 -10.64 60.34 2.90
N THR I 79 -10.35 59.11 3.30
CA THR I 79 -9.62 58.19 2.46
C THR I 79 -10.57 57.07 2.08
N VAL I 80 -10.48 56.63 0.82
CA VAL I 80 -11.41 55.64 0.31
C VAL I 80 -10.62 54.48 -0.28
N GLY I 81 -11.21 53.29 -0.20
CA GLY I 81 -10.55 52.10 -0.71
C GLY I 81 -11.55 50.97 -0.79
N GLY I 82 -11.06 49.84 -1.32
CA GLY I 82 -11.92 48.70 -1.61
C GLY I 82 -11.62 48.16 -2.98
N GLY I 83 -12.43 48.53 -3.97
CA GLY I 83 -12.13 48.17 -5.34
C GLY I 83 -11.40 49.27 -6.09
N ILE I 84 -10.21 49.64 -5.61
CA ILE I 84 -9.37 50.63 -6.28
C ILE I 84 -8.24 49.87 -6.95
N TYR I 85 -8.26 49.84 -8.29
CA TYR I 85 -7.31 49.06 -9.07
C TYR I 85 -6.59 49.83 -10.17
N ASP I 86 -7.07 51.00 -10.58
CA ASP I 86 -6.39 51.79 -11.60
C ASP I 86 -6.54 53.28 -11.31
N PHE I 87 -5.68 54.06 -11.98
CA PHE I 87 -5.65 55.52 -11.79
C PHE I 87 -7.00 56.16 -12.11
N GLU I 88 -7.80 55.55 -12.98
CA GLU I 88 -9.05 56.18 -13.36
C GLU I 88 -10.04 56.16 -12.20
N THR I 89 -10.30 54.97 -11.62
CA THR I 89 -11.20 54.87 -10.47
C THR I 89 -10.72 55.74 -9.32
N ALA I 90 -9.43 55.64 -8.98
CA ALA I 90 -8.81 56.57 -8.04
C ALA I 90 -9.13 58.01 -8.41
N SER I 91 -8.84 58.38 -9.65
CA SER I 91 -9.06 59.74 -10.10
C SER I 91 -10.47 60.17 -9.73
N GLU I 92 -11.48 59.63 -10.41
CA GLU I 92 -12.86 60.11 -10.26
C GLU I 92 -13.26 60.27 -8.79
N LEU I 93 -12.78 59.39 -7.91
CA LEU I 93 -13.11 59.45 -6.49
C LEU I 93 -12.56 60.72 -5.85
N ILE I 94 -11.29 61.03 -6.11
CA ILE I 94 -10.74 62.30 -5.63
C ILE I 94 -11.56 63.46 -6.18
N LEU I 95 -11.65 63.52 -7.51
CA LEU I 95 -12.39 64.58 -8.19
C LEU I 95 -13.80 64.79 -7.64
N ARG I 96 -14.46 63.71 -7.22
CA ARG I 96 -15.82 63.83 -6.70
C ARG I 96 -15.89 64.15 -5.21
N GLY I 97 -14.84 63.88 -4.43
CA GLY I 97 -14.86 64.27 -3.03
C GLY I 97 -13.81 63.67 -2.10
N ALA I 98 -13.22 62.56 -2.51
CA ALA I 98 -12.26 61.85 -1.66
C ALA I 98 -10.98 62.65 -1.52
N ASP I 99 -10.48 62.74 -0.29
CA ASP I 99 -9.22 63.45 -0.05
C ASP I 99 -8.03 62.58 -0.39
N LYS I 100 -8.03 61.32 0.04
CA LYS I 100 -6.98 60.35 -0.23
C LYS I 100 -7.60 59.05 -0.74
N VAL I 101 -6.84 58.29 -1.52
CA VAL I 101 -7.34 57.06 -2.13
C VAL I 101 -6.46 55.91 -1.68
N GLU I 102 -7.06 54.88 -1.08
CA GLU I 102 -6.26 53.77 -0.60
C GLU I 102 -6.13 52.72 -1.70
N ILE I 103 -4.89 52.45 -2.11
CA ILE I 103 -4.55 51.29 -2.91
C ILE I 103 -3.87 50.28 -1.99
N ASN I 104 -3.53 49.12 -2.55
CA ASN I 104 -2.94 47.98 -1.85
C ASN I 104 -2.66 46.91 -2.89
N THR I 105 -3.63 46.02 -3.07
CA THR I 105 -3.59 45.06 -4.15
C THR I 105 -3.52 45.73 -5.53
N ALA I 106 -3.91 47.00 -5.66
CA ALA I 106 -3.62 47.71 -6.89
C ALA I 106 -2.13 48.01 -7.02
N ALA I 107 -1.55 48.60 -5.96
CA ALA I 107 -0.16 49.00 -6.00
C ALA I 107 0.82 47.83 -5.91
N VAL I 108 0.42 46.69 -5.33
CA VAL I 108 1.33 45.54 -5.35
C VAL I 108 1.72 45.20 -6.78
N GLU I 109 0.73 44.88 -7.61
CA GLU I 109 0.95 44.31 -8.92
C GLU I 109 1.28 45.36 -9.98
N ASN I 110 1.32 46.63 -9.60
CA ASN I 110 2.03 47.65 -10.36
C ASN I 110 2.45 48.71 -9.38
N PRO I 111 3.64 48.57 -8.78
CA PRO I 111 4.10 49.56 -7.79
C PRO I 111 4.22 50.98 -8.33
N SER I 112 4.06 51.18 -9.65
CA SER I 112 4.13 52.51 -10.23
C SER I 112 2.82 53.27 -10.14
N LEU I 113 1.70 52.58 -9.89
CA LEU I 113 0.44 53.28 -9.64
C LEU I 113 0.60 54.29 -8.51
N ILE I 114 1.44 53.98 -7.52
CA ILE I 114 1.78 54.93 -6.47
C ILE I 114 2.28 56.23 -7.08
N THR I 115 3.26 56.13 -7.98
CA THR I 115 3.90 57.32 -8.54
C THR I 115 2.93 58.12 -9.42
N GLN I 116 2.06 57.43 -10.17
CA GLN I 116 1.19 58.11 -11.11
C GLN I 116 0.12 58.92 -10.38
N ILE I 117 -0.38 58.41 -9.25
CA ILE I 117 -1.32 59.17 -8.44
C ILE I 117 -0.59 60.24 -7.64
N ALA I 118 0.72 60.07 -7.46
CA ALA I 118 1.50 61.09 -6.76
C ALA I 118 1.56 62.38 -7.58
N GLN I 119 1.85 62.27 -8.88
CA GLN I 119 2.13 63.48 -9.66
C GLN I 119 0.87 64.30 -9.88
N THR I 120 -0.26 63.64 -10.12
CA THR I 120 -1.48 64.38 -10.33
C THR I 120 -1.96 65.00 -9.03
N PHE I 121 -2.20 64.15 -8.03
CA PHE I 121 -2.91 64.58 -6.84
C PHE I 121 -2.00 64.91 -5.67
N GLY I 122 -0.70 64.71 -5.83
CA GLY I 122 0.19 64.89 -4.70
C GLY I 122 0.22 63.69 -3.78
N SER I 123 1.42 63.39 -3.26
CA SER I 123 1.59 62.24 -2.36
C SER I 123 0.51 62.21 -1.27
N GLN I 124 0.13 63.38 -0.76
CA GLN I 124 -0.91 63.54 0.25
C GLN I 124 -2.15 62.67 0.05
N ALA I 125 -2.50 62.35 -1.20
CA ALA I 125 -3.67 61.53 -1.50
C ALA I 125 -3.30 60.11 -1.90
N VAL I 126 -2.03 59.74 -1.81
CA VAL I 126 -1.57 58.38 -2.08
C VAL I 126 -1.38 57.68 -0.74
N VAL I 127 -2.20 56.66 -0.47
CA VAL I 127 -2.09 55.91 0.77
C VAL I 127 -2.01 54.43 0.42
N VAL I 128 -0.95 53.76 0.89
CA VAL I 128 -0.63 52.39 0.52
C VAL I 128 -0.89 51.47 1.71
N TYR I 129 -1.92 50.63 1.59
CA TYR I 129 -2.19 49.62 2.60
C TYR I 129 -1.24 48.44 2.42
N ILE I 130 -0.62 48.05 3.52
CA ILE I 130 0.20 46.85 3.56
C ILE I 130 -0.50 45.88 4.51
N ALA I 131 -1.07 44.81 3.96
CA ALA I 131 -1.43 43.65 4.75
C ALA I 131 -0.17 42.84 4.99
N ALA I 132 0.06 42.42 6.25
CA ALA I 132 1.30 41.78 6.63
C ALA I 132 1.06 40.63 7.60
N LYS I 133 1.96 39.66 7.52
CA LYS I 133 1.83 38.39 8.24
C LYS I 133 3.20 37.73 8.35
N ARG I 134 3.37 36.92 9.38
CA ARG I 134 4.63 36.24 9.65
C ARG I 134 4.73 34.94 8.87
N VAL I 135 5.93 34.67 8.35
CA VAL I 135 6.21 33.48 7.57
C VAL I 135 7.64 33.05 7.86
N ASP I 136 7.81 31.91 8.52
CA ASP I 136 9.12 31.35 8.89
C ASP I 136 10.05 32.43 9.45
N GLY I 137 9.53 33.18 10.41
CA GLY I 137 10.28 34.20 11.10
C GLY I 137 10.30 35.55 10.44
N GLU I 138 9.87 35.65 9.18
CA GLU I 138 9.96 36.89 8.40
C GLU I 138 8.58 37.51 8.18
N PHE I 139 8.60 38.82 7.92
CA PHE I 139 7.39 39.60 7.66
C PHE I 139 7.11 39.65 6.17
N MET I 140 5.95 39.16 5.74
CA MET I 140 5.55 39.16 4.34
C MET I 140 4.31 40.02 4.14
N VAL I 141 3.85 40.12 2.88
CA VAL I 141 2.76 41.01 2.51
C VAL I 141 1.84 40.30 1.52
N PHE I 142 0.53 40.40 1.76
CA PHE I 142 -0.50 39.62 1.07
C PHE I 142 -1.49 40.53 0.34
N THR I 143 -2.10 39.99 -0.71
CA THR I 143 -3.04 40.74 -1.55
C THR I 143 -4.50 40.43 -1.20
N TYR I 144 -5.39 41.18 -1.84
CA TYR I 144 -6.85 41.02 -1.78
C TYR I 144 -7.37 40.74 -0.35
N SER I 145 -6.97 41.60 0.59
CA SER I 145 -7.44 41.50 1.98
C SER I 145 -7.11 40.12 2.56
N GLY I 146 -5.81 39.83 2.60
CA GLY I 146 -5.31 38.59 3.16
C GLY I 146 -5.69 37.37 2.35
N THR I 147 -5.13 37.24 1.15
CA THR I 147 -5.43 36.12 0.28
C THR I 147 -4.21 35.26 -0.01
N LYS I 148 -3.18 35.87 -0.57
CA LYS I 148 -2.21 35.18 -1.39
C LYS I 148 -0.87 35.86 -1.17
N ASN I 149 0.14 35.06 -0.81
CA ASN I 149 1.47 35.60 -0.58
C ASN I 149 2.05 36.15 -1.88
N THR I 150 2.80 37.25 -1.76
CA THR I 150 3.48 37.85 -2.91
C THR I 150 4.99 37.75 -2.79
N GLY I 151 5.50 36.87 -1.91
CA GLY I 151 6.93 36.66 -1.75
C GLY I 151 7.76 37.93 -1.70
N ILE I 152 7.23 38.98 -1.08
CA ILE I 152 7.89 40.27 -1.01
C ILE I 152 8.16 40.60 0.46
N LEU I 153 9.42 40.86 0.80
CA LEU I 153 9.77 41.21 2.16
C LEU I 153 9.13 42.55 2.55
N LEU I 154 8.84 42.69 3.84
CA LEU I 154 8.25 43.92 4.35
C LEU I 154 9.27 45.03 4.49
N ARG I 155 10.54 44.73 4.77
CA ARG I 155 11.49 45.82 4.70
C ARG I 155 11.80 46.20 3.26
N ASP I 156 11.33 45.42 2.29
CA ASP I 156 11.41 45.80 0.88
C ASP I 156 10.30 46.78 0.51
N TRP I 157 9.06 46.28 0.50
CA TRP I 157 7.90 47.03 0.03
C TRP I 157 7.66 48.31 0.81
N VAL I 158 8.24 48.43 2.02
CA VAL I 158 8.11 49.67 2.77
C VAL I 158 9.01 50.74 2.16
N VAL I 159 10.31 50.45 2.03
CA VAL I 159 11.23 51.48 1.54
C VAL I 159 10.93 51.82 0.08
N GLU I 160 10.46 50.84 -0.72
CA GLU I 160 10.07 51.16 -2.08
C GLU I 160 8.90 52.13 -2.08
N VAL I 161 7.83 51.79 -1.35
CA VAL I 161 6.64 52.63 -1.34
C VAL I 161 6.96 54.06 -0.91
N GLU I 162 8.10 54.29 -0.25
CA GLU I 162 8.51 55.67 0.00
C GLU I 162 8.83 56.38 -1.30
N LYS I 163 9.83 55.90 -2.03
CA LYS I 163 10.30 56.68 -3.18
C LYS I 163 9.44 56.52 -4.42
N ARG I 164 8.51 55.56 -4.45
CA ARG I 164 7.44 55.65 -5.45
C ARG I 164 6.73 57.00 -5.31
N GLY I 165 6.46 57.41 -4.07
CA GLY I 165 5.91 58.72 -3.78
C GLY I 165 4.64 58.66 -2.96
N ALA I 166 4.48 57.63 -2.15
CA ALA I 166 3.28 57.55 -1.34
C ALA I 166 3.35 58.54 -0.18
N GLY I 167 2.21 58.71 0.48
CA GLY I 167 2.10 59.72 1.51
C GLY I 167 2.10 59.16 2.92
N GLU I 168 1.34 58.08 3.12
CA GLU I 168 1.32 57.43 4.41
C GLU I 168 1.05 55.95 4.19
N ILE I 169 1.36 55.15 5.21
CA ILE I 169 1.25 53.69 5.15
C ILE I 169 0.38 53.23 6.30
N VAL I 170 -0.70 52.53 5.98
CA VAL I 170 -1.40 51.75 6.99
C VAL I 170 -0.70 50.41 7.13
N LEU I 171 -0.61 49.92 8.35
CA LEU I 171 0.09 48.66 8.65
C LEU I 171 -0.86 47.70 9.36
N GLY I 172 -1.87 47.23 8.63
CA GLY I 172 -2.71 46.17 9.13
C GLY I 172 -1.90 44.92 9.43
N SER I 173 -2.02 44.38 10.64
CA SER I 173 -1.40 43.10 10.98
C SER I 173 -2.44 42.00 10.80
N ILE I 174 -2.18 41.09 9.86
CA ILE I 174 -3.19 40.07 9.56
C ILE I 174 -3.30 39.09 10.73
N ASP I 175 -2.18 38.82 11.41
CA ASP I 175 -2.18 37.94 12.57
C ASP I 175 -3.23 38.36 13.59
N ARG I 176 -3.33 39.66 13.86
CA ARG I 176 -4.29 40.17 14.83
C ARG I 176 -5.64 40.46 14.20
N LEU I 177 -5.95 39.85 13.06
CA LEU I 177 -7.26 40.02 12.44
C LEU I 177 -8.35 39.51 13.38
N GLY I 178 -9.41 40.31 13.53
CA GLY I 178 -10.52 39.97 14.41
C GLY I 178 -10.20 40.05 15.89
N THR I 179 -8.92 40.02 16.28
CA THR I 179 -8.57 39.86 17.67
C THR I 179 -8.81 41.16 18.45
N LYS I 180 -8.77 41.04 19.77
CA LYS I 180 -8.95 42.15 20.70
C LYS I 180 -7.86 42.12 21.79
N SER I 181 -6.61 41.85 21.38
CA SER I 181 -5.45 41.84 22.27
C SER I 181 -4.30 42.68 21.72
N GLY I 182 -4.60 43.69 20.90
CA GLY I 182 -3.70 44.79 20.63
C GLY I 182 -3.01 44.70 19.28
N TYR I 183 -2.48 45.84 18.83
CA TYR I 183 -1.75 45.93 17.58
C TYR I 183 -0.50 45.06 17.64
N ASP I 184 0.05 44.77 16.46
CA ASP I 184 1.33 44.10 16.34
C ASP I 184 2.44 45.14 16.53
N THR I 185 2.71 45.47 17.80
CA THR I 185 3.70 46.51 18.07
C THR I 185 5.07 46.13 17.52
N GLU I 186 5.39 44.83 17.50
CA GLU I 186 6.69 44.42 16.98
C GLU I 186 6.85 44.82 15.52
N MET I 187 5.82 44.52 14.71
CA MET I 187 5.81 44.98 13.32
C MET I 187 6.08 46.47 13.23
N ILE I 188 5.18 47.30 13.79
CA ILE I 188 5.31 48.75 13.81
C ILE I 188 6.74 49.15 14.18
N ARG I 189 7.28 48.56 15.27
CA ARG I 189 8.62 48.92 15.70
C ARG I 189 9.64 48.58 14.63
N PHE I 190 9.45 47.46 13.94
CA PHE I 190 10.37 47.05 12.89
C PHE I 190 10.30 48.01 11.71
N VAL I 191 9.09 48.27 11.21
CA VAL I 191 8.86 49.11 10.03
C VAL I 191 9.32 50.54 10.29
N ARG I 192 9.34 50.96 11.56
CA ARG I 192 9.48 52.37 11.92
C ARG I 192 10.80 52.99 11.47
N PRO I 193 11.97 52.49 11.86
CA PRO I 193 13.22 53.18 11.50
C PRO I 193 13.55 53.14 10.01
N LEU I 194 12.79 52.36 9.24
CA LEU I 194 13.17 52.12 7.85
C LEU I 194 12.65 53.22 6.93
N THR I 195 11.41 53.67 7.15
CA THR I 195 10.87 54.79 6.39
C THR I 195 10.48 55.93 7.32
N THR I 196 10.53 57.14 6.77
CA THR I 196 10.10 58.37 7.45
C THR I 196 8.66 58.73 7.13
N LEU I 197 7.93 57.85 6.46
CA LEU I 197 6.53 58.11 6.17
C LEU I 197 5.72 58.02 7.45
N PRO I 198 4.52 58.59 7.47
CA PRO I 198 3.63 58.37 8.60
C PRO I 198 3.10 56.94 8.59
N ILE I 199 3.21 56.27 9.74
CA ILE I 199 2.74 54.90 9.92
C ILE I 199 1.38 54.94 10.58
N ILE I 200 0.43 54.17 10.06
CA ILE I 200 -0.91 54.07 10.64
C ILE I 200 -1.17 52.62 10.99
N ALA I 201 -1.58 52.38 12.22
CA ALA I 201 -1.72 51.02 12.72
C ALA I 201 -3.15 50.56 12.52
N HIS I 202 -3.31 49.37 11.97
CA HIS I 202 -4.61 48.73 11.85
C HIS I 202 -4.52 47.28 12.31
N ARG I 203 -5.59 46.83 12.98
CA ARG I 203 -5.87 45.45 13.38
C ARG I 203 -5.36 45.12 14.79
N GLY I 204 -6.29 45.02 15.74
CA GLY I 204 -5.96 44.55 17.06
C GLY I 204 -6.80 45.14 18.18
N ALA I 205 -7.04 46.45 18.11
CA ALA I 205 -7.55 47.22 19.26
C ALA I 205 -8.64 46.49 20.02
N GLY I 206 -8.49 46.43 21.35
CA GLY I 206 -9.47 45.78 22.22
C GLY I 206 -9.84 46.57 23.45
N LYS I 207 -8.94 47.45 23.90
CA LYS I 207 -9.20 48.34 25.02
C LYS I 207 -8.36 49.58 24.84
N THR I 208 -8.64 50.60 25.66
CA THR I 208 -8.05 51.92 25.47
C THR I 208 -6.53 51.87 25.36
N GLU I 209 -5.91 50.87 25.99
CA GLU I 209 -4.47 50.90 26.20
C GLU I 209 -3.69 50.39 25.00
N HIS I 210 -4.27 49.49 24.21
CA HIS I 210 -3.55 48.98 23.05
C HIS I 210 -3.16 50.11 22.11
N PHE I 211 -3.97 51.18 22.11
CA PHE I 211 -3.65 52.36 21.29
C PHE I 211 -2.35 52.99 21.75
N LEU I 212 -2.16 53.05 23.08
CA LEU I 212 -0.96 53.64 23.66
C LEU I 212 0.29 52.84 23.30
N GLU I 213 0.17 51.51 23.26
CA GLU I 213 1.31 50.70 22.83
C GLU I 213 1.66 51.00 21.37
N ALA I 214 0.65 51.20 20.52
CA ALA I 214 0.89 51.45 19.10
C ALA I 214 1.67 52.74 18.88
N PHE I 215 1.25 53.82 19.53
CA PHE I 215 2.01 55.05 19.41
C PHE I 215 3.42 54.91 19.96
N LEU I 216 3.58 54.17 21.07
CA LEU I 216 4.91 53.92 21.62
C LEU I 216 5.79 53.14 20.66
N ALA I 217 5.21 52.20 19.92
CA ALA I 217 5.93 51.58 18.81
C ALA I 217 6.34 52.60 17.73
N GLY I 218 5.77 53.82 17.73
CA GLY I 218 6.13 54.84 16.77
C GLY I 218 5.12 55.08 15.65
N ALA I 219 4.04 54.31 15.59
CA ALA I 219 2.90 54.65 14.74
C ALA I 219 2.57 56.11 14.92
N ASP I 220 2.35 56.79 13.79
CA ASP I 220 1.81 58.14 13.76
C ASP I 220 0.30 58.17 13.85
N ALA I 221 -0.37 57.02 13.75
CA ALA I 221 -1.81 57.04 13.85
C ALA I 221 -2.31 55.61 14.06
N ALA I 222 -3.47 55.49 14.71
CA ALA I 222 -4.10 54.21 14.98
C ALA I 222 -5.52 54.20 14.42
N LYS I 223 -5.80 53.25 13.54
CA LYS I 223 -7.11 53.10 12.89
C LYS I 223 -7.79 51.82 13.35
N ALA I 224 -9.01 51.94 13.87
CA ALA I 224 -9.80 50.79 14.30
C ALA I 224 -11.25 51.02 13.91
N ASP I 225 -12.04 49.93 13.88
CA ASP I 225 -13.39 50.03 13.34
C ASP I 225 -14.49 49.58 14.29
N SER I 226 -14.79 48.27 14.29
CA SER I 226 -15.97 47.77 15.01
C SER I 226 -15.92 48.15 16.48
N VAL I 227 -14.73 48.07 17.09
CA VAL I 227 -14.54 48.39 18.51
C VAL I 227 -15.07 49.78 18.83
N PHE I 228 -15.00 50.71 17.87
CA PHE I 228 -15.61 52.03 18.01
C PHE I 228 -17.12 51.96 17.84
N HIS I 229 -17.58 51.18 16.86
CA HIS I 229 -19.00 51.21 16.51
C HIS I 229 -19.84 50.52 17.60
N SER I 230 -19.34 49.42 18.16
CA SER I 230 -20.06 48.75 19.24
C SER I 230 -20.25 49.67 20.44
N ARG I 231 -19.32 50.60 20.64
CA ARG I 231 -19.19 51.53 21.76
C ARG I 231 -18.45 50.92 22.96
N GLU I 232 -17.56 49.95 22.70
CA GLU I 232 -16.72 49.38 23.75
C GLU I 232 -15.46 50.21 24.02
N ILE I 233 -15.06 51.04 23.06
CA ILE I 233 -14.01 52.05 23.26
C ILE I 233 -14.59 53.38 22.78
N ASP I 234 -14.93 54.26 23.73
CA ASP I 234 -15.49 55.55 23.39
C ASP I 234 -14.40 56.48 22.90
N VAL I 235 -14.64 57.10 21.73
CA VAL I 235 -13.65 57.98 21.09
C VAL I 235 -13.22 59.08 22.06
N ARG I 236 -14.19 59.84 22.58
CA ARG I 236 -13.84 60.97 23.43
C ARG I 236 -13.01 60.51 24.62
N GLU I 237 -13.38 59.38 25.20
CA GLU I 237 -12.59 58.79 26.28
C GLU I 237 -11.18 58.44 25.81
N LEU I 238 -11.09 57.61 24.75
CA LEU I 238 -9.83 57.18 24.16
C LEU I 238 -8.88 58.35 23.99
N LYS I 239 -9.43 59.51 23.68
CA LYS I 239 -8.58 60.65 23.44
C LYS I 239 -8.09 61.22 24.77
N GLU I 240 -8.97 61.26 25.77
CA GLU I 240 -8.57 61.79 27.06
C GLU I 240 -7.55 60.88 27.72
N TYR I 241 -7.68 59.57 27.51
CA TYR I 241 -6.70 58.63 28.04
C TYR I 241 -5.31 58.92 27.47
N LEU I 242 -5.21 58.94 26.13
CA LEU I 242 -3.89 59.11 25.51
C LEU I 242 -3.28 60.46 25.83
N LYS I 243 -4.10 61.49 26.03
CA LYS I 243 -3.53 62.78 26.39
C LYS I 243 -2.97 62.75 27.81
N LYS I 244 -3.64 62.05 28.72
CA LYS I 244 -3.15 61.94 30.10
C LYS I 244 -1.79 61.28 30.14
N HIS I 245 -1.63 60.18 29.43
CA HIS I 245 -0.36 59.47 29.46
C HIS I 245 0.58 59.88 28.35
N GLY I 246 0.42 61.12 27.84
CA GLY I 246 1.46 61.84 27.15
C GLY I 246 1.46 61.79 25.64
N VAL I 247 0.48 61.12 25.02
CA VAL I 247 0.35 61.18 23.57
C VAL I 247 -0.24 62.53 23.16
N ASN I 248 0.26 63.12 22.06
CA ASN I 248 -0.27 64.41 21.62
C ASN I 248 -1.42 64.19 20.63
N VAL I 249 -2.63 64.16 21.15
CA VAL I 249 -3.83 64.15 20.33
C VAL I 249 -4.62 65.39 20.68
N ARG I 250 -5.45 65.83 19.72
CA ARG I 250 -6.27 67.02 19.87
C ARG I 250 -7.56 66.74 20.63
N LEU I 251 -7.92 67.66 21.50
CA LEU I 251 -9.04 67.47 22.42
C LEU I 251 -9.94 68.69 22.60
N GLU I 252 -9.42 69.91 22.50
CA GLU I 252 -10.02 71.14 23.03
C GLU I 252 -11.54 71.19 22.93
N GLY I 253 -12.09 70.56 21.91
CA GLY I 253 -13.52 70.41 21.79
C GLY I 253 -13.79 68.96 21.43
N LEU I 254 -13.90 68.11 22.44
CA LEU I 254 -14.38 66.75 22.31
C LEU I 254 -15.77 66.71 21.64
N LEU J 3 3.93 -53.31 4.76
CA LEU J 3 4.18 -53.08 3.35
C LEU J 3 4.97 -54.28 2.84
N ALA J 4 4.59 -54.80 1.68
CA ALA J 4 5.52 -55.68 1.00
C ALA J 4 6.69 -54.86 0.49
N LYS J 5 7.69 -55.53 -0.04
CA LYS J 5 8.86 -54.78 -0.47
C LYS J 5 8.92 -54.74 -1.99
N ARG J 6 9.61 -53.74 -2.50
CA ARG J 6 9.53 -53.37 -3.90
C ARG J 6 10.80 -53.76 -4.64
N ILE J 7 10.62 -54.47 -5.75
CA ILE J 7 11.63 -54.58 -6.79
C ILE J 7 11.27 -53.60 -7.91
N ASP J 8 12.20 -52.69 -8.22
CA ASP J 8 11.95 -51.54 -9.06
C ASP J 8 12.99 -51.51 -10.18
N ALA J 9 12.53 -51.41 -11.43
CA ALA J 9 13.46 -51.31 -12.54
C ALA J 9 13.58 -49.87 -13.00
N ALA J 10 14.71 -49.60 -13.63
CA ALA J 10 15.13 -48.27 -14.03
C ALA J 10 15.66 -48.35 -15.44
N LEU J 11 15.30 -47.38 -16.27
CA LEU J 11 15.68 -47.37 -17.68
C LEU J 11 16.38 -46.05 -17.95
N ILE J 12 17.65 -46.14 -18.33
CA ILE J 12 18.45 -44.97 -18.67
C ILE J 12 18.20 -44.65 -20.14
N LEU J 13 17.55 -43.52 -20.41
CA LEU J 13 17.12 -43.19 -21.77
C LEU J 13 17.92 -42.02 -22.32
N LYS J 14 18.43 -42.19 -23.55
CA LYS J 14 19.04 -41.13 -24.33
C LYS J 14 18.28 -40.97 -25.65
N ASP J 15 17.75 -39.76 -25.87
CA ASP J 15 16.95 -39.40 -27.04
C ASP J 15 15.69 -40.25 -27.14
N GLY J 16 15.18 -40.68 -26.00
CA GLY J 16 14.05 -41.57 -25.96
C GLY J 16 14.33 -43.00 -26.32
N ARG J 17 15.59 -43.43 -26.32
CA ARG J 17 15.98 -44.82 -26.53
C ARG J 17 16.67 -45.40 -25.27
N VAL J 18 16.73 -46.72 -25.19
CA VAL J 18 17.22 -47.39 -23.97
C VAL J 18 18.74 -47.61 -24.06
N VAL J 19 19.47 -46.99 -23.12
CA VAL J 19 20.93 -46.98 -23.20
C VAL J 19 21.45 -48.39 -22.97
N LYS J 20 22.16 -48.92 -23.97
CA LYS J 20 22.72 -50.27 -24.05
C LYS J 20 21.64 -51.35 -24.13
N GLY J 21 20.36 -50.98 -24.13
CA GLY J 21 19.30 -51.91 -24.50
C GLY J 21 19.04 -52.97 -23.44
N SER J 22 18.81 -54.19 -23.93
CA SER J 22 18.51 -55.33 -23.08
C SER J 22 18.81 -56.60 -23.85
N ASN J 23 19.05 -57.68 -23.11
CA ASN J 23 19.35 -58.99 -23.67
C ASN J 23 18.12 -59.88 -23.77
N PHE J 24 16.91 -59.32 -23.67
CA PHE J 24 15.68 -60.07 -23.86
C PHE J 24 15.43 -60.22 -25.36
N GLU J 25 15.73 -61.40 -25.91
CA GLU J 25 15.66 -61.59 -27.35
C GLU J 25 14.24 -61.60 -27.86
N ASN J 26 13.30 -62.10 -27.05
CA ASN J 26 11.88 -62.21 -27.42
C ASN J 26 11.26 -60.90 -27.88
N LEU J 27 11.82 -59.76 -27.48
CA LEU J 27 11.24 -58.46 -27.80
C LEU J 27 11.46 -58.11 -29.27
N ARG J 28 10.49 -57.39 -29.85
CA ARG J 28 10.58 -56.98 -31.25
C ARG J 28 11.69 -55.96 -31.46
N ASP J 29 12.03 -55.19 -30.43
CA ASP J 29 13.09 -54.18 -30.48
C ASP J 29 13.61 -53.98 -29.08
N SER J 30 14.87 -54.37 -28.85
CA SER J 30 15.42 -54.41 -27.50
C SER J 30 15.64 -53.00 -26.94
N GLY J 31 15.89 -52.02 -27.80
CA GLY J 31 16.14 -50.68 -27.31
C GLY J 31 14.92 -49.82 -27.03
N ASP J 32 13.69 -50.34 -27.24
CA ASP J 32 12.47 -49.57 -27.12
C ASP J 32 12.00 -49.42 -25.67
N PRO J 33 12.10 -48.22 -25.10
CA PRO J 33 11.64 -48.02 -23.71
C PRO J 33 10.19 -48.37 -23.47
N VAL J 34 9.36 -48.43 -24.50
CA VAL J 34 7.96 -48.71 -24.24
C VAL J 34 7.72 -50.21 -24.15
N GLU J 35 8.37 -50.98 -25.03
CA GLU J 35 8.20 -52.43 -25.04
C GLU J 35 8.86 -53.08 -23.83
N LEU J 36 10.03 -52.57 -23.42
CA LEU J 36 10.67 -53.04 -22.19
C LEU J 36 9.78 -52.81 -20.98
N GLY J 37 9.29 -51.57 -20.82
CA GLY J 37 8.40 -51.27 -19.72
C GLY J 37 7.24 -52.23 -19.60
N LYS J 38 6.52 -52.45 -20.71
CA LYS J 38 5.37 -53.36 -20.66
C LYS J 38 5.80 -54.74 -20.22
N PHE J 39 6.96 -55.17 -20.70
CA PHE J 39 7.51 -56.44 -20.31
C PHE J 39 7.71 -56.48 -18.80
N TYR J 40 8.65 -55.67 -18.31
CA TYR J 40 8.95 -55.61 -16.89
C TYR J 40 7.66 -55.58 -16.05
N SER J 41 6.59 -54.92 -16.54
CA SER J 41 5.30 -54.88 -15.83
C SER J 41 4.51 -56.18 -15.93
N GLU J 42 4.98 -57.17 -16.68
CA GLU J 42 4.27 -58.43 -16.78
C GLU J 42 5.03 -59.61 -16.21
N ILE J 43 6.28 -59.44 -15.79
CA ILE J 43 7.10 -60.55 -15.33
C ILE J 43 7.44 -60.44 -13.87
N GLY J 44 7.16 -59.31 -13.24
CA GLY J 44 7.28 -59.19 -11.81
C GLY J 44 7.51 -57.79 -11.29
N ILE J 45 8.21 -56.96 -12.06
CA ILE J 45 8.61 -55.64 -11.55
C ILE J 45 7.40 -54.87 -11.00
N ASP J 46 7.60 -54.24 -9.85
CA ASP J 46 6.54 -53.57 -9.13
C ASP J 46 6.38 -52.11 -9.56
N GLU J 47 7.49 -51.41 -9.79
CA GLU J 47 7.46 -50.01 -10.18
C GLU J 47 8.60 -49.74 -11.14
N LEU J 48 8.33 -48.91 -12.16
CA LEU J 48 9.37 -48.57 -13.12
C LEU J 48 9.76 -47.12 -13.03
N SER J 49 10.97 -46.85 -13.49
CA SER J 49 11.54 -45.51 -13.47
C SER J 49 12.17 -45.25 -14.83
N PHE J 50 11.91 -44.07 -15.38
CA PHE J 50 12.44 -43.62 -16.68
C PHE J 50 13.34 -42.42 -16.45
N TRP J 51 14.65 -42.63 -16.49
N TRP J 51 14.64 -42.63 -16.60
CA TRP J 51 15.63 -41.57 -16.24
CA TRP J 51 15.63 -41.62 -16.28
C TRP J 51 16.19 -41.08 -17.57
C TRP J 51 16.24 -41.09 -17.58
N ASP J 52 16.22 -39.77 -17.75
CA ASP J 52 16.63 -39.14 -18.99
C ASP J 52 17.95 -38.44 -18.79
N ILE J 53 18.94 -38.80 -19.62
CA ILE J 53 20.19 -38.06 -19.64
C ILE J 53 20.47 -37.54 -21.06
N THR J 54 19.49 -36.86 -21.65
CA THR J 54 19.68 -36.26 -22.97
C THR J 54 20.27 -34.88 -22.84
N ALA J 55 21.35 -34.63 -23.61
CA ALA J 55 22.04 -33.35 -23.59
C ALA J 55 21.31 -32.26 -24.39
N SER J 56 20.21 -32.58 -25.05
CA SER J 56 19.49 -31.58 -25.84
C SER J 56 18.47 -30.85 -24.99
N VAL J 57 18.02 -29.70 -25.51
CA VAL J 57 16.99 -28.90 -24.86
C VAL J 57 15.65 -29.16 -25.54
N GLU J 58 15.68 -29.45 -26.85
CA GLU J 58 14.47 -29.71 -27.61
C GLU J 58 13.77 -31.00 -27.17
N LYS J 59 14.51 -31.93 -26.57
CA LYS J 59 13.97 -33.24 -26.25
C LYS J 59 13.06 -33.23 -25.03
N ARG J 60 12.92 -32.10 -24.34
CA ARG J 60 12.03 -32.01 -23.18
C ARG J 60 10.62 -32.43 -23.56
N LYS J 61 10.31 -32.27 -24.85
CA LYS J 61 9.06 -32.77 -25.42
C LYS J 61 9.08 -34.28 -25.65
N THR J 62 10.27 -34.90 -25.81
CA THR J 62 10.31 -36.33 -26.05
C THR J 62 9.91 -37.12 -24.80
N MET J 63 10.19 -36.56 -23.61
CA MET J 63 9.73 -37.22 -22.40
C MET J 63 8.21 -37.14 -22.26
N LEU J 64 7.62 -35.99 -22.64
CA LEU J 64 6.17 -35.87 -22.59
C LEU J 64 5.49 -36.84 -23.56
N GLU J 65 6.04 -37.01 -24.75
CA GLU J 65 5.44 -38.02 -25.62
C GLU J 65 5.88 -39.42 -25.23
N LEU J 66 6.94 -39.56 -24.42
CA LEU J 66 7.25 -40.87 -23.85
C LEU J 66 6.21 -41.27 -22.82
N VAL J 67 6.07 -40.48 -21.75
CA VAL J 67 5.09 -40.80 -20.73
C VAL J 67 3.71 -40.87 -21.33
N GLU J 68 3.51 -40.17 -22.45
CA GLU J 68 2.28 -40.21 -23.24
C GLU J 68 1.77 -41.63 -23.43
N LYS J 69 2.54 -42.44 -24.16
CA LYS J 69 2.10 -43.79 -24.52
C LYS J 69 2.42 -44.83 -23.46
N VAL J 70 3.47 -44.61 -22.67
CA VAL J 70 3.72 -45.43 -21.48
C VAL J 70 2.47 -45.45 -20.60
N ALA J 71 1.94 -44.25 -20.31
CA ALA J 71 0.75 -44.07 -19.48
C ALA J 71 -0.47 -44.58 -20.09
N GLU J 72 -0.41 -45.28 -21.22
CA GLU J 72 -1.57 -45.95 -21.73
C GLU J 72 -1.42 -47.46 -21.75
N GLN J 73 -0.20 -47.98 -21.77
CA GLN J 73 0.00 -49.42 -21.83
C GLN J 73 0.58 -50.04 -20.55
N ILE J 74 1.16 -49.24 -19.65
CA ILE J 74 1.74 -49.73 -18.40
C ILE J 74 0.71 -49.58 -17.28
N ASP J 75 0.40 -50.68 -16.59
CA ASP J 75 -0.58 -50.64 -15.51
C ASP J 75 0.06 -50.70 -14.12
N ILE J 76 1.27 -50.19 -13.98
CA ILE J 76 1.88 -50.10 -12.65
C ILE J 76 2.42 -48.68 -12.49
N PRO J 77 2.90 -48.28 -11.31
CA PRO J 77 3.27 -46.87 -11.13
C PRO J 77 4.45 -46.49 -11.99
N ILE J 78 4.36 -45.28 -12.58
CA ILE J 78 5.40 -44.71 -13.43
C ILE J 78 6.06 -43.57 -12.69
N THR J 79 7.39 -43.55 -12.64
CA THR J 79 8.07 -42.32 -12.25
C THR J 79 9.14 -41.95 -13.28
N VAL J 80 9.19 -40.66 -13.62
CA VAL J 80 10.12 -40.11 -14.59
C VAL J 80 11.05 -39.14 -13.86
N GLY J 81 12.33 -39.23 -14.17
CA GLY J 81 13.32 -38.40 -13.51
C GLY J 81 14.44 -38.06 -14.46
N GLY J 82 15.36 -37.25 -13.95
CA GLY J 82 16.43 -36.75 -14.79
C GLY J 82 16.51 -35.24 -14.67
N GLY J 83 16.37 -34.54 -15.80
CA GLY J 83 16.55 -33.10 -15.81
C GLY J 83 15.36 -32.28 -15.34
N ILE J 84 14.51 -32.84 -14.49
CA ILE J 84 13.32 -32.10 -14.05
C ILE J 84 13.77 -30.92 -13.20
N TYR J 85 13.44 -29.71 -13.65
CA TYR J 85 14.04 -28.49 -13.15
C TYR J 85 13.10 -27.55 -12.39
N ASP J 86 11.80 -27.67 -12.62
CA ASP J 86 10.87 -26.70 -12.08
C ASP J 86 9.48 -27.33 -12.00
N PHE J 87 8.57 -26.56 -11.40
CA PHE J 87 7.18 -27.01 -11.27
C PHE J 87 6.55 -27.27 -12.64
N GLU J 88 6.83 -26.42 -13.62
CA GLU J 88 6.18 -26.60 -14.91
C GLU J 88 6.62 -27.90 -15.58
N THR J 89 7.94 -28.14 -15.66
CA THR J 89 8.45 -29.39 -16.20
C THR J 89 7.79 -30.61 -15.58
N ALA J 90 7.44 -30.53 -14.30
CA ALA J 90 6.88 -31.68 -13.61
C ALA J 90 5.40 -31.86 -13.95
N SER J 91 4.61 -30.81 -13.74
CA SER J 91 3.16 -30.90 -13.92
C SER J 91 2.80 -31.27 -15.35
N GLU J 92 3.61 -30.82 -16.30
CA GLU J 92 3.55 -31.36 -17.65
C GLU J 92 3.65 -32.88 -17.62
N LEU J 93 4.76 -33.40 -17.06
CA LEU J 93 4.98 -34.85 -17.05
C LEU J 93 3.87 -35.59 -16.32
N ILE J 94 3.45 -35.08 -15.16
CA ILE J 94 2.38 -35.75 -14.42
C ILE J 94 1.08 -35.71 -15.22
N LEU J 95 0.69 -34.54 -15.73
CA LEU J 95 -0.58 -34.42 -16.43
C LEU J 95 -0.59 -35.21 -17.72
N ARG J 96 0.57 -35.38 -18.37
CA ARG J 96 0.63 -36.30 -19.50
C ARG J 96 0.44 -37.74 -19.06
N GLY J 97 0.89 -38.11 -17.86
CA GLY J 97 0.69 -39.46 -17.41
C GLY J 97 1.84 -40.10 -16.65
N ALA J 98 2.72 -39.28 -16.10
CA ALA J 98 3.65 -39.76 -15.10
C ALA J 98 2.92 -39.89 -13.77
N ASP J 99 3.16 -40.99 -13.07
CA ASP J 99 2.55 -41.16 -11.75
C ASP J 99 3.32 -40.42 -10.67
N LYS J 100 4.65 -40.33 -10.81
CA LYS J 100 5.48 -39.56 -9.90
C LYS J 100 6.65 -39.01 -10.69
N VAL J 101 7.24 -37.91 -10.21
CA VAL J 101 8.35 -37.24 -10.89
C VAL J 101 9.56 -37.19 -9.96
N GLU J 102 10.75 -37.36 -10.52
CA GLU J 102 11.95 -37.50 -9.70
C GLU J 102 12.87 -36.31 -9.87
N ILE J 103 13.23 -35.70 -8.74
CA ILE J 103 14.10 -34.54 -8.66
C ILE J 103 15.29 -34.86 -7.77
N ASN J 104 16.42 -34.25 -8.09
CA ASN J 104 17.61 -34.28 -7.26
C ASN J 104 18.14 -32.87 -7.11
N THR J 105 19.09 -32.52 -7.99
CA THR J 105 19.73 -31.21 -7.94
C THR J 105 18.73 -30.09 -7.72
N ALA J 106 17.72 -30.03 -8.58
CA ALA J 106 16.69 -29.00 -8.49
C ALA J 106 16.04 -28.98 -7.10
N ALA J 107 15.89 -30.14 -6.47
CA ALA J 107 15.34 -30.17 -5.11
C ALA J 107 16.28 -29.51 -4.13
N VAL J 108 17.59 -29.73 -4.28
CA VAL J 108 18.57 -29.22 -3.33
C VAL J 108 18.62 -27.70 -3.39
N GLU J 109 18.89 -27.16 -4.60
CA GLU J 109 19.05 -25.73 -4.88
C GLU J 109 17.76 -24.94 -4.74
N ASN J 110 16.63 -25.62 -4.47
CA ASN J 110 15.33 -24.99 -4.24
C ASN J 110 14.39 -26.04 -3.64
N PRO J 111 14.48 -26.30 -2.33
CA PRO J 111 13.55 -27.25 -1.69
C PRO J 111 12.08 -26.87 -1.79
N SER J 112 11.76 -25.66 -2.25
CA SER J 112 10.37 -25.31 -2.50
C SER J 112 9.76 -26.17 -3.59
N LEU J 113 10.59 -26.74 -4.47
CA LEU J 113 10.08 -27.61 -5.52
C LEU J 113 9.41 -28.85 -4.95
N ILE J 114 9.89 -29.35 -3.81
CA ILE J 114 9.24 -30.46 -3.13
C ILE J 114 7.86 -30.04 -2.62
N THR J 115 7.83 -29.04 -1.72
CA THR J 115 6.59 -28.49 -1.16
C THR J 115 5.54 -28.28 -2.24
N GLN J 116 5.97 -27.69 -3.38
CA GLN J 116 5.11 -27.25 -4.48
C GLN J 116 4.34 -28.42 -5.08
N ILE J 117 5.07 -29.28 -5.81
CA ILE J 117 4.48 -30.46 -6.44
C ILE J 117 3.66 -31.24 -5.43
N ALA J 118 4.19 -31.34 -4.19
CA ALA J 118 3.50 -32.04 -3.12
C ALA J 118 2.08 -31.50 -2.94
N GLN J 119 1.97 -30.22 -2.63
CA GLN J 119 0.65 -29.66 -2.34
C GLN J 119 -0.30 -29.77 -3.55
N THR J 120 0.26 -29.82 -4.75
CA THR J 120 -0.57 -29.93 -5.94
C THR J 120 -0.96 -31.38 -6.21
N PHE J 121 0.02 -32.22 -6.52
CA PHE J 121 -0.26 -33.57 -6.95
C PHE J 121 -0.18 -34.61 -5.84
N GLY J 122 0.05 -34.18 -4.60
CA GLY J 122 0.21 -35.12 -3.49
C GLY J 122 1.65 -35.45 -3.22
N SER J 123 1.97 -35.67 -1.93
CA SER J 123 3.33 -36.05 -1.55
C SER J 123 3.75 -37.33 -2.26
N GLN J 124 2.84 -38.28 -2.38
CA GLN J 124 3.12 -39.55 -3.02
C GLN J 124 3.58 -39.39 -4.46
N ALA J 125 3.39 -38.24 -5.06
CA ALA J 125 3.89 -37.99 -6.40
C ALA J 125 5.21 -37.26 -6.40
N VAL J 126 5.83 -37.07 -5.23
CA VAL J 126 7.14 -36.43 -5.12
C VAL J 126 8.19 -37.47 -4.66
N VAL J 127 9.26 -37.59 -5.44
CA VAL J 127 10.35 -38.52 -5.22
C VAL J 127 11.66 -37.76 -5.30
N VAL J 128 12.51 -37.91 -4.28
CA VAL J 128 13.78 -37.18 -4.20
C VAL J 128 14.92 -38.19 -4.26
N TYR J 129 15.63 -38.20 -5.40
CA TYR J 129 16.85 -38.99 -5.52
C TYR J 129 17.97 -38.21 -4.86
N ILE J 130 18.62 -38.82 -3.85
CA ILE J 130 19.67 -38.20 -3.05
C ILE J 130 20.93 -39.02 -3.24
N ALA J 131 21.88 -38.51 -4.02
CA ALA J 131 23.12 -39.22 -4.29
C ALA J 131 24.13 -38.86 -3.19
N ALA J 132 24.46 -39.83 -2.35
CA ALA J 132 25.39 -39.61 -1.25
C ALA J 132 26.70 -40.31 -1.55
N LYS J 133 27.79 -39.63 -1.23
CA LYS J 133 29.10 -40.23 -1.14
C LYS J 133 29.72 -39.78 0.17
N ARG J 134 30.71 -40.54 0.63
CA ARG J 134 31.50 -40.11 1.78
C ARG J 134 32.66 -39.26 1.31
N VAL J 135 32.90 -38.17 2.03
CA VAL J 135 34.15 -37.43 1.94
C VAL J 135 34.51 -37.08 3.38
N ASP J 136 35.60 -37.67 3.87
CA ASP J 136 36.13 -37.49 5.22
C ASP J 136 35.24 -38.11 6.29
N GLY J 137 35.00 -39.43 6.17
CA GLY J 137 34.22 -40.18 7.15
C GLY J 137 32.82 -39.65 7.41
N GLU J 138 32.23 -38.92 6.46
CA GLU J 138 30.92 -38.32 6.65
C GLU J 138 30.14 -38.32 5.34
N PHE J 139 28.87 -38.65 5.44
CA PHE J 139 28.01 -38.82 4.28
C PHE J 139 27.61 -37.45 3.72
N MET J 140 28.00 -37.18 2.47
CA MET J 140 27.78 -35.88 1.86
C MET J 140 26.83 -35.99 0.68
N VAL J 141 26.07 -34.93 0.45
CA VAL J 141 25.14 -34.85 -0.68
C VAL J 141 25.88 -34.30 -1.89
N PHE J 142 25.67 -34.94 -3.04
CA PHE J 142 26.19 -34.48 -4.31
C PHE J 142 25.03 -34.20 -5.24
N THR J 143 25.15 -33.10 -6.00
CA THR J 143 24.16 -32.71 -6.98
C THR J 143 24.77 -32.78 -8.38
N TYR J 144 23.91 -32.57 -9.37
CA TYR J 144 24.32 -32.65 -10.77
C TYR J 144 24.96 -33.99 -11.05
N SER J 145 24.15 -35.03 -11.27
CA SER J 145 24.65 -36.36 -11.66
C SER J 145 25.85 -36.79 -10.80
N GLY J 146 25.83 -36.41 -9.52
CA GLY J 146 26.88 -36.74 -8.57
C GLY J 146 28.24 -36.16 -8.84
N THR J 147 28.34 -34.90 -9.28
CA THR J 147 29.63 -34.26 -9.48
C THR J 147 29.96 -33.17 -8.48
N LYS J 148 28.96 -32.62 -7.78
CA LYS J 148 29.11 -31.36 -7.07
C LYS J 148 28.79 -31.53 -5.60
N ASN J 149 29.85 -31.59 -4.77
CA ASN J 149 29.69 -31.62 -3.32
C ASN J 149 28.92 -30.38 -2.87
N THR J 150 27.69 -30.54 -2.39
CA THR J 150 26.93 -29.40 -1.91
C THR J 150 27.31 -28.99 -0.50
N GLY J 151 28.00 -29.85 0.25
CA GLY J 151 28.32 -29.57 1.63
C GLY J 151 27.21 -29.82 2.61
N ILE J 152 25.98 -29.99 2.15
CA ILE J 152 24.88 -30.26 3.07
C ILE J 152 25.03 -31.68 3.59
N LEU J 153 24.87 -31.85 4.91
CA LEU J 153 24.87 -33.18 5.51
C LEU J 153 23.77 -34.06 4.89
N LEU J 154 24.13 -35.32 4.59
CA LEU J 154 23.11 -36.30 4.26
C LEU J 154 22.16 -36.49 5.44
N ARG J 155 22.68 -36.47 6.67
CA ARG J 155 21.80 -36.51 7.83
C ARG J 155 20.84 -35.34 7.84
N ASP J 156 21.29 -34.19 7.32
CA ASP J 156 20.47 -32.99 7.31
C ASP J 156 19.45 -33.04 6.17
N TRP J 157 19.91 -33.38 4.96
CA TRP J 157 19.06 -33.31 3.78
C TRP J 157 17.86 -34.25 3.88
N VAL J 158 17.99 -35.33 4.66
CA VAL J 158 16.92 -36.32 4.73
C VAL J 158 15.74 -35.78 5.51
N VAL J 159 15.98 -35.13 6.66
CA VAL J 159 14.87 -34.57 7.42
C VAL J 159 14.17 -33.48 6.62
N GLU J 160 14.94 -32.68 5.88
CA GLU J 160 14.35 -31.56 5.16
C GLU J 160 13.52 -32.03 3.98
N VAL J 161 14.01 -33.06 3.27
CA VAL J 161 13.24 -33.70 2.21
C VAL J 161 11.88 -34.14 2.75
N GLU J 162 11.88 -34.90 3.86
CA GLU J 162 10.62 -35.30 4.48
C GLU J 162 9.82 -34.09 4.94
N LYS J 163 10.51 -33.07 5.44
CA LYS J 163 9.84 -31.86 5.89
C LYS J 163 9.06 -31.23 4.74
N ARG J 164 9.76 -30.85 3.67
CA ARG J 164 9.16 -30.12 2.57
C ARG J 164 7.94 -30.84 2.01
N GLY J 165 7.96 -32.18 2.00
CA GLY J 165 6.75 -32.90 1.64
C GLY J 165 6.92 -34.03 0.64
N ALA J 166 8.13 -34.54 0.50
CA ALA J 166 8.30 -35.76 -0.29
C ALA J 166 7.62 -36.94 0.43
N GLY J 167 7.38 -38.00 -0.34
CA GLY J 167 6.64 -39.15 0.12
C GLY J 167 7.45 -40.43 -0.01
N GLU J 168 8.54 -40.36 -0.77
CA GLU J 168 9.61 -41.37 -0.69
C GLU J 168 10.90 -40.76 -1.21
N ILE J 169 11.99 -41.46 -0.90
CA ILE J 169 13.36 -41.08 -1.21
C ILE J 169 14.03 -42.29 -1.84
N VAL J 170 14.91 -42.08 -2.82
CA VAL J 170 15.85 -43.11 -3.23
C VAL J 170 17.26 -42.66 -2.81
N LEU J 171 18.01 -43.59 -2.22
CA LEU J 171 19.27 -43.30 -1.53
C LEU J 171 20.43 -43.91 -2.31
N GLY J 172 20.88 -43.18 -3.34
CA GLY J 172 21.96 -43.67 -4.21
C GLY J 172 23.34 -43.46 -3.60
N SER J 173 24.24 -44.40 -3.85
CA SER J 173 25.57 -44.41 -3.27
C SER J 173 26.60 -44.37 -4.39
N ILE J 174 27.13 -43.19 -4.70
CA ILE J 174 28.11 -43.07 -5.78
C ILE J 174 29.31 -43.94 -5.48
N ASP J 175 29.62 -44.12 -4.19
CA ASP J 175 30.48 -45.16 -3.65
C ASP J 175 30.52 -46.36 -4.57
N ARG J 176 29.33 -46.92 -4.85
CA ARG J 176 29.18 -48.22 -5.49
C ARG J 176 28.57 -48.14 -6.89
N LEU J 177 28.53 -46.95 -7.48
CA LEU J 177 28.03 -46.82 -8.85
C LEU J 177 28.91 -47.64 -9.79
N GLY J 178 28.27 -48.36 -10.71
CA GLY J 178 28.99 -49.20 -11.66
C GLY J 178 29.65 -50.43 -11.04
N THR J 179 29.55 -50.55 -9.72
CA THR J 179 30.10 -51.73 -9.06
C THR J 179 29.02 -52.78 -8.87
N LYS J 180 29.46 -54.02 -8.69
CA LYS J 180 28.56 -55.16 -8.54
C LYS J 180 28.75 -55.87 -7.19
N SER J 181 29.13 -55.11 -6.15
CA SER J 181 29.48 -55.66 -4.84
C SER J 181 28.40 -55.41 -3.79
N GLY J 182 27.20 -54.99 -4.20
CA GLY J 182 26.06 -54.87 -3.31
C GLY J 182 25.71 -53.42 -3.03
N TYR J 183 24.66 -53.26 -2.24
CA TYR J 183 24.20 -51.93 -1.91
C TYR J 183 25.02 -51.38 -0.76
N ASP J 184 24.98 -50.06 -0.60
CA ASP J 184 25.57 -49.46 0.59
C ASP J 184 24.64 -49.74 1.76
N THR J 185 24.74 -50.99 2.24
CA THR J 185 23.95 -51.41 3.37
C THR J 185 24.22 -50.52 4.58
N GLU J 186 25.44 -50.01 4.70
CA GLU J 186 25.75 -49.08 5.79
C GLU J 186 24.97 -47.78 5.64
N MET J 187 24.93 -47.25 4.42
CA MET J 187 24.24 -46.00 4.13
C MET J 187 22.74 -46.12 4.35
N ILE J 188 22.14 -47.26 4.02
CA ILE J 188 20.73 -47.45 4.32
C ILE J 188 20.52 -47.47 5.83
N ARG J 189 21.31 -48.29 6.54
CA ARG J 189 21.18 -48.37 7.98
C ARG J 189 21.39 -47.00 8.62
N PHE J 190 22.32 -46.21 8.08
CA PHE J 190 22.53 -44.86 8.58
C PHE J 190 21.28 -43.99 8.40
N VAL J 191 20.64 -44.06 7.23
CA VAL J 191 19.52 -43.16 6.94
C VAL J 191 18.23 -43.63 7.61
N ARG J 192 18.09 -44.92 7.85
CA ARG J 192 16.79 -45.47 8.22
C ARG J 192 16.18 -44.90 9.49
N PRO J 193 16.90 -44.78 10.62
CA PRO J 193 16.24 -44.26 11.84
C PRO J 193 15.90 -42.77 11.77
N LEU J 194 16.40 -42.06 10.76
CA LEU J 194 16.20 -40.61 10.67
C LEU J 194 14.81 -40.26 10.17
N THR J 195 14.35 -40.91 9.11
CA THR J 195 13.05 -40.58 8.55
C THR J 195 12.03 -41.71 8.56
N THR J 196 10.85 -41.42 8.05
CA THR J 196 9.76 -42.40 7.99
C THR J 196 9.37 -42.76 6.57
N LEU J 197 9.78 -41.97 5.58
CA LEU J 197 9.39 -42.22 4.20
C LEU J 197 10.01 -43.51 3.70
N PRO J 198 9.37 -44.20 2.77
CA PRO J 198 9.99 -45.40 2.20
C PRO J 198 11.33 -45.03 1.58
N ILE J 199 12.30 -45.91 1.73
CA ILE J 199 13.60 -45.75 1.11
C ILE J 199 13.69 -46.69 -0.07
N ILE J 200 14.21 -46.20 -1.19
CA ILE J 200 14.53 -47.04 -2.32
C ILE J 200 16.05 -47.05 -2.46
N ALA J 201 16.66 -48.21 -2.24
CA ALA J 201 18.13 -48.31 -2.27
C ALA J 201 18.56 -48.51 -3.70
N HIS J 202 19.46 -47.65 -4.19
CA HIS J 202 19.91 -47.68 -5.57
C HIS J 202 21.43 -47.64 -5.60
N ARG J 203 22.00 -48.30 -6.63
CA ARG J 203 23.44 -48.46 -6.86
C ARG J 203 24.02 -49.64 -6.09
N GLY J 204 24.72 -50.51 -6.79
CA GLY J 204 25.34 -51.66 -6.17
C GLY J 204 25.01 -52.98 -6.82
N ALA J 205 23.73 -53.39 -6.77
CA ALA J 205 23.29 -54.76 -7.02
C ALA J 205 24.14 -55.52 -8.04
N GLY J 206 24.59 -56.72 -7.67
CA GLY J 206 25.36 -57.55 -8.57
C GLY J 206 24.85 -58.98 -8.59
N LYS J 207 24.23 -59.39 -7.49
CA LYS J 207 23.77 -60.77 -7.39
C LYS J 207 22.55 -60.82 -6.50
N THR J 208 21.84 -61.94 -6.58
CA THR J 208 20.66 -62.27 -5.79
C THR J 208 20.70 -61.71 -4.38
N GLU J 209 21.71 -62.15 -3.62
CA GLU J 209 21.69 -61.99 -2.16
C GLU J 209 21.71 -60.53 -1.78
N HIS J 210 22.28 -59.68 -2.65
CA HIS J 210 22.46 -58.26 -2.31
C HIS J 210 21.14 -57.56 -2.09
N PHE J 211 20.08 -58.01 -2.77
CA PHE J 211 18.77 -57.42 -2.55
C PHE J 211 18.28 -57.71 -1.14
N LEU J 212 18.50 -58.96 -0.69
CA LEU J 212 18.17 -59.36 0.67
C LEU J 212 18.94 -58.51 1.69
N GLU J 213 20.20 -58.21 1.40
CA GLU J 213 20.97 -57.40 2.33
C GLU J 213 20.34 -56.03 2.50
N ALA J 214 19.92 -55.43 1.37
CA ALA J 214 19.36 -54.09 1.38
C ALA J 214 18.04 -54.03 2.13
N PHE J 215 17.21 -55.07 2.01
CA PHE J 215 15.98 -55.10 2.79
C PHE J 215 16.25 -55.31 4.28
N LEU J 216 17.19 -56.21 4.62
CA LEU J 216 17.57 -56.36 6.02
C LEU J 216 18.04 -55.02 6.59
N ALA J 217 18.74 -54.24 5.78
CA ALA J 217 19.24 -52.96 6.26
C ALA J 217 18.16 -51.89 6.37
N GLY J 218 16.90 -52.25 6.09
CA GLY J 218 15.78 -51.33 6.30
C GLY J 218 15.23 -50.64 5.05
N ALA J 219 15.84 -50.83 3.88
CA ALA J 219 15.24 -50.28 2.66
C ALA J 219 13.81 -50.77 2.48
N ASP J 220 12.95 -49.89 1.95
CA ASP J 220 11.58 -50.28 1.60
C ASP J 220 11.46 -50.77 0.17
N ALA J 221 12.44 -50.46 -0.68
CA ALA J 221 12.43 -50.87 -2.07
C ALA J 221 13.86 -51.01 -2.53
N ALA J 222 14.05 -51.87 -3.52
CA ALA J 222 15.35 -52.08 -4.14
C ALA J 222 15.22 -51.83 -5.62
N LYS J 223 16.12 -51.01 -6.16
CA LYS J 223 16.04 -50.57 -7.53
C LYS J 223 17.39 -50.75 -8.20
N ALA J 224 17.40 -51.47 -9.31
CA ALA J 224 18.55 -51.63 -10.19
C ALA J 224 18.21 -51.17 -11.60
N ASP J 225 19.21 -51.30 -12.49
CA ASP J 225 19.01 -51.07 -13.92
C ASP J 225 19.69 -52.16 -14.74
N SER J 226 20.99 -52.01 -14.98
CA SER J 226 21.65 -52.83 -15.99
C SER J 226 21.68 -54.30 -15.58
N VAL J 227 21.66 -54.58 -14.28
CA VAL J 227 21.76 -55.97 -13.85
C VAL J 227 20.48 -56.71 -14.17
N PHE J 228 19.38 -55.99 -14.35
CA PHE J 228 18.13 -56.63 -14.79
C PHE J 228 18.09 -56.82 -16.30
N HIS J 229 18.59 -55.83 -17.07
CA HIS J 229 18.44 -55.88 -18.53
C HIS J 229 19.41 -56.86 -19.18
N SER J 230 20.62 -56.99 -18.64
CA SER J 230 21.52 -58.00 -19.17
C SER J 230 21.08 -59.41 -18.83
N ARG J 231 20.07 -59.57 -17.97
CA ARG J 231 19.53 -60.87 -17.56
C ARG J 231 20.47 -61.59 -16.57
N GLU J 232 21.26 -60.83 -15.83
CA GLU J 232 22.04 -61.39 -14.73
C GLU J 232 21.15 -61.80 -13.57
N ILE J 233 20.05 -61.09 -13.34
CA ILE J 233 19.17 -61.37 -12.21
C ILE J 233 17.75 -61.45 -12.77
N ASP J 234 17.24 -62.65 -12.94
CA ASP J 234 15.87 -62.81 -13.39
C ASP J 234 14.91 -62.34 -12.31
N VAL J 235 13.98 -61.44 -12.64
CA VAL J 235 13.21 -60.78 -11.60
C VAL J 235 12.41 -61.79 -10.79
N ARG J 236 11.89 -62.82 -11.44
CA ARG J 236 11.02 -63.77 -10.74
C ARG J 236 11.84 -64.72 -9.86
N GLU J 237 12.97 -65.22 -10.37
CA GLU J 237 13.95 -65.83 -9.49
C GLU J 237 14.20 -64.94 -8.28
N LEU J 238 14.55 -63.67 -8.53
CA LEU J 238 14.95 -62.78 -7.45
C LEU J 238 13.88 -62.72 -6.38
N LYS J 239 12.61 -62.65 -6.81
CA LYS J 239 11.50 -62.56 -5.85
C LYS J 239 11.27 -63.89 -5.13
N GLU J 240 11.42 -65.01 -5.84
CA GLU J 240 11.32 -66.31 -5.19
C GLU J 240 12.34 -66.43 -4.07
N TYR J 241 13.57 -65.98 -4.32
CA TYR J 241 14.64 -66.07 -3.33
C TYR J 241 14.30 -65.26 -2.08
N LEU J 242 13.93 -64.00 -2.28
CA LEU J 242 13.54 -63.15 -1.16
C LEU J 242 12.39 -63.75 -0.38
N LYS J 243 11.42 -64.34 -1.09
CA LYS J 243 10.27 -64.96 -0.44
C LYS J 243 10.73 -66.08 0.49
N LYS J 244 11.76 -66.82 0.05
CA LYS J 244 12.18 -68.05 0.71
C LYS J 244 12.85 -67.74 2.04
N HIS J 245 13.61 -66.65 2.09
CA HIS J 245 14.30 -66.18 3.27
C HIS J 245 13.57 -65.03 3.96
N GLY J 246 12.24 -65.03 3.89
CA GLY J 246 11.41 -64.20 4.73
C GLY J 246 11.24 -62.73 4.37
N VAL J 247 11.71 -62.27 3.22
CA VAL J 247 11.28 -60.96 2.76
C VAL J 247 9.86 -61.05 2.22
N ASN J 248 9.03 -60.05 2.48
CA ASN J 248 7.64 -60.05 1.98
C ASN J 248 7.55 -59.31 0.65
N VAL J 249 7.38 -60.06 -0.44
CA VAL J 249 7.16 -59.46 -1.75
C VAL J 249 5.87 -59.97 -2.36
N ARG J 250 5.33 -59.18 -3.28
CA ARG J 250 4.23 -59.63 -4.12
C ARG J 250 4.79 -60.44 -5.27
N LEU J 251 4.19 -61.62 -5.49
CA LEU J 251 4.73 -62.54 -6.50
C LEU J 251 3.59 -63.38 -7.02
N GLU J 252 3.33 -63.29 -8.33
CA GLU J 252 2.15 -63.91 -8.91
C GLU J 252 2.30 -65.42 -8.93
N GLY J 253 1.17 -66.12 -8.85
CA GLY J 253 1.15 -67.56 -9.03
C GLY J 253 1.35 -67.98 -10.48
N LEU J 254 1.40 -69.29 -10.68
CA LEU J 254 1.65 -69.89 -12.00
C LEU J 254 0.41 -69.83 -12.89
N ALA K 2 38.33 3.25 9.14
CA ALA K 2 39.01 2.41 8.18
C ALA K 2 39.48 3.23 6.97
N LEU K 3 38.28 4.21 6.71
CA LEU K 3 38.89 4.89 5.59
C LEU K 3 40.31 5.34 5.95
N ALA K 4 41.07 5.71 4.91
CA ALA K 4 42.32 6.39 5.17
C ALA K 4 42.05 7.71 5.87
N LYS K 5 43.06 8.20 6.55
CA LYS K 5 42.98 9.51 7.19
C LYS K 5 43.10 10.59 6.13
N ARG K 6 42.44 11.72 6.38
CA ARG K 6 42.38 12.82 5.42
C ARG K 6 43.20 14.00 5.92
N ILE K 7 43.88 14.65 4.99
CA ILE K 7 44.57 15.90 5.23
C ILE K 7 43.79 16.97 4.47
N ASP K 8 43.21 17.92 5.20
CA ASP K 8 42.28 18.91 4.68
C ASP K 8 42.98 20.26 4.73
N ALA K 9 43.26 20.84 3.58
CA ALA K 9 43.78 22.21 3.55
C ALA K 9 42.59 23.18 3.53
N ALA K 10 42.51 24.04 4.54
CA ALA K 10 41.48 25.05 4.65
C ALA K 10 42.00 26.34 4.03
N LEU K 11 41.19 26.94 3.16
CA LEU K 11 41.52 28.22 2.53
C LEU K 11 40.56 29.27 3.05
N ILE K 12 41.10 30.30 3.69
CA ILE K 12 40.33 31.44 4.20
C ILE K 12 40.21 32.49 3.10
N LEU K 13 38.98 32.99 2.90
CA LEU K 13 38.70 33.86 1.78
C LEU K 13 38.03 35.15 2.24
N LYS K 14 38.45 36.26 1.62
CA LYS K 14 37.69 37.50 1.67
C LYS K 14 37.69 38.11 0.28
N ASP K 15 36.49 38.46 -0.21
CA ASP K 15 36.32 39.10 -1.51
C ASP K 15 36.85 38.21 -2.62
N GLY K 16 36.57 36.91 -2.50
CA GLY K 16 36.95 35.94 -3.49
C GLY K 16 38.42 35.63 -3.57
N ARG K 17 39.25 36.20 -2.69
CA ARG K 17 40.69 35.99 -2.64
C ARG K 17 41.06 35.14 -1.43
N VAL K 18 42.20 34.47 -1.53
CA VAL K 18 42.82 33.80 -0.37
C VAL K 18 43.50 34.88 0.45
N VAL K 19 42.97 35.15 1.65
CA VAL K 19 43.58 36.10 2.58
C VAL K 19 45.07 35.80 2.84
N LYS K 20 45.92 36.80 2.62
CA LYS K 20 47.37 36.76 2.86
C LYS K 20 48.10 35.70 2.04
N GLY K 21 47.38 34.89 1.26
CA GLY K 21 47.98 34.16 0.15
C GLY K 21 48.62 32.84 0.49
N SER K 22 49.77 32.59 -0.12
CA SER K 22 50.57 31.40 0.14
C SER K 22 51.98 31.68 -0.34
N ASN K 23 52.92 30.92 0.19
CA ASN K 23 54.33 31.15 -0.12
C ASN K 23 54.83 30.43 -1.36
N PHE K 24 53.96 29.74 -2.12
CA PHE K 24 54.42 28.91 -3.23
C PHE K 24 54.85 29.80 -4.40
N GLU K 25 56.12 29.68 -4.82
CA GLU K 25 56.67 30.60 -5.81
C GLU K 25 56.16 30.27 -7.22
N ASN K 26 55.64 29.06 -7.41
CA ASN K 26 55.34 28.52 -8.72
C ASN K 26 53.92 28.81 -9.21
N LEU K 27 53.05 29.33 -8.34
CA LEU K 27 51.74 29.78 -8.77
C LEU K 27 51.83 31.16 -9.38
N ARG K 28 50.95 31.45 -10.35
CA ARG K 28 50.98 32.78 -10.93
C ARG K 28 50.25 33.79 -10.04
N ASP K 29 49.08 33.43 -9.52
CA ASP K 29 48.38 34.34 -8.62
C ASP K 29 48.32 33.71 -7.23
N SER K 30 49.12 34.26 -6.32
CA SER K 30 49.21 33.76 -4.95
C SER K 30 47.89 33.91 -4.18
N GLY K 31 46.96 34.73 -4.68
CA GLY K 31 45.70 35.04 -4.03
C GLY K 31 44.51 34.31 -4.61
N ASP K 32 44.73 33.40 -5.55
CA ASP K 32 43.66 32.83 -6.35
C ASP K 32 43.23 31.49 -5.75
N PRO K 33 42.06 31.41 -5.13
CA PRO K 33 41.61 30.13 -4.56
C PRO K 33 41.61 28.98 -5.54
N VAL K 34 41.42 29.24 -6.83
CA VAL K 34 41.28 28.09 -7.73
C VAL K 34 42.65 27.54 -8.08
N GLU K 35 43.64 28.42 -8.25
CA GLU K 35 45.00 27.93 -8.53
C GLU K 35 45.61 27.24 -7.31
N LEU K 36 45.43 27.81 -6.12
CA LEU K 36 45.95 27.19 -4.90
C LEU K 36 45.26 25.87 -4.63
N GLY K 37 43.92 25.91 -4.53
CA GLY K 37 43.17 24.68 -4.31
C GLY K 37 43.52 23.56 -5.28
N LYS K 38 43.77 23.90 -6.56
CA LYS K 38 44.07 22.87 -7.54
C LYS K 38 45.49 22.33 -7.36
N PHE K 39 46.45 23.20 -7.03
CA PHE K 39 47.79 22.73 -6.68
C PHE K 39 47.73 21.72 -5.53
N TYR K 40 47.01 22.07 -4.44
CA TYR K 40 46.93 21.20 -3.27
C TYR K 40 46.32 19.85 -3.63
N SER K 41 45.34 19.84 -4.53
CA SER K 41 44.80 18.58 -5.00
C SER K 41 45.83 17.81 -5.79
N GLU K 42 46.75 18.52 -6.45
CA GLU K 42 47.77 17.83 -7.21
C GLU K 42 48.89 17.30 -6.33
N ILE K 43 49.12 17.93 -5.17
CA ILE K 43 50.29 17.63 -4.35
C ILE K 43 49.93 16.76 -3.14
N GLY K 44 48.66 16.46 -2.91
CA GLY K 44 48.35 15.44 -1.92
C GLY K 44 47.17 15.70 -0.99
N ILE K 45 46.76 16.96 -0.83
CA ILE K 45 45.60 17.27 0.00
C ILE K 45 44.41 16.41 -0.43
N ASP K 46 43.64 15.93 0.55
CA ASP K 46 42.57 14.97 0.30
C ASP K 46 41.21 15.63 0.10
N GLU K 47 40.96 16.73 0.80
CA GLU K 47 39.68 17.42 0.76
C GLU K 47 39.98 18.88 1.06
N LEU K 48 39.14 19.78 0.54
CA LEU K 48 39.38 21.20 0.73
C LEU K 48 38.16 21.87 1.34
N SER K 49 38.43 22.96 2.07
CA SER K 49 37.44 23.77 2.76
C SER K 49 37.70 25.21 2.35
N PHE K 50 36.68 25.88 1.84
CA PHE K 50 36.74 27.30 1.55
C PHE K 50 35.92 28.03 2.62
N TRP K 51 36.54 28.95 3.34
CA TRP K 51 35.90 29.58 4.48
C TRP K 51 35.84 31.09 4.24
N ASP K 52 34.63 31.61 4.10
CA ASP K 52 34.41 33.00 3.68
C ASP K 52 34.21 33.89 4.89
N ILE K 53 35.12 34.83 5.08
CA ILE K 53 35.00 35.85 6.12
C ILE K 53 34.48 37.17 5.56
N THR K 54 34.04 37.17 4.30
CA THR K 54 33.51 38.39 3.69
C THR K 54 32.21 38.81 4.36
N ALA K 55 32.10 40.11 4.63
CA ALA K 55 30.86 40.71 5.12
C ALA K 55 30.35 41.71 4.10
N SER K 56 30.26 41.29 2.85
CA SER K 56 29.56 42.03 1.81
C SER K 56 28.44 41.13 1.28
N VAL K 57 27.19 41.49 1.58
CA VAL K 57 26.07 40.73 1.05
C VAL K 57 25.87 41.02 -0.43
N GLU K 58 26.52 42.07 -0.93
CA GLU K 58 26.86 42.12 -2.35
C GLU K 58 27.44 40.78 -2.78
N LYS K 59 28.48 40.36 -2.06
CA LYS K 59 29.21 39.13 -2.35
C LYS K 59 28.40 37.87 -2.06
N ARG K 60 27.09 37.99 -2.24
CA ARG K 60 26.18 36.87 -2.01
C ARG K 60 26.32 35.89 -3.18
N LYS K 61 26.83 36.38 -4.31
CA LYS K 61 27.04 35.57 -5.49
C LYS K 61 28.51 35.35 -5.82
N THR K 62 29.45 36.09 -5.20
CA THR K 62 30.84 35.84 -5.55
C THR K 62 31.30 34.46 -5.12
N MET K 63 30.83 33.98 -3.97
CA MET K 63 31.25 32.65 -3.59
C MET K 63 30.63 31.62 -4.52
N LEU K 64 29.31 31.73 -4.79
CA LEU K 64 28.68 30.85 -5.76
C LEU K 64 29.41 30.88 -7.11
N GLU K 65 29.69 32.08 -7.62
N GLU K 65 29.69 32.08 -7.62
CA GLU K 65 30.48 32.16 -8.84
CA GLU K 65 30.49 32.15 -8.84
C GLU K 65 31.83 31.47 -8.65
C GLU K 65 31.82 31.45 -8.65
N LEU K 66 32.43 31.63 -7.47
CA LEU K 66 33.65 30.91 -7.15
C LEU K 66 33.39 29.42 -7.02
N VAL K 67 32.39 29.04 -6.21
CA VAL K 67 32.04 27.63 -6.02
C VAL K 67 31.99 26.91 -7.35
N GLU K 68 31.36 27.54 -8.34
CA GLU K 68 31.25 26.92 -9.67
C GLU K 68 32.61 26.87 -10.36
N LYS K 69 33.34 27.97 -10.36
CA LYS K 69 34.66 27.97 -10.98
C LYS K 69 35.54 26.88 -10.42
N VAL K 70 35.50 26.68 -9.10
CA VAL K 70 36.36 25.71 -8.43
C VAL K 70 35.81 24.29 -8.59
N ALA K 71 34.49 24.16 -8.74
CA ALA K 71 33.91 22.84 -8.96
C ALA K 71 34.39 22.21 -10.27
N GLU K 72 34.71 23.01 -11.28
CA GLU K 72 35.07 22.35 -12.54
C GLU K 72 36.55 21.97 -12.58
N GLN K 73 37.41 22.73 -11.91
CA GLN K 73 38.84 22.48 -11.97
C GLN K 73 39.33 21.42 -10.98
N ILE K 74 38.63 21.17 -9.88
CA ILE K 74 39.14 20.30 -8.82
C ILE K 74 38.22 19.09 -8.67
N ASP K 75 38.86 17.92 -8.47
CA ASP K 75 38.21 16.62 -8.40
C ASP K 75 37.93 16.13 -6.97
N ILE K 76 38.56 16.71 -5.95
CA ILE K 76 38.43 16.14 -4.60
C ILE K 76 37.43 16.93 -3.77
N PRO K 77 36.82 16.34 -2.74
CA PRO K 77 35.64 16.96 -2.09
C PRO K 77 35.83 18.43 -1.70
N ILE K 78 34.90 19.28 -2.16
CA ILE K 78 34.89 20.73 -1.87
C ILE K 78 33.89 21.00 -0.76
N THR K 79 34.31 21.83 0.21
CA THR K 79 33.49 22.19 1.34
C THR K 79 33.54 23.70 1.50
N VAL K 80 32.39 24.33 1.70
CA VAL K 80 32.30 25.78 1.88
C VAL K 80 31.64 26.06 3.23
N GLY K 81 31.98 27.20 3.80
CA GLY K 81 31.52 27.56 5.11
C GLY K 81 31.89 29.00 5.41
N GLY K 82 31.26 29.54 6.45
CA GLY K 82 31.35 30.96 6.75
C GLY K 82 30.03 31.69 6.67
N GLY K 83 29.66 32.18 5.50
CA GLY K 83 28.46 33.01 5.40
C GLY K 83 27.11 32.41 5.76
N ILE K 84 27.08 31.11 6.08
CA ILE K 84 25.89 30.28 5.89
C ILE K 84 25.02 30.30 7.15
N TYR K 85 23.76 30.73 6.97
CA TYR K 85 22.84 30.88 8.09
C TYR K 85 21.46 30.26 7.87
N ASP K 86 21.09 29.88 6.64
CA ASP K 86 19.75 29.40 6.35
C ASP K 86 19.79 28.30 5.27
N PHE K 87 18.61 27.79 4.93
CA PHE K 87 18.56 26.65 4.02
C PHE K 87 18.85 27.05 2.57
N GLU K 88 18.48 28.26 2.16
CA GLU K 88 18.61 28.60 0.75
C GLU K 88 20.04 28.92 0.36
N THR K 89 20.79 29.61 1.24
CA THR K 89 22.18 29.90 0.93
C THR K 89 22.99 28.61 0.77
N ALA K 90 22.75 27.63 1.65
CA ALA K 90 23.43 26.35 1.52
C ALA K 90 23.01 25.63 0.25
N SER K 91 21.70 25.68 -0.07
CA SER K 91 21.17 24.96 -1.22
C SER K 91 21.77 25.50 -2.50
N GLU K 92 21.79 26.83 -2.62
CA GLU K 92 22.46 27.48 -3.74
C GLU K 92 23.90 27.01 -3.91
N LEU K 93 24.63 26.85 -2.79
CA LEU K 93 26.03 26.39 -2.85
C LEU K 93 26.13 24.92 -3.23
N ILE K 94 25.34 24.04 -2.59
CA ILE K 94 25.43 22.62 -2.95
C ILE K 94 25.07 22.43 -4.41
N LEU K 95 24.05 23.17 -4.88
CA LEU K 95 23.60 23.07 -6.27
C LEU K 95 24.69 23.50 -7.23
N ARG K 96 25.27 24.67 -6.97
CA ARG K 96 26.27 25.22 -7.87
C ARG K 96 27.56 24.41 -7.90
N GLY K 97 27.76 23.47 -6.97
CA GLY K 97 28.90 22.57 -7.01
C GLY K 97 29.57 22.20 -5.68
N ALA K 98 28.99 22.59 -4.55
CA ALA K 98 29.62 22.29 -3.26
C ALA K 98 29.22 20.89 -2.77
N ASP K 99 30.23 20.03 -2.53
CA ASP K 99 29.98 18.67 -2.04
C ASP K 99 29.53 18.63 -0.58
N LYS K 100 30.06 19.52 0.25
CA LYS K 100 29.68 19.59 1.64
C LYS K 100 29.49 21.05 2.00
N VAL K 101 28.74 21.30 3.05
CA VAL K 101 28.50 22.67 3.49
C VAL K 101 28.62 22.72 5.01
N GLU K 102 29.27 23.77 5.51
CA GLU K 102 29.80 23.82 6.86
C GLU K 102 29.11 24.94 7.64
N ILE K 103 28.20 24.54 8.53
CA ILE K 103 27.48 25.46 9.40
C ILE K 103 27.94 25.29 10.84
N ASN K 104 27.57 26.25 11.67
CA ASN K 104 27.98 26.30 13.06
C ASN K 104 26.98 27.10 13.89
N THR K 105 27.19 28.41 14.01
CA THR K 105 26.25 29.23 14.77
C THR K 105 24.82 28.95 14.34
N ALA K 106 24.56 29.04 13.03
CA ALA K 106 23.21 28.81 12.53
C ALA K 106 22.70 27.43 12.94
N ALA K 107 23.60 26.46 13.09
CA ALA K 107 23.19 25.12 13.51
C ALA K 107 22.79 25.10 14.98
N VAL K 108 23.58 25.73 15.83
CA VAL K 108 23.25 25.71 17.25
C VAL K 108 22.00 26.52 17.51
N GLU K 109 21.76 27.58 16.74
CA GLU K 109 20.64 28.45 17.05
C GLU K 109 19.33 27.91 16.53
N ASN K 110 19.38 26.93 15.65
CA ASN K 110 18.24 26.29 15.04
C ASN K 110 18.66 24.88 14.60
N PRO K 111 18.78 23.92 15.53
CA PRO K 111 19.33 22.61 15.16
C PRO K 111 18.57 21.88 14.06
N SER K 112 17.27 22.16 13.87
CA SER K 112 16.55 21.49 12.78
C SER K 112 17.14 21.82 11.40
N LEU K 113 17.82 22.97 11.26
CA LEU K 113 18.46 23.33 10.00
C LEU K 113 19.42 22.27 9.51
N ILE K 114 20.09 21.56 10.43
CA ILE K 114 20.83 20.37 10.02
C ILE K 114 19.92 19.43 9.25
N THR K 115 18.84 18.99 9.91
CA THR K 115 17.88 18.05 9.33
C THR K 115 17.41 18.54 7.96
N GLN K 116 17.04 19.83 7.87
CA GLN K 116 16.59 20.44 6.63
C GLN K 116 17.52 20.12 5.46
N ILE K 117 18.76 20.63 5.54
CA ILE K 117 19.74 20.39 4.47
C ILE K 117 19.90 18.89 4.21
N ALA K 118 19.86 18.08 5.27
CA ALA K 118 20.13 16.64 5.15
C ALA K 118 19.00 15.87 4.49
N GLN K 119 17.78 16.38 4.51
CA GLN K 119 16.64 15.70 3.89
C GLN K 119 16.46 16.07 2.42
N THR K 120 17.35 16.89 1.86
CA THR K 120 17.45 17.11 0.43
C THR K 120 18.70 16.46 -0.15
N PHE K 121 19.87 16.81 0.38
CA PHE K 121 21.14 16.40 -0.20
C PHE K 121 21.75 15.20 0.50
N GLY K 122 21.15 14.74 1.59
CA GLY K 122 21.68 13.64 2.36
C GLY K 122 22.61 14.13 3.47
N SER K 123 22.86 13.21 4.41
CA SER K 123 23.80 13.49 5.50
C SER K 123 25.13 14.02 4.99
N GLN K 124 25.70 13.36 3.98
CA GLN K 124 27.10 13.53 3.62
C GLN K 124 27.45 14.90 3.09
N ALA K 125 26.55 15.87 3.25
CA ALA K 125 26.79 17.22 2.78
C ALA K 125 26.69 18.25 3.88
N VAL K 126 26.23 17.85 5.06
CA VAL K 126 26.15 18.74 6.22
C VAL K 126 27.38 18.48 7.10
N VAL K 127 28.22 19.50 7.23
CA VAL K 127 29.28 19.53 8.22
C VAL K 127 28.89 20.56 9.28
N VAL K 128 28.83 20.12 10.54
CA VAL K 128 28.61 21.01 11.68
C VAL K 128 29.94 21.26 12.37
N TYR K 129 30.38 22.52 12.37
CA TYR K 129 31.57 22.95 13.09
C TYR K 129 31.17 23.23 14.53
N ILE K 130 31.90 22.64 15.47
CA ILE K 130 31.66 22.83 16.90
C ILE K 130 32.92 23.46 17.49
N ALA K 131 32.83 24.74 17.84
CA ALA K 131 33.91 25.40 18.57
C ALA K 131 33.67 25.16 20.06
N ALA K 132 34.69 24.66 20.74
CA ALA K 132 34.56 24.25 22.14
C ALA K 132 35.82 24.67 22.87
N LYS K 133 35.65 25.01 24.15
CA LYS K 133 36.78 25.27 25.05
C LYS K 133 36.38 24.97 26.48
N ARG K 134 37.38 24.67 27.31
CA ARG K 134 37.16 24.26 28.70
C ARG K 134 36.64 25.41 29.55
N VAL K 135 35.67 25.09 30.41
CA VAL K 135 34.99 26.05 31.27
C VAL K 135 34.75 25.36 32.59
N ASP K 136 35.49 25.75 33.63
CA ASP K 136 35.41 25.09 34.94
C ASP K 136 35.52 23.56 34.79
N GLY K 137 36.37 23.13 33.85
CA GLY K 137 36.60 21.70 33.64
C GLY K 137 35.59 20.97 32.76
N GLU K 138 34.62 21.68 32.19
CA GLU K 138 33.71 21.10 31.22
C GLU K 138 34.04 21.60 29.83
N PHE K 139 33.84 20.74 28.84
CA PHE K 139 33.90 21.17 27.45
C PHE K 139 32.58 21.87 27.12
N MET K 140 32.63 23.17 26.84
CA MET K 140 31.45 23.93 26.48
C MET K 140 31.53 24.39 25.02
N VAL K 141 30.36 24.49 24.37
CA VAL K 141 30.24 24.85 22.95
C VAL K 141 30.16 26.35 22.82
N PHE K 142 30.89 26.93 21.87
CA PHE K 142 30.88 28.38 21.70
C PHE K 142 30.52 28.76 20.27
N THR K 143 29.81 29.87 20.15
CA THR K 143 29.37 30.39 18.86
C THR K 143 29.86 31.81 18.69
N TYR K 144 29.62 32.35 17.52
CA TYR K 144 30.01 33.72 17.19
C TYR K 144 31.52 33.84 17.22
N SER K 145 32.18 32.95 16.45
CA SER K 145 33.64 32.87 16.39
C SER K 145 34.25 32.70 17.78
N GLY K 146 33.71 31.75 18.52
CA GLY K 146 34.26 31.44 19.83
C GLY K 146 34.01 32.52 20.86
N THR K 147 32.96 33.31 20.69
CA THR K 147 32.64 34.46 21.52
C THR K 147 31.59 34.16 22.58
N LYS K 148 30.46 33.58 22.19
CA LYS K 148 29.37 33.33 23.11
C LYS K 148 29.52 31.94 23.70
N ASN K 149 29.62 31.87 25.01
CA ASN K 149 29.34 30.63 25.72
C ASN K 149 27.86 30.32 25.57
N THR K 150 27.54 29.17 25.00
CA THR K 150 26.13 28.84 24.77
C THR K 150 25.48 28.21 25.97
N GLY K 151 26.25 27.66 26.90
CA GLY K 151 25.71 26.89 27.99
C GLY K 151 25.47 25.44 27.68
N ILE K 152 25.68 25.02 26.43
CA ILE K 152 25.45 23.64 26.00
C ILE K 152 26.77 22.88 26.09
N LEU K 153 26.73 21.71 26.72
CA LEU K 153 27.94 20.88 26.83
C LEU K 153 28.29 20.24 25.51
N LEU K 154 29.59 20.18 25.22
CA LEU K 154 30.07 19.51 24.01
C LEU K 154 29.49 18.11 23.86
N ARG K 155 29.56 17.31 24.93
CA ARG K 155 28.97 15.97 24.93
C ARG K 155 27.53 16.00 24.48
N ASP K 156 26.76 16.94 24.99
CA ASP K 156 25.35 17.06 24.62
C ASP K 156 25.21 17.44 23.14
N TRP K 157 25.86 18.53 22.75
CA TRP K 157 25.76 19.04 21.37
C TRP K 157 26.27 18.03 20.34
N VAL K 158 27.25 17.19 20.70
CA VAL K 158 27.73 16.17 19.77
C VAL K 158 26.63 15.13 19.51
N VAL K 159 25.96 14.68 20.57
CA VAL K 159 24.92 13.65 20.46
C VAL K 159 23.75 14.17 19.64
N GLU K 160 23.35 15.43 19.89
CA GLU K 160 22.24 16.06 19.19
C GLU K 160 22.55 16.21 17.70
N VAL K 161 23.76 16.69 17.39
CA VAL K 161 24.13 17.03 16.02
C VAL K 161 24.06 15.81 15.11
N GLU K 162 24.56 14.67 15.59
CA GLU K 162 24.39 13.42 14.84
C GLU K 162 22.92 13.06 14.72
N LYS K 163 22.17 13.22 15.82
CA LYS K 163 20.77 12.82 15.82
C LYS K 163 19.94 13.67 14.85
N ARG K 164 20.20 14.99 14.81
CA ARG K 164 19.55 15.83 13.79
C ARG K 164 20.10 15.61 12.39
N GLY K 165 21.03 14.68 12.17
CA GLY K 165 21.36 14.21 10.83
C GLY K 165 22.63 14.74 10.17
N ALA K 166 23.53 15.36 10.91
CA ALA K 166 24.72 15.92 10.28
C ALA K 166 25.62 14.84 9.70
N GLY K 167 26.43 15.23 8.72
CA GLY K 167 27.29 14.31 8.01
C GLY K 167 28.62 14.06 8.69
N GLU K 168 29.28 15.13 9.10
CA GLU K 168 30.49 14.98 9.90
C GLU K 168 30.70 16.25 10.73
N ILE K 169 31.65 16.16 11.66
CA ILE K 169 31.83 17.13 12.73
C ILE K 169 33.25 17.65 12.69
N VAL K 170 33.41 18.93 12.41
CA VAL K 170 34.71 19.60 12.56
C VAL K 170 34.78 20.12 13.98
N LEU K 171 35.81 19.70 14.70
CA LEU K 171 35.97 19.88 16.13
C LEU K 171 37.10 20.87 16.38
N GLY K 172 36.73 22.08 16.78
CA GLY K 172 37.68 23.18 16.89
C GLY K 172 37.93 23.59 18.32
N SER K 173 39.14 23.39 18.80
CA SER K 173 39.49 23.76 20.17
C SER K 173 39.83 25.24 20.19
N ILE K 174 39.05 26.03 20.93
CA ILE K 174 39.29 27.47 20.88
C ILE K 174 40.68 27.80 21.45
N ASP K 175 40.99 27.27 22.64
CA ASP K 175 42.29 27.47 23.28
C ASP K 175 43.49 27.23 22.37
N ARG K 176 43.41 26.27 21.44
CA ARG K 176 44.53 26.06 20.54
C ARG K 176 44.65 27.10 19.43
N LEU K 177 43.59 27.86 19.15
CA LEU K 177 43.66 28.72 17.98
C LEU K 177 44.78 29.74 18.17
N GLY K 178 45.64 29.86 17.17
CA GLY K 178 46.68 30.85 17.24
C GLY K 178 47.90 30.32 17.93
N THR K 179 47.69 29.35 18.84
CA THR K 179 48.84 28.61 19.33
C THR K 179 49.34 27.71 18.21
N LYS K 180 50.44 27.01 18.49
CA LYS K 180 50.95 26.05 17.53
C LYS K 180 51.38 24.77 18.23
N SER K 181 50.86 24.52 19.42
CA SER K 181 51.40 23.53 20.35
C SER K 181 50.86 22.12 20.12
N GLY K 182 50.07 21.91 19.08
CA GLY K 182 49.45 20.62 18.82
C GLY K 182 47.94 20.68 18.88
N TYR K 183 47.28 19.76 18.17
CA TYR K 183 45.85 19.57 18.26
C TYR K 183 45.44 19.20 19.68
N ASP K 184 44.19 19.50 20.01
CA ASP K 184 43.66 19.28 21.35
C ASP K 184 43.20 17.84 21.44
N THR K 185 44.16 16.94 21.64
CA THR K 185 43.85 15.52 21.54
C THR K 185 43.13 14.99 22.79
N GLU K 186 43.25 15.65 23.94
CA GLU K 186 42.34 15.36 25.04
C GLU K 186 40.88 15.51 24.60
N MET K 187 40.56 16.63 23.92
CA MET K 187 39.20 16.91 23.47
C MET K 187 38.75 15.96 22.36
N ILE K 188 39.65 15.65 21.43
CA ILE K 188 39.35 14.66 20.39
C ILE K 188 38.91 13.35 21.02
N ARG K 189 39.72 12.82 21.97
CA ARG K 189 39.44 11.57 22.64
C ARG K 189 38.17 11.61 23.47
N PHE K 190 37.86 12.77 24.05
CA PHE K 190 36.60 12.93 24.77
C PHE K 190 35.40 12.68 23.87
N VAL K 191 35.48 13.04 22.57
CA VAL K 191 34.33 13.00 21.64
C VAL K 191 34.26 11.68 20.86
N ARG K 192 35.39 11.10 20.47
CA ARG K 192 35.43 9.85 19.72
C ARG K 192 34.35 8.84 20.16
N PRO K 193 34.32 8.41 21.44
CA PRO K 193 33.31 7.40 21.82
C PRO K 193 31.87 7.86 21.65
N LEU K 194 31.64 9.17 21.48
CA LEU K 194 30.30 9.73 21.49
C LEU K 194 29.67 9.85 20.09
N THR K 195 30.31 9.33 19.05
CA THR K 195 29.76 9.41 17.70
C THR K 195 30.52 8.46 16.77
N THR K 196 29.87 8.11 15.66
CA THR K 196 30.55 7.44 14.56
C THR K 196 30.88 8.37 13.41
N LEU K 197 30.43 9.62 13.47
CA LEU K 197 30.61 10.51 12.34
C LEU K 197 32.11 10.74 12.12
N PRO K 198 32.52 11.06 10.90
CA PRO K 198 33.88 11.55 10.70
C PRO K 198 34.16 12.74 11.62
N ILE K 199 35.32 12.70 12.29
CA ILE K 199 35.75 13.80 13.15
C ILE K 199 36.94 14.49 12.50
N ILE K 200 36.83 15.81 12.34
CA ILE K 200 37.88 16.62 11.72
C ILE K 200 38.49 17.50 12.80
N ALA K 201 39.82 17.35 12.98
CA ALA K 201 40.53 18.14 13.97
C ALA K 201 40.86 19.51 13.38
N HIS K 202 40.53 20.56 14.13
CA HIS K 202 40.93 21.89 13.70
C HIS K 202 41.58 22.61 14.88
N ARG K 203 42.54 23.49 14.56
CA ARG K 203 43.29 24.35 15.48
C ARG K 203 44.38 23.59 16.25
N GLY K 204 45.59 24.13 16.30
CA GLY K 204 46.66 23.59 17.12
C GLY K 204 47.89 23.15 16.34
N ALA K 205 47.73 22.81 15.05
CA ALA K 205 48.79 22.17 14.29
C ALA K 205 49.99 23.08 14.09
N GLY K 206 51.18 22.56 14.44
CA GLY K 206 52.42 23.32 14.37
C GLY K 206 53.52 22.65 13.60
N LYS K 207 53.46 21.32 13.46
CA LYS K 207 54.60 20.54 13.00
C LYS K 207 54.15 19.13 12.70
N THR K 208 54.95 18.42 11.90
CA THR K 208 54.41 17.23 11.27
C THR K 208 54.00 16.16 12.28
N GLU K 209 54.47 16.26 13.52
CA GLU K 209 54.20 15.22 14.51
C GLU K 209 52.80 15.34 15.11
N HIS K 210 52.29 16.57 15.21
CA HIS K 210 50.95 16.81 15.75
C HIS K 210 49.88 16.05 14.98
N PHE K 211 50.07 15.89 13.66
CA PHE K 211 49.09 15.19 12.85
C PHE K 211 48.97 13.74 13.27
N LEU K 212 50.12 13.07 13.48
CA LEU K 212 50.11 11.72 14.04
C LEU K 212 49.42 11.68 15.40
N GLU K 213 49.61 12.71 16.22
CA GLU K 213 48.90 12.72 17.50
C GLU K 213 47.39 12.74 17.32
N ALA K 214 46.88 13.55 16.39
CA ALA K 214 45.43 13.67 16.23
C ALA K 214 44.81 12.34 15.74
N PHE K 215 45.41 11.71 14.74
CA PHE K 215 44.87 10.45 14.28
C PHE K 215 44.90 9.37 15.36
N LEU K 216 46.01 9.26 16.09
CA LEU K 216 46.03 8.37 17.25
C LEU K 216 44.92 8.72 18.23
N ALA K 217 44.69 10.01 18.49
CA ALA K 217 43.58 10.38 19.35
C ALA K 217 42.23 9.87 18.86
N GLY K 218 42.14 9.48 17.59
CA GLY K 218 40.89 9.00 17.00
C GLY K 218 40.35 9.85 15.88
N ALA K 219 40.98 10.97 15.57
CA ALA K 219 40.59 11.82 14.44
C ALA K 219 40.45 11.03 13.16
N ASP K 220 39.51 11.47 12.31
CA ASP K 220 39.39 10.89 11.00
C ASP K 220 40.05 11.74 9.93
N ALA K 221 40.11 13.06 10.15
CA ALA K 221 40.80 13.96 9.25
C ALA K 221 41.42 15.07 10.09
N ALA K 222 42.52 15.63 9.59
CA ALA K 222 43.15 16.80 10.19
C ALA K 222 43.10 17.98 9.22
N LYS K 223 42.45 19.07 9.65
CA LYS K 223 42.31 20.30 8.90
C LYS K 223 43.26 21.36 9.44
N ALA K 224 43.81 22.15 8.53
CA ALA K 224 44.90 23.08 8.80
C ALA K 224 45.04 23.98 7.58
N ASP K 225 45.60 25.17 7.80
CA ASP K 225 45.55 26.23 6.79
C ASP K 225 46.86 27.01 6.66
N SER K 226 47.04 27.99 7.56
CA SER K 226 48.28 28.78 7.59
C SER K 226 49.53 27.90 7.63
N VAL K 227 49.48 26.79 8.37
CA VAL K 227 50.67 25.96 8.45
C VAL K 227 51.00 25.42 7.06
N PHE K 228 49.97 25.21 6.23
CA PHE K 228 50.22 24.75 4.87
C PHE K 228 50.62 25.91 3.97
N HIS K 229 49.91 27.04 4.07
CA HIS K 229 50.09 28.08 3.05
C HIS K 229 51.45 28.73 3.16
N SER K 230 51.97 28.87 4.40
CA SER K 230 53.32 29.37 4.63
C SER K 230 54.39 28.34 4.28
N ARG K 231 54.00 27.10 4.00
CA ARG K 231 54.92 25.99 3.75
C ARG K 231 55.78 25.65 5.00
N GLU K 232 55.30 25.99 6.19
CA GLU K 232 55.96 25.51 7.40
C GLU K 232 55.93 23.99 7.45
N ILE K 233 54.84 23.38 6.97
CA ILE K 233 54.72 21.94 6.78
C ILE K 233 54.44 21.70 5.30
N ASP K 234 55.04 20.66 4.75
CA ASP K 234 54.89 20.33 3.34
C ASP K 234 54.05 19.07 3.20
N VAL K 235 53.06 19.10 2.28
CA VAL K 235 52.02 18.08 2.27
C VAL K 235 52.57 16.72 1.87
N ARG K 236 53.44 16.67 0.85
CA ARG K 236 53.99 15.36 0.49
C ARG K 236 54.89 14.82 1.61
N GLU K 237 55.67 15.70 2.25
CA GLU K 237 56.44 15.26 3.41
C GLU K 237 55.53 14.83 4.57
N LEU K 238 54.37 15.48 4.70
CA LEU K 238 53.45 15.14 5.79
C LEU K 238 52.87 13.76 5.59
N LYS K 239 52.28 13.49 4.42
CA LYS K 239 51.66 12.20 4.15
C LYS K 239 52.66 11.05 4.13
N GLU K 240 53.95 11.34 3.88
CA GLU K 240 54.98 10.32 3.87
C GLU K 240 55.45 10.00 5.29
N TYR K 241 55.69 11.03 6.10
CA TYR K 241 55.94 10.78 7.50
C TYR K 241 54.80 9.99 8.12
N LEU K 242 53.56 10.39 7.83
CA LEU K 242 52.41 9.76 8.46
C LEU K 242 52.37 8.26 8.17
N LYS K 243 52.81 7.85 6.99
CA LYS K 243 52.70 6.45 6.61
C LYS K 243 53.98 5.66 6.92
N LYS K 244 55.11 6.36 6.99
CA LYS K 244 56.29 5.76 7.58
C LYS K 244 55.95 5.14 8.92
N HIS K 245 55.06 5.79 9.68
CA HIS K 245 54.83 5.44 11.06
C HIS K 245 53.45 4.80 11.27
N GLY K 246 52.90 4.23 10.19
CA GLY K 246 51.76 3.32 10.28
C GLY K 246 50.38 3.93 10.11
N VAL K 247 50.27 5.21 9.75
CA VAL K 247 48.96 5.80 9.49
C VAL K 247 48.56 5.51 8.05
N ASN K 248 47.39 4.90 7.89
CA ASN K 248 46.85 4.69 6.55
C ASN K 248 46.42 6.03 5.95
N VAL K 249 47.21 6.51 4.99
CA VAL K 249 46.91 7.70 4.19
C VAL K 249 47.09 7.31 2.74
N ARG K 250 46.42 8.06 1.85
CA ARG K 250 46.58 7.86 0.42
C ARG K 250 47.86 8.53 -0.06
N LEU K 251 48.47 7.94 -1.09
CA LEU K 251 49.70 8.47 -1.66
C LEU K 251 49.71 8.34 -3.17
N GLU K 252 50.17 9.38 -3.85
CA GLU K 252 50.23 9.38 -5.31
C GLU K 252 51.63 9.04 -5.80
N LEU L 3 26.30 17.26 -24.96
CA LEU L 3 25.26 18.02 -25.63
C LEU L 3 24.22 17.09 -26.25
N ALA L 4 23.81 17.40 -27.47
CA ALA L 4 22.82 16.60 -28.18
C ALA L 4 23.26 16.50 -29.63
N LYS L 5 23.29 15.29 -30.16
CA LYS L 5 23.98 15.02 -31.43
C LYS L 5 23.00 14.61 -32.51
N ARG L 6 23.46 14.76 -33.75
CA ARG L 6 22.67 14.64 -34.96
C ARG L 6 23.36 13.66 -35.89
N ILE L 7 22.62 12.64 -36.33
CA ILE L 7 23.08 11.77 -37.40
C ILE L 7 22.45 12.27 -38.71
N ASP L 8 23.29 12.47 -39.74
CA ASP L 8 22.89 13.04 -41.02
C ASP L 8 23.15 12.07 -42.15
N ALA L 9 22.10 11.66 -42.85
CA ALA L 9 22.28 11.00 -44.13
C ALA L 9 22.44 12.05 -45.22
N ALA L 10 23.14 11.69 -46.30
CA ALA L 10 23.33 12.59 -47.44
C ALA L 10 23.17 11.81 -48.74
N LEU L 11 22.27 12.26 -49.60
CA LEU L 11 22.02 11.62 -50.90
C LEU L 11 22.64 12.48 -51.99
N ILE L 12 23.51 11.89 -52.80
CA ILE L 12 24.15 12.58 -53.91
C ILE L 12 23.31 12.34 -55.16
N LEU L 13 22.82 13.42 -55.75
CA LEU L 13 21.87 13.36 -56.85
C LEU L 13 22.48 13.82 -58.16
N LYS L 14 21.93 13.26 -59.24
CA LYS L 14 22.15 13.71 -60.60
C LYS L 14 20.85 13.50 -61.38
N ASP L 15 20.39 14.55 -62.08
CA ASP L 15 19.16 14.50 -62.89
C ASP L 15 17.95 14.08 -62.05
N GLY L 16 17.94 14.53 -60.80
CA GLY L 16 16.86 14.21 -59.87
C GLY L 16 16.91 12.81 -59.29
N ARG L 17 18.01 12.07 -59.50
CA ARG L 17 18.10 10.68 -59.08
C ARG L 17 19.27 10.48 -58.12
N VAL L 18 19.12 9.51 -57.21
CA VAL L 18 20.25 9.11 -56.37
C VAL L 18 21.27 8.35 -57.20
N VAL L 19 22.50 8.86 -57.26
CA VAL L 19 23.59 8.11 -57.88
C VAL L 19 23.85 6.83 -57.09
N LYS L 20 24.01 5.70 -57.80
CA LYS L 20 24.43 4.42 -57.24
C LYS L 20 23.39 3.88 -56.27
N GLY L 21 22.29 4.62 -56.12
CA GLY L 21 21.10 4.13 -55.44
C GLY L 21 21.38 3.78 -54.00
N SER L 22 20.82 2.67 -53.58
CA SER L 22 20.94 2.22 -52.20
C SER L 22 20.56 0.75 -52.15
N ASN L 23 21.06 0.07 -51.12
CA ASN L 23 20.95 -1.37 -51.04
C ASN L 23 19.68 -1.82 -50.32
N PHE L 24 18.72 -0.92 -50.11
CA PHE L 24 17.48 -1.19 -49.38
C PHE L 24 16.47 -1.82 -50.33
N GLU L 25 16.49 -3.16 -50.35
CA GLU L 25 15.71 -3.97 -51.27
C GLU L 25 14.23 -3.62 -51.26
N ASN L 26 13.70 -3.01 -50.19
CA ASN L 26 12.26 -2.91 -50.05
C ASN L 26 11.71 -1.52 -50.33
N LEU L 27 12.53 -0.58 -50.77
CA LEU L 27 12.03 0.49 -51.58
C LEU L 27 11.59 -0.08 -52.94
N ARG L 28 10.72 0.63 -53.64
CA ARG L 28 10.33 0.13 -54.95
C ARG L 28 11.19 0.69 -56.06
N ASP L 29 11.79 1.86 -55.83
CA ASP L 29 12.69 2.47 -56.79
C ASP L 29 13.81 3.10 -56.00
N SER L 30 15.00 2.52 -56.08
CA SER L 30 16.07 2.93 -55.19
C SER L 30 16.83 4.16 -55.70
N GLY L 31 16.34 4.80 -56.76
CA GLY L 31 16.97 6.02 -57.22
C GLY L 31 16.15 7.25 -56.88
N ASP L 32 14.91 7.01 -56.46
CA ASP L 32 13.98 8.08 -56.14
C ASP L 32 14.36 8.71 -54.80
N PRO L 33 14.82 9.96 -54.78
CA PRO L 33 15.37 10.51 -53.53
C PRO L 33 14.32 10.69 -52.46
N VAL L 34 13.05 10.86 -52.84
CA VAL L 34 12.00 11.02 -51.85
C VAL L 34 11.78 9.71 -51.08
N GLU L 35 11.77 8.57 -51.79
CA GLU L 35 11.52 7.30 -51.11
C GLU L 35 12.57 7.04 -50.05
N LEU L 36 13.84 7.19 -50.43
CA LEU L 36 14.94 6.95 -49.52
C LEU L 36 14.88 7.91 -48.33
N GLY L 37 14.88 9.22 -48.60
CA GLY L 37 14.86 10.18 -47.51
C GLY L 37 13.70 9.95 -46.56
N LYS L 38 12.56 9.53 -47.12
CA LYS L 38 11.45 9.11 -46.27
C LYS L 38 11.88 7.97 -45.37
N PHE L 39 12.49 6.94 -45.97
CA PHE L 39 12.96 5.77 -45.21
C PHE L 39 13.91 6.17 -44.08
N TYR L 40 14.97 6.94 -44.39
CA TYR L 40 15.94 7.34 -43.39
C TYR L 40 15.28 8.10 -42.25
N SER L 41 14.18 8.78 -42.53
CA SER L 41 13.46 9.53 -41.52
C SER L 41 12.73 8.59 -40.56
N GLU L 42 12.34 7.44 -41.07
CA GLU L 42 11.63 6.43 -40.28
C GLU L 42 12.55 5.53 -39.45
N ILE L 43 13.79 5.35 -39.91
CA ILE L 43 14.75 4.50 -39.19
C ILE L 43 15.62 5.31 -38.24
N GLY L 44 15.66 6.63 -38.37
CA GLY L 44 16.26 7.46 -37.35
C GLY L 44 17.31 8.47 -37.74
N ILE L 45 17.49 8.74 -39.04
CA ILE L 45 18.39 9.83 -39.44
C ILE L 45 17.79 11.16 -38.98
N ASP L 46 18.65 12.04 -38.47
CA ASP L 46 18.17 13.27 -37.89
C ASP L 46 17.88 14.34 -38.95
N GLU L 47 18.78 14.49 -39.92
CA GLU L 47 18.67 15.58 -40.88
C GLU L 47 19.23 15.14 -42.21
N LEU L 48 18.47 15.36 -43.28
CA LEU L 48 18.89 15.01 -44.63
C LEU L 48 19.64 16.15 -45.30
N SER L 49 20.59 15.79 -46.17
CA SER L 49 21.24 16.69 -47.11
C SER L 49 21.02 16.14 -48.51
N PHE L 50 20.90 17.04 -49.48
CA PHE L 50 20.86 16.68 -50.89
C PHE L 50 21.98 17.42 -51.60
N TRP L 51 22.69 16.72 -52.47
CA TRP L 51 23.82 17.33 -53.18
C TRP L 51 23.66 17.04 -54.66
N ASP L 52 23.10 17.99 -55.40
CA ASP L 52 23.00 17.84 -56.84
C ASP L 52 24.40 17.97 -57.44
N ILE L 53 24.83 16.94 -58.16
CA ILE L 53 26.08 17.01 -58.90
C ILE L 53 25.74 17.11 -60.39
N THR L 54 24.55 17.62 -60.70
CA THR L 54 24.12 17.80 -62.07
C THR L 54 24.69 19.08 -62.67
N ALA L 55 24.79 19.09 -63.99
CA ALA L 55 25.60 20.08 -64.70
C ALA L 55 24.84 20.82 -65.80
N SER L 56 23.83 20.19 -66.38
CA SER L 56 23.12 20.78 -67.51
C SER L 56 22.37 22.05 -67.12
N VAL L 57 22.47 23.07 -67.97
CA VAL L 57 21.71 24.31 -67.80
C VAL L 57 20.22 24.01 -67.68
N GLU L 58 19.75 23.03 -68.45
CA GLU L 58 18.33 22.81 -68.64
C GLU L 58 17.60 22.53 -67.33
N LYS L 59 18.26 21.88 -66.37
CA LYS L 59 17.54 21.42 -65.20
C LYS L 59 18.07 22.03 -63.90
N ARG L 60 18.35 23.33 -63.92
CA ARG L 60 18.30 24.13 -62.70
C ARG L 60 16.93 24.05 -62.04
N LYS L 61 15.92 23.58 -62.79
CA LYS L 61 14.52 23.60 -62.40
C LYS L 61 14.04 22.30 -61.80
N THR L 62 14.64 21.16 -62.18
CA THR L 62 14.27 19.89 -61.57
C THR L 62 14.52 19.92 -60.06
N MET L 63 15.63 20.55 -59.66
CA MET L 63 16.01 20.58 -58.25
C MET L 63 14.94 21.25 -57.38
N LEU L 64 14.21 22.21 -57.92
CA LEU L 64 13.12 22.82 -57.16
C LEU L 64 11.91 21.91 -57.07
N GLU L 65 11.63 21.13 -58.12
CA GLU L 65 10.53 20.18 -58.07
C GLU L 65 10.82 19.09 -57.06
N LEU L 66 12.12 18.81 -56.84
CA LEU L 66 12.54 17.97 -55.73
C LEU L 66 12.32 18.66 -54.38
N VAL L 67 12.85 19.89 -54.22
CA VAL L 67 12.77 20.59 -52.93
C VAL L 67 11.32 20.69 -52.47
N GLU L 68 10.40 21.03 -53.37
CA GLU L 68 8.99 21.04 -52.99
C GLU L 68 8.53 19.64 -52.64
N LYS L 69 8.77 18.68 -53.55
CA LYS L 69 8.29 17.31 -53.33
C LYS L 69 8.88 16.72 -52.06
N VAL L 70 10.07 17.17 -51.66
CA VAL L 70 10.65 16.69 -50.41
C VAL L 70 9.91 17.33 -49.24
N ALA L 71 10.10 18.65 -49.07
CA ALA L 71 9.70 19.38 -47.85
C ALA L 71 8.36 18.96 -47.28
N GLU L 72 7.49 18.41 -48.13
CA GLU L 72 6.17 17.97 -47.68
C GLU L 72 6.23 16.59 -47.05
N GLN L 73 6.75 15.60 -47.79
CA GLN L 73 6.78 14.22 -47.30
C GLN L 73 7.69 14.05 -46.09
N ILE L 74 8.64 14.96 -45.90
CA ILE L 74 9.67 14.81 -44.89
C ILE L 74 9.66 16.03 -43.99
N ASP L 75 9.66 15.79 -42.68
CA ASP L 75 9.50 16.85 -41.68
C ASP L 75 10.81 17.26 -41.01
N ILE L 76 11.73 16.33 -40.82
CA ILE L 76 13.09 16.59 -40.32
C ILE L 76 13.79 17.62 -41.21
N PRO L 77 14.77 18.36 -40.70
CA PRO L 77 15.37 19.45 -41.50
C PRO L 77 16.04 18.99 -42.79
N ILE L 78 15.78 19.73 -43.87
CA ILE L 78 16.27 19.42 -45.20
C ILE L 78 17.34 20.44 -45.61
N THR L 79 18.30 19.99 -46.42
CA THR L 79 19.37 20.83 -46.91
C THR L 79 19.59 20.49 -48.38
N VAL L 80 19.95 21.51 -49.15
CA VAL L 80 20.29 21.32 -50.55
C VAL L 80 21.57 22.12 -50.80
N GLY L 81 22.45 21.56 -51.64
CA GLY L 81 23.71 22.19 -51.96
C GLY L 81 24.23 21.62 -53.25
N GLY L 82 25.32 22.21 -53.72
CA GLY L 82 25.91 21.79 -54.99
C GLY L 82 26.23 22.93 -55.91
N GLY L 83 25.34 23.20 -56.87
CA GLY L 83 25.55 24.22 -57.89
C GLY L 83 24.97 25.58 -57.56
N ILE L 84 24.63 25.80 -56.30
CA ILE L 84 24.16 27.11 -55.83
C ILE L 84 25.35 28.08 -55.87
N TYR L 85 25.29 29.07 -56.76
CA TYR L 85 26.29 30.14 -56.82
C TYR L 85 25.70 31.52 -56.55
N ASP L 86 24.49 31.82 -57.05
CA ASP L 86 23.80 33.08 -56.89
C ASP L 86 23.24 33.23 -55.47
N PHE L 87 22.64 34.38 -55.19
CA PHE L 87 21.79 34.50 -54.03
C PHE L 87 20.34 34.15 -54.35
N GLU L 88 19.93 34.33 -55.60
CA GLU L 88 18.54 34.01 -55.95
C GLU L 88 18.35 32.50 -56.08
N THR L 89 19.41 31.77 -56.49
CA THR L 89 19.42 30.31 -56.38
C THR L 89 18.92 29.86 -55.02
N ALA L 90 19.63 30.26 -53.96
CA ALA L 90 19.34 29.81 -52.61
C ALA L 90 17.91 30.15 -52.21
N SER L 91 17.51 31.40 -52.46
CA SER L 91 16.16 31.88 -52.19
C SER L 91 15.13 30.91 -52.75
N GLU L 92 15.12 30.77 -54.09
CA GLU L 92 14.17 29.86 -54.75
C GLU L 92 14.20 28.45 -54.14
N LEU L 93 15.34 28.06 -53.56
CA LEU L 93 15.39 26.78 -52.85
C LEU L 93 14.77 26.89 -51.45
N ILE L 94 15.02 27.97 -50.72
CA ILE L 94 14.49 28.04 -49.35
C ILE L 94 12.99 28.27 -49.36
N LEU L 95 12.53 29.31 -50.09
CA LEU L 95 11.11 29.64 -50.11
C LEU L 95 10.25 28.45 -50.52
N ARG L 96 10.75 27.64 -51.45
CA ARG L 96 10.02 26.50 -51.98
C ARG L 96 10.10 25.26 -51.08
N GLY L 97 10.85 25.30 -49.98
CA GLY L 97 10.85 24.15 -49.08
C GLY L 97 12.07 23.85 -48.24
N ALA L 98 13.27 24.02 -48.79
CA ALA L 98 14.48 23.73 -48.04
C ALA L 98 14.51 24.49 -46.73
N ASP L 99 15.20 23.90 -45.74
CA ASP L 99 15.42 24.55 -44.45
C ASP L 99 16.75 25.28 -44.43
N LYS L 100 17.77 24.71 -45.07
CA LYS L 100 19.10 25.30 -45.13
C LYS L 100 19.63 25.10 -46.54
N VAL L 101 20.65 25.88 -46.91
CA VAL L 101 21.27 25.75 -48.22
C VAL L 101 22.77 25.66 -48.03
N GLU L 102 23.37 24.63 -48.63
CA GLU L 102 24.79 24.34 -48.48
C GLU L 102 25.55 25.10 -49.56
N ILE L 103 26.47 25.94 -49.12
CA ILE L 103 27.24 26.82 -49.99
C ILE L 103 28.73 26.59 -49.70
N ASN L 104 29.45 26.12 -50.72
CA ASN L 104 30.86 25.78 -50.59
C ASN L 104 31.74 26.64 -51.50
N THR L 105 31.55 26.56 -52.82
CA THR L 105 32.40 27.32 -53.73
C THR L 105 31.97 28.78 -53.78
N ALA L 106 30.65 29.03 -53.74
CA ALA L 106 30.14 30.38 -53.84
C ALA L 106 30.68 31.25 -52.72
N ALA L 107 30.64 30.76 -51.49
CA ALA L 107 31.07 31.56 -50.34
C ALA L 107 32.52 31.98 -50.47
N VAL L 108 33.35 31.18 -51.15
CA VAL L 108 34.76 31.50 -51.24
C VAL L 108 34.98 32.69 -52.16
N GLU L 109 34.22 32.76 -53.25
CA GLU L 109 34.37 33.78 -54.28
C GLU L 109 33.48 35.00 -54.07
N ASN L 110 32.59 34.95 -53.08
CA ASN L 110 31.78 36.11 -52.69
C ASN L 110 31.49 36.00 -51.20
N PRO L 111 32.46 36.37 -50.35
CA PRO L 111 32.29 36.21 -48.89
C PRO L 111 31.18 37.07 -48.28
N SER L 112 30.52 37.95 -49.04
CA SER L 112 29.34 38.64 -48.54
C SER L 112 28.06 37.86 -48.80
N LEU L 113 28.07 36.98 -49.79
CA LEU L 113 26.95 36.11 -50.18
C LEU L 113 26.33 35.41 -48.99
N ILE L 114 27.17 35.07 -48.01
CA ILE L 114 26.69 34.45 -46.78
C ILE L 114 25.79 35.41 -46.02
N THR L 115 26.16 36.70 -45.98
CA THR L 115 25.39 37.69 -45.26
C THR L 115 24.06 37.99 -45.94
N GLN L 116 23.99 37.81 -47.26
CA GLN L 116 22.74 38.08 -47.98
C GLN L 116 21.64 37.12 -47.53
N ILE L 117 21.90 35.81 -47.61
CA ILE L 117 20.91 34.81 -47.22
C ILE L 117 20.58 34.92 -45.74
N ALA L 118 21.58 35.29 -44.92
CA ALA L 118 21.37 35.40 -43.48
C ALA L 118 20.33 36.47 -43.15
N GLN L 119 20.47 37.68 -43.73
CA GLN L 119 19.58 38.76 -43.32
C GLN L 119 18.15 38.59 -43.85
N THR L 120 17.97 37.95 -44.99
CA THR L 120 16.61 37.54 -45.34
C THR L 120 16.10 36.46 -44.40
N PHE L 121 16.65 35.25 -44.54
CA PHE L 121 16.10 34.03 -43.95
C PHE L 121 16.62 33.74 -42.53
N GLY L 122 17.50 34.57 -42.01
CA GLY L 122 18.12 34.18 -40.76
C GLY L 122 19.35 33.32 -41.01
N SER L 123 20.34 33.47 -40.12
CA SER L 123 21.50 32.59 -40.15
C SER L 123 21.12 31.12 -39.99
N GLN L 124 19.87 30.85 -39.60
CA GLN L 124 19.38 29.49 -39.45
C GLN L 124 19.45 28.68 -40.74
N ALA L 125 19.60 29.32 -41.90
CA ALA L 125 19.44 28.63 -43.18
C ALA L 125 20.73 28.54 -43.98
N VAL L 126 21.87 28.93 -43.41
CA VAL L 126 23.12 28.98 -44.14
C VAL L 126 24.09 27.94 -43.56
N VAL L 127 24.29 26.86 -44.31
CA VAL L 127 25.32 25.85 -44.03
C VAL L 127 26.43 26.05 -45.05
N VAL L 128 27.67 26.00 -44.58
CA VAL L 128 28.83 26.34 -45.41
C VAL L 128 29.79 25.16 -45.42
N TYR L 129 29.87 24.47 -46.56
CA TYR L 129 30.81 23.36 -46.69
C TYR L 129 32.21 23.90 -46.96
N ILE L 130 33.17 23.45 -46.16
CA ILE L 130 34.57 23.79 -46.33
C ILE L 130 35.32 22.50 -46.55
N ALA L 131 35.82 22.30 -47.78
CA ALA L 131 36.75 21.23 -48.07
C ALA L 131 38.16 21.67 -47.64
N ALA L 132 38.86 20.79 -46.92
CA ALA L 132 40.16 21.15 -46.36
C ALA L 132 41.15 19.98 -46.46
N LYS L 133 42.42 20.32 -46.48
CA LYS L 133 43.48 19.31 -46.46
C LYS L 133 44.75 19.93 -45.87
N ARG L 134 45.79 19.12 -45.74
CA ARG L 134 47.03 19.57 -45.12
C ARG L 134 48.02 20.05 -46.18
N VAL L 135 48.68 21.17 -45.90
CA VAL L 135 49.71 21.72 -46.76
C VAL L 135 50.84 22.23 -45.85
N ASP L 136 51.99 21.54 -45.89
CA ASP L 136 53.12 21.87 -45.03
C ASP L 136 52.68 21.96 -43.57
N GLY L 137 51.93 20.96 -43.13
CA GLY L 137 51.43 20.94 -41.76
C GLY L 137 50.48 22.08 -41.46
N GLU L 138 49.45 22.23 -42.30
CA GLU L 138 48.55 23.36 -42.17
C GLU L 138 47.25 23.05 -42.90
N PHE L 139 46.13 23.40 -42.29
CA PHE L 139 44.84 23.20 -42.94
C PHE L 139 44.55 24.35 -43.88
N MET L 140 44.15 24.02 -45.11
CA MET L 140 43.91 25.01 -46.15
C MET L 140 42.60 24.66 -46.87
N VAL L 141 41.87 25.70 -47.28
CA VAL L 141 40.55 25.53 -47.89
C VAL L 141 40.70 25.28 -49.38
N PHE L 142 39.91 24.36 -49.90
CA PHE L 142 39.96 24.00 -51.30
C PHE L 142 38.58 24.06 -51.90
N THR L 143 38.51 24.58 -53.12
CA THR L 143 37.31 24.57 -53.95
C THR L 143 37.56 23.65 -55.13
N TYR L 144 36.52 23.47 -55.96
CA TYR L 144 36.68 22.79 -57.24
C TYR L 144 36.96 21.30 -57.06
N SER L 145 36.18 20.64 -56.20
CA SER L 145 36.38 19.22 -55.89
C SER L 145 37.78 18.95 -55.34
N GLY L 146 38.28 19.91 -54.58
CA GLY L 146 39.61 19.86 -54.01
C GLY L 146 40.73 20.14 -54.98
N THR L 147 40.42 20.40 -56.24
CA THR L 147 41.44 20.64 -57.27
C THR L 147 42.09 22.02 -57.25
N LYS L 148 41.53 22.95 -56.48
CA LYS L 148 42.06 24.30 -56.38
C LYS L 148 42.40 24.58 -54.94
N ASN L 149 43.66 24.93 -54.70
CA ASN L 149 44.06 25.51 -53.42
C ASN L 149 43.65 26.97 -53.41
N THR L 150 42.72 27.35 -52.53
CA THR L 150 42.35 28.75 -52.43
C THR L 150 43.41 29.60 -51.71
N GLY L 151 44.39 28.99 -51.06
CA GLY L 151 45.34 29.77 -50.29
C GLY L 151 44.67 30.55 -49.17
N ILE L 152 43.80 29.88 -48.42
CA ILE L 152 43.15 30.47 -47.26
C ILE L 152 43.23 29.46 -46.12
N LEU L 153 44.00 29.81 -45.07
CA LEU L 153 44.12 28.98 -43.89
C LEU L 153 42.75 28.61 -43.37
N LEU L 154 42.67 27.45 -42.69
CA LEU L 154 41.39 27.03 -42.13
C LEU L 154 40.93 27.98 -41.04
N ARG L 155 41.73 28.10 -39.95
CA ARG L 155 41.32 28.89 -38.79
C ARG L 155 40.83 30.28 -39.16
N ASP L 156 41.36 30.85 -40.25
CA ASP L 156 40.87 32.13 -40.73
C ASP L 156 39.48 31.99 -41.36
N TRP L 157 39.34 31.11 -42.35
CA TRP L 157 38.03 30.92 -42.98
C TRP L 157 36.97 30.47 -41.98
N VAL L 158 37.38 29.91 -40.83
CA VAL L 158 36.41 29.52 -39.82
C VAL L 158 35.82 30.75 -39.16
N VAL L 159 36.66 31.68 -38.70
CA VAL L 159 36.17 32.85 -37.98
C VAL L 159 35.41 33.81 -38.91
N GLU L 160 35.91 34.01 -40.13
CA GLU L 160 35.29 35.00 -41.01
C GLU L 160 33.92 34.54 -41.48
N VAL L 161 33.77 33.25 -41.80
CA VAL L 161 32.46 32.75 -42.22
C VAL L 161 31.47 32.80 -41.06
N GLU L 162 31.94 32.57 -39.83
CA GLU L 162 31.06 32.73 -38.68
C GLU L 162 30.51 34.14 -38.61
N LYS L 163 31.41 35.13 -38.68
CA LYS L 163 30.99 36.51 -38.58
C LYS L 163 29.97 36.86 -39.68
N ARG L 164 30.33 36.60 -40.94
CA ARG L 164 29.46 36.94 -42.06
C ARG L 164 28.04 36.40 -41.89
N GLY L 165 27.86 35.36 -41.07
CA GLY L 165 26.52 34.98 -40.66
C GLY L 165 26.07 33.57 -41.04
N ALA L 166 26.96 32.59 -40.90
CA ALA L 166 26.55 31.21 -41.12
C ALA L 166 25.89 30.65 -39.86
N GLY L 167 25.12 29.56 -40.04
CA GLY L 167 24.50 28.88 -38.92
C GLY L 167 25.31 27.67 -38.44
N GLU L 168 25.75 26.85 -39.39
CA GLU L 168 26.57 25.69 -39.07
C GLU L 168 27.52 25.40 -40.22
N ILE L 169 28.68 24.85 -39.86
CA ILE L 169 29.74 24.50 -40.79
C ILE L 169 29.78 22.97 -40.92
N VAL L 170 29.87 22.49 -42.16
CA VAL L 170 30.19 21.08 -42.41
C VAL L 170 31.66 21.00 -42.78
N LEU L 171 32.45 20.43 -41.90
CA LEU L 171 33.89 20.34 -42.06
C LEU L 171 34.23 19.04 -42.78
N GLY L 172 34.83 19.12 -43.95
CA GLY L 172 35.09 17.92 -44.74
C GLY L 172 36.50 17.77 -45.25
N SER L 173 37.32 16.98 -44.54
CA SER L 173 38.70 16.79 -44.95
C SER L 173 38.77 15.97 -46.22
N ILE L 174 39.33 16.57 -47.29
CA ILE L 174 39.65 15.83 -48.50
C ILE L 174 40.60 14.65 -48.22
N ASP L 175 41.35 14.71 -47.12
CA ASP L 175 42.32 13.63 -46.82
C ASP L 175 41.61 12.30 -46.59
N ARG L 176 40.51 12.30 -45.86
CA ARG L 176 39.77 11.08 -45.56
C ARG L 176 38.74 10.71 -46.61
N LEU L 177 38.71 11.41 -47.74
CA LEU L 177 37.73 11.07 -48.76
C LEU L 177 38.10 9.74 -49.42
N GLY L 178 37.08 8.96 -49.77
CA GLY L 178 37.29 7.69 -50.44
C GLY L 178 37.67 6.58 -49.47
N THR L 179 38.51 6.92 -48.50
CA THR L 179 38.97 5.97 -47.50
C THR L 179 37.86 5.73 -46.47
N LYS L 180 38.10 4.79 -45.56
CA LYS L 180 37.07 4.46 -44.58
C LYS L 180 37.69 4.23 -43.20
N SER L 181 38.74 4.96 -42.86
CA SER L 181 39.48 4.78 -41.61
C SER L 181 39.17 5.86 -40.57
N GLY L 182 37.99 6.42 -40.61
CA GLY L 182 37.63 7.39 -39.58
C GLY L 182 37.40 8.79 -40.11
N TYR L 183 36.53 9.53 -39.40
CA TYR L 183 36.51 10.97 -39.48
C TYR L 183 37.84 11.53 -39.02
N ASP L 184 38.22 12.64 -39.62
CA ASP L 184 39.40 13.41 -39.26
C ASP L 184 39.20 14.05 -37.88
N THR L 185 39.37 13.26 -36.81
CA THR L 185 39.18 13.82 -35.47
C THR L 185 40.19 14.89 -35.17
N GLU L 186 41.37 14.83 -35.80
CA GLU L 186 42.36 15.88 -35.55
C GLU L 186 41.88 17.23 -36.05
N MET L 187 41.31 17.27 -37.28
CA MET L 187 40.78 18.51 -37.82
C MET L 187 39.58 18.99 -37.02
N ILE L 188 38.64 18.10 -36.71
CA ILE L 188 37.47 18.47 -35.93
C ILE L 188 37.88 19.16 -34.64
N ARG L 189 38.95 18.66 -34.00
CA ARG L 189 39.47 19.29 -32.79
C ARG L 189 40.01 20.68 -33.09
N PHE L 190 40.69 20.83 -34.23
CA PHE L 190 41.32 22.10 -34.60
C PHE L 190 40.33 23.24 -34.63
N VAL L 191 39.06 22.94 -34.91
CA VAL L 191 38.08 23.95 -35.24
C VAL L 191 37.11 24.24 -34.09
N ARG L 192 36.89 23.28 -33.18
CA ARG L 192 35.99 23.52 -32.06
C ARG L 192 36.37 24.71 -31.18
N PRO L 193 37.64 24.97 -30.84
CA PRO L 193 37.93 26.16 -30.03
C PRO L 193 37.72 27.47 -30.79
N LEU L 194 37.63 27.43 -32.11
CA LEU L 194 37.63 28.63 -32.93
C LEU L 194 36.26 29.04 -33.43
N THR L 195 35.17 28.40 -32.99
CA THR L 195 33.86 28.81 -33.46
C THR L 195 32.77 28.27 -32.55
N THR L 196 31.75 29.10 -32.30
CA THR L 196 30.67 28.69 -31.40
C THR L 196 29.62 27.83 -32.11
N LEU L 197 29.66 27.79 -33.44
CA LEU L 197 28.64 27.15 -34.25
C LEU L 197 28.82 25.64 -34.25
N PRO L 198 27.78 24.88 -34.62
CA PRO L 198 27.91 23.41 -34.59
C PRO L 198 28.65 22.89 -35.81
N ILE L 199 29.60 21.98 -35.60
CA ILE L 199 30.36 21.39 -36.70
C ILE L 199 29.75 20.04 -37.07
N ILE L 200 29.58 19.82 -38.37
CA ILE L 200 29.05 18.59 -38.94
C ILE L 200 30.22 17.93 -39.68
N ALA L 201 30.68 16.79 -39.15
CA ALA L 201 31.85 16.10 -39.70
C ALA L 201 31.47 15.28 -40.93
N HIS L 202 32.36 15.30 -41.93
CA HIS L 202 32.13 14.64 -43.21
C HIS L 202 33.46 14.16 -43.74
N ARG L 203 33.47 12.92 -44.25
CA ARG L 203 34.59 12.21 -44.89
C ARG L 203 35.33 11.26 -43.94
N GLY L 204 35.33 9.97 -44.30
CA GLY L 204 36.15 8.97 -43.66
C GLY L 204 35.39 7.96 -42.83
N ALA L 205 34.09 8.17 -42.62
CA ALA L 205 33.33 7.27 -41.75
C ALA L 205 33.25 5.88 -42.37
N GLY L 206 33.86 4.89 -41.69
CA GLY L 206 33.89 3.53 -42.18
C GLY L 206 33.13 2.57 -41.30
N LYS L 207 33.23 2.76 -39.98
CA LYS L 207 32.59 1.85 -39.03
C LYS L 207 32.01 2.65 -37.88
N THR L 208 31.05 2.04 -37.17
CA THR L 208 30.27 2.73 -36.15
C THR L 208 31.12 3.43 -35.10
N GLU L 209 32.28 2.90 -34.76
CA GLU L 209 33.09 3.57 -33.73
C GLU L 209 33.64 4.90 -34.23
N HIS L 210 33.73 5.08 -35.55
CA HIS L 210 34.25 6.31 -36.12
C HIS L 210 33.38 7.49 -35.75
N PHE L 211 32.07 7.26 -35.63
CA PHE L 211 31.14 8.28 -35.21
C PHE L 211 31.45 8.77 -33.81
N LEU L 212 31.58 7.85 -32.86
CA LEU L 212 31.81 8.22 -31.48
C LEU L 212 33.07 9.07 -31.33
N GLU L 213 34.14 8.70 -32.04
CA GLU L 213 35.37 9.51 -32.02
C GLU L 213 35.08 10.95 -32.46
N ALA L 214 34.33 11.12 -33.56
CA ALA L 214 34.05 12.44 -34.08
C ALA L 214 33.26 13.26 -33.07
N PHE L 215 32.27 12.66 -32.42
CA PHE L 215 31.57 13.34 -31.35
C PHE L 215 32.48 13.61 -30.14
N LEU L 216 33.54 12.82 -29.95
CA LEU L 216 34.49 13.13 -28.89
C LEU L 216 35.47 14.24 -29.30
N ALA L 217 35.73 14.39 -30.59
CA ALA L 217 36.67 15.42 -30.99
C ALA L 217 36.04 16.81 -30.94
N GLY L 218 34.72 16.89 -30.89
CA GLY L 218 34.05 18.18 -30.85
C GLY L 218 32.78 18.26 -31.68
N ALA L 219 32.67 17.42 -32.70
CA ALA L 219 31.53 17.47 -33.62
C ALA L 219 30.21 17.50 -32.88
N ASP L 220 29.25 18.24 -33.48
CA ASP L 220 27.84 18.32 -33.09
C ASP L 220 26.97 17.41 -33.93
N ALA L 221 27.45 17.03 -35.10
CA ALA L 221 26.72 16.15 -35.99
C ALA L 221 27.75 15.40 -36.83
N ALA L 222 27.32 14.28 -37.39
CA ALA L 222 28.16 13.45 -38.23
C ALA L 222 27.35 13.07 -39.46
N LYS L 223 27.80 13.52 -40.63
CA LYS L 223 27.10 13.29 -41.90
C LYS L 223 27.83 12.22 -42.70
N ALA L 224 27.09 11.26 -43.25
CA ALA L 224 27.68 10.31 -44.18
C ALA L 224 26.66 9.94 -45.25
N ASP L 225 27.11 9.15 -46.23
CA ASP L 225 26.32 8.81 -47.41
C ASP L 225 26.42 7.34 -47.84
N SER L 226 27.45 6.98 -48.63
CA SER L 226 27.62 5.61 -49.14
C SER L 226 27.50 4.56 -48.04
N VAL L 227 28.23 4.78 -46.93
CA VAL L 227 28.27 3.83 -45.84
C VAL L 227 26.87 3.49 -45.32
N PHE L 228 25.93 4.45 -45.36
CA PHE L 228 24.55 4.11 -45.02
C PHE L 228 23.82 3.45 -46.19
N HIS L 229 24.04 3.93 -47.42
CA HIS L 229 23.27 3.36 -48.54
C HIS L 229 23.80 1.98 -48.91
N SER L 230 25.12 1.79 -48.80
CA SER L 230 25.70 0.45 -49.00
C SER L 230 25.26 -0.49 -47.89
N ARG L 231 24.92 0.06 -46.73
CA ARG L 231 24.48 -0.64 -45.53
C ARG L 231 25.62 -1.33 -44.78
N GLU L 232 26.87 -0.86 -45.02
CA GLU L 232 27.99 -1.10 -44.09
C GLU L 232 27.63 -0.75 -42.66
N ILE L 233 26.86 0.33 -42.46
CA ILE L 233 26.42 0.76 -41.14
C ILE L 233 24.91 0.93 -41.18
N ASP L 234 24.23 0.34 -40.19
CA ASP L 234 22.79 0.47 -40.03
C ASP L 234 22.51 1.58 -39.02
N VAL L 235 21.60 2.49 -39.39
CA VAL L 235 21.46 3.76 -38.68
C VAL L 235 20.93 3.54 -37.27
N ARG L 236 19.99 2.62 -37.07
CA ARG L 236 19.44 2.42 -35.73
C ARG L 236 20.49 1.82 -34.80
N GLU L 237 21.24 0.82 -35.27
CA GLU L 237 22.31 0.27 -34.47
C GLU L 237 23.33 1.34 -34.13
N LEU L 238 23.61 2.24 -35.08
CA LEU L 238 24.52 3.34 -34.80
C LEU L 238 23.98 4.26 -33.71
N LYS L 239 22.68 4.57 -33.75
CA LYS L 239 22.08 5.31 -32.65
C LYS L 239 22.19 4.50 -31.35
N GLU L 240 21.74 3.24 -31.39
CA GLU L 240 21.89 2.34 -30.26
C GLU L 240 23.30 2.40 -29.68
N TYR L 241 24.32 2.29 -30.55
CA TYR L 241 25.70 2.27 -30.09
C TYR L 241 26.03 3.53 -29.31
N LEU L 242 25.96 4.68 -29.97
CA LEU L 242 26.26 5.96 -29.31
C LEU L 242 25.44 6.16 -28.04
N LYS L 243 24.24 5.59 -27.95
CA LYS L 243 23.48 5.73 -26.72
C LYS L 243 24.04 4.84 -25.62
N LYS L 244 24.46 3.63 -25.98
CA LYS L 244 25.05 2.73 -25.00
C LYS L 244 26.24 3.39 -24.29
N HIS L 245 27.06 4.12 -25.03
CA HIS L 245 28.33 4.63 -24.51
C HIS L 245 28.30 6.12 -24.20
N GLY L 246 27.11 6.67 -23.93
CA GLY L 246 26.98 7.98 -23.33
C GLY L 246 26.84 9.17 -24.25
N VAL L 247 26.60 8.98 -25.54
CA VAL L 247 26.36 10.08 -26.46
C VAL L 247 24.87 10.39 -26.43
N ASN L 248 24.54 11.67 -26.30
CA ASN L 248 23.13 12.07 -26.24
C ASN L 248 22.57 12.18 -27.66
N VAL L 249 22.22 11.04 -28.24
CA VAL L 249 21.54 10.99 -29.52
C VAL L 249 20.06 10.86 -29.22
N ARG L 250 19.25 10.93 -30.28
CA ARG L 250 17.81 10.88 -30.13
C ARG L 250 17.26 9.58 -30.73
N LEU L 251 16.52 8.82 -29.90
CA LEU L 251 15.80 7.63 -30.31
C LEU L 251 14.29 7.88 -30.32
N GLU L 252 13.89 9.06 -30.81
CA GLU L 252 12.49 9.46 -30.75
C GLU L 252 11.63 8.67 -31.74
N GLY L 253 11.89 8.86 -33.05
CA GLY L 253 11.07 8.26 -34.09
C GLY L 253 11.20 6.76 -34.23
N LEU L 254 11.68 6.11 -33.17
CA LEU L 254 11.96 4.68 -33.15
C LEU L 254 11.01 4.00 -32.18
N GLY L 255 10.16 3.12 -32.70
CA GLY L 255 9.22 2.36 -31.90
C GLY L 255 9.25 0.87 -32.18
#